data_4AQZ
#
_entry.id   4AQZ
#
_cell.length_a   1.000
_cell.length_b   1.000
_cell.length_c   1.000
_cell.angle_alpha   90.00
_cell.angle_beta   90.00
_cell.angle_gamma   90.00
#
_symmetry.space_group_name_H-M   'P 1'
#
_entity_poly.entity_id   1
_entity_poly.type   'polypeptide(L)'
_entity_poly.pdbx_seq_one_letter_code
;MGSSHHHHHHGLVPRGSHMASMTGGQQMGRGSKQTNIDFRKDGKNAGIIELAALGFAGQPDISQQHDHIIVTLKNHTLPT
TLQRSLDVADFKTPVQKVTLKRLNNDTQLIITTAGNWELVNKSAAPGYFTFQVLPKKQ
;
_entity_poly.pdbx_strand_id   A
#
# COMPACT_ATOMS: atom_id res chain seq x y z
N MET A 1 32.20 -40.33 49.55
CA MET A 1 32.96 -41.25 48.72
C MET A 1 33.61 -40.50 47.57
N GLY A 2 34.91 -40.34 47.62
CA GLY A 2 35.61 -39.66 46.58
C GLY A 2 36.88 -39.07 47.09
N SER A 3 37.58 -38.37 46.24
CA SER A 3 38.83 -37.79 46.62
C SER A 3 38.66 -36.34 47.06
N SER A 4 38.62 -35.42 46.13
CA SER A 4 38.48 -34.04 46.46
C SER A 4 37.16 -33.49 45.91
N HIS A 5 36.53 -34.25 44.98
CA HIS A 5 35.28 -33.81 44.29
C HIS A 5 35.55 -32.56 43.45
N HIS A 6 34.48 -31.86 43.03
CA HIS A 6 34.56 -30.62 42.20
C HIS A 6 35.38 -30.83 40.94
N HIS A 7 35.28 -32.03 40.42
CA HIS A 7 36.02 -32.47 39.27
C HIS A 7 35.32 -31.96 38.01
N HIS A 8 34.00 -31.90 38.05
CA HIS A 8 33.23 -31.36 36.95
C HIS A 8 32.08 -30.50 37.50
N HIS A 9 32.08 -30.33 38.81
CA HIS A 9 31.05 -29.59 39.50
C HIS A 9 31.73 -28.54 40.37
N HIS A 10 31.84 -27.33 39.86
CA HIS A 10 32.50 -26.24 40.58
C HIS A 10 31.75 -25.91 41.86
N GLY A 11 30.48 -25.61 41.72
CA GLY A 11 29.69 -25.29 42.88
C GLY A 11 28.84 -24.07 42.70
N LEU A 12 28.21 -23.95 41.56
CA LEU A 12 27.32 -22.85 41.32
C LEU A 12 25.97 -23.26 41.89
N VAL A 13 25.56 -22.63 42.95
CA VAL A 13 24.31 -22.95 43.57
C VAL A 13 23.24 -21.91 43.22
N PRO A 14 22.19 -22.33 42.52
CA PRO A 14 21.08 -21.46 42.19
C PRO A 14 20.16 -21.24 43.41
N ARG A 15 19.33 -20.23 43.35
CA ARG A 15 18.48 -19.88 44.47
C ARG A 15 17.12 -19.36 43.99
N GLY A 16 16.64 -19.93 42.92
CA GLY A 16 15.36 -19.51 42.39
C GLY A 16 15.48 -19.18 40.94
N SER A 17 14.49 -18.55 40.40
CA SER A 17 14.48 -18.23 39.00
C SER A 17 14.23 -16.73 38.80
N HIS A 18 14.50 -16.27 37.60
CA HIS A 18 14.25 -14.91 37.16
C HIS A 18 13.20 -14.97 36.06
N MET A 19 12.77 -16.17 35.75
CA MET A 19 11.85 -16.42 34.70
C MET A 19 10.43 -16.32 35.21
N ALA A 20 9.73 -15.32 34.73
CA ALA A 20 8.37 -14.98 35.14
C ALA A 20 7.91 -13.82 34.29
N SER A 21 8.87 -13.04 33.84
CA SER A 21 8.68 -11.88 33.00
C SER A 21 7.89 -12.25 31.74
N MET A 22 6.85 -11.51 31.47
CA MET A 22 6.05 -11.74 30.29
C MET A 22 6.46 -10.75 29.23
N THR A 23 7.32 -11.16 28.35
CA THR A 23 7.75 -10.32 27.28
C THR A 23 6.64 -10.24 26.23
N GLY A 24 5.88 -9.18 26.32
CA GLY A 24 4.81 -8.97 25.42
C GLY A 24 3.79 -8.05 26.03
N GLY A 25 3.09 -7.34 25.20
CA GLY A 25 2.07 -6.44 25.64
C GLY A 25 1.05 -6.30 24.57
N GLN A 26 1.50 -5.91 23.40
CA GLN A 26 0.64 -5.79 22.24
C GLN A 26 0.70 -7.08 21.44
N GLN A 27 -0.09 -7.17 20.40
CA GLN A 27 -0.16 -8.35 19.58
C GLN A 27 1.08 -8.41 18.67
N MET A 28 1.19 -7.42 17.80
CA MET A 28 2.32 -7.24 16.88
C MET A 28 2.13 -5.99 16.05
N GLY A 29 1.02 -5.93 15.36
CA GLY A 29 0.74 -4.81 14.51
C GLY A 29 -0.73 -4.67 14.26
N ARG A 30 -1.08 -4.17 13.09
CA ARG A 30 -2.48 -3.95 12.75
C ARG A 30 -2.81 -4.56 11.39
N GLY A 31 -1.95 -4.33 10.42
CA GLY A 31 -2.11 -4.91 9.11
C GLY A 31 -0.93 -5.79 8.86
N SER A 32 -0.53 -6.47 9.90
CA SER A 32 0.63 -7.27 9.91
C SER A 32 0.39 -8.68 9.41
N LYS A 33 0.47 -8.84 8.13
CA LYS A 33 0.47 -10.14 7.52
C LYS A 33 1.67 -10.24 6.61
N GLN A 34 1.55 -9.65 5.45
CA GLN A 34 2.60 -9.63 4.50
C GLN A 34 2.36 -8.40 3.61
N THR A 35 3.26 -8.12 2.71
CA THR A 35 3.26 -6.91 1.89
C THR A 35 1.95 -6.70 1.11
N ASN A 36 1.36 -5.55 1.26
CA ASN A 36 0.10 -5.25 0.62
C ASN A 36 -0.03 -3.75 0.40
N ILE A 37 -1.02 -3.35 -0.38
CA ILE A 37 -1.25 -1.95 -0.71
C ILE A 37 -2.73 -1.56 -0.59
N ASP A 38 -3.02 -0.27 -0.58
CA ASP A 38 -4.38 0.23 -0.46
C ASP A 38 -4.50 1.57 -1.18
N PHE A 39 -5.69 1.95 -1.60
CA PHE A 39 -5.90 3.24 -2.24
C PHE A 39 -7.12 3.92 -1.64
N ARG A 40 -6.99 5.19 -1.34
CA ARG A 40 -8.06 5.97 -0.76
C ARG A 40 -7.86 7.42 -1.16
N LYS A 41 -8.81 8.25 -0.87
CA LYS A 41 -8.70 9.67 -1.11
C LYS A 41 -8.81 10.40 0.19
N ASP A 42 -8.14 11.51 0.29
CA ASP A 42 -8.13 12.33 1.50
C ASP A 42 -8.07 13.78 1.15
N GLY A 43 -8.76 14.59 1.92
CA GLY A 43 -8.74 16.00 1.73
C GLY A 43 -9.54 16.43 0.54
N LYS A 44 -8.86 16.65 -0.55
CA LYS A 44 -9.51 17.06 -1.76
C LYS A 44 -8.77 16.49 -2.96
N ASN A 45 -9.30 15.40 -3.47
CA ASN A 45 -8.84 14.75 -4.72
C ASN A 45 -7.42 14.23 -4.68
N ALA A 46 -6.94 13.98 -3.51
CA ALA A 46 -5.63 13.43 -3.35
C ALA A 46 -5.72 11.92 -3.37
N GLY A 47 -4.81 11.30 -4.06
CA GLY A 47 -4.76 9.88 -4.16
C GLY A 47 -3.80 9.32 -3.15
N ILE A 48 -4.29 8.61 -2.19
CA ILE A 48 -3.45 8.08 -1.13
C ILE A 48 -3.29 6.60 -1.32
N ILE A 49 -2.07 6.20 -1.45
CA ILE A 49 -1.73 4.83 -1.55
C ILE A 49 -1.12 4.41 -0.24
N GLU A 50 -1.74 3.52 0.43
CA GLU A 50 -1.17 2.98 1.60
C GLU A 50 -0.42 1.72 1.27
N LEU A 51 0.63 1.52 1.95
CA LEU A 51 1.55 0.44 1.71
C LEU A 51 1.91 -0.24 3.01
N ALA A 52 1.80 -1.52 3.03
CA ALA A 52 2.15 -2.29 4.17
C ALA A 52 3.28 -3.25 3.78
N ALA A 53 4.48 -2.92 4.14
CA ALA A 53 5.63 -3.73 3.84
C ALA A 53 6.15 -4.36 5.11
N LEU A 54 5.66 -5.54 5.38
CA LEU A 54 5.99 -6.23 6.61
C LEU A 54 7.37 -6.86 6.54
N GLY A 55 8.26 -6.33 7.31
CA GLY A 55 9.60 -6.82 7.34
C GLY A 55 10.55 -5.86 6.67
N PHE A 56 10.06 -4.68 6.34
CA PHE A 56 10.89 -3.68 5.76
C PHE A 56 10.99 -2.51 6.72
N ALA A 57 12.12 -2.36 7.34
CA ALA A 57 12.31 -1.29 8.25
C ALA A 57 13.38 -0.35 7.72
N GLY A 58 12.92 0.66 7.07
CA GLY A 58 13.78 1.64 6.48
C GLY A 58 12.98 2.46 5.52
N GLN A 59 13.60 2.95 4.50
CA GLN A 59 12.92 3.75 3.51
C GLN A 59 13.12 3.17 2.13
N PRO A 60 12.04 3.10 1.32
CA PRO A 60 12.12 2.61 -0.04
C PRO A 60 12.77 3.62 -0.97
N ASP A 61 13.00 3.18 -2.15
CA ASP A 61 13.51 4.01 -3.21
C ASP A 61 12.33 4.57 -3.94
N ILE A 62 12.01 5.80 -3.77
CA ILE A 62 10.90 6.36 -4.48
C ILE A 62 11.40 7.21 -5.62
N SER A 63 10.96 6.90 -6.80
CA SER A 63 11.27 7.64 -7.97
C SER A 63 10.04 8.44 -8.36
N GLN A 64 10.17 9.74 -8.40
CA GLN A 64 9.09 10.62 -8.74
C GLN A 64 9.17 11.07 -10.18
N GLN A 65 8.28 10.58 -10.98
CA GLN A 65 8.17 11.00 -12.35
C GLN A 65 6.77 11.47 -12.58
N HIS A 66 6.54 12.22 -13.63
CA HIS A 66 5.20 12.71 -13.93
C HIS A 66 4.35 11.60 -14.45
N ASP A 67 4.98 10.69 -15.16
CA ASP A 67 4.30 9.54 -15.75
C ASP A 67 3.85 8.53 -14.69
N HIS A 68 4.72 8.26 -13.72
CA HIS A 68 4.39 7.35 -12.64
C HIS A 68 5.44 7.40 -11.54
N ILE A 69 5.11 6.83 -10.42
CA ILE A 69 5.98 6.77 -9.27
C ILE A 69 6.49 5.35 -9.19
N ILE A 70 7.75 5.20 -8.88
CA ILE A 70 8.33 3.89 -8.75
C ILE A 70 8.92 3.77 -7.37
N VAL A 71 8.39 2.92 -6.58
CA VAL A 71 8.97 2.70 -5.30
C VAL A 71 9.64 1.36 -5.34
N THR A 72 10.81 1.27 -4.87
CA THR A 72 11.47 0.01 -4.82
C THR A 72 11.84 -0.26 -3.38
N LEU A 73 11.41 -1.37 -2.88
CA LEU A 73 11.69 -1.77 -1.56
C LEU A 73 12.79 -2.77 -1.64
N LYS A 74 13.99 -2.28 -1.51
CA LYS A 74 15.15 -3.10 -1.62
C LYS A 74 15.22 -4.15 -0.58
N ASN A 75 15.39 -5.36 -1.07
CA ASN A 75 15.53 -6.56 -0.26
C ASN A 75 14.20 -6.89 0.43
N HIS A 76 13.12 -6.58 -0.25
CA HIS A 76 11.82 -6.89 0.24
C HIS A 76 11.15 -7.66 -0.84
N THR A 77 11.09 -8.92 -0.71
CA THR A 77 10.57 -9.71 -1.79
C THR A 77 9.06 -9.87 -1.69
N LEU A 78 8.34 -9.27 -2.64
CA LEU A 78 6.90 -9.36 -2.70
C LEU A 78 6.48 -10.65 -3.35
N PRO A 79 5.65 -11.42 -2.69
CA PRO A 79 5.01 -12.55 -3.28
C PRO A 79 4.04 -12.12 -4.38
N THR A 80 3.97 -12.88 -5.43
CA THR A 80 3.10 -12.58 -6.56
C THR A 80 1.62 -12.75 -6.15
N THR A 81 1.41 -13.38 -5.01
CA THR A 81 0.10 -13.63 -4.46
C THR A 81 -0.47 -12.33 -3.83
N LEU A 82 0.40 -11.37 -3.61
CA LEU A 82 0.02 -10.13 -2.99
C LEU A 82 0.08 -8.99 -3.97
N GLN A 83 0.60 -9.25 -5.15
CA GLN A 83 0.74 -8.18 -6.10
C GLN A 83 -0.58 -7.94 -6.80
N ARG A 84 -1.15 -6.78 -6.59
CA ARG A 84 -2.42 -6.47 -7.20
C ARG A 84 -2.38 -5.07 -7.76
N SER A 85 -3.14 -4.85 -8.78
CA SER A 85 -3.25 -3.57 -9.37
C SER A 85 -4.64 -3.01 -9.14
N LEU A 86 -4.68 -1.78 -8.80
CA LEU A 86 -5.90 -1.07 -8.58
C LEU A 86 -6.07 -0.18 -9.77
N ASP A 87 -7.12 -0.41 -10.53
CA ASP A 87 -7.37 0.35 -11.75
C ASP A 87 -7.54 1.81 -11.43
N VAL A 88 -8.44 2.09 -10.48
CA VAL A 88 -8.71 3.44 -9.90
C VAL A 88 -8.87 4.59 -10.87
N ALA A 89 -9.27 4.28 -12.07
CA ALA A 89 -9.49 5.29 -13.04
C ALA A 89 -10.81 5.98 -12.74
N ASP A 90 -10.83 7.29 -12.91
CA ASP A 90 -12.01 8.14 -12.74
C ASP A 90 -12.38 8.34 -11.24
N PHE A 91 -11.42 8.11 -10.36
CA PHE A 91 -11.61 8.43 -8.93
C PHE A 91 -11.43 9.91 -8.68
N LYS A 92 -11.03 10.63 -9.73
CA LYS A 92 -10.76 12.08 -9.69
C LYS A 92 -9.57 12.34 -8.81
N THR A 93 -8.51 11.64 -9.08
CA THR A 93 -7.29 11.81 -8.33
C THR A 93 -6.18 11.88 -9.39
N PRO A 94 -4.96 12.34 -9.05
CA PRO A 94 -3.84 12.39 -10.00
C PRO A 94 -3.27 11.00 -10.29
N VAL A 95 -3.77 10.02 -9.56
CA VAL A 95 -3.36 8.65 -9.73
C VAL A 95 -4.22 8.03 -10.81
N GLN A 96 -3.57 7.42 -11.73
CA GLN A 96 -4.22 6.84 -12.86
C GLN A 96 -4.39 5.35 -12.66
N LYS A 97 -3.46 4.76 -11.91
CA LYS A 97 -3.47 3.33 -11.63
C LYS A 97 -2.48 3.05 -10.52
N VAL A 98 -2.79 2.11 -9.65
CA VAL A 98 -1.87 1.68 -8.62
C VAL A 98 -1.49 0.25 -8.94
N THR A 99 -0.24 -0.05 -8.95
CA THR A 99 0.20 -1.37 -9.27
C THR A 99 1.28 -1.82 -8.32
N LEU A 100 1.00 -2.87 -7.59
CA LEU A 100 1.97 -3.46 -6.74
C LEU A 100 2.63 -4.52 -7.59
N LYS A 101 3.87 -4.34 -7.89
CA LYS A 101 4.55 -5.25 -8.74
C LYS A 101 5.64 -5.93 -7.99
N ARG A 102 5.68 -7.24 -8.06
CA ARG A 102 6.76 -7.93 -7.45
C ARG A 102 7.95 -7.83 -8.37
N LEU A 103 9.08 -7.65 -7.81
CA LEU A 103 10.27 -7.62 -8.58
C LEU A 103 11.02 -8.90 -8.18
N ASN A 104 12.25 -9.09 -8.63
CA ASN A 104 12.96 -10.32 -8.31
C ASN A 104 13.11 -10.52 -6.81
N ASN A 105 13.86 -9.66 -6.18
CA ASN A 105 14.05 -9.73 -4.72
C ASN A 105 13.49 -8.51 -4.04
N ASP A 106 13.01 -7.58 -4.84
CA ASP A 106 12.47 -6.33 -4.32
C ASP A 106 11.00 -6.23 -4.61
N THR A 107 10.40 -5.23 -4.07
CA THR A 107 9.02 -4.94 -4.28
C THR A 107 8.97 -3.59 -4.97
N GLN A 108 8.22 -3.48 -6.02
CA GLN A 108 8.19 -2.28 -6.77
C GLN A 108 6.78 -1.70 -6.81
N LEU A 109 6.65 -0.46 -6.44
CA LEU A 109 5.40 0.20 -6.59
C LEU A 109 5.37 1.03 -7.77
N ILE A 110 4.38 0.81 -8.53
CA ILE A 110 4.15 1.56 -9.70
C ILE A 110 2.86 2.30 -9.48
N ILE A 111 2.96 3.56 -9.32
CA ILE A 111 1.81 4.37 -9.11
C ILE A 111 1.74 5.32 -10.27
N THR A 112 0.88 5.03 -11.19
CA THR A 112 0.77 5.80 -12.39
C THR A 112 0.08 7.12 -12.11
N THR A 113 0.64 8.18 -12.64
CA THR A 113 0.14 9.52 -12.44
C THR A 113 0.08 10.25 -13.78
N ALA A 114 -0.36 11.49 -13.75
CA ALA A 114 -0.42 12.32 -14.94
C ALA A 114 -0.47 13.78 -14.56
N GLY A 115 0.10 14.63 -15.41
CA GLY A 115 0.05 16.06 -15.20
C GLY A 115 0.97 16.51 -14.10
N ASN A 116 0.54 17.47 -13.34
CA ASN A 116 1.31 17.95 -12.22
C ASN A 116 0.68 17.43 -10.97
N TRP A 117 1.46 16.86 -10.13
CA TRP A 117 0.97 16.29 -8.93
C TRP A 117 2.02 16.47 -7.83
N GLU A 118 1.69 16.17 -6.60
CA GLU A 118 2.62 16.37 -5.48
C GLU A 118 2.69 15.09 -4.67
N LEU A 119 3.89 14.65 -4.28
CA LEU A 119 4.03 13.39 -3.54
C LEU A 119 4.46 13.64 -2.12
N VAL A 120 3.66 13.20 -1.20
CA VAL A 120 4.01 13.23 0.19
C VAL A 120 4.09 11.80 0.68
N ASN A 121 5.28 11.34 0.92
CA ASN A 121 5.47 9.98 1.40
C ASN A 121 5.57 9.99 2.90
N LYS A 122 4.88 9.08 3.53
CA LYS A 122 4.82 9.00 4.97
C LYS A 122 5.11 7.60 5.44
N SER A 123 5.76 7.51 6.57
CA SER A 123 5.99 6.26 7.24
C SER A 123 5.24 6.31 8.57
N ALA A 124 4.28 5.43 8.77
CA ALA A 124 3.48 5.44 9.99
C ALA A 124 4.16 4.62 11.07
N ALA A 125 4.98 3.70 10.63
CA ALA A 125 5.73 2.79 11.46
C ALA A 125 6.68 2.12 10.52
N PRO A 126 7.76 1.48 11.00
CA PRO A 126 8.67 0.75 10.14
C PRO A 126 7.95 -0.45 9.51
N GLY A 127 7.47 -0.23 8.32
CA GLY A 127 6.75 -1.24 7.61
C GLY A 127 5.50 -0.65 7.01
N TYR A 128 4.90 0.30 7.67
CA TYR A 128 3.69 0.91 7.16
C TYR A 128 4.02 2.22 6.49
N PHE A 129 3.78 2.26 5.21
CA PHE A 129 4.08 3.41 4.41
C PHE A 129 2.80 3.96 3.80
N THR A 130 2.88 5.14 3.33
CA THR A 130 1.78 5.84 2.75
C THR A 130 2.31 6.85 1.72
N PHE A 131 1.63 6.98 0.61
CA PHE A 131 1.99 7.92 -0.42
C PHE A 131 0.79 8.78 -0.74
N GLN A 132 0.87 10.04 -0.41
CA GLN A 132 -0.20 10.97 -0.67
C GLN A 132 0.10 11.73 -1.96
N VAL A 133 -0.65 11.45 -2.97
CA VAL A 133 -0.51 12.08 -4.27
C VAL A 133 -1.55 13.20 -4.41
N LEU A 134 -1.13 14.42 -4.18
CA LEU A 134 -2.02 15.57 -4.32
C LEU A 134 -1.96 16.05 -5.76
N PRO A 135 -3.02 16.67 -6.28
CA PRO A 135 -2.96 17.31 -7.58
C PRO A 135 -2.28 18.68 -7.46
N LYS A 136 -1.28 18.94 -8.30
CA LYS A 136 -0.60 20.20 -8.25
C LYS A 136 -1.37 21.15 -9.08
N LYS A 137 -2.11 21.95 -8.44
CA LYS A 137 -3.06 22.74 -9.08
C LYS A 137 -2.48 24.06 -9.54
N GLN A 138 -2.58 24.30 -10.81
CA GLN A 138 -2.16 25.52 -11.39
C GLN A 138 -3.38 26.21 -11.92
N MET A 1 -25.04 1.61 26.61
CA MET A 1 -24.58 2.69 25.71
C MET A 1 -24.32 2.16 24.31
N GLY A 2 -23.42 1.21 24.19
CA GLY A 2 -23.07 0.69 22.89
C GLY A 2 -21.75 1.26 22.43
N SER A 3 -20.86 1.48 23.37
CA SER A 3 -19.56 2.04 23.08
C SER A 3 -18.48 1.18 23.75
N SER A 4 -18.83 -0.05 24.06
CA SER A 4 -17.99 -0.97 24.81
C SER A 4 -16.63 -1.29 24.13
N HIS A 5 -16.55 -1.16 22.82
CA HIS A 5 -15.29 -1.48 22.12
C HIS A 5 -14.53 -0.22 21.69
N HIS A 6 -15.00 0.95 22.08
CA HIS A 6 -14.34 2.21 21.69
C HIS A 6 -14.37 3.21 22.81
N HIS A 7 -15.59 3.68 23.11
CA HIS A 7 -15.88 4.72 24.12
C HIS A 7 -15.48 6.08 23.58
N HIS A 8 -15.85 7.12 24.27
CA HIS A 8 -15.37 8.44 23.93
C HIS A 8 -14.05 8.56 24.68
N HIS A 9 -13.04 7.92 24.12
CA HIS A 9 -11.76 7.70 24.77
C HIS A 9 -11.11 8.98 25.31
N HIS A 10 -11.09 10.03 24.53
CA HIS A 10 -10.57 11.30 25.03
C HIS A 10 -11.69 12.32 25.05
N GLY A 11 -12.90 11.82 25.15
CA GLY A 11 -14.06 12.65 25.16
C GLY A 11 -14.89 12.37 26.39
N LEU A 12 -14.25 12.42 27.52
CA LEU A 12 -14.90 12.16 28.78
C LEU A 12 -15.36 13.46 29.42
N VAL A 13 -15.10 14.55 28.73
CA VAL A 13 -15.50 15.84 29.20
C VAL A 13 -16.59 16.46 28.29
N PRO A 14 -17.86 16.43 28.73
CA PRO A 14 -18.94 17.11 28.04
C PRO A 14 -18.85 18.61 28.36
N ARG A 15 -18.23 19.34 27.47
CA ARG A 15 -17.94 20.75 27.71
C ARG A 15 -18.82 21.67 26.86
N GLY A 16 -19.46 21.09 25.86
CA GLY A 16 -20.33 21.86 25.02
C GLY A 16 -20.22 21.44 23.57
N SER A 17 -20.12 22.41 22.69
CA SER A 17 -20.05 22.17 21.27
C SER A 17 -18.70 21.55 20.91
N HIS A 18 -18.72 20.44 20.21
CA HIS A 18 -17.51 19.75 19.83
C HIS A 18 -17.33 19.79 18.32
N MET A 19 -16.38 20.56 17.88
CA MET A 19 -16.09 20.69 16.47
C MET A 19 -15.01 19.69 16.10
N ALA A 20 -14.98 19.30 14.82
CA ALA A 20 -14.01 18.34 14.26
C ALA A 20 -14.27 16.93 14.76
N SER A 21 -13.59 16.00 14.19
CA SER A 21 -13.73 14.62 14.56
C SER A 21 -12.68 14.29 15.61
N MET A 22 -13.09 13.69 16.71
CA MET A 22 -12.13 13.28 17.70
C MET A 22 -11.36 12.09 17.15
N THR A 23 -10.04 12.18 17.22
CA THR A 23 -9.14 11.15 16.73
C THR A 23 -9.57 9.74 17.23
N GLY A 24 -9.86 8.87 16.29
CA GLY A 24 -10.25 7.52 16.61
C GLY A 24 -10.45 6.69 15.37
N GLY A 25 -9.57 6.87 14.41
CA GLY A 25 -9.66 6.15 13.17
C GLY A 25 -8.41 6.33 12.36
N GLN A 26 -7.28 6.33 13.03
CA GLN A 26 -6.00 6.57 12.38
C GLN A 26 -5.35 5.24 12.01
N GLN A 27 -5.74 4.20 12.70
CA GLN A 27 -5.19 2.88 12.55
C GLN A 27 -6.30 1.85 12.51
N MET A 28 -7.42 2.27 11.96
CA MET A 28 -8.60 1.42 11.88
C MET A 28 -8.33 0.31 10.87
N GLY A 29 -7.79 0.68 9.75
CA GLY A 29 -7.48 -0.27 8.72
C GLY A 29 -6.02 -0.59 8.70
N ARG A 30 -5.66 -1.74 9.26
CA ARG A 30 -4.28 -2.18 9.28
C ARG A 30 -4.16 -3.55 8.64
N GLY A 31 -3.76 -3.57 7.41
CA GLY A 31 -3.57 -4.82 6.70
C GLY A 31 -2.18 -5.33 6.91
N SER A 32 -1.97 -6.00 8.01
CA SER A 32 -0.65 -6.45 8.36
C SER A 32 -0.52 -7.95 8.18
N LYS A 33 -1.36 -8.51 7.31
CA LYS A 33 -1.32 -9.93 7.02
C LYS A 33 0.01 -10.26 6.35
N GLN A 34 0.33 -9.47 5.34
CA GLN A 34 1.57 -9.55 4.62
C GLN A 34 1.57 -8.32 3.70
N THR A 35 2.67 -8.09 3.01
CA THR A 35 2.89 -6.89 2.20
C THR A 35 1.74 -6.62 1.19
N ASN A 36 1.26 -5.41 1.15
CA ASN A 36 0.11 -5.08 0.32
C ASN A 36 -0.01 -3.60 0.09
N ILE A 37 -0.97 -3.26 -0.72
CA ILE A 37 -1.26 -1.89 -1.06
C ILE A 37 -2.68 -1.54 -0.69
N ASP A 38 -2.98 -0.28 -0.67
CA ASP A 38 -4.31 0.20 -0.37
C ASP A 38 -4.49 1.50 -1.11
N PHE A 39 -5.69 1.85 -1.47
CA PHE A 39 -5.93 3.13 -2.10
C PHE A 39 -7.12 3.80 -1.48
N ARG A 40 -6.91 5.01 -1.08
CA ARG A 40 -7.95 5.80 -0.48
C ARG A 40 -7.69 7.25 -0.77
N LYS A 41 -8.70 8.05 -0.70
CA LYS A 41 -8.55 9.45 -0.92
C LYS A 41 -8.63 10.15 0.40
N ASP A 42 -8.17 11.37 0.44
CA ASP A 42 -8.17 12.18 1.65
C ASP A 42 -8.11 13.62 1.22
N GLY A 43 -8.78 14.49 1.94
CA GLY A 43 -8.78 15.89 1.61
C GLY A 43 -9.52 16.14 0.32
N LYS A 44 -8.83 16.67 -0.65
CA LYS A 44 -9.45 16.98 -1.92
C LYS A 44 -8.59 16.52 -3.07
N ASN A 45 -9.07 15.51 -3.79
CA ASN A 45 -8.43 15.00 -5.02
C ASN A 45 -7.08 14.36 -4.77
N ALA A 46 -6.81 14.05 -3.54
CA ALA A 46 -5.57 13.44 -3.18
C ALA A 46 -5.71 11.94 -3.20
N GLY A 47 -4.76 11.29 -3.83
CA GLY A 47 -4.76 9.86 -3.94
C GLY A 47 -3.75 9.29 -2.99
N ILE A 48 -4.20 8.58 -2.02
CA ILE A 48 -3.34 8.05 -1.01
C ILE A 48 -3.19 6.57 -1.19
N ILE A 49 -1.99 6.18 -1.46
CA ILE A 49 -1.66 4.81 -1.58
C ILE A 49 -1.00 4.40 -0.30
N GLU A 50 -1.68 3.62 0.46
CA GLU A 50 -1.11 3.11 1.67
C GLU A 50 -0.40 1.82 1.36
N LEU A 51 0.77 1.73 1.84
CA LEU A 51 1.64 0.63 1.57
C LEU A 51 1.96 -0.11 2.85
N ALA A 52 1.66 -1.36 2.85
CA ALA A 52 1.95 -2.18 3.96
C ALA A 52 3.10 -3.10 3.59
N ALA A 53 4.29 -2.77 4.04
CA ALA A 53 5.46 -3.57 3.77
C ALA A 53 5.86 -4.29 5.04
N LEU A 54 5.35 -5.48 5.20
CA LEU A 54 5.57 -6.24 6.39
C LEU A 54 6.90 -6.94 6.34
N GLY A 55 7.76 -6.54 7.21
CA GLY A 55 9.09 -7.10 7.25
C GLY A 55 10.09 -6.17 6.65
N PHE A 56 9.76 -4.90 6.62
CA PHE A 56 10.68 -3.91 6.11
C PHE A 56 11.05 -2.98 7.26
N ALA A 57 12.33 -2.79 7.48
CA ALA A 57 12.80 -2.01 8.62
C ALA A 57 13.24 -0.60 8.22
N GLY A 58 13.55 -0.41 6.96
CA GLY A 58 14.02 0.89 6.50
C GLY A 58 12.96 1.65 5.74
N GLN A 59 13.38 2.35 4.70
CA GLN A 59 12.48 3.12 3.85
C GLN A 59 12.68 2.73 2.38
N PRO A 60 11.60 2.66 1.58
CA PRO A 60 11.68 2.32 0.16
C PRO A 60 12.39 3.39 -0.66
N ASP A 61 12.62 3.08 -1.89
CA ASP A 61 13.18 3.99 -2.86
C ASP A 61 12.05 4.58 -3.63
N ILE A 62 11.88 5.86 -3.60
CA ILE A 62 10.82 6.45 -4.34
C ILE A 62 11.35 7.21 -5.54
N SER A 63 11.10 6.66 -6.68
CA SER A 63 11.45 7.20 -7.95
C SER A 63 10.23 7.94 -8.53
N GLN A 64 10.27 9.27 -8.48
CA GLN A 64 9.16 10.08 -8.93
C GLN A 64 9.23 10.38 -10.41
N GLN A 65 8.26 9.94 -11.15
CA GLN A 65 8.08 10.39 -12.50
C GLN A 65 6.68 10.92 -12.59
N HIS A 66 6.42 11.77 -13.53
CA HIS A 66 5.08 12.32 -13.66
C HIS A 66 4.12 11.30 -14.24
N ASP A 67 4.65 10.42 -15.06
CA ASP A 67 3.87 9.35 -15.67
C ASP A 67 3.43 8.33 -14.64
N HIS A 68 4.34 7.98 -13.75
CA HIS A 68 4.05 7.04 -12.70
C HIS A 68 5.16 7.07 -11.67
N ILE A 69 4.90 6.54 -10.52
CA ILE A 69 5.86 6.53 -9.44
C ILE A 69 6.38 5.12 -9.36
N ILE A 70 7.65 4.99 -9.09
CA ILE A 70 8.30 3.72 -8.95
C ILE A 70 8.86 3.65 -7.57
N VAL A 71 8.31 2.84 -6.73
CA VAL A 71 8.86 2.70 -5.43
C VAL A 71 9.51 1.34 -5.36
N THR A 72 10.60 1.22 -4.71
CA THR A 72 11.24 -0.05 -4.60
C THR A 72 11.70 -0.30 -3.19
N LEU A 73 11.30 -1.42 -2.67
CA LEU A 73 11.70 -1.82 -1.37
C LEU A 73 12.83 -2.75 -1.53
N LYS A 74 14.00 -2.27 -1.32
CA LYS A 74 15.17 -3.07 -1.45
C LYS A 74 15.23 -4.13 -0.38
N ASN A 75 15.47 -5.35 -0.84
CA ASN A 75 15.62 -6.54 0.03
C ASN A 75 14.25 -6.97 0.57
N HIS A 76 13.20 -6.58 -0.11
CA HIS A 76 11.88 -6.91 0.32
C HIS A 76 11.25 -7.66 -0.80
N THR A 77 11.20 -8.93 -0.69
CA THR A 77 10.70 -9.70 -1.77
C THR A 77 9.18 -9.92 -1.62
N LEU A 78 8.44 -9.48 -2.62
CA LEU A 78 7.00 -9.55 -2.61
C LEU A 78 6.51 -10.82 -3.28
N PRO A 79 5.66 -11.58 -2.60
CA PRO A 79 4.97 -12.71 -3.21
C PRO A 79 4.03 -12.24 -4.32
N THR A 80 3.85 -13.08 -5.29
CA THR A 80 3.04 -12.78 -6.45
C THR A 80 1.55 -12.63 -6.09
N THR A 81 1.15 -13.26 -5.01
CA THR A 81 -0.24 -13.25 -4.59
C THR A 81 -0.63 -11.88 -4.03
N LEU A 82 0.35 -11.10 -3.67
CA LEU A 82 0.10 -9.81 -3.08
C LEU A 82 0.24 -8.73 -4.10
N GLN A 83 0.91 -9.05 -5.18
CA GLN A 83 1.09 -8.09 -6.24
C GLN A 83 -0.24 -8.03 -7.00
N ARG A 84 -0.67 -6.84 -7.36
CA ARG A 84 -1.96 -6.65 -7.98
C ARG A 84 -2.10 -5.22 -8.42
N SER A 85 -3.12 -4.95 -9.17
CA SER A 85 -3.38 -3.62 -9.64
C SER A 85 -4.78 -3.14 -9.25
N LEU A 86 -4.82 -1.94 -8.75
CA LEU A 86 -6.04 -1.27 -8.42
C LEU A 86 -6.27 -0.32 -9.57
N ASP A 87 -7.30 -0.54 -10.35
CA ASP A 87 -7.54 0.25 -11.57
C ASP A 87 -7.80 1.70 -11.26
N VAL A 88 -8.76 1.94 -10.38
CA VAL A 88 -9.15 3.28 -9.85
C VAL A 88 -9.27 4.40 -10.90
N ALA A 89 -9.76 4.06 -12.06
CA ALA A 89 -9.90 5.04 -13.11
C ALA A 89 -10.97 6.10 -12.81
N ASP A 90 -10.62 7.38 -13.02
CA ASP A 90 -11.51 8.55 -12.83
C ASP A 90 -11.97 8.67 -11.37
N PHE A 91 -11.05 8.32 -10.47
CA PHE A 91 -11.30 8.38 -9.02
C PHE A 91 -11.15 9.80 -8.50
N LYS A 92 -10.86 10.70 -9.41
CA LYS A 92 -10.74 12.13 -9.17
C LYS A 92 -9.53 12.45 -8.34
N THR A 93 -8.42 12.06 -8.87
CA THR A 93 -7.12 12.25 -8.30
C THR A 93 -6.07 12.02 -9.36
N PRO A 94 -4.89 12.67 -9.23
CA PRO A 94 -3.76 12.45 -10.15
C PRO A 94 -3.40 10.97 -10.35
N VAL A 95 -3.75 10.13 -9.38
CA VAL A 95 -3.48 8.71 -9.46
C VAL A 95 -4.45 8.10 -10.44
N GLN A 96 -3.91 7.53 -11.47
CA GLN A 96 -4.72 6.95 -12.50
C GLN A 96 -4.89 5.46 -12.25
N LYS A 97 -3.90 4.86 -11.61
CA LYS A 97 -3.92 3.41 -11.35
C LYS A 97 -2.78 3.01 -10.39
N VAL A 98 -3.09 2.19 -9.42
CA VAL A 98 -2.09 1.72 -8.47
C VAL A 98 -1.72 0.30 -8.81
N THR A 99 -0.47 -0.02 -8.79
CA THR A 99 -0.05 -1.34 -9.13
C THR A 99 1.13 -1.78 -8.26
N LEU A 100 0.95 -2.87 -7.59
CA LEU A 100 1.98 -3.46 -6.78
C LEU A 100 2.58 -4.54 -7.66
N LYS A 101 3.83 -4.45 -7.94
CA LYS A 101 4.47 -5.43 -8.78
C LYS A 101 5.71 -5.93 -8.08
N ARG A 102 5.92 -7.22 -8.11
CA ARG A 102 7.10 -7.73 -7.50
C ARG A 102 8.28 -7.55 -8.45
N LEU A 103 9.41 -7.28 -7.88
CA LEU A 103 10.61 -7.13 -8.65
C LEU A 103 11.45 -8.38 -8.34
N ASN A 104 12.69 -8.45 -8.83
CA ASN A 104 13.52 -9.63 -8.64
C ASN A 104 13.70 -9.98 -7.15
N ASN A 105 14.38 -9.13 -6.42
CA ASN A 105 14.56 -9.36 -4.98
C ASN A 105 13.76 -8.35 -4.19
N ASP A 106 13.16 -7.42 -4.90
CA ASP A 106 12.54 -6.25 -4.28
C ASP A 106 11.07 -6.18 -4.58
N THR A 107 10.43 -5.21 -4.00
CA THR A 107 9.04 -4.93 -4.21
C THR A 107 8.96 -3.58 -4.91
N GLN A 108 8.19 -3.46 -5.96
CA GLN A 108 8.14 -2.25 -6.71
C GLN A 108 6.73 -1.70 -6.80
N LEU A 109 6.58 -0.44 -6.54
CA LEU A 109 5.32 0.19 -6.72
C LEU A 109 5.26 0.96 -7.95
N ILE A 110 4.23 0.75 -8.66
CA ILE A 110 3.94 1.48 -9.84
C ILE A 110 2.66 2.24 -9.59
N ILE A 111 2.76 3.51 -9.45
CA ILE A 111 1.61 4.33 -9.19
C ILE A 111 1.45 5.26 -10.36
N THR A 112 0.50 4.96 -11.19
CA THR A 112 0.27 5.68 -12.43
C THR A 112 -0.32 7.04 -12.12
N THR A 113 0.25 8.07 -12.68
CA THR A 113 -0.20 9.42 -12.44
C THR A 113 -0.27 10.21 -13.75
N ALA A 114 -0.72 11.44 -13.68
CA ALA A 114 -0.82 12.30 -14.83
C ALA A 114 -0.60 13.76 -14.42
N GLY A 115 -0.04 14.54 -15.35
CA GLY A 115 0.20 15.97 -15.12
C GLY A 115 1.14 16.24 -13.96
N ASN A 116 0.94 17.36 -13.29
CA ASN A 116 1.72 17.68 -12.12
C ASN A 116 0.94 17.31 -10.93
N TRP A 117 1.63 16.86 -9.96
CA TRP A 117 1.05 16.42 -8.75
C TRP A 117 2.13 16.49 -7.68
N GLU A 118 1.78 16.30 -6.43
CA GLU A 118 2.74 16.44 -5.35
C GLU A 118 2.80 15.13 -4.57
N LEU A 119 3.99 14.61 -4.35
CA LEU A 119 4.14 13.34 -3.67
C LEU A 119 4.62 13.52 -2.26
N VAL A 120 3.82 13.12 -1.32
CA VAL A 120 4.22 13.13 0.06
C VAL A 120 4.30 11.70 0.54
N ASN A 121 5.50 11.20 0.75
CA ASN A 121 5.65 9.86 1.26
C ASN A 121 5.80 9.92 2.75
N LYS A 122 4.99 9.18 3.44
CA LYS A 122 5.00 9.16 4.86
C LYS A 122 5.28 7.76 5.36
N SER A 123 5.91 7.68 6.49
CA SER A 123 6.12 6.46 7.16
C SER A 123 5.34 6.54 8.46
N ALA A 124 4.34 5.72 8.61
CA ALA A 124 3.52 5.75 9.82
C ALA A 124 4.24 5.00 10.93
N ALA A 125 4.97 4.00 10.52
CA ALA A 125 5.75 3.14 11.36
C ALA A 125 6.60 2.35 10.42
N PRO A 126 7.69 1.72 10.86
CA PRO A 126 8.52 0.91 9.97
C PRO A 126 7.71 -0.27 9.43
N GLY A 127 7.28 -0.15 8.20
CA GLY A 127 6.47 -1.14 7.58
C GLY A 127 5.24 -0.52 6.97
N TYR A 128 4.74 0.53 7.58
CA TYR A 128 3.57 1.18 7.06
C TYR A 128 3.98 2.43 6.35
N PHE A 129 3.73 2.48 5.10
CA PHE A 129 4.06 3.59 4.30
C PHE A 129 2.81 4.16 3.70
N THR A 130 2.89 5.35 3.26
CA THR A 130 1.75 6.07 2.77
C THR A 130 2.22 7.09 1.73
N PHE A 131 1.66 7.04 0.56
CA PHE A 131 1.99 7.97 -0.48
C PHE A 131 0.80 8.86 -0.76
N GLN A 132 0.92 10.10 -0.39
CA GLN A 132 -0.14 11.05 -0.59
C GLN A 132 0.13 11.83 -1.86
N VAL A 133 -0.61 11.51 -2.89
CA VAL A 133 -0.50 12.16 -4.17
C VAL A 133 -1.54 13.30 -4.27
N LEU A 134 -1.10 14.51 -4.08
CA LEU A 134 -1.97 15.67 -4.19
C LEU A 134 -1.90 16.21 -5.61
N PRO A 135 -2.94 16.89 -6.10
CA PRO A 135 -2.88 17.57 -7.39
C PRO A 135 -2.01 18.85 -7.28
N LYS A 136 -1.20 19.14 -8.29
CA LYS A 136 -0.33 20.29 -8.21
C LYS A 136 -0.85 21.47 -8.94
N LYS A 137 -0.94 22.57 -8.24
CA LYS A 137 -1.30 23.80 -8.87
C LYS A 137 -0.01 24.51 -9.24
N GLN A 138 0.36 24.39 -10.46
CA GLN A 138 1.58 24.97 -10.93
C GLN A 138 1.28 26.25 -11.69
N MET A 1 -36.01 -34.62 21.04
CA MET A 1 -34.56 -34.70 21.28
C MET A 1 -34.06 -33.40 21.87
N GLY A 2 -33.96 -32.38 21.05
CA GLY A 2 -33.47 -31.10 21.49
C GLY A 2 -32.79 -30.39 20.35
N SER A 3 -32.35 -29.19 20.56
CA SER A 3 -31.72 -28.44 19.49
C SER A 3 -30.20 -28.43 19.69
N SER A 4 -29.46 -28.77 18.63
CA SER A 4 -28.00 -28.77 18.64
C SER A 4 -27.45 -29.06 17.25
N HIS A 5 -28.09 -30.02 16.56
CA HIS A 5 -27.69 -30.49 15.21
C HIS A 5 -26.39 -31.34 15.30
N HIS A 6 -25.96 -31.58 16.53
CA HIS A 6 -24.75 -32.34 16.87
C HIS A 6 -23.52 -31.70 16.22
N HIS A 7 -23.16 -30.57 16.74
CA HIS A 7 -22.06 -29.77 16.24
C HIS A 7 -21.50 -29.00 17.41
N HIS A 8 -20.22 -29.19 17.71
CA HIS A 8 -19.63 -28.50 18.84
C HIS A 8 -19.52 -27.01 18.55
N HIS A 9 -19.94 -26.20 19.49
CA HIS A 9 -20.00 -24.75 19.30
C HIS A 9 -18.72 -24.09 19.80
N HIS A 10 -17.98 -24.81 20.59
CA HIS A 10 -16.74 -24.28 21.14
C HIS A 10 -15.58 -25.08 20.60
N GLY A 11 -14.54 -24.41 20.20
CA GLY A 11 -13.38 -25.13 19.68
C GLY A 11 -12.62 -24.34 18.64
N LEU A 12 -12.90 -23.06 18.52
CA LEU A 12 -12.22 -22.22 17.54
C LEU A 12 -11.15 -21.38 18.19
N VAL A 13 -10.81 -21.73 19.43
CA VAL A 13 -9.74 -21.06 20.17
C VAL A 13 -8.37 -21.24 19.44
N PRO A 14 -8.01 -22.46 18.96
CA PRO A 14 -6.86 -22.60 18.13
C PRO A 14 -7.22 -22.36 16.66
N ARG A 15 -7.12 -21.11 16.24
CA ARG A 15 -7.45 -20.72 14.87
C ARG A 15 -6.34 -21.15 13.94
N GLY A 16 -5.14 -21.04 14.45
CA GLY A 16 -3.97 -21.39 13.70
C GLY A 16 -2.76 -20.78 14.33
N SER A 17 -2.44 -21.21 15.52
CA SER A 17 -1.31 -20.66 16.23
C SER A 17 -0.23 -21.75 16.39
N HIS A 18 -0.39 -22.86 15.71
CA HIS A 18 0.65 -23.88 15.68
C HIS A 18 1.54 -23.72 14.46
N MET A 19 1.22 -22.72 13.68
CA MET A 19 1.96 -22.36 12.50
C MET A 19 1.71 -20.89 12.27
N ALA A 20 2.79 -20.10 12.31
CA ALA A 20 2.76 -18.64 12.19
C ALA A 20 2.14 -17.98 13.41
N SER A 21 3.03 -17.43 14.23
CA SER A 21 2.69 -16.74 15.45
C SER A 21 2.12 -17.67 16.52
N MET A 22 3.00 -18.27 17.30
CA MET A 22 2.58 -19.14 18.38
C MET A 22 2.34 -18.30 19.62
N THR A 23 1.13 -17.82 19.78
CA THR A 23 0.78 -16.98 20.93
C THR A 23 -0.73 -17.15 21.26
N GLY A 24 -1.37 -18.11 20.62
CA GLY A 24 -2.77 -18.36 20.88
C GLY A 24 -3.67 -17.42 20.11
N GLY A 25 -3.55 -16.15 20.40
CA GLY A 25 -4.33 -15.15 19.72
C GLY A 25 -4.83 -14.06 20.63
N GLN A 26 -4.15 -13.82 21.74
CA GLN A 26 -4.57 -12.78 22.64
C GLN A 26 -3.65 -11.58 22.50
N GLN A 27 -2.44 -11.72 22.97
CA GLN A 27 -1.47 -10.66 22.88
C GLN A 27 -0.67 -10.81 21.59
N MET A 28 -1.23 -10.28 20.52
CA MET A 28 -0.61 -10.37 19.21
C MET A 28 -1.27 -9.41 18.25
N GLY A 29 -0.49 -8.51 17.69
CA GLY A 29 -1.01 -7.58 16.72
C GLY A 29 -1.08 -8.21 15.34
N ARG A 30 -1.89 -9.24 15.23
CA ARG A 30 -2.01 -9.96 14.01
C ARG A 30 -3.01 -9.24 13.13
N GLY A 31 -2.64 -9.06 11.90
CA GLY A 31 -3.48 -8.44 10.93
C GLY A 31 -2.69 -8.28 9.68
N SER A 32 -2.01 -7.18 9.58
CA SER A 32 -1.12 -6.95 8.50
C SER A 32 0.16 -7.76 8.72
N LYS A 33 0.28 -8.86 8.02
CA LYS A 33 1.44 -9.72 8.14
C LYS A 33 2.06 -9.94 6.78
N GLN A 34 1.36 -9.49 5.78
CA GLN A 34 1.74 -9.68 4.44
C GLN A 34 1.86 -8.34 3.75
N THR A 35 2.77 -8.26 2.80
CA THR A 35 3.02 -7.04 2.05
C THR A 35 1.74 -6.61 1.33
N ASN A 36 1.33 -5.38 1.49
CA ASN A 36 0.02 -4.99 1.02
C ASN A 36 0.02 -3.56 0.57
N ILE A 37 -0.90 -3.25 -0.29
CA ILE A 37 -1.09 -1.94 -0.84
C ILE A 37 -2.57 -1.64 -0.88
N ASP A 38 -2.91 -0.39 -0.75
CA ASP A 38 -4.31 0.04 -0.73
C ASP A 38 -4.45 1.42 -1.29
N PHE A 39 -5.63 1.75 -1.77
CA PHE A 39 -5.89 3.09 -2.25
C PHE A 39 -7.13 3.68 -1.58
N ARG A 40 -7.04 4.94 -1.24
CA ARG A 40 -8.14 5.72 -0.72
C ARG A 40 -7.86 7.19 -0.98
N LYS A 41 -8.86 8.03 -0.93
CA LYS A 41 -8.66 9.45 -1.12
C LYS A 41 -8.77 10.17 0.19
N ASP A 42 -7.98 11.20 0.35
CA ASP A 42 -7.93 11.94 1.60
C ASP A 42 -7.36 13.31 1.32
N GLY A 43 -8.12 14.33 1.54
CA GLY A 43 -7.66 15.66 1.26
C GLY A 43 -8.29 16.18 -0.01
N LYS A 44 -7.65 17.13 -0.63
CA LYS A 44 -8.18 17.76 -1.82
C LYS A 44 -7.68 17.04 -3.06
N ASN A 45 -8.52 16.13 -3.59
CA ASN A 45 -8.24 15.36 -4.83
C ASN A 45 -6.99 14.51 -4.67
N ALA A 46 -6.65 14.20 -3.45
CA ALA A 46 -5.44 13.49 -3.17
C ALA A 46 -5.64 12.00 -3.26
N GLY A 47 -4.69 11.35 -3.88
CA GLY A 47 -4.70 9.93 -4.02
C GLY A 47 -3.76 9.31 -3.02
N ILE A 48 -4.28 8.53 -2.11
CA ILE A 48 -3.48 7.94 -1.07
C ILE A 48 -3.26 6.48 -1.31
N ILE A 49 -2.03 6.15 -1.53
CA ILE A 49 -1.64 4.79 -1.69
C ILE A 49 -0.98 4.36 -0.42
N GLU A 50 -1.60 3.48 0.27
CA GLU A 50 -1.02 2.98 1.45
C GLU A 50 -0.27 1.73 1.17
N LEU A 51 0.84 1.63 1.77
CA LEU A 51 1.76 0.56 1.56
C LEU A 51 2.15 -0.08 2.89
N ALA A 52 2.08 -1.36 2.93
CA ALA A 52 2.44 -2.12 4.08
C ALA A 52 3.53 -3.12 3.70
N ALA A 53 4.75 -2.81 4.04
CA ALA A 53 5.87 -3.67 3.78
C ALA A 53 6.33 -4.26 5.09
N LEU A 54 5.79 -5.39 5.42
CA LEU A 54 6.03 -6.01 6.71
C LEU A 54 7.41 -6.60 6.83
N GLY A 55 8.22 -5.97 7.64
CA GLY A 55 9.56 -6.44 7.89
C GLY A 55 10.58 -5.50 7.31
N PHE A 56 10.09 -4.50 6.63
CA PHE A 56 10.95 -3.52 6.03
C PHE A 56 11.09 -2.35 6.97
N ALA A 57 12.23 -2.23 7.55
CA ALA A 57 12.49 -1.15 8.44
C ALA A 57 13.46 -0.20 7.79
N GLY A 58 12.93 0.83 7.22
CA GLY A 58 13.73 1.82 6.53
C GLY A 58 12.88 2.61 5.58
N GLN A 59 13.43 3.04 4.49
CA GLN A 59 12.69 3.81 3.51
C GLN A 59 12.83 3.16 2.14
N PRO A 60 11.73 3.02 1.39
CA PRO A 60 11.78 2.49 0.03
C PRO A 60 12.44 3.49 -0.89
N ASP A 61 12.69 3.09 -2.07
CA ASP A 61 13.23 3.96 -3.05
C ASP A 61 12.10 4.59 -3.79
N ILE A 62 11.91 5.85 -3.59
CA ILE A 62 10.87 6.55 -4.27
C ILE A 62 11.43 7.26 -5.47
N SER A 63 11.11 6.75 -6.60
CA SER A 63 11.46 7.29 -7.86
C SER A 63 10.21 7.99 -8.44
N GLN A 64 10.27 9.30 -8.50
CA GLN A 64 9.13 10.12 -8.89
C GLN A 64 9.20 10.55 -10.34
N GLN A 65 8.24 10.13 -11.13
CA GLN A 65 8.10 10.57 -12.49
C GLN A 65 6.67 11.10 -12.60
N HIS A 66 6.36 11.88 -13.62
CA HIS A 66 4.99 12.36 -13.74
C HIS A 66 4.07 11.29 -14.27
N ASP A 67 4.61 10.42 -15.10
CA ASP A 67 3.83 9.35 -15.70
C ASP A 67 3.50 8.25 -14.68
N HIS A 68 4.39 8.03 -13.71
CA HIS A 68 4.13 7.08 -12.63
C HIS A 68 5.21 7.15 -11.59
N ILE A 69 4.94 6.58 -10.46
CA ILE A 69 5.88 6.55 -9.36
C ILE A 69 6.41 5.15 -9.30
N ILE A 70 7.67 5.04 -9.02
CA ILE A 70 8.31 3.78 -8.89
C ILE A 70 8.81 3.67 -7.48
N VAL A 71 8.18 2.86 -6.72
CA VAL A 71 8.59 2.63 -5.36
C VAL A 71 9.26 1.29 -5.30
N THR A 72 10.40 1.21 -4.69
CA THR A 72 11.08 -0.05 -4.60
C THR A 72 11.60 -0.28 -3.19
N LEU A 73 11.25 -1.38 -2.63
CA LEU A 73 11.68 -1.74 -1.32
C LEU A 73 12.84 -2.65 -1.46
N LYS A 74 14.00 -2.17 -1.14
CA LYS A 74 15.19 -2.96 -1.26
C LYS A 74 15.22 -4.09 -0.29
N ASN A 75 15.52 -5.24 -0.85
CA ASN A 75 15.69 -6.51 -0.13
C ASN A 75 14.33 -7.10 0.30
N HIS A 76 13.25 -6.43 -0.06
CA HIS A 76 11.94 -6.89 0.31
C HIS A 76 11.36 -7.72 -0.80
N THR A 77 11.22 -8.98 -0.60
CA THR A 77 10.65 -9.81 -1.61
C THR A 77 9.13 -9.77 -1.58
N LEU A 78 8.53 -9.66 -2.74
CA LEU A 78 7.11 -9.68 -2.85
C LEU A 78 6.67 -10.93 -3.58
N PRO A 79 5.81 -11.73 -2.97
CA PRO A 79 5.15 -12.84 -3.64
C PRO A 79 4.12 -12.35 -4.66
N THR A 80 3.78 -13.21 -5.58
CA THR A 80 2.82 -12.94 -6.63
C THR A 80 1.40 -12.75 -6.06
N THR A 81 1.17 -13.37 -4.91
CA THR A 81 -0.10 -13.39 -4.22
C THR A 81 -0.53 -11.98 -3.73
N LEU A 82 0.42 -11.09 -3.56
CA LEU A 82 0.11 -9.79 -3.01
C LEU A 82 -0.01 -8.75 -4.08
N GLN A 83 0.35 -9.12 -5.26
CA GLN A 83 0.28 -8.23 -6.38
C GLN A 83 -1.19 -8.05 -6.76
N ARG A 84 -1.54 -6.84 -7.08
CA ARG A 84 -2.88 -6.50 -7.52
C ARG A 84 -2.83 -5.09 -8.04
N SER A 85 -3.88 -4.65 -8.65
CA SER A 85 -3.99 -3.31 -9.11
C SER A 85 -5.30 -2.70 -8.67
N LEU A 86 -5.27 -1.42 -8.53
CA LEU A 86 -6.40 -0.62 -8.17
C LEU A 86 -6.72 0.20 -9.39
N ASP A 87 -7.79 -0.09 -10.04
CA ASP A 87 -8.20 0.66 -11.19
C ASP A 87 -8.91 1.91 -10.73
N VAL A 88 -8.10 2.89 -10.48
CA VAL A 88 -8.48 4.15 -9.91
C VAL A 88 -8.88 5.18 -11.01
N ALA A 89 -9.51 4.69 -12.03
CA ALA A 89 -10.05 5.54 -13.04
C ALA A 89 -11.37 6.11 -12.54
N ASP A 90 -11.63 7.37 -12.87
CA ASP A 90 -12.86 8.11 -12.48
C ASP A 90 -12.82 8.46 -10.99
N PHE A 91 -11.65 8.44 -10.42
CA PHE A 91 -11.45 8.82 -9.03
C PHE A 91 -11.18 10.30 -8.92
N LYS A 92 -10.77 10.91 -10.04
CA LYS A 92 -10.51 12.36 -10.16
C LYS A 92 -9.33 12.80 -9.30
N THR A 93 -8.36 11.94 -9.20
CA THR A 93 -7.18 12.23 -8.42
C THR A 93 -6.02 12.27 -9.44
N PRO A 94 -4.78 12.62 -9.04
CA PRO A 94 -3.64 12.61 -9.98
C PRO A 94 -3.16 11.19 -10.26
N VAL A 95 -3.59 10.25 -9.43
CA VAL A 95 -3.24 8.87 -9.60
C VAL A 95 -4.31 8.17 -10.41
N GLN A 96 -3.87 7.50 -11.42
CA GLN A 96 -4.74 6.86 -12.37
C GLN A 96 -4.97 5.42 -11.98
N LYS A 97 -3.92 4.78 -11.52
CA LYS A 97 -4.00 3.37 -11.20
C LYS A 97 -2.87 2.99 -10.27
N VAL A 98 -3.19 2.25 -9.24
CA VAL A 98 -2.17 1.73 -8.35
C VAL A 98 -1.88 0.28 -8.72
N THR A 99 -0.66 -0.02 -9.00
CA THR A 99 -0.27 -1.36 -9.38
C THR A 99 0.93 -1.85 -8.56
N LEU A 100 0.77 -2.96 -7.88
CA LEU A 100 1.86 -3.52 -7.13
C LEU A 100 2.46 -4.64 -7.96
N LYS A 101 3.74 -4.55 -8.18
CA LYS A 101 4.45 -5.48 -9.01
C LYS A 101 5.59 -6.07 -8.21
N ARG A 102 5.82 -7.33 -8.35
CA ARG A 102 6.94 -7.91 -7.67
C ARG A 102 8.18 -7.69 -8.51
N LEU A 103 9.29 -7.54 -7.88
CA LEU A 103 10.53 -7.47 -8.58
C LEU A 103 11.30 -8.71 -8.11
N ASN A 104 12.54 -8.89 -8.48
CA ASN A 104 13.20 -10.16 -8.15
C ASN A 104 13.61 -10.21 -6.69
N ASN A 105 14.38 -9.22 -6.26
CA ASN A 105 14.87 -9.16 -4.89
C ASN A 105 14.14 -8.09 -4.11
N ASP A 106 13.36 -7.31 -4.80
CA ASP A 106 12.75 -6.11 -4.23
C ASP A 106 11.27 -6.08 -4.57
N THR A 107 10.57 -5.15 -4.00
CA THR A 107 9.17 -4.96 -4.28
C THR A 107 9.01 -3.65 -5.05
N GLN A 108 8.24 -3.67 -6.12
CA GLN A 108 8.09 -2.49 -6.94
C GLN A 108 6.63 -2.03 -6.93
N LEU A 109 6.44 -0.80 -6.61
CA LEU A 109 5.12 -0.24 -6.60
C LEU A 109 5.03 0.74 -7.72
N ILE A 110 4.10 0.51 -8.57
CA ILE A 110 3.89 1.31 -9.73
C ILE A 110 2.62 2.10 -9.53
N ILE A 111 2.78 3.36 -9.34
CA ILE A 111 1.65 4.22 -9.13
C ILE A 111 1.50 5.09 -10.36
N THR A 112 0.61 4.72 -11.23
CA THR A 112 0.39 5.42 -12.48
C THR A 112 -0.25 6.79 -12.19
N THR A 113 0.35 7.84 -12.68
CA THR A 113 -0.10 9.20 -12.41
C THR A 113 -0.08 10.04 -13.70
N ALA A 114 -0.73 11.19 -13.66
CA ALA A 114 -0.74 12.07 -14.81
C ALA A 114 -0.85 13.54 -14.39
N GLY A 115 -0.09 14.39 -15.07
CA GLY A 115 -0.15 15.81 -14.82
C GLY A 115 0.84 16.25 -13.76
N ASN A 116 0.71 17.47 -13.30
CA ASN A 116 1.56 17.93 -12.20
C ASN A 116 0.94 17.49 -10.94
N TRP A 117 1.70 16.85 -10.12
CA TRP A 117 1.19 16.36 -8.89
C TRP A 117 2.29 16.46 -7.82
N GLU A 118 1.93 16.25 -6.57
CA GLU A 118 2.84 16.42 -5.44
C GLU A 118 2.89 15.15 -4.63
N LEU A 119 4.07 14.59 -4.43
CA LEU A 119 4.19 13.34 -3.71
C LEU A 119 4.62 13.59 -2.29
N VAL A 120 3.84 13.14 -1.37
CA VAL A 120 4.24 13.16 0.00
C VAL A 120 4.10 11.78 0.58
N ASN A 121 5.20 11.21 0.94
CA ASN A 121 5.16 9.91 1.52
C ASN A 121 5.31 9.98 2.94
N LYS A 122 4.43 9.34 3.59
CA LYS A 122 4.43 9.38 4.97
C LYS A 122 4.75 8.00 5.52
N SER A 123 5.75 7.93 6.33
CA SER A 123 6.11 6.72 6.97
C SER A 123 5.40 6.66 8.32
N ALA A 124 4.35 5.88 8.36
CA ALA A 124 3.45 5.81 9.50
C ALA A 124 4.01 4.96 10.64
N ALA A 125 4.73 3.94 10.28
CA ALA A 125 5.28 2.98 11.22
C ALA A 125 6.32 2.18 10.46
N PRO A 126 7.18 1.39 11.14
CA PRO A 126 8.20 0.59 10.46
C PRO A 126 7.57 -0.41 9.48
N GLY A 127 7.64 -0.07 8.21
CA GLY A 127 7.08 -0.90 7.18
C GLY A 127 5.81 -0.32 6.62
N TYR A 128 5.24 0.62 7.31
CA TYR A 128 3.99 1.22 6.87
C TYR A 128 4.24 2.54 6.22
N PHE A 129 3.91 2.61 4.97
CA PHE A 129 4.12 3.77 4.17
C PHE A 129 2.81 4.25 3.60
N THR A 130 2.82 5.43 3.16
CA THR A 130 1.65 6.11 2.66
C THR A 130 2.04 7.17 1.63
N PHE A 131 1.72 6.95 0.40
CA PHE A 131 2.04 7.89 -0.64
C PHE A 131 0.82 8.74 -0.90
N GLN A 132 0.84 9.95 -0.42
CA GLN A 132 -0.25 10.85 -0.63
C GLN A 132 0.06 11.69 -1.84
N VAL A 133 -0.63 11.42 -2.89
CA VAL A 133 -0.45 12.09 -4.16
C VAL A 133 -1.43 13.25 -4.29
N LEU A 134 -0.96 14.47 -4.03
CA LEU A 134 -1.81 15.65 -4.20
C LEU A 134 -1.68 16.14 -5.64
N PRO A 135 -2.69 16.81 -6.20
CA PRO A 135 -2.56 17.45 -7.50
C PRO A 135 -1.78 18.76 -7.36
N LYS A 136 -0.87 19.03 -8.27
CA LYS A 136 -0.12 20.25 -8.17
C LYS A 136 -0.88 21.35 -8.77
N LYS A 137 -1.03 22.34 -8.01
CA LYS A 137 -1.89 23.41 -8.32
C LYS A 137 -1.11 24.56 -8.98
N GLN A 138 -0.04 24.20 -9.61
CA GLN A 138 0.82 25.11 -10.30
C GLN A 138 0.96 24.61 -11.71
N MET A 1 -13.14 -2.82 23.12
CA MET A 1 -11.88 -3.06 23.82
C MET A 1 -11.66 -4.56 24.05
N GLY A 2 -12.56 -5.21 24.77
CA GLY A 2 -12.41 -6.61 25.07
C GLY A 2 -13.72 -7.35 25.05
N SER A 3 -14.62 -6.89 24.23
CA SER A 3 -15.89 -7.54 24.06
C SER A 3 -16.04 -7.88 22.58
N SER A 4 -14.94 -7.73 21.87
CA SER A 4 -14.87 -7.93 20.45
C SER A 4 -14.81 -9.40 20.15
N HIS A 5 -15.96 -9.96 19.92
CA HIS A 5 -16.08 -11.38 19.72
C HIS A 5 -16.07 -11.78 18.25
N HIS A 6 -14.90 -11.84 17.69
CA HIS A 6 -14.74 -12.30 16.33
C HIS A 6 -14.49 -13.79 16.39
N HIS A 7 -13.45 -14.15 17.08
CA HIS A 7 -13.12 -15.54 17.33
C HIS A 7 -12.28 -15.59 18.61
N HIS A 8 -12.40 -14.52 19.35
CA HIS A 8 -11.75 -14.30 20.62
C HIS A 8 -12.63 -13.30 21.31
N HIS A 9 -12.37 -12.98 22.54
CA HIS A 9 -13.12 -11.91 23.20
C HIS A 9 -12.30 -10.64 23.21
N HIS A 10 -11.01 -10.81 23.39
CA HIS A 10 -10.08 -9.71 23.39
C HIS A 10 -9.06 -9.94 22.30
N GLY A 11 -8.45 -11.09 22.34
CA GLY A 11 -7.40 -11.39 21.41
C GLY A 11 -6.11 -10.81 21.90
N LEU A 12 -5.21 -10.50 20.96
CA LEU A 12 -3.89 -9.92 21.26
C LEU A 12 -3.12 -10.94 22.13
N VAL A 13 -3.24 -12.18 21.72
CA VAL A 13 -2.60 -13.31 22.36
C VAL A 13 -2.66 -14.49 21.39
N PRO A 14 -1.53 -15.19 21.14
CA PRO A 14 -1.52 -16.31 20.21
C PRO A 14 -2.25 -17.53 20.75
N ARG A 15 -3.51 -17.63 20.36
CA ARG A 15 -4.36 -18.75 20.70
C ARG A 15 -5.06 -19.22 19.44
N GLY A 16 -4.49 -20.20 18.81
CA GLY A 16 -5.04 -20.71 17.60
C GLY A 16 -4.99 -22.19 17.57
N SER A 17 -5.00 -22.74 16.41
CA SER A 17 -4.94 -24.15 16.26
C SER A 17 -3.63 -24.51 15.59
N HIS A 18 -3.22 -25.74 15.72
CA HIS A 18 -2.07 -26.23 15.02
C HIS A 18 -2.46 -26.38 13.57
N MET A 19 -1.96 -25.48 12.73
CA MET A 19 -2.33 -25.38 11.30
C MET A 19 -3.73 -24.78 11.14
N ALA A 20 -3.93 -24.07 10.05
CA ALA A 20 -5.23 -23.59 9.71
C ALA A 20 -6.01 -24.75 9.12
N SER A 21 -6.73 -25.42 9.97
CA SER A 21 -7.41 -26.65 9.64
C SER A 21 -8.91 -26.38 9.59
N MET A 22 -9.29 -25.21 9.02
CA MET A 22 -10.70 -24.75 8.95
C MET A 22 -11.21 -24.50 10.37
N THR A 23 -10.26 -24.26 11.24
CA THR A 23 -10.45 -24.01 12.64
C THR A 23 -10.60 -22.51 12.91
N GLY A 24 -11.15 -21.84 11.95
CA GLY A 24 -11.34 -20.44 12.04
C GLY A 24 -11.35 -19.89 10.66
N GLY A 25 -11.40 -18.60 10.55
CA GLY A 25 -11.35 -17.97 9.26
C GLY A 25 -9.93 -17.99 8.76
N GLN A 26 -9.70 -18.64 7.66
CA GLN A 26 -8.37 -18.72 7.10
C GLN A 26 -8.05 -17.43 6.37
N GLN A 27 -9.06 -16.82 5.83
CA GLN A 27 -8.94 -15.52 5.22
C GLN A 27 -9.86 -14.55 5.91
N MET A 28 -9.40 -14.01 7.01
CA MET A 28 -10.12 -13.00 7.74
C MET A 28 -9.70 -11.67 7.17
N GLY A 29 -8.39 -11.48 7.11
CA GLY A 29 -7.80 -10.32 6.52
C GLY A 29 -7.97 -9.07 7.36
N ARG A 30 -7.09 -8.12 7.11
CA ARG A 30 -7.16 -6.80 7.75
C ARG A 30 -6.33 -5.79 6.99
N GLY A 31 -5.75 -6.22 5.88
CA GLY A 31 -4.90 -5.37 5.08
C GLY A 31 -3.53 -5.23 5.70
N SER A 32 -3.17 -6.15 6.58
CA SER A 32 -1.90 -6.05 7.27
C SER A 32 -1.15 -7.37 7.17
N LYS A 33 -1.67 -8.28 6.39
CA LYS A 33 -1.05 -9.56 6.25
C LYS A 33 -0.17 -9.56 5.02
N GLN A 34 1.12 -9.42 5.28
CA GLN A 34 2.15 -9.38 4.27
C GLN A 34 2.06 -8.07 3.43
N THR A 35 3.01 -7.85 2.57
CA THR A 35 3.16 -6.59 1.83
C THR A 35 1.91 -6.23 1.04
N ASN A 36 1.28 -5.18 1.42
CA ASN A 36 -0.04 -4.85 0.90
C ASN A 36 -0.09 -3.40 0.45
N ILE A 37 -1.05 -3.11 -0.38
CA ILE A 37 -1.31 -1.80 -0.90
C ILE A 37 -2.76 -1.44 -0.69
N ASP A 38 -3.04 -0.18 -0.57
CA ASP A 38 -4.39 0.28 -0.29
C ASP A 38 -4.59 1.58 -1.05
N PHE A 39 -5.81 1.93 -1.33
CA PHE A 39 -6.09 3.16 -2.02
C PHE A 39 -7.29 3.85 -1.41
N ARG A 40 -7.19 5.16 -1.27
CA ARG A 40 -8.24 5.99 -0.74
C ARG A 40 -7.92 7.45 -1.08
N LYS A 41 -8.81 8.35 -0.77
CA LYS A 41 -8.60 9.77 -1.06
C LYS A 41 -8.67 10.57 0.21
N ASP A 42 -8.09 11.76 0.18
CA ASP A 42 -8.06 12.66 1.33
C ASP A 42 -7.68 14.06 0.87
N GLY A 43 -8.20 15.05 1.54
CA GLY A 43 -7.80 16.42 1.28
C GLY A 43 -8.53 17.04 0.12
N LYS A 44 -7.85 17.14 -0.99
CA LYS A 44 -8.37 17.78 -2.17
C LYS A 44 -8.09 16.98 -3.43
N ASN A 45 -8.79 15.87 -3.58
CA ASN A 45 -8.66 14.97 -4.75
C ASN A 45 -7.30 14.29 -4.80
N ALA A 46 -6.71 14.12 -3.66
CA ALA A 46 -5.43 13.48 -3.55
C ALA A 46 -5.61 11.97 -3.56
N GLY A 47 -4.70 11.28 -4.19
CA GLY A 47 -4.74 9.85 -4.26
C GLY A 47 -3.82 9.27 -3.23
N ILE A 48 -4.35 8.53 -2.31
CA ILE A 48 -3.56 7.96 -1.25
C ILE A 48 -3.37 6.49 -1.47
N ILE A 49 -2.13 6.13 -1.61
CA ILE A 49 -1.76 4.77 -1.73
C ILE A 49 -1.07 4.39 -0.46
N GLU A 50 -1.67 3.57 0.30
CA GLU A 50 -1.06 3.13 1.50
C GLU A 50 -0.30 1.87 1.23
N LEU A 51 0.84 1.79 1.78
CA LEU A 51 1.75 0.69 1.56
C LEU A 51 2.08 0.02 2.89
N ALA A 52 1.72 -1.20 3.00
CA ALA A 52 2.02 -1.96 4.18
C ALA A 52 3.14 -2.94 3.85
N ALA A 53 4.37 -2.56 4.13
CA ALA A 53 5.49 -3.42 3.83
C ALA A 53 5.98 -4.07 5.09
N LEU A 54 5.45 -5.22 5.36
CA LEU A 54 5.76 -5.93 6.56
C LEU A 54 7.10 -6.57 6.44
N GLY A 55 8.00 -6.14 7.27
CA GLY A 55 9.31 -6.69 7.27
C GLY A 55 10.34 -5.68 6.85
N PHE A 56 9.89 -4.53 6.40
CA PHE A 56 10.80 -3.50 5.97
C PHE A 56 10.88 -2.46 7.08
N ALA A 57 12.05 -1.84 7.26
CA ALA A 57 12.20 -0.85 8.32
C ALA A 57 12.97 0.39 7.86
N GLY A 58 13.59 0.30 6.70
CA GLY A 58 14.37 1.42 6.21
C GLY A 58 13.57 2.34 5.31
N GLN A 59 14.20 2.81 4.26
CA GLN A 59 13.56 3.71 3.31
C GLN A 59 13.61 3.13 1.92
N PRO A 60 12.50 3.16 1.20
CA PRO A 60 12.43 2.69 -0.16
C PRO A 60 13.03 3.67 -1.15
N ASP A 61 13.14 3.24 -2.36
CA ASP A 61 13.62 4.05 -3.45
C ASP A 61 12.45 4.63 -4.17
N ILE A 62 12.27 5.92 -4.06
CA ILE A 62 11.16 6.58 -4.71
C ILE A 62 11.66 7.36 -5.93
N SER A 63 11.09 7.08 -7.05
CA SER A 63 11.37 7.81 -8.25
C SER A 63 10.07 8.52 -8.65
N GLN A 64 10.09 9.84 -8.67
CA GLN A 64 8.89 10.63 -8.95
C GLN A 64 8.86 11.12 -10.39
N GLN A 65 8.01 10.53 -11.17
CA GLN A 65 7.80 10.96 -12.52
C GLN A 65 6.39 11.47 -12.63
N HIS A 66 6.09 12.23 -13.64
CA HIS A 66 4.73 12.73 -13.82
C HIS A 66 3.83 11.62 -14.30
N ASP A 67 4.41 10.73 -15.06
CA ASP A 67 3.69 9.62 -15.65
C ASP A 67 3.48 8.46 -14.66
N HIS A 68 4.36 8.31 -13.66
CA HIS A 68 4.19 7.30 -12.61
C HIS A 68 5.24 7.43 -11.53
N ILE A 69 4.96 6.84 -10.40
CA ILE A 69 5.85 6.82 -9.28
C ILE A 69 6.38 5.42 -9.20
N ILE A 70 7.62 5.29 -8.87
CA ILE A 70 8.24 4.01 -8.71
C ILE A 70 8.77 3.93 -7.31
N VAL A 71 8.25 3.03 -6.55
CA VAL A 71 8.75 2.81 -5.22
C VAL A 71 9.35 1.44 -5.20
N THR A 72 10.61 1.36 -4.91
CA THR A 72 11.28 0.10 -4.86
C THR A 72 11.78 -0.18 -3.45
N LEU A 73 11.37 -1.29 -2.92
CA LEU A 73 11.74 -1.69 -1.59
C LEU A 73 12.86 -2.68 -1.73
N LYS A 74 14.07 -2.20 -1.52
CA LYS A 74 15.26 -3.01 -1.66
C LYS A 74 15.29 -4.19 -0.72
N ASN A 75 15.54 -5.35 -1.30
CA ASN A 75 15.72 -6.63 -0.58
C ASN A 75 14.39 -7.08 0.07
N HIS A 76 13.31 -6.59 -0.45
CA HIS A 76 12.01 -6.94 0.09
C HIS A 76 11.29 -7.81 -0.91
N THR A 77 11.08 -9.06 -0.58
CA THR A 77 10.45 -9.96 -1.46
C THR A 77 8.93 -9.89 -1.34
N LEU A 78 8.29 -9.64 -2.44
CA LEU A 78 6.87 -9.61 -2.50
C LEU A 78 6.34 -10.92 -3.03
N PRO A 79 5.44 -11.53 -2.31
CA PRO A 79 4.73 -12.67 -2.83
C PRO A 79 3.77 -12.26 -3.94
N THR A 80 3.58 -13.12 -4.89
CA THR A 80 2.74 -12.86 -6.04
C THR A 80 1.26 -12.74 -5.65
N THR A 81 0.94 -13.18 -4.46
CA THR A 81 -0.41 -13.15 -3.93
C THR A 81 -0.82 -11.72 -3.55
N LEU A 82 0.16 -10.86 -3.33
CA LEU A 82 -0.13 -9.51 -2.92
C LEU A 82 0.01 -8.56 -4.07
N GLN A 83 0.64 -9.02 -5.13
CA GLN A 83 0.84 -8.16 -6.25
C GLN A 83 -0.46 -8.05 -7.03
N ARG A 84 -0.85 -6.85 -7.32
CA ARG A 84 -2.09 -6.59 -8.01
C ARG A 84 -2.16 -5.15 -8.40
N SER A 85 -3.00 -4.87 -9.34
CA SER A 85 -3.25 -3.55 -9.72
C SER A 85 -4.60 -3.11 -9.19
N LEU A 86 -4.66 -1.90 -8.74
CA LEU A 86 -5.87 -1.29 -8.29
C LEU A 86 -6.34 -0.45 -9.42
N ASP A 87 -7.49 -0.80 -9.94
CA ASP A 87 -8.11 -0.13 -11.09
C ASP A 87 -8.07 1.37 -10.92
N VAL A 88 -8.85 1.84 -9.96
CA VAL A 88 -8.95 3.25 -9.47
C VAL A 88 -9.11 4.32 -10.54
N ALA A 89 -9.53 3.94 -11.71
CA ALA A 89 -9.76 4.89 -12.75
C ALA A 89 -11.02 5.66 -12.45
N ASP A 90 -10.93 6.96 -12.59
CA ASP A 90 -12.01 7.90 -12.33
C ASP A 90 -12.37 7.99 -10.86
N PHE A 91 -11.37 8.15 -10.03
CA PHE A 91 -11.56 8.48 -8.64
C PHE A 91 -11.39 9.95 -8.47
N LYS A 92 -11.06 10.61 -9.59
CA LYS A 92 -10.84 12.04 -9.63
C LYS A 92 -9.67 12.40 -8.75
N THR A 93 -8.54 11.83 -9.08
CA THR A 93 -7.32 12.05 -8.33
C THR A 93 -6.22 12.22 -9.41
N PRO A 94 -4.95 12.51 -9.04
CA PRO A 94 -3.85 12.57 -10.02
C PRO A 94 -3.28 11.19 -10.34
N VAL A 95 -3.74 10.18 -9.61
CA VAL A 95 -3.29 8.83 -9.80
C VAL A 95 -4.29 8.04 -10.64
N GLN A 96 -3.78 7.43 -11.68
CA GLN A 96 -4.58 6.76 -12.68
C GLN A 96 -4.85 5.32 -12.29
N LYS A 97 -3.81 4.65 -11.85
CA LYS A 97 -3.88 3.24 -11.50
C LYS A 97 -2.67 2.83 -10.68
N VAL A 98 -2.90 2.04 -9.67
CA VAL A 98 -1.84 1.59 -8.78
C VAL A 98 -1.51 0.14 -9.13
N THR A 99 -0.27 -0.22 -9.11
CA THR A 99 0.11 -1.57 -9.37
C THR A 99 1.28 -2.00 -8.48
N LEU A 100 1.05 -2.96 -7.63
CA LEU A 100 2.10 -3.51 -6.83
C LEU A 100 2.66 -4.69 -7.61
N LYS A 101 3.94 -4.73 -7.78
CA LYS A 101 4.55 -5.74 -8.60
C LYS A 101 5.77 -6.34 -7.92
N ARG A 102 5.87 -7.65 -7.95
CA ARG A 102 7.03 -8.30 -7.51
C ARG A 102 8.16 -8.06 -8.51
N LEU A 103 9.25 -7.56 -8.03
CA LEU A 103 10.41 -7.35 -8.83
C LEU A 103 11.38 -8.50 -8.47
N ASN A 104 12.58 -8.48 -8.99
CA ASN A 104 13.59 -9.53 -8.74
C ASN A 104 13.74 -9.92 -7.24
N ASN A 105 14.35 -9.07 -6.46
CA ASN A 105 14.51 -9.32 -5.01
C ASN A 105 13.84 -8.19 -4.25
N ASP A 106 13.37 -7.23 -4.99
CA ASP A 106 12.80 -6.04 -4.45
C ASP A 106 11.32 -6.02 -4.73
N THR A 107 10.62 -5.18 -4.05
CA THR A 107 9.21 -4.99 -4.29
C THR A 107 9.06 -3.66 -5.02
N GLN A 108 8.35 -3.67 -6.13
CA GLN A 108 8.18 -2.47 -6.89
C GLN A 108 6.73 -2.05 -6.85
N LEU A 109 6.51 -0.83 -6.54
CA LEU A 109 5.20 -0.27 -6.54
C LEU A 109 5.14 0.78 -7.62
N ILE A 110 4.26 0.54 -8.54
CA ILE A 110 4.06 1.38 -9.68
C ILE A 110 2.78 2.17 -9.46
N ILE A 111 2.92 3.43 -9.29
CA ILE A 111 1.76 4.28 -9.11
C ILE A 111 1.64 5.17 -10.31
N THR A 112 0.73 4.86 -11.19
CA THR A 112 0.59 5.59 -12.45
C THR A 112 -0.10 6.93 -12.21
N THR A 113 0.46 8.00 -12.71
CA THR A 113 -0.08 9.33 -12.49
C THR A 113 -0.08 10.14 -13.79
N ALA A 114 -0.50 11.40 -13.69
CA ALA A 114 -0.48 12.33 -14.80
C ALA A 114 -0.51 13.75 -14.30
N GLY A 115 0.04 14.66 -15.08
CA GLY A 115 0.00 16.07 -14.78
C GLY A 115 0.95 16.45 -13.68
N ASN A 116 0.67 17.56 -13.03
CA ASN A 116 1.46 18.00 -11.92
C ASN A 116 0.86 17.45 -10.68
N TRP A 117 1.65 16.87 -9.86
CA TRP A 117 1.17 16.28 -8.66
C TRP A 117 2.27 16.39 -7.60
N GLU A 118 1.92 16.14 -6.36
CA GLU A 118 2.86 16.24 -5.25
C GLU A 118 2.87 14.94 -4.50
N LEU A 119 4.05 14.48 -4.17
CA LEU A 119 4.16 13.24 -3.46
C LEU A 119 4.55 13.50 -2.04
N VAL A 120 3.71 13.12 -1.15
CA VAL A 120 4.07 13.16 0.23
C VAL A 120 4.10 11.76 0.75
N ASN A 121 5.27 11.33 1.08
CA ASN A 121 5.45 10.03 1.55
C ASN A 121 5.62 10.03 3.04
N LYS A 122 4.86 9.21 3.70
CA LYS A 122 4.89 9.15 5.13
C LYS A 122 5.07 7.73 5.58
N SER A 123 5.57 7.58 6.76
CA SER A 123 5.66 6.32 7.37
C SER A 123 4.67 6.34 8.54
N ALA A 124 3.73 5.43 8.53
CA ALA A 124 2.70 5.39 9.55
C ALA A 124 3.15 4.54 10.73
N ALA A 125 4.06 3.65 10.45
CA ALA A 125 4.62 2.71 11.40
C ALA A 125 5.79 2.09 10.70
N PRO A 126 6.72 1.41 11.39
CA PRO A 126 7.85 0.76 10.74
C PRO A 126 7.38 -0.33 9.76
N GLY A 127 7.41 0.00 8.50
CA GLY A 127 6.96 -0.89 7.47
C GLY A 127 5.75 -0.32 6.77
N TYR A 128 5.00 0.48 7.48
CA TYR A 128 3.84 1.10 6.93
C TYR A 128 4.20 2.42 6.30
N PHE A 129 4.00 2.49 5.04
CA PHE A 129 4.24 3.67 4.29
C PHE A 129 2.92 4.15 3.71
N THR A 130 2.94 5.33 3.26
CA THR A 130 1.76 5.99 2.74
C THR A 130 2.20 7.02 1.70
N PHE A 131 1.58 7.00 0.55
CA PHE A 131 1.88 7.93 -0.50
C PHE A 131 0.65 8.72 -0.81
N GLN A 132 0.65 9.96 -0.42
CA GLN A 132 -0.43 10.82 -0.72
C GLN A 132 -0.05 11.66 -1.92
N VAL A 133 -0.70 11.42 -2.99
CA VAL A 133 -0.47 12.10 -4.23
C VAL A 133 -1.44 13.27 -4.36
N LEU A 134 -0.99 14.48 -4.04
CA LEU A 134 -1.84 15.65 -4.16
C LEU A 134 -1.80 16.14 -5.60
N PRO A 135 -2.87 16.73 -6.12
CA PRO A 135 -2.81 17.38 -7.40
C PRO A 135 -2.13 18.72 -7.23
N LYS A 136 -1.11 18.95 -7.99
CA LYS A 136 -0.40 20.20 -7.87
C LYS A 136 -1.09 21.18 -8.76
N LYS A 137 -1.84 22.03 -8.17
CA LYS A 137 -2.58 22.95 -8.93
C LYS A 137 -2.20 24.35 -8.54
N GLN A 138 -1.62 25.04 -9.46
CA GLN A 138 -1.11 26.36 -9.26
C GLN A 138 -2.09 27.36 -9.84
N MET A 1 -27.24 0.37 41.73
CA MET A 1 -27.26 1.74 41.18
C MET A 1 -28.69 2.22 41.09
N GLY A 2 -29.45 1.64 40.17
CA GLY A 2 -30.84 1.99 40.03
C GLY A 2 -31.05 3.20 39.16
N SER A 3 -32.24 3.37 38.69
CA SER A 3 -32.53 4.50 37.89
C SER A 3 -33.18 5.57 38.76
N SER A 4 -32.37 6.13 39.64
CA SER A 4 -32.79 7.20 40.49
C SER A 4 -32.00 8.44 40.12
N HIS A 5 -30.70 8.27 39.97
CA HIS A 5 -29.83 9.35 39.60
C HIS A 5 -28.78 8.87 38.62
N HIS A 6 -28.84 9.38 37.45
CA HIS A 6 -27.82 9.19 36.44
C HIS A 6 -27.52 10.54 35.87
N HIS A 7 -26.55 10.63 34.97
CA HIS A 7 -26.13 11.91 34.39
C HIS A 7 -25.55 12.81 35.49
N HIS A 8 -24.31 12.56 35.81
CA HIS A 8 -23.58 13.27 36.85
C HIS A 8 -23.20 14.69 36.37
N HIS A 9 -24.23 15.56 36.32
CA HIS A 9 -24.10 16.93 35.77
C HIS A 9 -23.78 16.87 34.29
N HIS A 10 -23.32 17.96 33.75
CA HIS A 10 -22.88 18.03 32.39
C HIS A 10 -21.87 19.15 32.27
N GLY A 11 -22.36 20.37 32.33
CA GLY A 11 -21.51 21.51 32.16
C GLY A 11 -20.99 21.55 30.74
N LEU A 12 -19.75 21.21 30.57
CA LEU A 12 -19.15 21.19 29.26
C LEU A 12 -18.66 19.77 28.94
N VAL A 13 -18.99 18.82 29.80
CA VAL A 13 -18.56 17.45 29.64
C VAL A 13 -19.78 16.52 29.59
N PRO A 14 -19.89 15.65 28.55
CA PRO A 14 -20.95 14.65 28.50
C PRO A 14 -20.77 13.64 29.63
N ARG A 15 -21.82 13.35 30.35
CA ARG A 15 -21.72 12.49 31.51
C ARG A 15 -22.55 11.25 31.32
N GLY A 16 -21.87 10.15 31.06
CA GLY A 16 -22.53 8.90 30.79
C GLY A 16 -23.01 8.85 29.36
N SER A 17 -22.46 9.72 28.54
CA SER A 17 -22.87 9.85 27.17
C SER A 17 -21.68 9.99 26.21
N HIS A 18 -20.46 9.89 26.72
CA HIS A 18 -19.28 10.07 25.87
C HIS A 18 -18.62 8.74 25.55
N MET A 19 -18.91 8.24 24.35
CA MET A 19 -18.29 7.03 23.79
C MET A 19 -18.83 6.78 22.39
N ALA A 20 -18.02 7.06 21.39
CA ALA A 20 -18.41 6.82 20.00
C ALA A 20 -18.10 5.38 19.64
N SER A 21 -17.19 4.83 20.38
CA SER A 21 -16.76 3.50 20.28
C SER A 21 -16.22 3.16 21.66
N MET A 22 -16.09 1.91 21.97
CA MET A 22 -15.64 1.51 23.27
C MET A 22 -14.37 0.68 23.14
N THR A 23 -13.40 0.98 23.98
CA THR A 23 -12.08 0.31 24.05
C THR A 23 -11.17 0.50 22.81
N GLY A 24 -11.62 0.06 21.66
CA GLY A 24 -10.80 0.16 20.49
C GLY A 24 -11.59 0.11 19.21
N GLY A 25 -11.81 1.24 18.63
CA GLY A 25 -12.48 1.30 17.36
C GLY A 25 -11.48 1.42 16.24
N GLN A 26 -10.52 2.31 16.42
CA GLN A 26 -9.48 2.52 15.44
C GLN A 26 -8.15 2.05 16.01
N GLN A 27 -7.69 0.93 15.54
CA GLN A 27 -6.42 0.40 15.99
C GLN A 27 -5.71 -0.29 14.82
N MET A 28 -6.39 -1.25 14.23
CA MET A 28 -5.82 -2.02 13.14
C MET A 28 -6.44 -1.62 11.81
N GLY A 29 -5.99 -2.26 10.75
CA GLY A 29 -6.51 -1.98 9.44
C GLY A 29 -7.14 -3.22 8.87
N ARG A 30 -7.32 -3.26 7.56
CA ARG A 30 -7.94 -4.40 6.91
C ARG A 30 -6.98 -5.60 6.91
N GLY A 31 -5.71 -5.33 6.76
CA GLY A 31 -4.71 -6.36 6.77
C GLY A 31 -3.59 -6.04 7.71
N SER A 32 -2.58 -5.36 7.17
CA SER A 32 -1.42 -4.88 7.94
C SER A 32 -0.54 -6.01 8.51
N LYS A 33 -0.71 -7.23 8.03
CA LYS A 33 0.10 -8.35 8.48
C LYS A 33 0.78 -9.04 7.30
N GLN A 34 0.53 -8.50 6.13
CA GLN A 34 1.05 -9.01 4.91
C GLN A 34 1.41 -7.82 4.06
N THR A 35 2.31 -7.97 3.10
CA THR A 35 2.70 -6.85 2.26
C THR A 35 1.51 -6.46 1.40
N ASN A 36 1.02 -5.28 1.59
CA ASN A 36 -0.20 -4.91 0.95
C ASN A 36 -0.17 -3.46 0.56
N ILE A 37 -1.18 -3.09 -0.15
CA ILE A 37 -1.37 -1.77 -0.66
C ILE A 37 -2.80 -1.36 -0.46
N ASP A 38 -3.05 -0.10 -0.47
CA ASP A 38 -4.38 0.40 -0.33
C ASP A 38 -4.49 1.69 -1.06
N PHE A 39 -5.65 1.99 -1.51
CA PHE A 39 -5.90 3.26 -2.10
C PHE A 39 -7.13 3.86 -1.49
N ARG A 40 -7.02 5.11 -1.14
CA ARG A 40 -8.10 5.87 -0.57
C ARG A 40 -7.87 7.33 -0.90
N LYS A 41 -8.92 8.10 -0.97
CA LYS A 41 -8.79 9.52 -1.26
C LYS A 41 -8.98 10.34 -0.01
N ASP A 42 -8.38 11.49 0.02
CA ASP A 42 -8.50 12.42 1.13
C ASP A 42 -8.32 13.83 0.60
N GLY A 43 -8.73 14.81 1.35
CA GLY A 43 -8.60 16.20 0.95
C GLY A 43 -9.42 16.54 -0.27
N LYS A 44 -8.77 17.08 -1.25
CA LYS A 44 -9.42 17.48 -2.47
C LYS A 44 -8.74 16.79 -3.63
N ASN A 45 -9.25 15.64 -3.98
CA ASN A 45 -8.79 14.82 -5.10
C ASN A 45 -7.40 14.25 -4.91
N ALA A 46 -6.95 14.16 -3.70
CA ALA A 46 -5.65 13.60 -3.42
C ALA A 46 -5.73 12.08 -3.44
N GLY A 47 -4.74 11.46 -4.03
CA GLY A 47 -4.68 10.03 -4.12
C GLY A 47 -3.78 9.49 -3.05
N ILE A 48 -4.32 8.82 -2.07
CA ILE A 48 -3.53 8.29 -0.99
C ILE A 48 -3.32 6.81 -1.18
N ILE A 49 -2.10 6.46 -1.38
CA ILE A 49 -1.72 5.09 -1.52
C ILE A 49 -1.11 4.65 -0.22
N GLU A 50 -1.75 3.76 0.45
CA GLU A 50 -1.15 3.20 1.61
C GLU A 50 -0.43 1.93 1.24
N LEU A 51 0.62 1.73 1.91
CA LEU A 51 1.52 0.65 1.65
C LEU A 51 1.92 0.01 2.96
N ALA A 52 1.89 -1.28 2.98
CA ALA A 52 2.29 -2.00 4.12
C ALA A 52 3.32 -3.03 3.71
N ALA A 53 4.54 -2.80 4.05
CA ALA A 53 5.62 -3.69 3.72
C ALA A 53 6.08 -4.38 4.98
N LEU A 54 5.50 -5.51 5.27
CA LEU A 54 5.80 -6.21 6.49
C LEU A 54 7.02 -7.07 6.34
N GLY A 55 8.03 -6.70 7.07
CA GLY A 55 9.29 -7.36 7.01
C GLY A 55 10.34 -6.41 6.50
N PHE A 56 9.96 -5.18 6.28
CA PHE A 56 10.84 -4.18 5.75
C PHE A 56 11.12 -3.11 6.78
N ALA A 57 12.35 -3.02 7.19
CA ALA A 57 12.75 -1.99 8.10
C ALA A 57 13.69 -1.06 7.39
N GLY A 58 13.16 0.05 6.97
CA GLY A 58 13.93 1.06 6.32
C GLY A 58 13.05 1.88 5.44
N GLN A 59 13.62 2.53 4.47
CA GLN A 59 12.88 3.33 3.52
C GLN A 59 12.97 2.73 2.12
N PRO A 60 11.86 2.77 1.36
CA PRO A 60 11.84 2.33 -0.02
C PRO A 60 12.57 3.31 -0.93
N ASP A 61 12.75 2.92 -2.13
CA ASP A 61 13.32 3.74 -3.15
C ASP A 61 12.21 4.52 -3.80
N ILE A 62 12.16 5.81 -3.58
CA ILE A 62 11.13 6.61 -4.20
C ILE A 62 11.69 7.29 -5.44
N SER A 63 11.25 6.82 -6.54
CA SER A 63 11.59 7.33 -7.82
C SER A 63 10.35 8.01 -8.41
N GLN A 64 10.36 9.32 -8.47
CA GLN A 64 9.19 10.05 -8.92
C GLN A 64 9.34 10.47 -10.37
N GLN A 65 8.38 10.14 -11.17
CA GLN A 65 8.32 10.63 -12.51
C GLN A 65 6.97 11.29 -12.67
N HIS A 66 6.75 11.96 -13.74
CA HIS A 66 5.49 12.67 -13.93
C HIS A 66 4.38 11.71 -14.28
N ASP A 67 4.70 10.74 -15.12
CA ASP A 67 3.72 9.79 -15.62
C ASP A 67 3.46 8.65 -14.64
N HIS A 68 4.39 8.42 -13.71
CA HIS A 68 4.20 7.40 -12.68
C HIS A 68 5.30 7.45 -11.63
N ILE A 69 5.02 6.88 -10.50
CA ILE A 69 5.96 6.81 -9.40
C ILE A 69 6.45 5.37 -9.33
N ILE A 70 7.69 5.22 -9.00
CA ILE A 70 8.28 3.93 -8.82
C ILE A 70 8.77 3.87 -7.40
N VAL A 71 8.13 3.08 -6.62
CA VAL A 71 8.54 2.88 -5.26
C VAL A 71 9.04 1.46 -5.15
N THR A 72 10.25 1.28 -4.73
CA THR A 72 10.80 -0.05 -4.67
C THR A 72 11.33 -0.34 -3.29
N LEU A 73 10.94 -1.46 -2.76
CA LEU A 73 11.41 -1.89 -1.50
C LEU A 73 12.44 -2.89 -1.80
N LYS A 74 13.63 -2.46 -1.77
CA LYS A 74 14.72 -3.30 -2.07
C LYS A 74 14.96 -4.27 -0.96
N ASN A 75 15.18 -5.53 -1.34
CA ASN A 75 15.43 -6.63 -0.41
C ASN A 75 14.10 -7.01 0.30
N HIS A 76 12.99 -6.64 -0.30
CA HIS A 76 11.69 -7.00 0.22
C HIS A 76 11.05 -7.91 -0.78
N THR A 77 11.09 -9.17 -0.53
CA THR A 77 10.58 -10.11 -1.45
C THR A 77 9.05 -10.16 -1.39
N LEU A 78 8.41 -9.79 -2.48
CA LEU A 78 6.98 -9.79 -2.58
C LEU A 78 6.49 -11.04 -3.29
N PRO A 79 5.64 -11.80 -2.64
CA PRO A 79 4.97 -12.92 -3.28
C PRO A 79 3.97 -12.46 -4.36
N THR A 80 3.66 -13.34 -5.27
CA THR A 80 2.77 -13.03 -6.37
C THR A 80 1.32 -12.81 -5.93
N THR A 81 0.98 -13.41 -4.81
CA THR A 81 -0.37 -13.35 -4.28
C THR A 81 -0.68 -11.95 -3.69
N LEU A 82 0.36 -11.21 -3.39
CA LEU A 82 0.17 -9.93 -2.79
C LEU A 82 0.17 -8.85 -3.83
N GLN A 83 0.76 -9.15 -4.96
CA GLN A 83 0.87 -8.19 -6.02
C GLN A 83 -0.47 -8.09 -6.72
N ARG A 84 -0.86 -6.88 -7.08
CA ARG A 84 -2.16 -6.59 -7.68
C ARG A 84 -2.23 -5.12 -8.00
N SER A 85 -3.29 -4.71 -8.63
CA SER A 85 -3.44 -3.33 -8.98
C SER A 85 -4.75 -2.79 -8.44
N LEU A 86 -4.70 -1.57 -8.02
CA LEU A 86 -5.81 -0.82 -7.59
C LEU A 86 -6.26 -0.13 -8.84
N ASP A 87 -7.30 -0.60 -9.45
CA ASP A 87 -7.73 -0.10 -10.75
C ASP A 87 -8.03 1.39 -10.72
N VAL A 88 -8.86 1.78 -9.74
CA VAL A 88 -9.21 3.18 -9.40
C VAL A 88 -9.55 4.10 -10.56
N ALA A 89 -10.08 3.54 -11.60
CA ALA A 89 -10.46 4.32 -12.74
C ALA A 89 -11.71 5.12 -12.41
N ASP A 90 -11.69 6.40 -12.77
CA ASP A 90 -12.73 7.39 -12.46
C ASP A 90 -12.73 7.84 -11.01
N PHE A 91 -11.62 7.64 -10.31
CA PHE A 91 -11.49 8.23 -8.98
C PHE A 91 -11.11 9.69 -9.09
N LYS A 92 -10.54 10.05 -10.24
CA LYS A 92 -10.21 11.45 -10.57
C LYS A 92 -9.29 12.09 -9.59
N THR A 93 -8.15 11.53 -9.49
CA THR A 93 -7.14 12.03 -8.63
C THR A 93 -5.91 12.25 -9.53
N PRO A 94 -4.74 12.69 -9.03
CA PRO A 94 -3.55 12.78 -9.86
C PRO A 94 -3.01 11.37 -10.19
N VAL A 95 -3.46 10.38 -9.41
CA VAL A 95 -3.10 9.02 -9.63
C VAL A 95 -4.17 8.30 -10.46
N GLN A 96 -3.71 7.70 -11.51
CA GLN A 96 -4.53 7.04 -12.49
C GLN A 96 -4.84 5.63 -12.04
N LYS A 97 -3.82 4.91 -11.60
CA LYS A 97 -3.96 3.54 -11.18
C LYS A 97 -2.74 3.16 -10.34
N VAL A 98 -2.91 2.27 -9.39
CA VAL A 98 -1.82 1.85 -8.52
C VAL A 98 -1.53 0.38 -8.73
N THR A 99 -0.33 0.04 -9.09
CA THR A 99 -0.01 -1.34 -9.34
C THR A 99 1.16 -1.81 -8.48
N LEU A 100 0.92 -2.82 -7.68
CA LEU A 100 1.96 -3.44 -6.89
C LEU A 100 2.48 -4.63 -7.68
N LYS A 101 3.74 -4.64 -7.95
CA LYS A 101 4.32 -5.69 -8.76
C LYS A 101 5.52 -6.26 -8.07
N ARG A 102 5.71 -7.56 -8.17
CA ARG A 102 6.89 -8.13 -7.55
C ARG A 102 8.07 -7.95 -8.48
N LEU A 103 9.18 -7.62 -7.93
CA LEU A 103 10.38 -7.49 -8.67
C LEU A 103 11.24 -8.70 -8.26
N ASN A 104 12.48 -8.79 -8.73
CA ASN A 104 13.36 -9.95 -8.44
C ASN A 104 13.41 -10.30 -6.94
N ASN A 105 13.99 -9.42 -6.16
CA ASN A 105 14.10 -9.61 -4.70
C ASN A 105 13.37 -8.47 -4.02
N ASP A 106 12.86 -7.58 -4.82
CA ASP A 106 12.33 -6.32 -4.34
C ASP A 106 10.86 -6.23 -4.64
N THR A 107 10.24 -5.27 -4.05
CA THR A 107 8.85 -5.01 -4.30
C THR A 107 8.76 -3.69 -5.04
N GLN A 108 8.12 -3.68 -6.20
CA GLN A 108 8.03 -2.47 -6.96
C GLN A 108 6.58 -2.03 -7.02
N LEU A 109 6.36 -0.84 -6.61
CA LEU A 109 5.06 -0.26 -6.61
C LEU A 109 5.02 0.83 -7.67
N ILE A 110 4.15 0.65 -8.59
CA ILE A 110 4.00 1.53 -9.72
C ILE A 110 2.75 2.35 -9.52
N ILE A 111 2.91 3.59 -9.27
CA ILE A 111 1.78 4.45 -9.07
C ILE A 111 1.66 5.35 -10.29
N THR A 112 0.73 5.05 -11.14
CA THR A 112 0.59 5.77 -12.39
C THR A 112 -0.07 7.13 -12.16
N THR A 113 0.50 8.17 -12.68
CA THR A 113 0.03 9.51 -12.45
C THR A 113 -0.03 10.33 -13.74
N ALA A 114 -0.54 11.55 -13.64
CA ALA A 114 -0.59 12.47 -14.75
C ALA A 114 -0.85 13.87 -14.25
N GLY A 115 -0.17 14.83 -14.84
CA GLY A 115 -0.36 16.21 -14.49
C GLY A 115 0.70 16.70 -13.54
N ASN A 116 0.34 17.67 -12.74
CA ASN A 116 1.22 18.23 -11.74
C ASN A 116 0.75 17.71 -10.43
N TRP A 117 1.61 17.08 -9.70
CA TRP A 117 1.21 16.49 -8.46
C TRP A 117 2.37 16.47 -7.46
N GLU A 118 2.06 16.38 -6.20
CA GLU A 118 3.05 16.38 -5.14
C GLU A 118 3.02 15.05 -4.44
N LEU A 119 4.18 14.49 -4.13
CA LEU A 119 4.22 13.21 -3.46
C LEU A 119 4.57 13.43 -2.01
N VAL A 120 3.69 13.15 -1.13
CA VAL A 120 4.03 13.21 0.27
C VAL A 120 4.11 11.79 0.78
N ASN A 121 5.30 11.30 1.02
CA ASN A 121 5.43 9.95 1.53
C ASN A 121 5.56 10.02 3.02
N LYS A 122 4.94 9.09 3.69
CA LYS A 122 4.95 9.05 5.11
C LYS A 122 5.31 7.66 5.56
N SER A 123 6.08 7.58 6.59
CA SER A 123 6.41 6.34 7.18
C SER A 123 5.84 6.34 8.59
N ALA A 124 4.82 5.54 8.81
CA ALA A 124 4.18 5.50 10.12
C ALA A 124 5.03 4.68 11.08
N ALA A 125 5.67 3.69 10.52
CA ALA A 125 6.53 2.78 11.22
C ALA A 125 7.22 1.98 10.15
N PRO A 126 8.34 1.32 10.44
CA PRO A 126 9.01 0.49 9.45
C PRO A 126 8.13 -0.69 9.06
N GLY A 127 7.43 -0.51 7.96
CA GLY A 127 6.50 -1.48 7.51
C GLY A 127 5.21 -0.83 7.07
N TYR A 128 5.00 0.40 7.48
CA TYR A 128 3.83 1.14 7.09
C TYR A 128 4.21 2.40 6.38
N PHE A 129 3.80 2.50 5.15
CA PHE A 129 4.11 3.62 4.33
C PHE A 129 2.83 4.18 3.75
N THR A 130 2.91 5.36 3.30
CA THR A 130 1.77 6.09 2.78
C THR A 130 2.28 7.09 1.75
N PHE A 131 1.57 7.23 0.65
CA PHE A 131 1.92 8.17 -0.38
C PHE A 131 0.72 9.03 -0.69
N GLN A 132 0.77 10.26 -0.26
CA GLN A 132 -0.30 11.20 -0.49
C GLN A 132 0.02 11.97 -1.75
N VAL A 133 -0.62 11.59 -2.82
CA VAL A 133 -0.44 12.20 -4.10
C VAL A 133 -1.42 13.37 -4.24
N LEU A 134 -0.90 14.55 -4.04
CA LEU A 134 -1.70 15.76 -4.05
C LEU A 134 -1.64 16.40 -5.41
N PRO A 135 -2.71 17.03 -5.87
CA PRO A 135 -2.65 17.81 -7.10
C PRO A 135 -1.86 19.11 -6.86
N LYS A 136 -0.82 19.31 -7.65
CA LYS A 136 0.07 20.43 -7.48
C LYS A 136 -0.53 21.63 -8.08
N LYS A 137 -0.51 22.68 -7.36
CA LYS A 137 -1.09 23.87 -7.83
C LYS A 137 -0.05 24.69 -8.59
N GLN A 138 -0.16 24.67 -9.88
CA GLN A 138 0.73 25.36 -10.75
C GLN A 138 -0.10 26.10 -11.77
N MET A 1 -23.24 -38.16 -6.77
CA MET A 1 -24.71 -38.08 -6.74
C MET A 1 -25.22 -37.48 -5.44
N GLY A 2 -24.37 -37.43 -4.41
CA GLY A 2 -24.81 -36.93 -3.14
C GLY A 2 -25.53 -38.00 -2.36
N SER A 3 -25.19 -39.24 -2.66
CA SER A 3 -25.84 -40.41 -2.09
C SER A 3 -25.50 -40.60 -0.61
N SER A 4 -24.43 -39.98 -0.16
CA SER A 4 -24.05 -40.09 1.23
C SER A 4 -24.80 -39.05 2.07
N HIS A 5 -25.48 -38.13 1.40
CA HIS A 5 -26.22 -37.11 2.10
C HIS A 5 -27.62 -37.55 2.44
N HIS A 6 -27.72 -38.37 3.46
CA HIS A 6 -28.98 -38.80 4.01
C HIS A 6 -28.77 -39.09 5.48
N HIS A 7 -28.94 -38.08 6.26
CA HIS A 7 -28.77 -38.17 7.69
C HIS A 7 -29.90 -37.40 8.30
N HIS A 8 -30.24 -37.73 9.52
CA HIS A 8 -31.34 -37.07 10.18
C HIS A 8 -31.03 -35.63 10.49
N HIS A 9 -31.95 -34.80 10.13
CA HIS A 9 -31.79 -33.39 10.30
C HIS A 9 -32.18 -33.00 11.70
N HIS A 10 -31.20 -32.97 12.54
CA HIS A 10 -31.35 -32.66 13.95
C HIS A 10 -31.02 -31.19 14.22
N GLY A 11 -31.13 -30.39 13.21
CA GLY A 11 -30.72 -29.02 13.29
C GLY A 11 -29.61 -28.79 12.32
N LEU A 12 -29.78 -27.81 11.46
CA LEU A 12 -28.86 -27.49 10.36
C LEU A 12 -28.94 -28.53 9.24
N VAL A 13 -28.51 -28.13 8.08
CA VAL A 13 -28.50 -29.00 6.94
C VAL A 13 -27.10 -29.14 6.39
N PRO A 14 -26.47 -30.33 6.54
CA PRO A 14 -25.10 -30.59 6.09
C PRO A 14 -24.86 -30.20 4.64
N ARG A 15 -24.04 -29.15 4.47
CA ARG A 15 -23.65 -28.54 3.19
C ARG A 15 -24.76 -27.62 2.63
N GLY A 16 -25.97 -27.78 3.13
CA GLY A 16 -27.07 -26.90 2.76
C GLY A 16 -26.80 -25.53 3.33
N SER A 17 -26.41 -25.51 4.57
CA SER A 17 -25.92 -24.33 5.20
C SER A 17 -24.41 -24.38 5.07
N HIS A 18 -23.87 -23.63 4.13
CA HIS A 18 -22.47 -23.75 3.77
C HIS A 18 -21.52 -23.24 4.84
N MET A 19 -21.79 -22.02 5.34
CA MET A 19 -20.89 -21.28 6.25
C MET A 19 -19.68 -20.83 5.47
N ALA A 20 -19.60 -19.55 5.19
CA ALA A 20 -18.53 -19.02 4.35
C ALA A 20 -17.18 -19.03 5.05
N SER A 21 -17.19 -18.81 6.34
CA SER A 21 -15.96 -18.83 7.11
C SER A 21 -16.25 -19.18 8.55
N MET A 22 -15.79 -20.34 8.98
CA MET A 22 -15.96 -20.76 10.37
C MET A 22 -15.13 -19.87 11.28
N THR A 23 -15.76 -18.87 11.82
CA THR A 23 -15.08 -17.93 12.65
C THR A 23 -15.05 -18.41 14.10
N GLY A 24 -13.90 -18.84 14.51
CA GLY A 24 -13.71 -19.29 15.85
C GLY A 24 -12.40 -18.81 16.37
N GLY A 25 -11.39 -19.64 16.25
CA GLY A 25 -10.06 -19.27 16.67
C GLY A 25 -9.39 -18.41 15.65
N GLN A 26 -9.59 -17.12 15.76
CA GLN A 26 -9.03 -16.18 14.84
C GLN A 26 -7.93 -15.42 15.50
N GLN A 27 -6.73 -15.80 15.23
CA GLN A 27 -5.56 -15.20 15.87
C GLN A 27 -4.41 -14.98 14.88
N MET A 28 -4.70 -15.13 13.61
CA MET A 28 -3.66 -15.01 12.57
C MET A 28 -4.15 -14.11 11.41
N GLY A 29 -5.19 -13.36 11.66
CA GLY A 29 -5.73 -12.53 10.61
C GLY A 29 -6.57 -11.40 11.15
N ARG A 30 -5.94 -10.37 11.65
CA ARG A 30 -6.66 -9.22 12.16
C ARG A 30 -6.65 -8.11 11.11
N GLY A 31 -5.75 -8.24 10.15
CA GLY A 31 -5.67 -7.27 9.09
C GLY A 31 -4.30 -7.20 8.49
N SER A 32 -3.32 -6.84 9.28
CA SER A 32 -1.96 -6.68 8.81
C SER A 32 -1.14 -7.93 9.10
N LYS A 33 -0.66 -8.55 8.05
CA LYS A 33 0.17 -9.72 8.18
C LYS A 33 1.21 -9.75 7.07
N GLN A 34 0.79 -9.53 5.86
CA GLN A 34 1.67 -9.61 4.75
C GLN A 34 1.67 -8.28 4.02
N THR A 35 2.62 -8.10 3.09
CA THR A 35 2.72 -6.91 2.25
C THR A 35 1.34 -6.58 1.60
N ASN A 36 0.91 -5.35 1.75
CA ASN A 36 -0.40 -4.95 1.29
C ASN A 36 -0.37 -3.53 0.81
N ILE A 37 -1.31 -3.22 -0.04
CA ILE A 37 -1.46 -1.95 -0.67
C ILE A 37 -2.92 -1.57 -0.70
N ASP A 38 -3.19 -0.32 -0.58
CA ASP A 38 -4.55 0.18 -0.60
C ASP A 38 -4.60 1.58 -1.14
N PHE A 39 -5.74 1.98 -1.63
CA PHE A 39 -5.90 3.32 -2.10
C PHE A 39 -7.11 4.00 -1.44
N ARG A 40 -6.93 5.26 -1.08
CA ARG A 40 -8.01 6.09 -0.56
C ARG A 40 -7.76 7.52 -1.00
N LYS A 41 -8.72 8.38 -0.84
CA LYS A 41 -8.56 9.78 -1.19
C LYS A 41 -8.68 10.66 0.03
N ASP A 42 -8.08 11.82 -0.03
CA ASP A 42 -8.11 12.77 1.08
C ASP A 42 -8.32 14.17 0.57
N GLY A 43 -9.05 14.96 1.34
CA GLY A 43 -9.22 16.37 1.08
C GLY A 43 -9.77 16.70 -0.27
N LYS A 44 -8.90 17.17 -1.12
CA LYS A 44 -9.29 17.60 -2.42
C LYS A 44 -8.58 16.77 -3.46
N ASN A 45 -9.18 15.63 -3.75
CA ASN A 45 -8.75 14.74 -4.83
C ASN A 45 -7.34 14.20 -4.67
N ALA A 46 -6.84 14.19 -3.46
CA ALA A 46 -5.52 13.68 -3.19
C ALA A 46 -5.56 12.17 -3.18
N GLY A 47 -4.59 11.56 -3.80
CA GLY A 47 -4.55 10.14 -3.91
C GLY A 47 -3.62 9.53 -2.90
N ILE A 48 -4.16 8.78 -1.97
CA ILE A 48 -3.36 8.19 -0.92
C ILE A 48 -3.20 6.72 -1.15
N ILE A 49 -1.99 6.33 -1.35
CA ILE A 49 -1.67 4.96 -1.49
C ILE A 49 -1.13 4.49 -0.17
N GLU A 50 -1.81 3.59 0.42
CA GLU A 50 -1.39 3.00 1.63
C GLU A 50 -0.57 1.78 1.33
N LEU A 51 0.51 1.67 2.01
CA LEU A 51 1.45 0.61 1.82
C LEU A 51 1.78 -0.03 3.16
N ALA A 52 1.74 -1.32 3.18
CA ALA A 52 2.08 -2.08 4.35
C ALA A 52 3.08 -3.15 3.97
N ALA A 53 4.32 -2.93 4.28
CA ALA A 53 5.37 -3.88 3.96
C ALA A 53 5.90 -4.48 5.24
N LEU A 54 5.33 -5.59 5.61
CA LEU A 54 5.69 -6.25 6.84
C LEU A 54 7.00 -6.96 6.68
N GLY A 55 7.97 -6.50 7.41
CA GLY A 55 9.27 -7.09 7.37
C GLY A 55 10.25 -6.21 6.63
N PHE A 56 9.92 -4.94 6.49
CA PHE A 56 10.81 -4.01 5.84
C PHE A 56 11.27 -2.98 6.85
N ALA A 57 12.54 -2.96 7.11
CA ALA A 57 13.11 -2.04 8.05
C ALA A 57 13.86 -0.92 7.33
N GLY A 58 13.19 0.16 7.12
CA GLY A 58 13.81 1.31 6.53
C GLY A 58 12.88 2.03 5.62
N GLN A 59 13.41 2.92 4.81
CA GLN A 59 12.62 3.64 3.85
C GLN A 59 12.84 3.04 2.46
N PRO A 60 11.80 3.03 1.62
CA PRO A 60 11.89 2.51 0.26
C PRO A 60 12.56 3.49 -0.69
N ASP A 61 12.79 3.04 -1.89
CA ASP A 61 13.40 3.86 -2.92
C ASP A 61 12.31 4.42 -3.80
N ILE A 62 12.18 5.73 -3.84
CA ILE A 62 11.13 6.37 -4.61
C ILE A 62 11.71 7.03 -5.87
N SER A 63 11.05 6.81 -6.99
CA SER A 63 11.36 7.46 -8.22
C SER A 63 10.13 8.30 -8.61
N GLN A 64 10.28 9.61 -8.56
CA GLN A 64 9.21 10.54 -8.87
C GLN A 64 9.24 10.88 -10.35
N GLN A 65 8.32 10.33 -11.09
CA GLN A 65 8.18 10.63 -12.50
C GLN A 65 6.75 11.08 -12.74
N HIS A 66 6.52 11.90 -13.75
CA HIS A 66 5.18 12.45 -14.03
C HIS A 66 4.14 11.38 -14.31
N ASP A 67 4.48 10.40 -15.13
CA ASP A 67 3.51 9.40 -15.55
C ASP A 67 3.33 8.26 -14.56
N HIS A 68 4.31 8.06 -13.67
CA HIS A 68 4.18 7.05 -12.63
C HIS A 68 5.32 7.13 -11.63
N ILE A 69 5.07 6.60 -10.47
CA ILE A 69 6.02 6.56 -9.39
C ILE A 69 6.51 5.15 -9.29
N ILE A 70 7.76 4.98 -8.96
CA ILE A 70 8.33 3.68 -8.75
C ILE A 70 8.83 3.63 -7.34
N VAL A 71 8.22 2.83 -6.53
CA VAL A 71 8.65 2.62 -5.18
C VAL A 71 9.28 1.25 -5.10
N THR A 72 10.53 1.19 -4.80
CA THR A 72 11.20 -0.06 -4.73
C THR A 72 11.54 -0.40 -3.29
N LEU A 73 11.09 -1.54 -2.84
CA LEU A 73 11.35 -2.02 -1.52
C LEU A 73 12.40 -3.04 -1.64
N LYS A 74 13.60 -2.58 -1.55
CA LYS A 74 14.76 -3.38 -1.73
C LYS A 74 14.91 -4.42 -0.66
N ASN A 75 15.16 -5.65 -1.11
CA ASN A 75 15.35 -6.83 -0.27
C ASN A 75 14.02 -7.25 0.38
N HIS A 76 12.93 -6.82 -0.22
CA HIS A 76 11.60 -7.17 0.24
C HIS A 76 10.98 -7.93 -0.88
N THR A 77 10.93 -9.21 -0.77
CA THR A 77 10.49 -9.99 -1.87
C THR A 77 8.98 -10.24 -1.80
N LEU A 78 8.27 -9.71 -2.76
CA LEU A 78 6.85 -9.83 -2.84
C LEU A 78 6.46 -11.06 -3.63
N PRO A 79 5.57 -11.87 -3.10
CA PRO A 79 4.98 -12.96 -3.84
C PRO A 79 3.96 -12.43 -4.85
N THR A 80 3.69 -13.19 -5.89
CA THR A 80 2.75 -12.79 -6.91
C THR A 80 1.31 -12.88 -6.43
N THR A 81 1.14 -13.48 -5.29
CA THR A 81 -0.15 -13.66 -4.68
C THR A 81 -0.64 -12.32 -4.10
N LEU A 82 0.28 -11.43 -3.81
CA LEU A 82 -0.04 -10.19 -3.15
C LEU A 82 -0.07 -9.06 -4.14
N GLN A 83 0.43 -9.30 -5.32
CA GLN A 83 0.50 -8.25 -6.28
C GLN A 83 -0.86 -8.08 -6.97
N ARG A 84 -1.35 -6.88 -6.97
CA ARG A 84 -2.61 -6.57 -7.58
C ARG A 84 -2.59 -5.11 -7.99
N SER A 85 -3.47 -4.72 -8.85
CA SER A 85 -3.53 -3.36 -9.26
C SER A 85 -4.90 -2.75 -9.02
N LEU A 86 -4.89 -1.64 -8.35
CA LEU A 86 -6.06 -0.88 -8.04
C LEU A 86 -6.40 -0.08 -9.25
N ASP A 87 -7.54 -0.29 -9.81
CA ASP A 87 -7.93 0.54 -10.91
C ASP A 87 -8.55 1.78 -10.37
N VAL A 88 -7.72 2.75 -10.22
CA VAL A 88 -8.09 4.02 -9.62
C VAL A 88 -8.46 5.03 -10.73
N ALA A 89 -8.95 4.51 -11.81
CA ALA A 89 -9.41 5.33 -12.86
C ALA A 89 -10.80 5.82 -12.48
N ASP A 90 -11.14 7.01 -12.96
CA ASP A 90 -12.45 7.64 -12.70
C ASP A 90 -12.59 8.10 -11.22
N PHE A 91 -11.51 8.02 -10.49
CA PHE A 91 -11.45 8.48 -9.10
C PHE A 91 -11.22 9.98 -9.03
N LYS A 92 -10.82 10.57 -10.16
CA LYS A 92 -10.51 12.01 -10.24
C LYS A 92 -9.40 12.37 -9.27
N THR A 93 -8.25 11.79 -9.43
CA THR A 93 -7.14 12.11 -8.58
C THR A 93 -5.89 12.25 -9.50
N PRO A 94 -4.72 12.66 -8.99
CA PRO A 94 -3.50 12.70 -9.80
C PRO A 94 -2.98 11.28 -10.11
N VAL A 95 -3.42 10.31 -9.31
CA VAL A 95 -3.05 8.94 -9.49
C VAL A 95 -4.10 8.21 -10.32
N GLN A 96 -3.65 7.47 -11.29
CA GLN A 96 -4.52 6.82 -12.22
C GLN A 96 -4.70 5.36 -11.86
N LYS A 97 -3.66 4.77 -11.29
CA LYS A 97 -3.71 3.35 -11.02
C LYS A 97 -2.62 2.99 -10.02
N VAL A 98 -2.96 2.20 -9.04
CA VAL A 98 -1.97 1.72 -8.10
C VAL A 98 -1.64 0.28 -8.41
N THR A 99 -0.47 0.06 -8.90
CA THR A 99 -0.08 -1.26 -9.30
C THR A 99 1.04 -1.80 -8.39
N LEU A 100 0.72 -2.83 -7.64
CA LEU A 100 1.73 -3.48 -6.85
C LEU A 100 2.22 -4.65 -7.67
N LYS A 101 3.49 -4.68 -7.92
CA LYS A 101 4.02 -5.72 -8.71
C LYS A 101 5.35 -6.13 -8.15
N ARG A 102 5.64 -7.37 -8.22
CA ARG A 102 6.87 -7.85 -7.67
C ARG A 102 8.03 -7.55 -8.62
N LEU A 103 9.18 -7.36 -8.06
CA LEU A 103 10.37 -7.14 -8.81
C LEU A 103 11.24 -8.39 -8.57
N ASN A 104 12.47 -8.40 -9.07
CA ASN A 104 13.38 -9.55 -8.96
C ASN A 104 13.50 -10.06 -7.51
N ASN A 105 14.01 -9.22 -6.63
CA ASN A 105 14.11 -9.60 -5.19
C ASN A 105 13.37 -8.59 -4.35
N ASP A 106 12.86 -7.58 -4.99
CA ASP A 106 12.30 -6.41 -4.34
C ASP A 106 10.84 -6.31 -4.65
N THR A 107 10.17 -5.46 -3.95
CA THR A 107 8.78 -5.21 -4.19
C THR A 107 8.69 -3.85 -4.87
N GLN A 108 7.90 -3.75 -5.89
CA GLN A 108 7.83 -2.54 -6.62
C GLN A 108 6.41 -2.01 -6.64
N LEU A 109 6.27 -0.81 -6.27
CA LEU A 109 5.02 -0.14 -6.34
C LEU A 109 5.04 0.82 -7.46
N ILE A 110 4.16 0.59 -8.36
CA ILE A 110 4.02 1.39 -9.51
C ILE A 110 2.77 2.20 -9.35
N ILE A 111 2.92 3.46 -9.16
CA ILE A 111 1.80 4.31 -8.97
C ILE A 111 1.65 5.18 -10.19
N THR A 112 0.75 4.83 -11.04
CA THR A 112 0.51 5.53 -12.27
C THR A 112 -0.10 6.90 -11.97
N THR A 113 0.43 7.93 -12.58
CA THR A 113 -0.02 9.28 -12.35
C THR A 113 -0.11 10.06 -13.67
N ALA A 114 -0.70 11.23 -13.61
CA ALA A 114 -0.81 12.09 -14.77
C ALA A 114 -1.04 13.51 -14.30
N GLY A 115 -0.49 14.46 -15.04
CA GLY A 115 -0.71 15.84 -14.75
C GLY A 115 0.33 16.41 -13.83
N ASN A 116 -0.04 17.43 -13.09
CA ASN A 116 0.85 18.04 -12.13
C ASN A 116 0.47 17.51 -10.79
N TRP A 117 1.42 17.01 -10.04
CA TRP A 117 1.09 16.42 -8.78
C TRP A 117 2.27 16.50 -7.82
N GLU A 118 2.02 16.33 -6.53
CA GLU A 118 3.05 16.42 -5.52
C GLU A 118 3.09 15.11 -4.75
N LEU A 119 4.26 14.59 -4.51
CA LEU A 119 4.37 13.35 -3.77
C LEU A 119 4.79 13.68 -2.37
N VAL A 120 4.02 13.28 -1.42
CA VAL A 120 4.46 13.36 -0.06
C VAL A 120 4.36 12.02 0.60
N ASN A 121 5.49 11.47 0.89
CA ASN A 121 5.54 10.18 1.46
C ASN A 121 5.70 10.23 2.95
N LYS A 122 4.94 9.42 3.63
CA LYS A 122 4.91 9.40 5.06
C LYS A 122 5.13 7.97 5.54
N SER A 123 5.89 7.81 6.58
CA SER A 123 6.09 6.52 7.17
C SER A 123 5.53 6.53 8.58
N ALA A 124 4.61 5.63 8.86
CA ALA A 124 4.02 5.56 10.18
C ALA A 124 4.94 4.79 11.10
N ALA A 125 5.54 3.78 10.54
CA ALA A 125 6.46 2.89 11.21
C ALA A 125 7.19 2.18 10.13
N PRO A 126 8.35 1.56 10.41
CA PRO A 126 9.10 0.82 9.41
C PRO A 126 8.25 -0.30 8.81
N GLY A 127 7.90 -0.12 7.57
CA GLY A 127 7.06 -1.06 6.90
C GLY A 127 5.72 -0.47 6.57
N TYR A 128 5.22 0.37 7.44
CA TYR A 128 3.94 1.01 7.22
C TYR A 128 4.17 2.34 6.54
N PHE A 129 3.69 2.45 5.34
CA PHE A 129 3.90 3.62 4.55
C PHE A 129 2.60 4.18 4.03
N THR A 130 2.70 5.36 3.55
CA THR A 130 1.60 6.14 3.04
C THR A 130 2.13 7.10 1.98
N PHE A 131 1.56 7.11 0.81
CA PHE A 131 1.95 8.03 -0.23
C PHE A 131 0.79 8.94 -0.55
N GLN A 132 0.92 10.19 -0.21
CA GLN A 132 -0.10 11.14 -0.48
C GLN A 132 0.24 11.88 -1.75
N VAL A 133 -0.44 11.53 -2.79
CA VAL A 133 -0.26 12.13 -4.06
C VAL A 133 -1.22 13.31 -4.16
N LEU A 134 -0.69 14.46 -3.93
CA LEU A 134 -1.45 15.69 -3.93
C LEU A 134 -1.51 16.26 -5.34
N PRO A 135 -2.59 16.94 -5.71
CA PRO A 135 -2.67 17.60 -7.00
C PRO A 135 -1.86 18.91 -7.00
N LYS A 136 -1.23 19.21 -8.11
CA LYS A 136 -0.47 20.42 -8.25
C LYS A 136 -1.01 21.16 -9.45
N LYS A 137 -0.84 22.45 -9.49
CA LYS A 137 -1.20 23.19 -10.67
C LYS A 137 -0.37 24.43 -10.79
N GLN A 138 0.30 24.53 -11.89
CA GLN A 138 1.10 25.66 -12.20
C GLN A 138 0.55 26.27 -13.47
N MET A 1 1.13 24.17 17.47
CA MET A 1 0.48 25.39 17.96
C MET A 1 -0.41 25.08 19.16
N GLY A 2 -1.22 24.04 19.05
CA GLY A 2 -2.15 23.75 20.10
C GLY A 2 -3.43 24.45 19.82
N SER A 3 -3.93 24.22 18.63
CA SER A 3 -5.09 24.87 18.13
C SER A 3 -6.37 24.42 18.84
N SER A 4 -6.70 25.10 19.88
CA SER A 4 -7.90 24.88 20.60
C SER A 4 -8.61 26.21 20.56
N HIS A 5 -9.89 26.22 20.21
CA HIS A 5 -10.66 27.45 20.00
C HIS A 5 -10.56 28.40 21.20
N HIS A 6 -10.87 27.91 22.39
CA HIS A 6 -10.73 28.72 23.60
C HIS A 6 -10.87 27.84 24.82
N HIS A 7 -11.77 26.88 24.74
CA HIS A 7 -11.96 25.93 25.81
C HIS A 7 -10.84 24.93 25.80
N HIS A 8 -10.64 24.31 26.90
CA HIS A 8 -9.65 23.31 27.02
C HIS A 8 -10.35 22.01 27.26
N HIS A 9 -9.93 20.97 26.55
CA HIS A 9 -10.56 19.64 26.57
C HIS A 9 -10.42 18.96 27.96
N HIS A 10 -9.62 19.59 28.81
CA HIS A 10 -9.38 19.19 30.20
C HIS A 10 -8.53 17.93 30.27
N GLY A 11 -7.33 18.11 30.67
CA GLY A 11 -6.40 17.04 30.75
C GLY A 11 -5.04 17.55 30.42
N LEU A 12 -4.16 16.65 30.09
CA LEU A 12 -2.81 17.01 29.75
C LEU A 12 -2.67 17.09 28.25
N VAL A 13 -3.43 16.27 27.56
CA VAL A 13 -3.41 16.22 26.13
C VAL A 13 -4.87 16.21 25.65
N PRO A 14 -5.26 17.11 24.74
CA PRO A 14 -6.62 17.14 24.17
C PRO A 14 -6.94 15.84 23.43
N ARG A 15 -6.03 15.46 22.56
CA ARG A 15 -6.12 14.20 21.85
C ARG A 15 -4.72 13.69 21.62
N GLY A 16 -4.50 12.47 21.99
CA GLY A 16 -3.21 11.88 21.86
C GLY A 16 -3.34 10.40 21.80
N SER A 17 -2.26 9.71 22.02
CA SER A 17 -2.28 8.27 21.99
C SER A 17 -2.71 7.73 23.34
N HIS A 18 -2.39 8.44 24.40
CA HIS A 18 -2.77 8.00 25.73
C HIS A 18 -4.18 8.49 26.08
N MET A 19 -5.14 7.84 25.45
CA MET A 19 -6.61 8.00 25.58
C MET A 19 -7.22 7.20 24.46
N ALA A 20 -8.17 6.35 24.80
CA ALA A 20 -8.85 5.46 23.86
C ALA A 20 -7.88 4.39 23.31
N SER A 21 -7.95 3.24 23.89
CA SER A 21 -7.14 2.14 23.47
C SER A 21 -7.76 1.52 22.21
N MET A 22 -6.93 1.03 21.32
CA MET A 22 -7.41 0.43 20.10
C MET A 22 -7.88 -0.97 20.40
N THR A 23 -9.17 -1.15 20.41
CA THR A 23 -9.78 -2.37 20.81
C THR A 23 -9.84 -3.44 19.71
N GLY A 24 -8.81 -4.27 19.67
CA GLY A 24 -8.74 -5.45 18.80
C GLY A 24 -8.51 -5.18 17.32
N GLY A 25 -9.11 -4.13 16.79
CA GLY A 25 -9.10 -3.85 15.38
C GLY A 25 -7.77 -3.34 14.83
N GLN A 26 -6.78 -4.19 14.79
CA GLN A 26 -5.51 -3.88 14.18
C GLN A 26 -5.03 -5.03 13.32
N GLN A 27 -5.62 -5.18 12.16
CA GLN A 27 -5.18 -6.20 11.23
C GLN A 27 -4.75 -5.57 9.92
N MET A 28 -5.51 -4.54 9.47
CA MET A 28 -5.21 -3.74 8.26
C MET A 28 -5.25 -4.53 6.94
N GLY A 29 -6.08 -4.07 6.03
CA GLY A 29 -6.19 -4.64 4.70
C GLY A 29 -6.70 -6.07 4.70
N ARG A 30 -5.79 -7.00 4.73
CA ARG A 30 -6.11 -8.41 4.67
C ARG A 30 -5.30 -9.18 5.69
N GLY A 31 -4.75 -8.47 6.65
CA GLY A 31 -3.92 -9.10 7.63
C GLY A 31 -2.50 -8.72 7.38
N SER A 32 -2.13 -7.58 7.90
CA SER A 32 -0.85 -6.98 7.70
C SER A 32 0.27 -7.72 8.43
N LYS A 33 0.61 -8.86 7.89
CA LYS A 33 1.78 -9.62 8.25
C LYS A 33 2.50 -9.91 6.95
N GLN A 34 1.95 -9.31 5.91
CA GLN A 34 2.36 -9.51 4.57
C GLN A 34 2.26 -8.19 3.85
N THR A 35 2.99 -8.04 2.79
CA THR A 35 3.05 -6.79 2.06
C THR A 35 1.83 -6.57 1.18
N ASN A 36 1.21 -5.43 1.33
CA ASN A 36 0.01 -5.11 0.59
C ASN A 36 -0.14 -3.63 0.39
N ILE A 37 -1.03 -3.27 -0.49
CA ILE A 37 -1.28 -1.89 -0.84
C ILE A 37 -2.75 -1.51 -0.58
N ASP A 38 -3.06 -0.24 -0.56
CA ASP A 38 -4.42 0.24 -0.36
C ASP A 38 -4.57 1.55 -1.10
N PHE A 39 -5.76 1.91 -1.45
CA PHE A 39 -6.01 3.18 -2.08
C PHE A 39 -7.17 3.87 -1.43
N ARG A 40 -6.97 5.10 -1.09
CA ARG A 40 -7.96 5.92 -0.47
C ARG A 40 -7.76 7.37 -0.85
N LYS A 41 -8.75 8.17 -0.61
CA LYS A 41 -8.68 9.59 -0.89
C LYS A 41 -8.60 10.31 0.44
N ASP A 42 -7.83 11.36 0.50
CA ASP A 42 -7.67 12.11 1.76
C ASP A 42 -7.23 13.51 1.44
N GLY A 43 -8.03 14.47 1.79
CA GLY A 43 -7.71 15.84 1.49
C GLY A 43 -8.50 16.32 0.30
N LYS A 44 -7.92 17.14 -0.54
CA LYS A 44 -8.61 17.67 -1.69
C LYS A 44 -7.96 17.14 -2.98
N ASN A 45 -8.62 16.13 -3.57
CA ASN A 45 -8.19 15.47 -4.83
C ASN A 45 -6.87 14.74 -4.67
N ALA A 46 -6.61 14.30 -3.47
CA ALA A 46 -5.39 13.62 -3.18
C ALA A 46 -5.61 12.13 -3.18
N GLY A 47 -4.71 11.44 -3.82
CA GLY A 47 -4.76 10.01 -3.94
C GLY A 47 -3.81 9.40 -2.96
N ILE A 48 -4.28 8.54 -2.11
CA ILE A 48 -3.44 7.98 -1.09
C ILE A 48 -3.29 6.49 -1.27
N ILE A 49 -2.06 6.08 -1.44
CA ILE A 49 -1.73 4.70 -1.54
C ILE A 49 -1.11 4.30 -0.23
N GLU A 50 -1.79 3.51 0.53
CA GLU A 50 -1.26 3.07 1.78
C GLU A 50 -0.57 1.74 1.60
N LEU A 51 0.63 1.68 2.06
CA LEU A 51 1.51 0.58 1.82
C LEU A 51 1.87 -0.16 3.11
N ALA A 52 1.65 -1.44 3.11
CA ALA A 52 2.02 -2.28 4.20
C ALA A 52 3.22 -3.12 3.75
N ALA A 53 4.41 -2.77 4.20
CA ALA A 53 5.61 -3.52 3.85
C ALA A 53 6.14 -4.22 5.07
N LEU A 54 5.71 -5.44 5.27
CA LEU A 54 6.07 -6.18 6.44
C LEU A 54 7.38 -6.88 6.28
N GLY A 55 8.30 -6.49 7.10
CA GLY A 55 9.61 -7.04 7.09
C GLY A 55 10.58 -6.03 6.55
N PHE A 56 10.14 -4.81 6.45
CA PHE A 56 10.97 -3.79 5.90
C PHE A 56 11.29 -2.76 6.96
N ALA A 57 12.54 -2.67 7.29
CA ALA A 57 13.01 -1.71 8.25
C ALA A 57 13.88 -0.70 7.54
N GLY A 58 13.29 0.39 7.16
CA GLY A 58 14.02 1.43 6.48
C GLY A 58 13.10 2.20 5.60
N GLN A 59 13.64 2.85 4.60
CA GLN A 59 12.83 3.61 3.68
C GLN A 59 12.90 3.00 2.29
N PRO A 60 11.77 3.01 1.57
CA PRO A 60 11.72 2.53 0.20
C PRO A 60 12.49 3.47 -0.74
N ASP A 61 12.63 3.05 -1.94
CA ASP A 61 13.29 3.81 -2.98
C ASP A 61 12.20 4.50 -3.78
N ILE A 62 12.08 5.80 -3.63
CA ILE A 62 11.07 6.55 -4.34
C ILE A 62 11.69 7.13 -5.61
N SER A 63 11.20 6.71 -6.74
CA SER A 63 11.63 7.22 -8.00
C SER A 63 10.40 7.85 -8.68
N GLN A 64 10.40 9.17 -8.80
CA GLN A 64 9.25 9.89 -9.33
C GLN A 64 9.39 10.23 -10.80
N GLN A 65 8.37 9.89 -11.55
CA GLN A 65 8.22 10.29 -12.93
C GLN A 65 6.87 10.97 -13.01
N HIS A 66 6.60 11.73 -14.05
CA HIS A 66 5.26 12.30 -14.21
C HIS A 66 4.30 11.24 -14.71
N ASP A 67 4.83 10.29 -15.45
CA ASP A 67 4.07 9.18 -16.00
C ASP A 67 3.60 8.24 -14.90
N HIS A 68 4.50 7.85 -14.02
CA HIS A 68 4.15 6.99 -12.91
C HIS A 68 5.23 7.03 -11.86
N ILE A 69 4.93 6.50 -10.71
CA ILE A 69 5.84 6.48 -9.59
C ILE A 69 6.35 5.08 -9.46
N ILE A 70 7.60 4.96 -9.11
CA ILE A 70 8.21 3.69 -8.87
C ILE A 70 8.72 3.69 -7.45
N VAL A 71 8.08 2.94 -6.62
CA VAL A 71 8.48 2.78 -5.25
C VAL A 71 9.08 1.41 -5.12
N THR A 72 10.30 1.34 -4.77
CA THR A 72 10.93 0.06 -4.66
C THR A 72 11.37 -0.21 -3.25
N LEU A 73 10.92 -1.28 -2.72
CA LEU A 73 11.36 -1.68 -1.46
C LEU A 73 12.48 -2.60 -1.73
N LYS A 74 13.63 -2.06 -1.65
CA LYS A 74 14.81 -2.73 -1.97
C LYS A 74 15.04 -3.84 -0.96
N ASN A 75 15.29 -5.03 -1.46
CA ASN A 75 15.56 -6.23 -0.65
C ASN A 75 14.26 -6.71 0.06
N HIS A 76 13.14 -6.41 -0.55
CA HIS A 76 11.86 -6.79 0.02
C HIS A 76 11.12 -7.65 -0.99
N THR A 77 10.92 -8.89 -0.70
CA THR A 77 10.24 -9.75 -1.62
C THR A 77 8.72 -9.77 -1.40
N LEU A 78 7.99 -9.56 -2.48
CA LEU A 78 6.54 -9.55 -2.47
C LEU A 78 6.01 -10.81 -3.15
N PRO A 79 5.10 -11.50 -2.51
CA PRO A 79 4.42 -12.64 -3.12
C PRO A 79 3.55 -12.19 -4.31
N THR A 80 3.36 -13.07 -5.27
CA THR A 80 2.60 -12.76 -6.45
C THR A 80 1.09 -12.73 -6.18
N THR A 81 0.71 -13.24 -5.05
CA THR A 81 -0.67 -13.27 -4.62
C THR A 81 -1.06 -11.92 -4.03
N LEU A 82 -0.08 -11.14 -3.66
CA LEU A 82 -0.35 -9.88 -3.07
C LEU A 82 -0.18 -8.79 -4.07
N GLN A 83 0.55 -9.09 -5.14
CA GLN A 83 0.72 -8.14 -6.17
C GLN A 83 -0.58 -8.03 -6.95
N ARG A 84 -1.00 -6.84 -7.25
CA ARG A 84 -2.28 -6.61 -7.86
C ARG A 84 -2.33 -5.22 -8.42
N SER A 85 -3.41 -4.87 -9.03
CA SER A 85 -3.57 -3.56 -9.58
C SER A 85 -4.92 -2.99 -9.24
N LEU A 86 -4.90 -1.85 -8.64
CA LEU A 86 -6.07 -1.09 -8.33
C LEU A 86 -6.26 -0.21 -9.52
N ASP A 87 -7.37 -0.34 -10.19
CA ASP A 87 -7.56 0.36 -11.45
C ASP A 87 -7.64 1.86 -11.23
N VAL A 88 -8.39 2.21 -10.18
CA VAL A 88 -8.60 3.58 -9.64
C VAL A 88 -8.83 4.70 -10.65
N ALA A 89 -9.35 4.35 -11.78
CA ALA A 89 -9.67 5.32 -12.75
C ALA A 89 -10.93 6.04 -12.30
N ASP A 90 -10.98 7.34 -12.56
CA ASP A 90 -12.14 8.20 -12.24
C ASP A 90 -12.24 8.46 -10.71
N PHE A 91 -11.12 8.32 -10.01
CA PHE A 91 -11.09 8.61 -8.56
C PHE A 91 -10.81 10.07 -8.24
N LYS A 92 -10.68 10.89 -9.27
CA LYS A 92 -10.46 12.33 -9.14
C LYS A 92 -9.19 12.69 -8.41
N THR A 93 -8.10 12.24 -8.94
CA THR A 93 -6.80 12.50 -8.42
C THR A 93 -5.76 12.17 -9.47
N PRO A 94 -4.60 12.88 -9.44
CA PRO A 94 -3.44 12.62 -10.31
C PRO A 94 -3.09 11.13 -10.45
N VAL A 95 -3.26 10.37 -9.38
CA VAL A 95 -3.02 8.95 -9.42
C VAL A 95 -4.13 8.28 -10.20
N GLN A 96 -3.76 7.70 -11.30
CA GLN A 96 -4.68 7.12 -12.21
C GLN A 96 -4.85 5.64 -11.98
N LYS A 97 -3.76 4.97 -11.62
CA LYS A 97 -3.80 3.51 -11.43
C LYS A 97 -2.70 3.10 -10.47
N VAL A 98 -2.95 2.07 -9.67
CA VAL A 98 -1.96 1.57 -8.73
C VAL A 98 -1.64 0.12 -9.05
N THR A 99 -0.41 -0.19 -9.24
CA THR A 99 0.02 -1.53 -9.50
C THR A 99 1.10 -1.94 -8.51
N LEU A 100 0.89 -3.06 -7.87
CA LEU A 100 1.89 -3.61 -7.01
C LEU A 100 2.54 -4.72 -7.82
N LYS A 101 3.80 -4.64 -8.05
CA LYS A 101 4.52 -5.62 -8.83
C LYS A 101 5.65 -6.18 -8.00
N ARG A 102 5.84 -7.47 -7.98
CA ARG A 102 7.00 -7.98 -7.31
C ARG A 102 8.18 -7.86 -8.26
N LEU A 103 9.33 -7.65 -7.72
CA LEU A 103 10.52 -7.50 -8.50
C LEU A 103 11.48 -8.57 -8.01
N ASN A 104 12.55 -8.78 -8.77
CA ASN A 104 13.67 -9.71 -8.50
C ASN A 104 13.84 -10.01 -7.00
N ASN A 105 14.27 -9.03 -6.26
CA ASN A 105 14.44 -9.16 -4.80
C ASN A 105 13.67 -8.09 -4.11
N ASP A 106 13.07 -7.24 -4.90
CA ASP A 106 12.49 -6.00 -4.41
C ASP A 106 11.01 -5.97 -4.67
N THR A 107 10.37 -5.00 -4.13
CA THR A 107 8.97 -4.80 -4.35
C THR A 107 8.82 -3.50 -5.11
N GLN A 108 8.11 -3.52 -6.21
CA GLN A 108 7.96 -2.35 -7.02
C GLN A 108 6.51 -1.90 -6.99
N LEU A 109 6.29 -0.75 -6.47
CA LEU A 109 4.99 -0.18 -6.42
C LEU A 109 4.92 0.84 -7.53
N ILE A 110 4.02 0.64 -8.41
CA ILE A 110 3.85 1.45 -9.57
C ILE A 110 2.57 2.24 -9.43
N ILE A 111 2.69 3.50 -9.35
CA ILE A 111 1.54 4.36 -9.21
C ILE A 111 1.49 5.26 -10.44
N THR A 112 0.61 4.96 -11.36
CA THR A 112 0.52 5.73 -12.59
C THR A 112 -0.18 7.06 -12.32
N THR A 113 0.38 8.11 -12.86
CA THR A 113 -0.08 9.46 -12.62
C THR A 113 -0.20 10.23 -13.93
N ALA A 114 -0.60 11.49 -13.84
CA ALA A 114 -0.71 12.37 -15.00
C ALA A 114 -0.58 13.83 -14.57
N GLY A 115 0.13 14.62 -15.37
CA GLY A 115 0.27 16.04 -15.11
C GLY A 115 1.26 16.33 -14.01
N ASN A 116 1.07 17.43 -13.33
CA ASN A 116 1.91 17.78 -12.19
C ASN A 116 1.21 17.33 -10.95
N TRP A 117 1.94 16.75 -10.07
CA TRP A 117 1.39 16.20 -8.88
C TRP A 117 2.46 16.18 -7.81
N GLU A 118 2.08 15.98 -6.58
CA GLU A 118 3.03 15.99 -5.48
C GLU A 118 2.97 14.68 -4.76
N LEU A 119 4.10 14.11 -4.42
CA LEU A 119 4.12 12.87 -3.68
C LEU A 119 4.54 13.19 -2.25
N VAL A 120 3.75 12.82 -1.32
CA VAL A 120 4.12 12.93 0.06
C VAL A 120 4.20 11.53 0.63
N ASN A 121 5.39 11.05 0.88
CA ASN A 121 5.56 9.75 1.45
C ASN A 121 5.63 9.86 2.95
N LYS A 122 4.78 9.15 3.62
CA LYS A 122 4.72 9.20 5.05
C LYS A 122 4.91 7.82 5.62
N SER A 123 5.45 7.76 6.79
CA SER A 123 5.64 6.53 7.47
C SER A 123 4.79 6.53 8.75
N ALA A 124 3.91 5.58 8.89
CA ALA A 124 3.03 5.50 10.05
C ALA A 124 3.68 4.68 11.15
N ALA A 125 4.50 3.75 10.74
CA ALA A 125 5.23 2.85 11.62
C ALA A 125 6.32 2.24 10.77
N PRO A 126 7.36 1.63 11.35
CA PRO A 126 8.41 0.99 10.56
C PRO A 126 7.88 -0.19 9.74
N GLY A 127 7.59 0.08 8.48
CA GLY A 127 7.03 -0.92 7.61
C GLY A 127 5.70 -0.46 7.04
N TYR A 128 5.08 0.48 7.71
CA TYR A 128 3.80 1.00 7.28
C TYR A 128 4.00 2.34 6.62
N PHE A 129 3.69 2.40 5.36
CA PHE A 129 3.90 3.58 4.59
C PHE A 129 2.60 4.09 3.99
N THR A 130 2.68 5.27 3.49
CA THR A 130 1.57 5.99 2.94
C THR A 130 2.09 6.93 1.85
N PHE A 131 1.49 6.90 0.69
CA PHE A 131 1.88 7.78 -0.39
C PHE A 131 0.72 8.68 -0.75
N GLN A 132 0.85 9.93 -0.42
CA GLN A 132 -0.18 10.91 -0.68
C GLN A 132 0.19 11.67 -1.93
N VAL A 133 -0.49 11.38 -3.00
CA VAL A 133 -0.27 12.04 -4.26
C VAL A 133 -1.37 13.09 -4.49
N LEU A 134 -0.98 14.33 -4.33
CA LEU A 134 -1.89 15.45 -4.46
C LEU A 134 -1.66 16.13 -5.78
N PRO A 135 -2.64 16.85 -6.34
CA PRO A 135 -2.45 17.59 -7.57
C PRO A 135 -1.61 18.85 -7.38
N LYS A 136 -0.58 19.00 -8.20
CA LYS A 136 0.27 20.16 -8.15
C LYS A 136 -0.30 21.13 -9.13
N LYS A 137 -0.73 22.24 -8.64
CA LYS A 137 -1.41 23.16 -9.47
C LYS A 137 -1.10 24.57 -9.01
N GLN A 138 -1.25 25.53 -9.89
CA GLN A 138 -1.06 26.91 -9.58
C GLN A 138 -2.42 27.48 -9.23
N MET A 1 6.60 -55.04 -0.16
CA MET A 1 5.19 -54.94 -0.56
C MET A 1 4.35 -56.04 0.09
N GLY A 2 4.45 -57.26 -0.41
CA GLY A 2 3.67 -58.35 0.16
C GLY A 2 4.42 -59.65 0.13
N SER A 3 4.77 -60.09 -1.06
CA SER A 3 5.50 -61.33 -1.26
C SER A 3 7.00 -61.09 -1.11
N SER A 4 7.34 -59.90 -0.68
CA SER A 4 8.69 -59.50 -0.46
C SER A 4 9.29 -60.33 0.67
N HIS A 5 10.35 -61.05 0.37
CA HIS A 5 11.00 -61.88 1.36
C HIS A 5 11.99 -61.09 2.16
N HIS A 6 12.43 -60.00 1.59
CA HIS A 6 13.26 -59.08 2.31
C HIS A 6 12.37 -58.32 3.23
N HIS A 7 12.82 -58.13 4.43
CA HIS A 7 12.02 -57.47 5.41
C HIS A 7 12.16 -56.00 5.20
N HIS A 8 11.19 -55.46 4.49
CA HIS A 8 11.16 -54.09 4.09
C HIS A 8 11.25 -53.15 5.28
N HIS A 9 12.35 -52.42 5.35
CA HIS A 9 12.52 -51.42 6.39
C HIS A 9 11.50 -50.35 6.15
N HIS A 10 10.74 -50.05 7.17
CA HIS A 10 9.58 -49.15 7.05
C HIS A 10 9.97 -47.74 6.65
N GLY A 11 11.03 -47.26 7.22
CA GLY A 11 11.50 -45.95 6.93
C GLY A 11 12.81 -45.72 7.62
N LEU A 12 13.83 -45.40 6.87
CA LEU A 12 15.12 -45.17 7.46
C LEU A 12 15.53 -43.71 7.39
N VAL A 13 14.59 -42.88 6.98
CA VAL A 13 14.84 -41.47 6.83
C VAL A 13 13.92 -40.62 7.74
N PRO A 14 14.48 -40.06 8.82
CA PRO A 14 13.72 -39.18 9.72
C PRO A 14 13.25 -37.93 8.98
N ARG A 15 11.97 -37.66 9.06
CA ARG A 15 11.37 -36.56 8.33
C ARG A 15 10.43 -35.80 9.24
N GLY A 16 10.04 -34.62 8.82
CA GLY A 16 9.11 -33.88 9.59
C GLY A 16 9.23 -32.41 9.35
N SER A 17 8.17 -31.70 9.59
CA SER A 17 8.17 -30.29 9.44
C SER A 17 8.81 -29.66 10.67
N HIS A 18 10.13 -29.53 10.61
CA HIS A 18 10.90 -28.95 11.69
C HIS A 18 10.81 -27.45 11.65
N MET A 19 10.49 -26.87 12.76
CA MET A 19 10.46 -25.43 12.85
C MET A 19 11.68 -24.96 13.60
N ALA A 20 12.74 -24.75 12.87
CA ALA A 20 13.97 -24.27 13.44
C ALA A 20 13.89 -22.76 13.53
N SER A 21 13.41 -22.17 12.48
CA SER A 21 13.19 -20.76 12.44
C SER A 21 11.77 -20.53 12.96
N MET A 22 11.65 -19.74 14.01
CA MET A 22 10.35 -19.49 14.62
C MET A 22 9.39 -18.81 13.66
N THR A 23 8.42 -19.55 13.19
CA THR A 23 7.45 -19.05 12.25
C THR A 23 6.14 -18.72 12.99
N GLY A 24 6.04 -19.19 14.23
CA GLY A 24 4.82 -18.99 14.99
C GLY A 24 4.91 -17.76 15.86
N GLY A 25 3.93 -16.90 15.74
CA GLY A 25 3.87 -15.72 16.57
C GLY A 25 4.08 -14.46 15.79
N GLN A 26 4.04 -13.34 16.50
CA GLN A 26 4.26 -12.00 15.97
C GLN A 26 3.23 -11.54 14.95
N GLN A 27 2.14 -11.02 15.43
CA GLN A 27 1.15 -10.38 14.62
C GLN A 27 1.05 -8.95 15.08
N MET A 28 1.92 -8.12 14.55
CA MET A 28 2.06 -6.74 14.98
C MET A 28 0.86 -5.89 14.64
N GLY A 29 0.21 -5.40 15.68
CA GLY A 29 -0.94 -4.55 15.52
C GLY A 29 -2.21 -5.36 15.40
N ARG A 30 -2.25 -6.17 14.39
CA ARG A 30 -3.36 -7.07 14.06
C ARG A 30 -2.76 -8.21 13.29
N GLY A 31 -3.56 -8.98 12.57
CA GLY A 31 -3.06 -10.06 11.74
C GLY A 31 -2.37 -9.54 10.47
N SER A 32 -1.45 -8.64 10.67
CA SER A 32 -0.74 -7.98 9.64
C SER A 32 0.62 -8.66 9.47
N LYS A 33 0.75 -9.41 8.42
CA LYS A 33 1.99 -10.12 8.11
C LYS A 33 2.16 -10.12 6.60
N GLN A 34 1.37 -9.33 5.92
CA GLN A 34 1.33 -9.37 4.49
C GLN A 34 1.60 -8.01 3.87
N THR A 35 2.51 -7.99 2.92
CA THR A 35 2.85 -6.79 2.20
C THR A 35 1.79 -6.53 1.15
N ASN A 36 1.31 -5.31 1.08
CA ASN A 36 0.25 -4.98 0.17
C ASN A 36 0.11 -3.51 0.07
N ILE A 37 -0.77 -3.10 -0.79
CA ILE A 37 -1.07 -1.74 -0.98
C ILE A 37 -2.56 -1.53 -0.88
N ASP A 38 -2.97 -0.32 -0.68
CA ASP A 38 -4.37 0.07 -0.59
C ASP A 38 -4.49 1.46 -1.17
N PHE A 39 -5.66 1.83 -1.64
CA PHE A 39 -5.87 3.17 -2.14
C PHE A 39 -7.10 3.78 -1.50
N ARG A 40 -6.96 5.02 -1.07
CA ARG A 40 -8.08 5.77 -0.53
C ARG A 40 -7.88 7.23 -0.95
N LYS A 41 -8.88 8.04 -0.76
CA LYS A 41 -8.77 9.45 -1.03
C LYS A 41 -8.89 10.21 0.26
N ASP A 42 -8.25 11.34 0.33
CA ASP A 42 -8.24 12.17 1.53
C ASP A 42 -8.04 13.60 1.10
N GLY A 43 -8.53 14.54 1.87
CA GLY A 43 -8.33 15.95 1.57
C GLY A 43 -9.18 16.45 0.40
N LYS A 44 -8.55 16.60 -0.74
CA LYS A 44 -9.19 17.11 -1.94
C LYS A 44 -8.49 16.58 -3.17
N ASN A 45 -9.13 15.60 -3.82
CA ASN A 45 -8.66 15.00 -5.09
C ASN A 45 -7.30 14.34 -4.93
N ALA A 46 -6.94 14.02 -3.72
CA ALA A 46 -5.64 13.45 -3.44
C ALA A 46 -5.73 11.95 -3.43
N GLY A 47 -4.74 11.33 -4.02
CA GLY A 47 -4.70 9.90 -4.10
C GLY A 47 -3.77 9.35 -3.06
N ILE A 48 -4.28 8.57 -2.14
CA ILE A 48 -3.49 8.03 -1.06
C ILE A 48 -3.27 6.55 -1.26
N ILE A 49 -2.03 6.18 -1.41
CA ILE A 49 -1.66 4.82 -1.53
C ILE A 49 -1.07 4.38 -0.20
N GLU A 50 -1.78 3.57 0.48
CA GLU A 50 -1.35 3.08 1.76
C GLU A 50 -0.56 1.81 1.53
N LEU A 51 0.65 1.79 2.00
CA LEU A 51 1.55 0.70 1.76
C LEU A 51 1.85 -0.08 3.03
N ALA A 52 1.61 -1.39 2.98
CA ALA A 52 1.88 -2.27 4.07
C ALA A 52 3.09 -3.12 3.69
N ALA A 53 4.24 -2.89 4.29
CA ALA A 53 5.43 -3.66 3.99
C ALA A 53 5.94 -4.41 5.21
N LEU A 54 5.50 -5.63 5.37
CA LEU A 54 5.88 -6.40 6.52
C LEU A 54 7.17 -7.11 6.31
N GLY A 55 8.14 -6.75 7.09
CA GLY A 55 9.44 -7.32 7.00
C GLY A 55 10.44 -6.32 6.50
N PHE A 56 9.95 -5.16 6.08
CA PHE A 56 10.80 -4.11 5.59
C PHE A 56 11.01 -3.13 6.72
N ALA A 57 12.25 -2.80 6.99
CA ALA A 57 12.56 -1.97 8.13
C ALA A 57 12.99 -0.56 7.72
N GLY A 58 13.69 -0.44 6.61
CA GLY A 58 14.21 0.84 6.19
C GLY A 58 13.23 1.64 5.38
N GLN A 59 13.74 2.46 4.48
CA GLN A 59 12.90 3.29 3.66
C GLN A 59 13.06 2.87 2.21
N PRO A 60 11.97 2.85 1.42
CA PRO A 60 12.03 2.46 0.02
C PRO A 60 12.77 3.44 -0.86
N ASP A 61 12.95 3.03 -2.06
CA ASP A 61 13.55 3.81 -3.11
C ASP A 61 12.42 4.38 -3.90
N ILE A 62 12.15 5.63 -3.76
CA ILE A 62 11.09 6.21 -4.50
C ILE A 62 11.65 6.98 -5.67
N SER A 63 11.33 6.54 -6.83
CA SER A 63 11.70 7.18 -8.03
C SER A 63 10.50 8.02 -8.46
N GLN A 64 10.66 9.33 -8.42
CA GLN A 64 9.56 10.21 -8.75
C GLN A 64 9.66 10.68 -10.17
N GLN A 65 8.88 10.09 -11.01
CA GLN A 65 8.73 10.55 -12.35
C GLN A 65 7.40 11.24 -12.44
N HIS A 66 7.21 12.04 -13.44
CA HIS A 66 5.97 12.75 -13.61
C HIS A 66 4.87 11.86 -14.13
N ASP A 67 5.25 10.91 -14.94
CA ASP A 67 4.32 9.98 -15.55
C ASP A 67 3.78 8.96 -14.54
N HIS A 68 4.65 8.50 -13.67
CA HIS A 68 4.28 7.54 -12.63
C HIS A 68 5.37 7.46 -11.60
N ILE A 69 5.08 6.87 -10.49
CA ILE A 69 6.02 6.76 -9.39
C ILE A 69 6.48 5.32 -9.33
N ILE A 70 7.73 5.11 -9.02
CA ILE A 70 8.26 3.77 -8.89
C ILE A 70 8.91 3.64 -7.54
N VAL A 71 8.34 2.86 -6.69
CA VAL A 71 8.92 2.64 -5.41
C VAL A 71 9.60 1.29 -5.43
N THR A 72 10.72 1.17 -4.82
CA THR A 72 11.38 -0.09 -4.74
C THR A 72 11.74 -0.40 -3.30
N LEU A 73 11.20 -1.48 -2.80
CA LEU A 73 11.45 -1.92 -1.47
C LEU A 73 12.51 -2.94 -1.58
N LYS A 74 13.72 -2.50 -1.40
CA LYS A 74 14.88 -3.31 -1.57
C LYS A 74 14.95 -4.44 -0.61
N ASN A 75 15.27 -5.60 -1.18
CA ASN A 75 15.47 -6.86 -0.45
C ASN A 75 14.14 -7.39 0.11
N HIS A 76 13.05 -6.76 -0.28
CA HIS A 76 11.75 -7.11 0.23
C HIS A 76 11.02 -7.98 -0.76
N THR A 77 10.77 -9.19 -0.42
CA THR A 77 10.08 -10.07 -1.29
C THR A 77 8.56 -10.00 -1.12
N LEU A 78 7.88 -9.61 -2.18
CA LEU A 78 6.44 -9.53 -2.20
C LEU A 78 5.90 -10.79 -2.84
N PRO A 79 4.99 -11.46 -2.18
CA PRO A 79 4.25 -12.56 -2.78
C PRO A 79 3.40 -12.07 -3.97
N THR A 80 3.42 -12.83 -5.06
CA THR A 80 2.64 -12.49 -6.27
C THR A 80 1.12 -12.58 -5.99
N THR A 81 0.78 -13.19 -4.88
CA THR A 81 -0.58 -13.35 -4.46
C THR A 81 -1.10 -12.03 -3.84
N LEU A 82 -0.19 -11.16 -3.45
CA LEU A 82 -0.54 -9.93 -2.78
C LEU A 82 -0.36 -8.74 -3.70
N GLN A 83 0.24 -8.98 -4.85
CA GLN A 83 0.44 -7.94 -5.82
C GLN A 83 -0.83 -7.78 -6.61
N ARG A 84 -1.11 -6.59 -7.06
CA ARG A 84 -2.31 -6.33 -7.84
C ARG A 84 -2.20 -4.95 -8.40
N SER A 85 -3.09 -4.63 -9.27
CA SER A 85 -3.19 -3.32 -9.78
C SER A 85 -4.57 -2.81 -9.44
N LEU A 86 -4.61 -1.78 -8.65
CA LEU A 86 -5.85 -1.19 -8.25
C LEU A 86 -6.32 -0.28 -9.35
N ASP A 87 -7.44 -0.59 -9.91
CA ASP A 87 -8.00 0.21 -10.96
C ASP A 87 -8.66 1.42 -10.38
N VAL A 88 -7.88 2.44 -10.25
CA VAL A 88 -8.28 3.69 -9.66
C VAL A 88 -8.65 4.71 -10.76
N ALA A 89 -9.07 4.19 -11.87
CA ALA A 89 -9.48 5.02 -12.98
C ALA A 89 -10.81 5.71 -12.65
N ASP A 90 -10.83 7.02 -12.91
CA ASP A 90 -12.01 7.90 -12.72
C ASP A 90 -12.38 8.10 -11.24
N PHE A 91 -11.37 7.99 -10.41
CA PHE A 91 -11.49 8.27 -8.98
C PHE A 91 -11.35 9.75 -8.71
N LYS A 92 -11.04 10.52 -9.75
CA LYS A 92 -10.81 11.97 -9.67
C LYS A 92 -9.65 12.27 -8.75
N THR A 93 -8.55 11.60 -9.00
CA THR A 93 -7.35 11.80 -8.24
C THR A 93 -6.25 11.91 -9.31
N PRO A 94 -5.03 12.33 -8.99
CA PRO A 94 -3.95 12.38 -9.98
C PRO A 94 -3.42 10.98 -10.27
N VAL A 95 -3.83 10.02 -9.46
CA VAL A 95 -3.44 8.64 -9.60
C VAL A 95 -4.38 7.96 -10.58
N GLN A 96 -3.83 7.29 -11.54
CA GLN A 96 -4.61 6.61 -12.51
C GLN A 96 -4.84 5.18 -12.07
N LYS A 97 -3.77 4.56 -11.58
CA LYS A 97 -3.80 3.18 -11.21
C LYS A 97 -2.60 2.86 -10.34
N VAL A 98 -2.85 2.14 -9.28
CA VAL A 98 -1.78 1.69 -8.41
C VAL A 98 -1.40 0.27 -8.80
N THR A 99 -0.21 0.08 -9.22
CA THR A 99 0.25 -1.22 -9.62
C THR A 99 1.36 -1.69 -8.69
N LEU A 100 1.09 -2.73 -7.94
CA LEU A 100 2.06 -3.30 -7.02
C LEU A 100 2.65 -4.50 -7.75
N LYS A 101 3.94 -4.50 -7.95
CA LYS A 101 4.59 -5.55 -8.69
C LYS A 101 5.67 -6.19 -7.84
N ARG A 102 5.69 -7.49 -7.76
CA ARG A 102 6.79 -8.15 -7.09
C ARG A 102 8.00 -8.10 -8.05
N LEU A 103 9.13 -7.73 -7.55
CA LEU A 103 10.30 -7.60 -8.36
C LEU A 103 11.28 -8.71 -7.97
N ASN A 104 12.43 -8.73 -8.64
CA ASN A 104 13.53 -9.70 -8.45
C ASN A 104 13.68 -10.15 -7.00
N ASN A 105 14.17 -9.27 -6.19
CA ASN A 105 14.33 -9.52 -4.76
C ASN A 105 13.61 -8.47 -3.99
N ASP A 106 13.05 -7.53 -4.73
CA ASP A 106 12.48 -6.32 -4.19
C ASP A 106 11.01 -6.26 -4.48
N THR A 107 10.38 -5.28 -3.96
CA THR A 107 9.00 -5.04 -4.23
C THR A 107 8.90 -3.68 -4.93
N GLN A 108 8.26 -3.63 -6.06
CA GLN A 108 8.19 -2.44 -6.84
C GLN A 108 6.77 -1.90 -6.79
N LEU A 109 6.62 -0.66 -6.47
CA LEU A 109 5.32 -0.08 -6.46
C LEU A 109 5.20 1.02 -7.48
N ILE A 110 4.35 0.82 -8.42
CA ILE A 110 4.17 1.73 -9.51
C ILE A 110 2.87 2.47 -9.33
N ILE A 111 2.95 3.74 -9.14
CA ILE A 111 1.78 4.54 -8.98
C ILE A 111 1.66 5.42 -10.21
N THR A 112 0.75 5.09 -11.07
CA THR A 112 0.57 5.80 -12.31
C THR A 112 -0.16 7.11 -12.06
N THR A 113 0.35 8.21 -12.59
CA THR A 113 -0.24 9.50 -12.36
C THR A 113 -0.46 10.29 -13.65
N ALA A 114 -1.26 11.33 -13.56
CA ALA A 114 -1.58 12.19 -14.69
C ALA A 114 -1.73 13.63 -14.23
N GLY A 115 -1.57 14.58 -15.16
CA GLY A 115 -1.70 15.98 -14.85
C GLY A 115 -0.49 16.49 -14.09
N ASN A 116 -0.71 17.41 -13.18
CA ASN A 116 0.35 17.87 -12.32
C ASN A 116 0.02 17.36 -10.95
N TRP A 117 0.97 16.81 -10.28
CA TRP A 117 0.70 16.23 -9.00
C TRP A 117 1.87 16.45 -8.03
N GLU A 118 1.64 16.24 -6.75
CA GLU A 118 2.65 16.47 -5.70
C GLU A 118 2.78 15.18 -4.88
N LEU A 119 3.99 14.76 -4.59
CA LEU A 119 4.17 13.52 -3.84
C LEU A 119 4.61 13.82 -2.43
N VAL A 120 3.87 13.34 -1.49
CA VAL A 120 4.29 13.40 -0.13
C VAL A 120 4.20 12.04 0.49
N ASN A 121 5.32 11.53 0.89
CA ASN A 121 5.36 10.22 1.43
C ASN A 121 5.55 10.24 2.92
N LYS A 122 4.79 9.42 3.60
CA LYS A 122 4.83 9.35 5.04
C LYS A 122 5.00 7.93 5.50
N SER A 123 5.61 7.77 6.63
CA SER A 123 5.81 6.49 7.25
C SER A 123 5.03 6.48 8.56
N ALA A 124 4.00 5.67 8.63
CA ALA A 124 3.18 5.57 9.84
C ALA A 124 3.98 4.89 10.93
N ALA A 125 4.79 3.94 10.50
CA ALA A 125 5.70 3.18 11.31
C ALA A 125 6.64 2.52 10.33
N PRO A 126 7.85 2.11 10.73
CA PRO A 126 8.78 1.47 9.82
C PRO A 126 8.23 0.15 9.31
N GLY A 127 7.71 0.18 8.10
CA GLY A 127 7.08 -0.97 7.51
C GLY A 127 5.67 -0.62 7.05
N TYR A 128 5.21 0.54 7.43
CA TYR A 128 3.91 1.02 7.02
C TYR A 128 4.06 2.38 6.42
N PHE A 129 3.77 2.49 5.17
CA PHE A 129 3.97 3.71 4.46
C PHE A 129 2.66 4.22 3.89
N THR A 130 2.71 5.41 3.43
CA THR A 130 1.57 6.11 2.88
C THR A 130 2.06 7.13 1.85
N PHE A 131 1.58 7.03 0.64
CA PHE A 131 1.93 7.96 -0.40
C PHE A 131 0.74 8.83 -0.69
N GLN A 132 0.85 10.08 -0.39
CA GLN A 132 -0.22 11.00 -0.61
C GLN A 132 0.12 11.79 -1.87
N VAL A 133 -0.63 11.54 -2.89
CA VAL A 133 -0.46 12.17 -4.18
C VAL A 133 -1.48 13.30 -4.32
N LEU A 134 -1.05 14.52 -4.08
CA LEU A 134 -1.95 15.67 -4.21
C LEU A 134 -1.96 16.16 -5.64
N PRO A 135 -3.01 16.85 -6.08
CA PRO A 135 -3.03 17.49 -7.38
C PRO A 135 -2.30 18.84 -7.31
N LYS A 136 -1.53 19.11 -8.33
CA LYS A 136 -0.77 20.34 -8.39
C LYS A 136 -1.38 21.22 -9.43
N LYS A 137 -1.15 22.50 -9.28
CA LYS A 137 -1.50 23.52 -10.23
C LYS A 137 -2.95 23.95 -10.15
N GLN A 138 -3.16 25.07 -9.52
CA GLN A 138 -4.44 25.67 -9.46
C GLN A 138 -4.45 26.91 -10.32
N MET A 1 1.13 6.63 32.39
CA MET A 1 1.70 7.46 33.45
C MET A 1 0.94 8.78 33.48
N GLY A 2 0.93 9.44 34.63
CA GLY A 2 0.19 10.69 34.80
C GLY A 2 0.66 11.85 33.91
N SER A 3 1.87 11.75 33.38
CA SER A 3 2.42 12.79 32.51
C SER A 3 1.55 13.06 31.27
N SER A 4 0.95 12.04 30.70
CA SER A 4 0.10 12.20 29.53
C SER A 4 -1.36 12.37 29.94
N HIS A 5 -1.57 12.63 31.22
CA HIS A 5 -2.88 12.82 31.81
C HIS A 5 -2.78 14.01 32.74
N HIS A 6 -1.84 14.86 32.42
CA HIS A 6 -1.48 15.97 33.29
C HIS A 6 -2.46 17.12 33.14
N HIS A 7 -3.23 17.34 34.17
CA HIS A 7 -4.17 18.44 34.19
C HIS A 7 -3.53 19.64 34.85
N HIS A 8 -4.30 20.71 35.02
CA HIS A 8 -3.83 21.97 35.63
C HIS A 8 -2.85 22.65 34.67
N HIS A 9 -3.05 22.38 33.39
CA HIS A 9 -2.24 22.93 32.33
C HIS A 9 -3.16 23.47 31.26
N HIS A 10 -3.04 24.74 30.97
CA HIS A 10 -3.84 25.35 29.93
C HIS A 10 -3.28 24.95 28.58
N GLY A 11 -3.90 24.02 27.93
CA GLY A 11 -3.39 23.53 26.68
C GLY A 11 -4.46 23.25 25.69
N LEU A 12 -4.83 24.24 24.93
CA LEU A 12 -5.79 24.09 23.87
C LEU A 12 -4.96 23.71 22.65
N VAL A 13 -4.99 22.47 22.27
CA VAL A 13 -4.13 22.01 21.19
C VAL A 13 -4.91 21.43 20.01
N PRO A 14 -4.53 21.81 18.77
CA PRO A 14 -5.08 21.21 17.57
C PRO A 14 -4.56 19.77 17.42
N ARG A 15 -5.46 18.82 17.28
CA ARG A 15 -5.05 17.43 17.19
C ARG A 15 -4.63 17.03 15.78
N GLY A 16 -3.41 17.31 15.50
CA GLY A 16 -2.79 16.92 14.25
C GLY A 16 -1.36 16.57 14.55
N SER A 17 -1.16 16.18 15.78
CA SER A 17 0.13 15.93 16.34
C SER A 17 0.65 14.55 15.95
N HIS A 18 -0.24 13.55 15.94
CA HIS A 18 0.15 12.13 15.79
C HIS A 18 1.00 11.78 17.02
N MET A 19 1.92 10.81 16.90
CA MET A 19 2.86 10.44 17.99
C MET A 19 2.13 9.80 19.15
N ALA A 20 1.53 10.61 19.94
CA ALA A 20 0.76 10.17 21.06
C ALA A 20 -0.69 10.08 20.63
N SER A 21 -0.97 9.06 19.87
CA SER A 21 -2.29 8.81 19.34
C SER A 21 -2.49 7.32 19.15
N MET A 22 -3.26 6.69 20.03
CA MET A 22 -3.57 5.26 19.94
C MET A 22 -4.60 4.97 18.83
N THR A 23 -4.95 6.00 18.11
CA THR A 23 -5.86 5.90 17.00
C THR A 23 -5.39 6.89 15.93
N GLY A 24 -4.84 6.36 14.87
CA GLY A 24 -4.41 7.16 13.77
C GLY A 24 -5.05 6.66 12.52
N GLY A 25 -4.27 6.47 11.48
CA GLY A 25 -4.80 5.88 10.28
C GLY A 25 -5.00 4.41 10.47
N GLN A 26 -4.14 3.84 11.28
CA GLN A 26 -4.21 2.48 11.67
C GLN A 26 -4.67 2.39 13.10
N GLN A 27 -5.52 1.44 13.36
CA GLN A 27 -6.04 1.19 14.68
C GLN A 27 -5.58 -0.18 15.13
N MET A 28 -5.89 -1.15 14.32
CA MET A 28 -5.56 -2.53 14.58
C MET A 28 -5.22 -3.21 13.28
N GLY A 29 -4.11 -3.88 13.25
CA GLY A 29 -3.71 -4.56 12.05
C GLY A 29 -4.00 -6.02 12.13
N ARG A 30 -4.87 -6.50 11.29
CA ARG A 30 -5.18 -7.90 11.25
C ARG A 30 -4.40 -8.53 10.12
N GLY A 31 -3.76 -9.63 10.42
CA GLY A 31 -2.96 -10.28 9.43
C GLY A 31 -1.55 -9.83 9.57
N SER A 32 -1.29 -8.62 9.08
CA SER A 32 -0.01 -7.89 9.24
C SER A 32 1.24 -8.72 8.89
N LYS A 33 1.11 -9.64 7.96
CA LYS A 33 2.25 -10.46 7.59
C LYS A 33 2.42 -10.53 6.09
N GLN A 34 1.64 -9.77 5.37
CA GLN A 34 1.70 -9.80 3.94
C GLN A 34 1.74 -8.41 3.36
N THR A 35 2.71 -8.21 2.50
CA THR A 35 2.98 -6.94 1.88
C THR A 35 1.83 -6.54 0.97
N ASN A 36 1.25 -5.42 1.23
CA ASN A 36 0.06 -5.06 0.50
C ASN A 36 0.03 -3.59 0.23
N ILE A 37 -0.90 -3.21 -0.59
CA ILE A 37 -1.10 -1.83 -0.95
C ILE A 37 -2.56 -1.48 -0.74
N ASP A 38 -2.87 -0.23 -0.70
CA ASP A 38 -4.23 0.22 -0.42
C ASP A 38 -4.45 1.52 -1.14
N PHE A 39 -5.67 1.86 -1.45
CA PHE A 39 -5.95 3.14 -2.07
C PHE A 39 -7.16 3.79 -1.44
N ARG A 40 -7.02 5.04 -1.11
CA ARG A 40 -8.07 5.85 -0.53
C ARG A 40 -7.89 7.30 -0.96
N LYS A 41 -8.83 8.13 -0.60
CA LYS A 41 -8.81 9.53 -0.95
C LYS A 41 -8.81 10.35 0.33
N ASP A 42 -8.12 11.46 0.31
CA ASP A 42 -8.06 12.39 1.43
C ASP A 42 -7.83 13.76 0.81
N GLY A 43 -7.81 14.80 1.62
CA GLY A 43 -7.56 16.14 1.16
C GLY A 43 -8.48 16.59 0.04
N LYS A 44 -7.91 17.27 -0.91
CA LYS A 44 -8.64 17.74 -2.05
C LYS A 44 -8.11 17.05 -3.29
N ASN A 45 -8.83 16.02 -3.75
CA ASN A 45 -8.46 15.24 -4.96
C ASN A 45 -7.10 14.59 -4.82
N ALA A 46 -6.75 14.28 -3.60
CA ALA A 46 -5.51 13.65 -3.29
C ALA A 46 -5.70 12.15 -3.22
N GLY A 47 -4.80 11.44 -3.83
CA GLY A 47 -4.84 10.01 -3.91
C GLY A 47 -3.88 9.42 -2.93
N ILE A 48 -4.35 8.59 -2.06
CA ILE A 48 -3.51 8.02 -1.03
C ILE A 48 -3.33 6.53 -1.21
N ILE A 49 -2.10 6.14 -1.38
CA ILE A 49 -1.74 4.77 -1.53
C ILE A 49 -1.07 4.33 -0.23
N GLU A 50 -1.74 3.53 0.54
CA GLU A 50 -1.17 3.06 1.76
C GLU A 50 -0.51 1.71 1.60
N LEU A 51 0.77 1.74 1.69
CA LEU A 51 1.63 0.60 1.47
C LEU A 51 1.93 -0.10 2.80
N ALA A 52 1.87 -1.39 2.79
CA ALA A 52 2.20 -2.17 3.94
C ALA A 52 3.33 -3.13 3.58
N ALA A 53 4.55 -2.77 3.90
CA ALA A 53 5.68 -3.60 3.63
C ALA A 53 6.11 -4.29 4.92
N LEU A 54 5.56 -5.45 5.14
CA LEU A 54 5.80 -6.18 6.36
C LEU A 54 7.13 -6.88 6.33
N GLY A 55 8.01 -6.43 7.16
CA GLY A 55 9.31 -6.99 7.24
C GLY A 55 10.34 -6.02 6.72
N PHE A 56 9.90 -4.83 6.38
CA PHE A 56 10.79 -3.83 5.88
C PHE A 56 10.91 -2.72 6.88
N ALA A 57 12.05 -2.64 7.49
CA ALA A 57 12.32 -1.61 8.43
C ALA A 57 13.24 -0.61 7.77
N GLY A 58 12.67 0.47 7.34
CA GLY A 58 13.41 1.51 6.70
C GLY A 58 12.49 2.35 5.89
N GLN A 59 12.87 2.63 4.67
CA GLN A 59 12.05 3.36 3.76
C GLN A 59 12.41 3.00 2.31
N PRO A 60 11.38 2.71 1.48
CA PRO A 60 11.58 2.34 0.08
C PRO A 60 12.22 3.42 -0.76
N ASP A 61 12.56 3.08 -1.96
CA ASP A 61 13.16 3.99 -2.90
C ASP A 61 12.09 4.55 -3.79
N ILE A 62 11.72 5.78 -3.59
CA ILE A 62 10.69 6.38 -4.40
C ILE A 62 11.30 7.23 -5.50
N SER A 63 11.04 6.84 -6.71
CA SER A 63 11.46 7.56 -7.87
C SER A 63 10.23 8.31 -8.39
N GLN A 64 10.28 9.63 -8.39
CA GLN A 64 9.15 10.43 -8.80
C GLN A 64 9.20 10.78 -10.27
N GLN A 65 8.32 10.18 -11.00
CA GLN A 65 8.12 10.45 -12.39
C GLN A 65 6.64 10.80 -12.55
N HIS A 66 6.30 11.63 -13.49
CA HIS A 66 4.92 12.08 -13.61
C HIS A 66 3.98 11.11 -14.22
N ASP A 67 4.46 10.25 -15.08
CA ASP A 67 3.57 9.28 -15.70
C ASP A 67 3.32 8.11 -14.74
N HIS A 68 4.26 7.90 -13.82
CA HIS A 68 4.09 6.92 -12.76
C HIS A 68 5.20 7.02 -11.75
N ILE A 69 4.96 6.51 -10.58
CA ILE A 69 5.89 6.56 -9.49
C ILE A 69 6.45 5.16 -9.37
N ILE A 70 7.70 5.06 -9.07
CA ILE A 70 8.34 3.78 -8.93
C ILE A 70 8.92 3.69 -7.54
N VAL A 71 8.41 2.82 -6.77
CA VAL A 71 8.91 2.63 -5.44
C VAL A 71 9.58 1.27 -5.38
N THR A 72 10.72 1.19 -4.80
CA THR A 72 11.39 -0.09 -4.70
C THR A 72 11.82 -0.35 -3.27
N LEU A 73 11.40 -1.47 -2.76
CA LEU A 73 11.79 -1.91 -1.47
C LEU A 73 12.88 -2.87 -1.68
N LYS A 74 14.05 -2.42 -1.53
CA LYS A 74 15.19 -3.24 -1.73
C LYS A 74 15.36 -4.23 -0.65
N ASN A 75 15.56 -5.49 -1.07
CA ASN A 75 15.74 -6.63 -0.16
C ASN A 75 14.38 -7.02 0.47
N HIS A 76 13.31 -6.68 -0.22
CA HIS A 76 11.99 -7.03 0.25
C HIS A 76 11.33 -7.96 -0.74
N THR A 77 11.03 -9.14 -0.32
CA THR A 77 10.41 -10.10 -1.17
C THR A 77 8.88 -9.97 -1.13
N LEU A 78 8.29 -9.93 -2.29
CA LEU A 78 6.87 -9.87 -2.44
C LEU A 78 6.37 -11.11 -3.15
N PRO A 79 5.43 -11.82 -2.55
CA PRO A 79 4.74 -12.92 -3.20
C PRO A 79 3.82 -12.44 -4.33
N THR A 80 3.53 -13.34 -5.26
CA THR A 80 2.68 -13.05 -6.40
C THR A 80 1.24 -12.73 -5.96
N THR A 81 0.83 -13.34 -4.88
CA THR A 81 -0.51 -13.25 -4.34
C THR A 81 -0.87 -11.82 -3.89
N LEU A 82 0.13 -11.03 -3.58
CA LEU A 82 -0.14 -9.69 -3.07
C LEU A 82 -0.09 -8.67 -4.16
N GLN A 83 0.36 -9.09 -5.30
CA GLN A 83 0.43 -8.25 -6.45
C GLN A 83 -0.96 -8.01 -7.00
N ARG A 84 -1.40 -6.82 -6.89
CA ARG A 84 -2.68 -6.44 -7.41
C ARG A 84 -2.58 -5.05 -7.99
N SER A 85 -3.37 -4.79 -8.97
CA SER A 85 -3.39 -3.51 -9.59
C SER A 85 -4.76 -2.88 -9.44
N LEU A 86 -4.80 -1.82 -8.70
CA LEU A 86 -6.03 -1.13 -8.42
C LEU A 86 -6.32 -0.16 -9.52
N ASP A 87 -7.36 -0.41 -10.26
CA ASP A 87 -7.81 0.50 -11.27
C ASP A 87 -8.60 1.59 -10.62
N VAL A 88 -7.91 2.61 -10.28
CA VAL A 88 -8.46 3.70 -9.51
C VAL A 88 -8.60 4.95 -10.33
N ALA A 89 -8.72 4.76 -11.62
CA ALA A 89 -8.97 5.87 -12.47
C ALA A 89 -10.39 6.35 -12.23
N ASP A 90 -10.61 7.63 -12.45
CA ASP A 90 -11.92 8.30 -12.22
C ASP A 90 -12.20 8.46 -10.71
N PHE A 91 -11.15 8.31 -9.92
CA PHE A 91 -11.22 8.58 -8.50
C PHE A 91 -10.98 10.04 -8.24
N LYS A 92 -10.75 10.79 -9.31
CA LYS A 92 -10.51 12.22 -9.25
C LYS A 92 -9.28 12.56 -8.49
N THR A 93 -8.21 12.07 -9.00
CA THR A 93 -6.92 12.32 -8.49
C THR A 93 -5.90 11.92 -9.52
N PRO A 94 -4.75 12.63 -9.53
CA PRO A 94 -3.59 12.33 -10.38
C PRO A 94 -3.23 10.84 -10.45
N VAL A 95 -3.40 10.13 -9.34
CA VAL A 95 -3.14 8.70 -9.31
C VAL A 95 -4.25 7.92 -10.00
N GLN A 96 -3.86 7.24 -11.04
CA GLN A 96 -4.77 6.57 -11.93
C GLN A 96 -4.81 5.07 -11.66
N LYS A 97 -3.69 4.50 -11.35
CA LYS A 97 -3.63 3.06 -11.11
C LYS A 97 -2.52 2.71 -10.14
N VAL A 98 -2.79 1.79 -9.25
CA VAL A 98 -1.79 1.31 -8.34
C VAL A 98 -1.43 -0.10 -8.71
N THR A 99 -0.27 -0.28 -9.21
CA THR A 99 0.20 -1.57 -9.60
C THR A 99 1.32 -2.03 -8.68
N LEU A 100 1.08 -3.08 -7.93
CA LEU A 100 2.12 -3.62 -7.09
C LEU A 100 2.78 -4.76 -7.84
N LYS A 101 4.06 -4.62 -8.09
CA LYS A 101 4.76 -5.60 -8.87
C LYS A 101 5.92 -6.17 -8.07
N ARG A 102 6.08 -7.46 -8.13
CA ARG A 102 7.20 -8.08 -7.47
C ARG A 102 8.41 -7.92 -8.37
N LEU A 103 9.53 -7.63 -7.80
CA LEU A 103 10.73 -7.51 -8.57
C LEU A 103 11.64 -8.69 -8.15
N ASN A 104 12.85 -8.81 -8.70
CA ASN A 104 13.73 -9.94 -8.39
C ASN A 104 13.95 -10.14 -6.90
N ASN A 105 14.64 -9.21 -6.27
CA ASN A 105 14.90 -9.31 -4.81
C ASN A 105 14.10 -8.26 -4.07
N ASP A 106 13.43 -7.44 -4.83
CA ASP A 106 12.82 -6.24 -4.29
C ASP A 106 11.34 -6.23 -4.59
N THR A 107 10.68 -5.27 -4.04
CA THR A 107 9.28 -5.04 -4.30
C THR A 107 9.18 -3.71 -4.99
N GLN A 108 8.45 -3.65 -6.08
CA GLN A 108 8.36 -2.42 -6.83
C GLN A 108 6.92 -1.97 -6.87
N LEU A 109 6.68 -0.78 -6.44
CA LEU A 109 5.37 -0.26 -6.46
C LEU A 109 5.25 0.78 -7.54
N ILE A 110 4.34 0.55 -8.43
CA ILE A 110 4.14 1.40 -9.56
C ILE A 110 2.83 2.13 -9.40
N ILE A 111 2.90 3.38 -9.17
CA ILE A 111 1.73 4.18 -9.01
C ILE A 111 1.59 5.01 -10.26
N THR A 112 0.64 4.69 -11.08
CA THR A 112 0.47 5.36 -12.34
C THR A 112 -0.25 6.69 -12.11
N THR A 113 0.28 7.74 -12.67
CA THR A 113 -0.24 9.07 -12.47
C THR A 113 -0.30 9.83 -13.81
N ALA A 114 -0.85 11.03 -13.76
CA ALA A 114 -0.94 11.88 -14.94
C ALA A 114 -1.15 13.33 -14.51
N GLY A 115 -0.53 14.25 -15.21
CA GLY A 115 -0.71 15.66 -14.96
C GLY A 115 0.25 16.22 -13.94
N ASN A 116 -0.06 17.37 -13.41
CA ASN A 116 0.76 17.99 -12.40
C ASN A 116 0.26 17.55 -11.08
N TRP A 117 1.12 17.01 -10.30
CA TRP A 117 0.75 16.50 -9.03
C TRP A 117 1.93 16.62 -8.08
N GLU A 118 1.70 16.37 -6.81
CA GLU A 118 2.71 16.53 -5.79
C GLU A 118 2.78 15.24 -4.97
N LEU A 119 3.95 14.70 -4.76
CA LEU A 119 4.05 13.46 -4.02
C LEU A 119 4.57 13.73 -2.63
N VAL A 120 3.98 13.10 -1.67
CA VAL A 120 4.48 13.15 -0.34
C VAL A 120 4.42 11.77 0.24
N ASN A 121 5.50 11.29 0.75
CA ASN A 121 5.51 9.98 1.28
C ASN A 121 5.66 10.02 2.77
N LYS A 122 5.03 9.09 3.44
CA LYS A 122 5.03 9.03 4.88
C LYS A 122 5.14 7.60 5.33
N SER A 123 5.59 7.42 6.54
CA SER A 123 5.57 6.16 7.18
C SER A 123 4.64 6.28 8.37
N ALA A 124 3.69 5.38 8.46
CA ALA A 124 2.73 5.42 9.55
C ALA A 124 3.34 4.73 10.76
N ALA A 125 3.95 3.62 10.50
CA ALA A 125 4.61 2.78 11.47
C ALA A 125 5.70 2.07 10.71
N PRO A 126 6.71 1.50 11.38
CA PRO A 126 7.83 0.83 10.68
C PRO A 126 7.35 -0.35 9.82
N GLY A 127 7.23 -0.10 8.54
CA GLY A 127 6.75 -1.10 7.61
C GLY A 127 5.52 -0.60 6.89
N TYR A 128 4.79 0.24 7.55
CA TYR A 128 3.59 0.82 7.00
C TYR A 128 3.91 2.18 6.39
N PHE A 129 3.62 2.30 5.14
CA PHE A 129 3.92 3.49 4.40
C PHE A 129 2.65 4.09 3.81
N THR A 130 2.79 5.25 3.30
CA THR A 130 1.70 6.02 2.77
C THR A 130 2.23 6.96 1.68
N PHE A 131 1.62 6.93 0.54
CA PHE A 131 1.97 7.83 -0.52
C PHE A 131 0.77 8.69 -0.81
N GLN A 132 0.86 9.94 -0.46
CA GLN A 132 -0.21 10.87 -0.70
C GLN A 132 0.15 11.67 -1.93
N VAL A 133 -0.60 11.51 -2.97
CA VAL A 133 -0.36 12.27 -4.17
C VAL A 133 -1.40 13.41 -4.20
N LEU A 134 -0.93 14.63 -4.07
CA LEU A 134 -1.82 15.76 -4.16
C LEU A 134 -1.86 16.21 -5.60
N PRO A 135 -2.95 16.81 -6.05
CA PRO A 135 -3.00 17.38 -7.37
C PRO A 135 -2.36 18.76 -7.36
N LYS A 136 -1.52 19.03 -8.31
CA LYS A 136 -0.97 20.34 -8.39
C LYS A 136 -1.88 21.07 -9.31
N LYS A 137 -2.77 21.84 -8.75
CA LYS A 137 -3.80 22.39 -9.55
C LYS A 137 -3.40 23.61 -10.33
N GLN A 138 -3.18 23.34 -11.54
CA GLN A 138 -2.97 24.28 -12.56
C GLN A 138 -3.54 23.65 -13.80
N MET A 1 6.78 -15.23 -57.49
CA MET A 1 6.03 -13.98 -57.69
C MET A 1 5.02 -13.77 -56.59
N GLY A 2 4.68 -14.84 -55.85
CA GLY A 2 3.78 -14.70 -54.72
C GLY A 2 4.50 -14.02 -53.59
N SER A 3 4.28 -12.71 -53.46
CA SER A 3 5.01 -11.83 -52.57
C SER A 3 6.42 -11.60 -53.12
N SER A 4 7.11 -10.63 -52.59
CA SER A 4 8.45 -10.37 -53.02
C SER A 4 9.42 -11.19 -52.17
N HIS A 5 8.85 -12.05 -51.32
CA HIS A 5 9.59 -12.94 -50.43
C HIS A 5 10.22 -12.16 -49.29
N HIS A 6 9.50 -12.03 -48.22
CA HIS A 6 9.96 -11.31 -47.05
C HIS A 6 10.60 -12.25 -46.05
N HIS A 7 11.84 -12.04 -45.79
CA HIS A 7 12.57 -12.86 -44.87
C HIS A 7 13.50 -11.96 -44.10
N HIS A 8 13.35 -11.90 -42.81
CA HIS A 8 14.21 -11.06 -42.02
C HIS A 8 15.39 -11.84 -41.50
N HIS A 9 16.57 -11.44 -41.90
CA HIS A 9 17.78 -12.08 -41.42
C HIS A 9 18.13 -11.47 -40.07
N HIS A 10 17.55 -10.31 -39.81
CA HIS A 10 17.70 -9.60 -38.56
C HIS A 10 16.36 -9.58 -37.87
N GLY A 11 16.27 -10.19 -36.73
CA GLY A 11 15.03 -10.12 -35.99
C GLY A 11 14.42 -11.47 -35.73
N LEU A 12 15.24 -12.45 -35.43
CA LEU A 12 14.74 -13.76 -35.10
C LEU A 12 14.29 -13.73 -33.64
N VAL A 13 13.02 -13.57 -33.44
CA VAL A 13 12.47 -13.49 -32.12
C VAL A 13 11.67 -14.76 -31.75
N PRO A 14 12.23 -15.62 -30.89
CA PRO A 14 11.56 -16.81 -30.45
C PRO A 14 10.74 -16.56 -29.16
N ARG A 15 10.39 -17.62 -28.47
CA ARG A 15 9.65 -17.52 -27.22
C ARG A 15 10.26 -18.42 -26.16
N GLY A 16 11.13 -17.84 -25.37
CA GLY A 16 11.80 -18.57 -24.34
C GLY A 16 11.91 -17.76 -23.09
N SER A 17 10.78 -17.44 -22.51
CA SER A 17 10.71 -16.71 -21.27
C SER A 17 9.54 -17.23 -20.44
N HIS A 18 9.69 -18.48 -19.98
CA HIS A 18 8.64 -19.11 -19.22
C HIS A 18 8.62 -18.58 -17.79
N MET A 19 7.84 -17.56 -17.59
CA MET A 19 7.67 -16.96 -16.30
C MET A 19 6.44 -17.53 -15.63
N ALA A 20 6.66 -18.34 -14.64
CA ALA A 20 5.59 -18.89 -13.85
C ALA A 20 5.43 -18.06 -12.61
N SER A 21 6.54 -17.45 -12.19
CA SER A 21 6.62 -16.58 -11.04
C SER A 21 6.10 -17.33 -9.80
N MET A 22 6.78 -18.40 -9.48
CA MET A 22 6.40 -19.22 -8.35
C MET A 22 7.24 -18.79 -7.17
N THR A 23 6.62 -18.10 -6.25
CA THR A 23 7.29 -17.65 -5.08
C THR A 23 7.28 -18.78 -4.04
N GLY A 24 8.44 -19.27 -3.71
CA GLY A 24 8.56 -20.34 -2.75
C GLY A 24 9.07 -19.81 -1.44
N GLY A 25 8.57 -18.66 -1.08
CA GLY A 25 8.95 -18.03 0.13
C GLY A 25 7.74 -17.57 0.85
N GLN A 26 7.48 -18.13 1.99
CA GLN A 26 6.32 -17.79 2.76
C GLN A 26 6.59 -16.61 3.66
N GLN A 27 6.50 -15.45 3.09
CA GLN A 27 6.66 -14.22 3.80
C GLN A 27 5.69 -13.19 3.27
N MET A 28 4.50 -13.22 3.78
CA MET A 28 3.51 -12.25 3.39
C MET A 28 3.72 -11.00 4.21
N GLY A 29 4.17 -11.20 5.42
CA GLY A 29 4.39 -10.13 6.33
C GLY A 29 4.41 -10.68 7.71
N ARG A 30 4.13 -9.85 8.68
CA ARG A 30 4.08 -10.27 10.06
C ARG A 30 3.21 -9.28 10.81
N GLY A 31 2.36 -9.78 11.67
CA GLY A 31 1.52 -8.93 12.48
C GLY A 31 0.38 -8.29 11.73
N SER A 32 0.70 -7.30 10.92
CA SER A 32 -0.27 -6.53 10.19
C SER A 32 -0.64 -7.21 8.90
N LYS A 33 -1.36 -6.50 8.07
CA LYS A 33 -1.93 -7.08 6.90
C LYS A 33 -0.98 -7.13 5.73
N GLN A 34 -0.12 -8.15 5.71
CA GLN A 34 0.80 -8.51 4.60
C GLN A 34 1.55 -7.32 3.97
N THR A 35 2.30 -7.60 2.96
CA THR A 35 2.81 -6.57 2.13
C THR A 35 1.62 -6.12 1.29
N ASN A 36 1.17 -4.95 1.55
CA ASN A 36 -0.10 -4.53 1.05
C ASN A 36 -0.04 -3.11 0.58
N ILE A 37 -0.88 -2.83 -0.35
CA ILE A 37 -1.00 -1.55 -0.95
C ILE A 37 -2.47 -1.21 -1.03
N ASP A 38 -2.81 0.02 -0.86
CA ASP A 38 -4.20 0.42 -0.75
C ASP A 38 -4.38 1.77 -1.40
N PHE A 39 -5.58 2.08 -1.80
CA PHE A 39 -5.85 3.35 -2.43
C PHE A 39 -7.14 3.92 -1.88
N ARG A 40 -7.12 5.20 -1.56
CA ARG A 40 -8.28 5.89 -1.10
C ARG A 40 -8.11 7.37 -1.37
N LYS A 41 -9.11 8.16 -1.11
CA LYS A 41 -9.03 9.59 -1.31
C LYS A 41 -9.22 10.33 -0.02
N ASP A 42 -8.66 11.50 0.04
CA ASP A 42 -8.74 12.35 1.22
C ASP A 42 -8.56 13.79 0.79
N GLY A 43 -9.22 14.71 1.49
CA GLY A 43 -9.05 16.12 1.26
C GLY A 43 -9.61 16.61 -0.05
N LYS A 44 -8.73 16.95 -0.96
CA LYS A 44 -9.13 17.48 -2.23
C LYS A 44 -8.57 16.68 -3.41
N ASN A 45 -9.27 15.60 -3.74
CA ASN A 45 -8.93 14.72 -4.89
C ASN A 45 -7.57 14.09 -4.80
N ALA A 46 -7.07 13.96 -3.61
CA ALA A 46 -5.79 13.35 -3.40
C ALA A 46 -5.92 11.84 -3.44
N GLY A 47 -4.95 11.21 -4.05
CA GLY A 47 -4.92 9.78 -4.15
C GLY A 47 -3.98 9.23 -3.10
N ILE A 48 -4.51 8.60 -2.11
CA ILE A 48 -3.70 8.09 -1.02
C ILE A 48 -3.43 6.63 -1.22
N ILE A 49 -2.19 6.32 -1.41
CA ILE A 49 -1.76 4.98 -1.53
C ILE A 49 -1.13 4.56 -0.24
N GLU A 50 -1.77 3.69 0.45
CA GLU A 50 -1.17 3.18 1.63
C GLU A 50 -0.33 1.99 1.30
N LEU A 51 0.73 1.89 1.99
CA LEU A 51 1.69 0.87 1.80
C LEU A 51 2.06 0.24 3.14
N ALA A 52 1.80 -1.00 3.22
CA ALA A 52 2.12 -1.77 4.37
C ALA A 52 3.17 -2.78 3.95
N ALA A 53 4.38 -2.56 4.35
CA ALA A 53 5.46 -3.45 4.02
C ALA A 53 5.90 -4.11 5.29
N LEU A 54 5.30 -5.21 5.56
CA LEU A 54 5.58 -5.91 6.77
C LEU A 54 6.82 -6.75 6.65
N GLY A 55 7.78 -6.42 7.47
CA GLY A 55 9.02 -7.13 7.51
C GLY A 55 10.12 -6.35 6.84
N PHE A 56 9.88 -5.07 6.62
CA PHE A 56 10.84 -4.23 5.97
C PHE A 56 11.32 -3.16 6.93
N ALA A 57 12.58 -3.21 7.24
CA ALA A 57 13.19 -2.25 8.09
C ALA A 57 14.05 -1.32 7.27
N GLY A 58 13.49 -0.22 6.89
CA GLY A 58 14.18 0.76 6.12
C GLY A 58 13.19 1.63 5.42
N GLN A 59 13.63 2.32 4.42
CA GLN A 59 12.77 3.17 3.62
C GLN A 59 12.80 2.62 2.20
N PRO A 60 11.67 2.60 1.48
CA PRO A 60 11.66 2.18 0.12
C PRO A 60 12.30 3.23 -0.77
N ASP A 61 12.61 2.86 -1.94
CA ASP A 61 13.17 3.75 -2.92
C ASP A 61 12.04 4.40 -3.65
N ILE A 62 11.78 5.64 -3.39
CA ILE A 62 10.77 6.31 -4.14
C ILE A 62 11.39 7.08 -5.28
N SER A 63 11.17 6.60 -6.43
CA SER A 63 11.60 7.16 -7.66
C SER A 63 10.43 7.94 -8.29
N GLN A 64 10.59 9.24 -8.44
CA GLN A 64 9.52 10.08 -8.94
C GLN A 64 9.65 10.40 -10.42
N GLN A 65 8.63 10.09 -11.17
CA GLN A 65 8.51 10.48 -12.55
C GLN A 65 7.20 11.26 -12.62
N HIS A 66 6.92 11.90 -13.74
CA HIS A 66 5.64 12.61 -13.87
C HIS A 66 4.50 11.63 -14.12
N ASP A 67 4.76 10.64 -14.96
CA ASP A 67 3.73 9.70 -15.41
C ASP A 67 3.46 8.61 -14.40
N HIS A 68 4.41 8.30 -13.55
CA HIS A 68 4.19 7.30 -12.52
C HIS A 68 5.26 7.37 -11.46
N ILE A 69 4.98 6.78 -10.35
CA ILE A 69 5.91 6.71 -9.25
C ILE A 69 6.42 5.30 -9.20
N ILE A 70 7.67 5.15 -8.91
CA ILE A 70 8.28 3.85 -8.78
C ILE A 70 8.79 3.72 -7.37
N VAL A 71 8.27 2.80 -6.62
CA VAL A 71 8.80 2.60 -5.29
C VAL A 71 9.44 1.24 -5.22
N THR A 72 10.51 1.10 -4.52
CA THR A 72 11.15 -0.19 -4.42
C THR A 72 11.57 -0.50 -3.00
N LEU A 73 11.10 -1.60 -2.51
CA LEU A 73 11.50 -2.07 -1.23
C LEU A 73 12.56 -3.05 -1.49
N LYS A 74 13.75 -2.62 -1.32
CA LYS A 74 14.87 -3.40 -1.65
C LYS A 74 15.04 -4.59 -0.76
N ASN A 75 15.13 -5.74 -1.41
CA ASN A 75 15.33 -7.05 -0.79
C ASN A 75 14.01 -7.60 -0.19
N HIS A 76 12.92 -6.87 -0.38
CA HIS A 76 11.63 -7.33 0.10
C HIS A 76 11.03 -8.25 -0.95
N THR A 77 11.22 -9.52 -0.80
CA THR A 77 10.69 -10.48 -1.72
C THR A 77 9.16 -10.63 -1.56
N LEU A 78 8.45 -10.13 -2.55
CA LEU A 78 7.01 -10.15 -2.55
C LEU A 78 6.46 -11.35 -3.32
N PRO A 79 5.56 -12.09 -2.70
CA PRO A 79 4.80 -13.14 -3.37
C PRO A 79 3.75 -12.55 -4.34
N THR A 80 3.38 -13.33 -5.33
CA THR A 80 2.44 -12.92 -6.36
C THR A 80 1.02 -12.73 -5.82
N THR A 81 0.69 -13.48 -4.78
CA THR A 81 -0.62 -13.45 -4.15
C THR A 81 -0.91 -12.06 -3.54
N LEU A 82 0.13 -11.32 -3.27
CA LEU A 82 0.01 -10.06 -2.61
C LEU A 82 0.01 -8.94 -3.63
N GLN A 83 0.28 -9.30 -4.87
CA GLN A 83 0.28 -8.35 -5.95
C GLN A 83 -1.14 -8.06 -6.36
N ARG A 84 -1.42 -6.81 -6.59
CA ARG A 84 -2.71 -6.39 -7.06
C ARG A 84 -2.58 -5.02 -7.64
N SER A 85 -3.58 -4.62 -8.36
CA SER A 85 -3.59 -3.35 -8.99
C SER A 85 -4.95 -2.68 -8.77
N LEU A 86 -4.90 -1.42 -8.49
CA LEU A 86 -6.07 -0.62 -8.27
C LEU A 86 -6.40 0.04 -9.57
N ASP A 87 -7.37 -0.48 -10.26
CA ASP A 87 -7.79 0.06 -11.53
C ASP A 87 -8.77 1.21 -11.30
N VAL A 88 -8.30 2.18 -10.54
CA VAL A 88 -9.06 3.32 -10.08
C VAL A 88 -9.16 4.41 -11.12
N ALA A 89 -9.71 4.08 -12.22
CA ALA A 89 -9.84 4.98 -13.30
C ALA A 89 -10.93 5.99 -13.02
N ASP A 90 -10.54 7.24 -13.03
CA ASP A 90 -11.41 8.37 -12.80
C ASP A 90 -12.13 8.38 -11.48
N PHE A 91 -11.35 8.22 -10.43
CA PHE A 91 -11.79 8.50 -9.07
C PHE A 91 -11.57 9.97 -8.83
N LYS A 92 -11.00 10.58 -9.87
CA LYS A 92 -10.68 11.98 -9.94
C LYS A 92 -9.59 12.28 -8.99
N THR A 93 -8.49 11.66 -9.20
CA THR A 93 -7.33 11.84 -8.40
C THR A 93 -6.20 11.87 -9.40
N PRO A 94 -5.00 12.32 -9.06
CA PRO A 94 -3.88 12.30 -9.99
C PRO A 94 -3.42 10.87 -10.28
N VAL A 95 -3.85 9.95 -9.45
CA VAL A 95 -3.50 8.55 -9.60
C VAL A 95 -4.46 7.91 -10.58
N GLN A 96 -3.91 7.23 -11.54
CA GLN A 96 -4.69 6.57 -12.55
C GLN A 96 -4.87 5.11 -12.18
N LYS A 97 -3.81 4.53 -11.64
CA LYS A 97 -3.80 3.13 -11.28
C LYS A 97 -2.68 2.88 -10.28
N VAL A 98 -2.93 2.06 -9.31
CA VAL A 98 -1.89 1.64 -8.39
C VAL A 98 -1.52 0.23 -8.77
N THR A 99 -0.28 -0.03 -9.01
CA THR A 99 0.14 -1.33 -9.43
C THR A 99 1.30 -1.84 -8.54
N LEU A 100 1.10 -2.99 -7.92
CA LEU A 100 2.13 -3.59 -7.09
C LEU A 100 2.78 -4.73 -7.84
N LYS A 101 4.00 -4.51 -8.26
CA LYS A 101 4.70 -5.48 -9.03
C LYS A 101 5.85 -6.04 -8.22
N ARG A 102 5.90 -7.36 -8.10
CA ARG A 102 7.02 -7.99 -7.46
C ARG A 102 8.22 -7.80 -8.37
N LEU A 103 9.32 -7.50 -7.81
CA LEU A 103 10.48 -7.20 -8.57
C LEU A 103 11.52 -8.24 -8.23
N ASN A 104 12.54 -8.34 -9.09
CA ASN A 104 13.73 -9.24 -8.99
C ASN A 104 13.91 -9.83 -7.58
N ASN A 105 14.30 -8.98 -6.64
CA ASN A 105 14.43 -9.39 -5.22
C ASN A 105 13.60 -8.45 -4.36
N ASP A 106 13.00 -7.49 -5.00
CA ASP A 106 12.42 -6.33 -4.34
C ASP A 106 10.93 -6.25 -4.57
N THR A 107 10.32 -5.27 -3.99
CA THR A 107 8.92 -4.98 -4.21
C THR A 107 8.85 -3.62 -4.90
N GLN A 108 8.20 -3.54 -6.04
CA GLN A 108 8.14 -2.31 -6.79
C GLN A 108 6.72 -1.78 -6.86
N LEU A 109 6.56 -0.52 -6.53
CA LEU A 109 5.31 0.12 -6.72
C LEU A 109 5.32 0.94 -7.92
N ILE A 110 4.32 0.77 -8.66
CA ILE A 110 4.10 1.58 -9.80
C ILE A 110 2.80 2.30 -9.59
N ILE A 111 2.89 3.56 -9.34
CA ILE A 111 1.71 4.35 -9.12
C ILE A 111 1.56 5.24 -10.31
N THR A 112 0.63 4.93 -11.15
CA THR A 112 0.46 5.62 -12.39
C THR A 112 -0.25 6.95 -12.14
N THR A 113 0.29 8.03 -12.63
CA THR A 113 -0.25 9.33 -12.36
C THR A 113 -0.43 10.19 -13.62
N ALA A 114 -1.37 11.10 -13.55
CA ALA A 114 -1.70 11.99 -14.62
C ALA A 114 -1.77 13.42 -14.10
N GLY A 115 -1.40 14.34 -14.96
CA GLY A 115 -1.48 15.74 -14.65
C GLY A 115 -0.39 16.20 -13.71
N ASN A 116 -0.61 17.32 -13.05
CA ASN A 116 0.35 17.85 -12.10
C ASN A 116 -0.06 17.37 -10.74
N TRP A 117 0.87 16.86 -10.00
CA TRP A 117 0.57 16.28 -8.72
C TRP A 117 1.73 16.47 -7.74
N GLU A 118 1.47 16.21 -6.46
CA GLU A 118 2.46 16.37 -5.41
C GLU A 118 2.51 15.09 -4.58
N LEU A 119 3.68 14.55 -4.39
CA LEU A 119 3.83 13.35 -3.63
C LEU A 119 4.22 13.73 -2.22
N VAL A 120 3.49 13.27 -1.25
CA VAL A 120 3.91 13.39 0.12
C VAL A 120 3.81 12.06 0.79
N ASN A 121 4.93 11.51 1.14
CA ASN A 121 4.92 10.21 1.72
C ASN A 121 5.13 10.29 3.16
N LYS A 122 4.46 9.45 3.84
CA LYS A 122 4.57 9.47 5.21
C LYS A 122 5.08 8.12 5.68
N SER A 123 6.18 8.12 6.36
CA SER A 123 6.68 6.92 6.96
C SER A 123 6.20 6.92 8.41
N ALA A 124 5.24 6.09 8.69
CA ALA A 124 4.64 6.06 10.01
C ALA A 124 5.44 5.19 10.95
N ALA A 125 6.03 4.16 10.40
CA ALA A 125 6.79 3.19 11.16
C ALA A 125 7.58 2.39 10.17
N PRO A 126 8.61 1.64 10.60
CA PRO A 126 9.40 0.81 9.69
C PRO A 126 8.53 -0.27 9.04
N GLY A 127 8.05 0.04 7.85
CA GLY A 127 7.19 -0.84 7.15
C GLY A 127 5.89 -0.16 6.77
N TYR A 128 5.53 0.86 7.49
CA TYR A 128 4.29 1.56 7.22
C TYR A 128 4.55 2.83 6.48
N PHE A 129 4.05 2.88 5.28
CA PHE A 129 4.24 4.01 4.42
C PHE A 129 2.90 4.45 3.84
N THR A 130 2.85 5.65 3.42
CA THR A 130 1.63 6.25 2.92
C THR A 130 1.94 7.35 1.89
N PHE A 131 1.62 7.13 0.66
CA PHE A 131 1.89 8.09 -0.37
C PHE A 131 0.63 8.90 -0.63
N GLN A 132 0.61 10.12 -0.17
CA GLN A 132 -0.52 10.99 -0.38
C GLN A 132 -0.24 11.76 -1.65
N VAL A 133 -0.85 11.33 -2.72
CA VAL A 133 -0.68 11.94 -4.01
C VAL A 133 -1.68 13.07 -4.17
N LEU A 134 -1.22 14.25 -3.94
CA LEU A 134 -2.04 15.43 -4.01
C LEU A 134 -2.02 15.97 -5.43
N PRO A 135 -3.06 16.66 -5.87
CA PRO A 135 -3.04 17.32 -7.16
C PRO A 135 -2.32 18.67 -7.04
N LYS A 136 -1.49 19.00 -7.99
CA LYS A 136 -0.73 20.23 -7.91
C LYS A 136 -1.41 21.32 -8.67
N LYS A 137 -1.79 22.35 -7.98
CA LYS A 137 -2.37 23.47 -8.63
C LYS A 137 -1.56 24.72 -8.34
N GLN A 138 -1.13 25.37 -9.37
CA GLN A 138 -0.40 26.58 -9.27
C GLN A 138 -1.19 27.67 -9.95
N MET A 1 31.54 -31.37 5.75
CA MET A 1 30.37 -32.23 5.82
C MET A 1 29.67 -32.00 7.13
N GLY A 2 28.49 -32.56 7.26
CA GLY A 2 27.73 -32.42 8.45
C GLY A 2 26.36 -31.90 8.13
N SER A 3 25.35 -32.63 8.49
CA SER A 3 24.00 -32.23 8.18
C SER A 3 23.06 -32.58 9.30
N SER A 4 22.08 -31.77 9.49
CA SER A 4 20.99 -32.07 10.35
C SER A 4 19.81 -32.37 9.43
N HIS A 5 19.84 -33.59 8.88
CA HIS A 5 18.88 -34.06 7.84
C HIS A 5 17.41 -33.85 8.19
N HIS A 6 17.09 -33.78 9.44
CA HIS A 6 15.73 -33.56 9.82
C HIS A 6 15.66 -32.34 10.71
N HIS A 7 15.60 -31.19 10.08
CA HIS A 7 15.55 -29.93 10.81
C HIS A 7 14.37 -29.09 10.35
N HIS A 8 13.62 -29.62 9.39
CA HIS A 8 12.48 -28.94 8.75
C HIS A 8 12.94 -27.62 8.10
N HIS A 9 12.95 -26.53 8.86
CA HIS A 9 13.49 -25.26 8.36
C HIS A 9 14.06 -24.46 9.54
N HIS A 10 14.24 -25.12 10.67
CA HIS A 10 14.82 -24.45 11.81
C HIS A 10 16.31 -24.69 11.83
N GLY A 11 17.04 -23.71 11.37
CA GLY A 11 18.47 -23.80 11.33
C GLY A 11 19.03 -22.62 10.58
N LEU A 12 18.56 -21.45 10.94
CA LEU A 12 19.00 -20.22 10.31
C LEU A 12 18.83 -19.12 11.34
N VAL A 13 17.59 -18.84 11.72
CA VAL A 13 17.32 -17.87 12.77
C VAL A 13 17.15 -18.61 14.12
N PRO A 14 16.18 -19.55 14.26
CA PRO A 14 16.10 -20.38 15.45
C PRO A 14 17.19 -21.47 15.41
N ARG A 15 17.99 -21.52 16.44
CA ARG A 15 19.05 -22.49 16.56
C ARG A 15 18.98 -23.07 17.95
N GLY A 16 19.55 -22.34 18.91
CA GLY A 16 19.44 -22.75 20.28
C GLY A 16 18.18 -22.17 20.84
N SER A 17 17.90 -20.98 20.42
CA SER A 17 16.70 -20.31 20.74
C SER A 17 15.64 -20.80 19.75
N HIS A 18 14.45 -21.08 20.21
CA HIS A 18 13.45 -21.61 19.32
C HIS A 18 12.12 -20.93 19.54
N MET A 19 11.43 -20.63 18.48
CA MET A 19 10.12 -20.07 18.57
C MET A 19 9.11 -21.16 18.31
N ALA A 20 8.45 -21.59 19.36
CA ALA A 20 7.40 -22.57 19.22
C ALA A 20 6.14 -21.86 18.79
N SER A 21 5.12 -22.62 18.45
CA SER A 21 3.87 -22.11 17.89
C SER A 21 4.09 -21.63 16.47
N MET A 22 3.48 -22.30 15.53
CA MET A 22 3.59 -21.91 14.14
C MET A 22 2.68 -20.73 13.89
N THR A 23 1.67 -20.63 14.72
CA THR A 23 0.64 -19.64 14.65
C THR A 23 -0.10 -19.74 13.31
N GLY A 24 -0.97 -20.71 13.23
CA GLY A 24 -1.70 -20.96 12.03
C GLY A 24 -2.99 -20.21 12.04
N GLY A 25 -3.10 -19.26 11.18
CA GLY A 25 -4.28 -18.46 11.09
C GLY A 25 -4.32 -17.77 9.77
N GLN A 26 -5.50 -17.66 9.20
CA GLN A 26 -5.67 -17.03 7.93
C GLN A 26 -5.62 -15.51 8.06
N GLN A 27 -6.56 -14.95 8.81
CA GLN A 27 -6.62 -13.51 8.97
C GLN A 27 -6.50 -13.09 10.43
N MET A 28 -5.29 -13.13 10.93
CA MET A 28 -4.99 -12.64 12.29
C MET A 28 -4.70 -11.15 12.18
N GLY A 29 -4.57 -10.75 10.96
CA GLY A 29 -4.47 -9.40 10.56
C GLY A 29 -5.43 -9.25 9.42
N ARG A 30 -6.02 -8.11 9.26
CA ARG A 30 -7.03 -7.91 8.24
C ARG A 30 -6.41 -7.84 6.85
N GLY A 31 -5.18 -7.42 6.80
CA GLY A 31 -4.49 -7.32 5.54
C GLY A 31 -3.04 -6.98 5.75
N SER A 32 -2.79 -6.15 6.74
CA SER A 32 -1.45 -5.67 7.07
C SER A 32 -0.60 -6.72 7.81
N LYS A 33 -0.87 -7.98 7.54
CA LYS A 33 -0.10 -9.08 8.09
C LYS A 33 0.95 -9.54 7.07
N GLN A 34 0.89 -8.94 5.89
CA GLN A 34 1.79 -9.21 4.81
C GLN A 34 1.88 -7.94 3.97
N THR A 35 2.78 -7.92 3.02
CA THR A 35 3.01 -6.75 2.16
C THR A 35 1.74 -6.43 1.34
N ASN A 36 1.27 -5.22 1.41
CA ASN A 36 0.07 -4.85 0.68
C ASN A 36 0.05 -3.39 0.36
N ILE A 37 -0.94 -3.02 -0.41
CA ILE A 37 -1.15 -1.67 -0.87
C ILE A 37 -2.63 -1.33 -0.78
N ASP A 38 -2.95 -0.07 -0.71
CA ASP A 38 -4.33 0.35 -0.61
C ASP A 38 -4.50 1.70 -1.25
N PHE A 39 -5.69 2.05 -1.66
CA PHE A 39 -5.94 3.36 -2.22
C PHE A 39 -7.11 4.01 -1.50
N ARG A 40 -6.96 5.27 -1.20
CA ARG A 40 -8.02 6.05 -0.60
C ARG A 40 -7.82 7.50 -0.97
N LYS A 41 -8.83 8.29 -0.84
CA LYS A 41 -8.72 9.70 -1.13
C LYS A 41 -8.80 10.52 0.13
N ASP A 42 -8.28 11.71 0.07
CA ASP A 42 -8.26 12.64 1.19
C ASP A 42 -8.18 14.04 0.60
N GLY A 43 -8.38 15.06 1.42
CA GLY A 43 -8.28 16.44 0.98
C GLY A 43 -9.17 16.76 -0.19
N LYS A 44 -8.57 17.27 -1.25
CA LYS A 44 -9.29 17.56 -2.47
C LYS A 44 -8.66 16.83 -3.61
N ASN A 45 -9.28 15.72 -3.99
CA ASN A 45 -8.86 14.89 -5.14
C ASN A 45 -7.47 14.31 -4.99
N ALA A 46 -7.03 14.14 -3.75
CA ALA A 46 -5.73 13.58 -3.50
C ALA A 46 -5.79 12.06 -3.56
N GLY A 47 -4.78 11.47 -4.11
CA GLY A 47 -4.70 10.06 -4.24
C GLY A 47 -3.76 9.48 -3.22
N ILE A 48 -4.29 8.79 -2.25
CA ILE A 48 -3.49 8.24 -1.19
C ILE A 48 -3.31 6.77 -1.39
N ILE A 49 -2.09 6.38 -1.51
CA ILE A 49 -1.74 5.02 -1.62
C ILE A 49 -1.17 4.59 -0.29
N GLU A 50 -1.84 3.73 0.38
CA GLU A 50 -1.32 3.21 1.59
C GLU A 50 -0.50 1.98 1.25
N LEU A 51 0.56 1.82 1.95
CA LEU A 51 1.51 0.77 1.70
C LEU A 51 1.91 0.09 3.00
N ALA A 52 1.92 -1.21 2.98
CA ALA A 52 2.31 -2.00 4.11
C ALA A 52 3.39 -2.99 3.68
N ALA A 53 4.59 -2.79 4.14
CA ALA A 53 5.68 -3.68 3.82
C ALA A 53 6.17 -4.38 5.08
N LEU A 54 5.62 -5.52 5.34
CA LEU A 54 5.94 -6.26 6.54
C LEU A 54 7.18 -7.07 6.35
N GLY A 55 8.18 -6.72 7.10
CA GLY A 55 9.45 -7.39 7.03
C GLY A 55 10.50 -6.47 6.45
N PHE A 56 10.18 -5.20 6.39
CA PHE A 56 11.08 -4.22 5.88
C PHE A 56 11.45 -3.24 6.97
N ALA A 57 12.72 -3.10 7.22
CA ALA A 57 13.20 -2.19 8.20
C ALA A 57 13.84 -0.99 7.51
N GLY A 58 13.05 0.03 7.32
CA GLY A 58 13.53 1.25 6.74
C GLY A 58 12.50 1.87 5.86
N GLN A 59 12.92 2.71 4.94
CA GLN A 59 12.04 3.35 3.98
C GLN A 59 12.35 2.85 2.58
N PRO A 60 11.35 2.79 1.69
CA PRO A 60 11.52 2.33 0.32
C PRO A 60 12.23 3.37 -0.54
N ASP A 61 12.56 2.96 -1.72
CA ASP A 61 13.20 3.79 -2.71
C ASP A 61 12.14 4.34 -3.62
N ILE A 62 11.91 5.61 -3.57
CA ILE A 62 10.93 6.20 -4.41
C ILE A 62 11.60 6.97 -5.56
N SER A 63 11.18 6.68 -6.76
CA SER A 63 11.61 7.38 -7.92
C SER A 63 10.40 8.15 -8.43
N GLN A 64 10.54 9.45 -8.58
CA GLN A 64 9.42 10.29 -8.91
C GLN A 64 9.42 10.68 -10.38
N GLN A 65 8.59 10.06 -11.16
CA GLN A 65 8.38 10.45 -12.53
C GLN A 65 7.00 11.04 -12.60
N HIS A 66 6.73 11.84 -13.60
CA HIS A 66 5.44 12.51 -13.70
C HIS A 66 4.33 11.56 -14.10
N ASP A 67 4.64 10.61 -14.96
CA ASP A 67 3.62 9.67 -15.43
C ASP A 67 3.46 8.48 -14.50
N HIS A 68 4.43 8.25 -13.60
CA HIS A 68 4.30 7.18 -12.62
C HIS A 68 5.40 7.26 -11.57
N ILE A 69 5.12 6.70 -10.44
CA ILE A 69 6.03 6.65 -9.33
C ILE A 69 6.52 5.23 -9.23
N ILE A 70 7.77 5.07 -8.92
CA ILE A 70 8.35 3.77 -8.77
C ILE A 70 8.88 3.66 -7.39
N VAL A 71 8.35 2.79 -6.62
CA VAL A 71 8.83 2.57 -5.31
C VAL A 71 9.46 1.20 -5.25
N THR A 72 10.56 1.08 -4.59
CA THR A 72 11.18 -0.20 -4.46
C THR A 72 11.63 -0.43 -3.03
N LEU A 73 11.24 -1.55 -2.49
CA LEU A 73 11.63 -1.93 -1.18
C LEU A 73 12.77 -2.84 -1.35
N LYS A 74 13.93 -2.37 -1.05
CA LYS A 74 15.10 -3.11 -1.29
C LYS A 74 15.23 -4.30 -0.39
N ASN A 75 15.46 -5.39 -1.04
CA ASN A 75 15.67 -6.71 -0.44
C ASN A 75 14.39 -7.19 0.29
N HIS A 76 13.25 -6.70 -0.18
CA HIS A 76 11.97 -7.09 0.37
C HIS A 76 11.28 -8.00 -0.64
N THR A 77 11.12 -9.22 -0.28
CA THR A 77 10.49 -10.18 -1.14
C THR A 77 8.96 -10.05 -1.13
N LEU A 78 8.38 -9.89 -2.31
CA LEU A 78 6.97 -9.83 -2.46
C LEU A 78 6.46 -11.07 -3.18
N PRO A 79 5.52 -11.79 -2.59
CA PRO A 79 4.81 -12.87 -3.26
C PRO A 79 3.91 -12.34 -4.38
N THR A 80 3.75 -13.12 -5.41
CA THR A 80 2.95 -12.73 -6.57
C THR A 80 1.44 -12.71 -6.25
N THR A 81 1.06 -13.24 -5.12
CA THR A 81 -0.33 -13.26 -4.70
C THR A 81 -0.74 -11.89 -4.11
N LEU A 82 0.25 -11.14 -3.70
CA LEU A 82 0.02 -9.88 -3.03
C LEU A 82 0.11 -8.74 -4.01
N GLN A 83 0.65 -9.03 -5.18
CA GLN A 83 0.82 -8.04 -6.17
C GLN A 83 -0.51 -7.86 -6.94
N ARG A 84 -1.17 -6.77 -6.71
CA ARG A 84 -2.41 -6.50 -7.38
C ARG A 84 -2.38 -5.07 -7.85
N SER A 85 -3.39 -4.66 -8.55
CA SER A 85 -3.48 -3.33 -9.00
C SER A 85 -4.85 -2.76 -8.75
N LEU A 86 -4.85 -1.55 -8.32
CA LEU A 86 -6.04 -0.79 -8.14
C LEU A 86 -6.29 -0.18 -9.47
N ASP A 87 -7.42 -0.43 -10.07
CA ASP A 87 -7.69 0.12 -11.37
C ASP A 87 -7.80 1.62 -11.24
N VAL A 88 -8.49 2.03 -10.14
CA VAL A 88 -8.67 3.42 -9.64
C VAL A 88 -8.95 4.47 -10.77
N ALA A 89 -9.53 4.01 -11.84
CA ALA A 89 -9.90 4.85 -12.92
C ALA A 89 -11.23 5.50 -12.60
N ASP A 90 -11.31 6.79 -12.85
CA ASP A 90 -12.49 7.63 -12.62
C ASP A 90 -12.73 7.89 -11.14
N PHE A 91 -11.65 7.81 -10.39
CA PHE A 91 -11.63 8.14 -8.97
C PHE A 91 -11.35 9.62 -8.79
N LYS A 92 -11.03 10.28 -9.90
CA LYS A 92 -10.72 11.71 -9.96
C LYS A 92 -9.61 12.08 -9.01
N THR A 93 -8.46 11.49 -9.21
CA THR A 93 -7.32 11.78 -8.40
C THR A 93 -6.16 12.00 -9.39
N PRO A 94 -4.94 12.41 -8.96
CA PRO A 94 -3.80 12.55 -9.88
C PRO A 94 -3.19 11.17 -10.20
N VAL A 95 -3.71 10.16 -9.55
CA VAL A 95 -3.30 8.80 -9.74
C VAL A 95 -4.18 8.20 -10.81
N GLN A 96 -3.57 7.46 -11.66
CA GLN A 96 -4.24 6.83 -12.76
C GLN A 96 -4.53 5.39 -12.42
N LYS A 97 -3.55 4.71 -11.84
CA LYS A 97 -3.66 3.32 -11.49
C LYS A 97 -2.58 2.95 -10.48
N VAL A 98 -2.93 2.23 -9.44
CA VAL A 98 -1.93 1.77 -8.48
C VAL A 98 -1.58 0.34 -8.80
N THR A 99 -0.35 0.09 -9.09
CA THR A 99 0.04 -1.23 -9.49
C THR A 99 1.23 -1.75 -8.64
N LEU A 100 0.99 -2.79 -7.88
CA LEU A 100 2.05 -3.39 -7.10
C LEU A 100 2.64 -4.53 -7.92
N LYS A 101 3.95 -4.59 -7.98
CA LYS A 101 4.66 -5.54 -8.79
C LYS A 101 5.73 -6.22 -7.94
N ARG A 102 5.84 -7.54 -8.02
CA ARG A 102 6.93 -8.20 -7.34
C ARG A 102 8.17 -8.02 -8.21
N LEU A 103 9.28 -7.74 -7.62
CA LEU A 103 10.48 -7.58 -8.39
C LEU A 103 11.41 -8.74 -8.05
N ASN A 104 12.57 -8.79 -8.68
CA ASN A 104 13.56 -9.85 -8.51
C ASN A 104 13.86 -10.15 -7.04
N ASN A 105 14.41 -9.19 -6.34
CA ASN A 105 14.69 -9.36 -4.90
C ASN A 105 13.93 -8.35 -4.08
N ASP A 106 13.21 -7.48 -4.75
CA ASP A 106 12.60 -6.33 -4.13
C ASP A 106 11.12 -6.31 -4.40
N THR A 107 10.47 -5.33 -3.85
CA THR A 107 9.08 -5.08 -4.09
C THR A 107 9.00 -3.74 -4.80
N GLN A 108 8.32 -3.70 -5.92
CA GLN A 108 8.25 -2.49 -6.70
C GLN A 108 6.81 -2.00 -6.75
N LEU A 109 6.61 -0.77 -6.39
CA LEU A 109 5.31 -0.21 -6.45
C LEU A 109 5.23 0.83 -7.53
N ILE A 110 4.37 0.61 -8.46
CA ILE A 110 4.20 1.45 -9.60
C ILE A 110 2.91 2.23 -9.42
N ILE A 111 3.03 3.49 -9.20
CA ILE A 111 1.85 4.31 -9.05
C ILE A 111 1.74 5.17 -10.27
N THR A 112 0.81 4.90 -11.12
CA THR A 112 0.67 5.64 -12.34
C THR A 112 0.00 6.98 -12.02
N THR A 113 0.54 8.05 -12.55
CA THR A 113 0.06 9.39 -12.25
C THR A 113 -0.05 10.22 -13.53
N ALA A 114 -0.59 11.41 -13.41
CA ALA A 114 -0.73 12.31 -14.54
C ALA A 114 -0.83 13.74 -14.07
N GLY A 115 -0.29 14.64 -14.87
CA GLY A 115 -0.40 16.06 -14.61
C GLY A 115 0.61 16.56 -13.61
N ASN A 116 0.30 17.70 -13.03
CA ASN A 116 1.14 18.27 -11.98
C ASN A 116 0.62 17.74 -10.69
N TRP A 117 1.46 17.11 -9.95
CA TRP A 117 1.05 16.51 -8.71
C TRP A 117 2.21 16.52 -7.73
N GLU A 118 1.90 16.34 -6.46
CA GLU A 118 2.91 16.36 -5.41
C GLU A 118 2.95 15.02 -4.73
N LEU A 119 4.13 14.52 -4.43
CA LEU A 119 4.26 13.25 -3.77
C LEU A 119 4.65 13.49 -2.34
N VAL A 120 3.83 13.09 -1.42
CA VAL A 120 4.18 13.17 -0.02
C VAL A 120 4.18 11.76 0.55
N ASN A 121 5.34 11.22 0.84
CA ASN A 121 5.37 9.91 1.44
C ASN A 121 5.47 10.05 2.93
N LYS A 122 4.75 9.22 3.62
CA LYS A 122 4.69 9.25 5.05
C LYS A 122 5.02 7.88 5.58
N SER A 123 5.84 7.83 6.58
CA SER A 123 6.19 6.59 7.19
C SER A 123 5.67 6.61 8.62
N ALA A 124 4.70 5.77 8.90
CA ALA A 124 4.09 5.70 10.23
C ALA A 124 4.96 4.86 11.14
N ALA A 125 5.67 3.95 10.53
CA ALA A 125 6.56 3.05 11.19
C ALA A 125 7.40 2.42 10.11
N PRO A 126 8.55 1.85 10.42
CA PRO A 126 9.37 1.17 9.43
C PRO A 126 8.61 -0.06 8.91
N GLY A 127 8.03 0.09 7.76
CA GLY A 127 7.24 -0.94 7.18
C GLY A 127 5.88 -0.41 6.78
N TYR A 128 5.41 0.60 7.44
CA TYR A 128 4.12 1.18 7.12
C TYR A 128 4.27 2.51 6.47
N PHE A 129 3.80 2.59 5.25
CA PHE A 129 3.97 3.77 4.46
C PHE A 129 2.65 4.23 3.89
N THR A 130 2.66 5.41 3.42
CA THR A 130 1.52 6.08 2.83
C THR A 130 2.06 7.10 1.82
N PHE A 131 1.44 7.18 0.67
CA PHE A 131 1.80 8.14 -0.34
C PHE A 131 0.62 9.02 -0.62
N GLN A 132 0.76 10.28 -0.36
CA GLN A 132 -0.28 11.24 -0.60
C GLN A 132 0.05 11.97 -1.89
N VAL A 133 -0.59 11.57 -2.94
CA VAL A 133 -0.42 12.19 -4.24
C VAL A 133 -1.44 13.33 -4.36
N LEU A 134 -0.96 14.51 -4.18
CA LEU A 134 -1.79 15.70 -4.18
C LEU A 134 -1.80 16.33 -5.55
N PRO A 135 -2.94 16.84 -6.02
CA PRO A 135 -2.99 17.55 -7.29
C PRO A 135 -2.32 18.91 -7.15
N LYS A 136 -1.38 19.21 -8.00
CA LYS A 136 -0.67 20.45 -7.94
C LYS A 136 -1.36 21.39 -8.89
N LYS A 137 -2.09 22.30 -8.35
CA LYS A 137 -2.83 23.17 -9.18
C LYS A 137 -2.08 24.46 -9.43
N GLN A 138 -2.28 25.02 -10.58
CA GLN A 138 -1.63 26.23 -10.93
C GLN A 138 -2.70 27.29 -11.07
N MET A 1 -15.80 -20.04 17.35
CA MET A 1 -16.24 -21.00 18.36
C MET A 1 -15.39 -20.86 19.60
N GLY A 2 -15.64 -21.67 20.61
CA GLY A 2 -14.88 -21.57 21.82
C GLY A 2 -14.67 -22.90 22.48
N SER A 3 -14.04 -22.88 23.62
CA SER A 3 -13.76 -24.08 24.33
C SER A 3 -14.37 -24.04 25.72
N SER A 4 -15.40 -24.79 25.90
CA SER A 4 -16.07 -24.92 27.16
C SER A 4 -16.31 -26.39 27.42
N HIS A 5 -16.37 -26.78 28.67
CA HIS A 5 -16.61 -28.18 29.01
C HIS A 5 -18.07 -28.49 28.73
N HIS A 6 -18.94 -27.64 29.18
CA HIS A 6 -20.33 -27.76 28.90
C HIS A 6 -20.76 -26.48 28.23
N HIS A 7 -21.23 -26.61 27.03
CA HIS A 7 -21.58 -25.46 26.22
C HIS A 7 -22.89 -24.85 26.69
N HIS A 8 -23.13 -23.60 26.29
CA HIS A 8 -24.31 -22.79 26.66
C HIS A 8 -24.47 -22.64 28.17
N HIS A 9 -23.34 -22.72 28.86
CA HIS A 9 -23.28 -22.55 30.30
C HIS A 9 -23.59 -21.10 30.63
N HIS A 10 -22.89 -20.20 29.92
CA HIS A 10 -23.05 -18.75 30.05
C HIS A 10 -22.82 -18.25 31.47
N GLY A 11 -23.16 -17.00 31.69
CA GLY A 11 -23.00 -16.42 33.00
C GLY A 11 -21.96 -15.34 32.96
N LEU A 12 -21.15 -15.39 31.93
CA LEU A 12 -20.11 -14.42 31.70
C LEU A 12 -20.74 -13.13 31.23
N VAL A 13 -20.19 -12.02 31.65
CA VAL A 13 -20.75 -10.75 31.27
C VAL A 13 -20.30 -10.40 29.85
N PRO A 14 -21.18 -9.76 29.08
CA PRO A 14 -20.86 -9.36 27.73
C PRO A 14 -19.93 -8.15 27.72
N ARG A 15 -19.23 -7.94 26.63
CA ARG A 15 -18.30 -6.84 26.52
C ARG A 15 -19.06 -5.59 26.12
N GLY A 16 -19.72 -5.00 27.10
CA GLY A 16 -20.53 -3.82 26.85
C GLY A 16 -21.91 -4.22 26.37
N SER A 17 -21.92 -4.91 25.26
CA SER A 17 -23.10 -5.42 24.65
C SER A 17 -22.81 -6.89 24.38
N HIS A 18 -23.81 -7.68 24.01
CA HIS A 18 -23.59 -9.10 23.79
C HIS A 18 -22.79 -9.38 22.54
N MET A 19 -23.35 -9.08 21.39
CA MET A 19 -22.63 -9.28 20.14
C MET A 19 -22.82 -8.06 19.23
N ALA A 20 -23.55 -7.09 19.74
CA ALA A 20 -23.85 -5.88 19.00
C ALA A 20 -22.69 -4.90 19.12
N SER A 21 -22.70 -3.89 18.29
CA SER A 21 -21.64 -2.93 18.26
C SER A 21 -21.71 -1.97 19.45
N MET A 22 -20.88 -2.19 20.44
CA MET A 22 -20.75 -1.28 21.56
C MET A 22 -19.27 -1.10 21.86
N THR A 23 -18.68 -0.19 21.12
CA THR A 23 -17.26 0.15 21.16
C THR A 23 -16.93 1.00 19.92
N GLY A 24 -17.87 1.01 18.98
CA GLY A 24 -17.72 1.75 17.78
C GLY A 24 -17.31 0.85 16.65
N GLY A 25 -16.09 0.41 16.70
CA GLY A 25 -15.56 -0.44 15.68
C GLY A 25 -14.09 -0.23 15.59
N GLN A 26 -13.36 -1.00 16.33
CA GLN A 26 -11.92 -0.88 16.38
C GLN A 26 -11.31 -1.43 15.11
N GLN A 27 -10.96 -0.52 14.24
CA GLN A 27 -10.46 -0.85 12.94
C GLN A 27 -8.99 -1.16 12.98
N MET A 28 -8.63 -2.32 12.50
CA MET A 28 -7.25 -2.71 12.41
C MET A 28 -6.63 -2.09 11.17
N GLY A 29 -7.46 -1.91 10.15
CA GLY A 29 -7.01 -1.36 8.90
C GLY A 29 -6.67 -2.46 7.96
N ARG A 30 -5.65 -2.27 7.17
CA ARG A 30 -5.17 -3.31 6.31
C ARG A 30 -3.66 -3.28 6.30
N GLY A 31 -3.12 -4.35 6.80
CA GLY A 31 -1.71 -4.51 6.98
C GLY A 31 -1.52 -5.55 8.05
N SER A 32 -0.33 -5.62 8.63
CA SER A 32 0.01 -6.57 9.70
C SER A 32 0.09 -8.04 9.20
N LYS A 33 -0.90 -8.46 8.42
CA LYS A 33 -0.97 -9.80 7.89
C LYS A 33 0.19 -10.08 6.94
N GLN A 34 0.26 -9.32 5.86
CA GLN A 34 1.31 -9.46 4.87
C GLN A 34 1.35 -8.19 4.01
N THR A 35 2.39 -8.04 3.21
CA THR A 35 2.70 -6.86 2.42
C THR A 35 1.59 -6.57 1.42
N ASN A 36 1.13 -5.34 1.39
CA ASN A 36 0.03 -4.99 0.53
C ASN A 36 0.03 -3.53 0.25
N ILE A 37 -0.82 -3.13 -0.65
CA ILE A 37 -0.97 -1.77 -1.02
C ILE A 37 -2.43 -1.41 -0.99
N ASP A 38 -2.75 -0.17 -0.82
CA ASP A 38 -4.13 0.25 -0.73
C ASP A 38 -4.30 1.60 -1.38
N PHE A 39 -5.51 1.91 -1.80
CA PHE A 39 -5.80 3.20 -2.37
C PHE A 39 -7.06 3.75 -1.72
N ARG A 40 -7.02 5.01 -1.43
CA ARG A 40 -8.13 5.72 -0.87
C ARG A 40 -7.96 7.19 -1.22
N LYS A 41 -9.02 7.93 -1.23
CA LYS A 41 -8.91 9.35 -1.45
C LYS A 41 -9.08 10.10 -0.18
N ASP A 42 -8.47 11.26 -0.12
CA ASP A 42 -8.52 12.12 1.04
C ASP A 42 -7.95 13.45 0.62
N GLY A 43 -7.80 14.38 1.54
CA GLY A 43 -7.25 15.67 1.27
C GLY A 43 -8.07 16.47 0.28
N LYS A 44 -7.48 16.79 -0.84
CA LYS A 44 -8.11 17.56 -1.88
C LYS A 44 -7.98 16.77 -3.18
N ASN A 45 -8.86 15.77 -3.37
CA ASN A 45 -8.81 14.88 -4.57
C ASN A 45 -7.48 14.17 -4.69
N ALA A 46 -6.87 13.94 -3.55
CA ALA A 46 -5.58 13.36 -3.51
C ALA A 46 -5.69 11.86 -3.58
N GLY A 47 -4.69 11.27 -4.16
CA GLY A 47 -4.64 9.86 -4.29
C GLY A 47 -3.76 9.30 -3.22
N ILE A 48 -4.34 8.65 -2.25
CA ILE A 48 -3.58 8.13 -1.15
C ILE A 48 -3.35 6.66 -1.33
N ILE A 49 -2.13 6.30 -1.41
CA ILE A 49 -1.74 4.94 -1.51
C ILE A 49 -1.19 4.53 -0.18
N GLU A 50 -1.87 3.70 0.51
CA GLU A 50 -1.34 3.17 1.72
C GLU A 50 -0.53 1.93 1.39
N LEU A 51 0.53 1.75 2.07
CA LEU A 51 1.47 0.71 1.80
C LEU A 51 1.84 -0.03 3.07
N ALA A 52 1.67 -1.31 3.04
CA ALA A 52 2.01 -2.16 4.12
C ALA A 52 3.17 -3.05 3.70
N ALA A 53 4.35 -2.77 4.19
CA ALA A 53 5.51 -3.57 3.85
C ALA A 53 5.98 -4.31 5.09
N LEU A 54 5.48 -5.50 5.25
CA LEU A 54 5.73 -6.26 6.45
C LEU A 54 7.07 -6.94 6.40
N GLY A 55 7.96 -6.49 7.24
CA GLY A 55 9.27 -7.05 7.30
C GLY A 55 10.29 -6.12 6.74
N PHE A 56 9.85 -4.93 6.34
CA PHE A 56 10.74 -3.93 5.80
C PHE A 56 10.75 -2.73 6.74
N ALA A 57 11.83 -2.55 7.45
CA ALA A 57 11.91 -1.46 8.41
C ALA A 57 12.72 -0.28 7.89
N GLY A 58 13.16 -0.38 6.66
CA GLY A 58 13.94 0.68 6.08
C GLY A 58 13.08 1.63 5.27
N GLN A 59 13.67 2.26 4.31
CA GLN A 59 12.96 3.17 3.43
C GLN A 59 12.97 2.64 2.02
N PRO A 60 11.85 2.72 1.32
CA PRO A 60 11.77 2.33 -0.07
C PRO A 60 12.49 3.35 -0.95
N ASP A 61 12.62 3.01 -2.17
CA ASP A 61 13.23 3.88 -3.16
C ASP A 61 12.12 4.53 -3.93
N ILE A 62 11.94 5.81 -3.73
CA ILE A 62 10.90 6.54 -4.42
C ILE A 62 11.48 7.29 -5.59
N SER A 63 10.94 7.04 -6.75
CA SER A 63 11.30 7.76 -7.93
C SER A 63 10.09 8.57 -8.36
N GLN A 64 10.14 9.88 -8.16
CA GLN A 64 9.07 10.76 -8.56
C GLN A 64 9.15 11.07 -10.04
N GLN A 65 8.31 10.45 -10.79
CA GLN A 65 8.23 10.69 -12.18
C GLN A 65 6.78 11.07 -12.46
N HIS A 66 6.53 11.85 -13.47
CA HIS A 66 5.20 12.37 -13.71
C HIS A 66 4.24 11.33 -14.19
N ASP A 67 4.68 10.49 -15.09
CA ASP A 67 3.80 9.49 -15.67
C ASP A 67 3.54 8.34 -14.71
N HIS A 68 4.44 8.11 -13.77
CA HIS A 68 4.24 7.11 -12.74
C HIS A 68 5.30 7.21 -11.67
N ILE A 69 4.99 6.70 -10.53
CA ILE A 69 5.88 6.71 -9.41
C ILE A 69 6.41 5.32 -9.27
N ILE A 70 7.64 5.20 -8.96
CA ILE A 70 8.24 3.92 -8.73
C ILE A 70 8.67 3.88 -7.30
N VAL A 71 8.05 3.04 -6.53
CA VAL A 71 8.43 2.85 -5.17
C VAL A 71 8.96 1.44 -5.05
N THR A 72 10.20 1.31 -4.72
CA THR A 72 10.79 0.00 -4.63
C THR A 72 11.35 -0.27 -3.26
N LEU A 73 10.94 -1.36 -2.69
CA LEU A 73 11.43 -1.76 -1.42
C LEU A 73 12.53 -2.71 -1.71
N LYS A 74 13.72 -2.24 -1.54
CA LYS A 74 14.86 -2.99 -1.90
C LYS A 74 15.08 -4.18 -1.02
N ASN A 75 15.24 -5.30 -1.68
CA ASN A 75 15.47 -6.61 -1.07
C ASN A 75 14.24 -7.10 -0.29
N HIS A 76 13.09 -6.50 -0.56
CA HIS A 76 11.84 -6.94 0.03
C HIS A 76 11.19 -7.86 -0.96
N THR A 77 11.18 -9.11 -0.69
CA THR A 77 10.61 -10.07 -1.58
C THR A 77 9.09 -10.17 -1.41
N LEU A 78 8.36 -9.70 -2.40
CA LEU A 78 6.93 -9.77 -2.40
C LEU A 78 6.49 -11.03 -3.12
N PRO A 79 5.65 -11.83 -2.50
CA PRO A 79 5.00 -12.96 -3.15
C PRO A 79 3.99 -12.49 -4.21
N THR A 80 3.66 -13.37 -5.14
CA THR A 80 2.75 -13.04 -6.22
C THR A 80 1.33 -12.80 -5.71
N THR A 81 0.94 -13.56 -4.71
CA THR A 81 -0.36 -13.53 -4.10
C THR A 81 -0.70 -12.13 -3.50
N LEU A 82 0.32 -11.32 -3.27
CA LEU A 82 0.14 -10.03 -2.65
C LEU A 82 0.06 -8.94 -3.69
N GLN A 83 0.41 -9.29 -4.90
CA GLN A 83 0.38 -8.36 -6.00
C GLN A 83 -1.06 -8.09 -6.39
N ARG A 84 -1.34 -6.87 -6.74
CA ARG A 84 -2.64 -6.50 -7.21
C ARG A 84 -2.56 -5.16 -7.90
N SER A 85 -3.46 -4.90 -8.78
CA SER A 85 -3.51 -3.65 -9.48
C SER A 85 -4.86 -3.01 -9.25
N LEU A 86 -4.84 -1.82 -8.75
CA LEU A 86 -6.04 -1.11 -8.44
C LEU A 86 -6.39 -0.23 -9.59
N ASP A 87 -7.48 -0.53 -10.24
CA ASP A 87 -7.95 0.24 -11.35
C ASP A 87 -8.60 1.49 -10.84
N VAL A 88 -7.78 2.42 -10.54
CA VAL A 88 -8.19 3.67 -10.00
C VAL A 88 -8.28 4.74 -11.08
N ALA A 89 -9.26 4.55 -11.90
CA ALA A 89 -9.58 5.45 -12.96
C ALA A 89 -10.94 6.02 -12.65
N ASP A 90 -11.14 7.27 -13.01
CA ASP A 90 -12.40 8.00 -12.76
C ASP A 90 -12.60 8.26 -11.26
N PHE A 91 -11.53 8.16 -10.52
CA PHE A 91 -11.55 8.49 -9.11
C PHE A 91 -11.30 9.98 -8.94
N LYS A 92 -10.83 10.61 -10.02
CA LYS A 92 -10.49 12.03 -10.04
C LYS A 92 -9.39 12.33 -9.08
N THR A 93 -8.28 11.71 -9.31
CA THR A 93 -7.11 11.89 -8.51
C THR A 93 -5.98 11.99 -9.53
N PRO A 94 -4.76 12.38 -9.15
CA PRO A 94 -3.63 12.40 -10.09
C PRO A 94 -3.16 10.98 -10.45
N VAL A 95 -3.64 10.00 -9.67
CA VAL A 95 -3.30 8.61 -9.86
C VAL A 95 -4.24 7.99 -10.87
N GLN A 96 -3.68 7.28 -11.82
CA GLN A 96 -4.45 6.66 -12.86
C GLN A 96 -4.63 5.18 -12.57
N LYS A 97 -3.66 4.60 -11.87
CA LYS A 97 -3.71 3.18 -11.50
C LYS A 97 -2.59 2.83 -10.53
N VAL A 98 -2.92 2.12 -9.49
CA VAL A 98 -1.91 1.59 -8.57
C VAL A 98 -1.59 0.16 -8.97
N THR A 99 -0.34 -0.19 -9.07
CA THR A 99 0.05 -1.52 -9.45
C THR A 99 1.20 -2.04 -8.59
N LEU A 100 0.95 -3.10 -7.85
CA LEU A 100 1.95 -3.71 -7.00
C LEU A 100 2.54 -4.86 -7.78
N LYS A 101 3.80 -4.79 -8.08
CA LYS A 101 4.47 -5.83 -8.82
C LYS A 101 5.70 -6.28 -8.04
N ARG A 102 5.92 -7.56 -7.97
CA ARG A 102 7.09 -8.04 -7.31
C ARG A 102 8.26 -7.87 -8.27
N LEU A 103 9.39 -7.56 -7.75
CA LEU A 103 10.55 -7.34 -8.53
C LEU A 103 11.55 -8.40 -8.09
N ASN A 104 12.56 -8.62 -8.90
CA ASN A 104 13.67 -9.58 -8.70
C ASN A 104 14.00 -9.84 -7.22
N ASN A 105 14.34 -8.80 -6.49
CA ASN A 105 14.67 -8.97 -5.07
C ASN A 105 13.79 -8.05 -4.29
N ASP A 106 13.07 -7.25 -4.99
CA ASP A 106 12.49 -6.06 -4.44
C ASP A 106 11.01 -6.04 -4.66
N THR A 107 10.37 -5.07 -4.11
CA THR A 107 8.96 -4.87 -4.32
C THR A 107 8.79 -3.57 -5.07
N GLN A 108 8.21 -3.60 -6.24
CA GLN A 108 8.08 -2.41 -7.04
C GLN A 108 6.62 -2.02 -7.11
N LEU A 109 6.33 -0.90 -6.60
CA LEU A 109 5.03 -0.37 -6.65
C LEU A 109 4.99 0.70 -7.71
N ILE A 110 4.19 0.45 -8.68
CA ILE A 110 4.04 1.31 -9.81
C ILE A 110 2.77 2.10 -9.63
N ILE A 111 2.89 3.36 -9.39
CA ILE A 111 1.73 4.20 -9.22
C ILE A 111 1.64 5.08 -10.44
N THR A 112 0.79 4.74 -11.37
CA THR A 112 0.65 5.51 -12.59
C THR A 112 -0.06 6.83 -12.29
N THR A 113 0.49 7.91 -12.78
CA THR A 113 0.00 9.25 -12.51
C THR A 113 0.02 10.10 -13.78
N ALA A 114 -0.49 11.31 -13.72
CA ALA A 114 -0.49 12.20 -14.88
C ALA A 114 -0.64 13.65 -14.44
N GLY A 115 0.13 14.53 -15.06
CA GLY A 115 0.02 15.94 -14.82
C GLY A 115 0.92 16.43 -13.73
N ASN A 116 0.57 17.54 -13.15
CA ASN A 116 1.33 18.10 -12.06
C ASN A 116 0.73 17.61 -10.79
N TRP A 117 1.54 17.00 -9.99
CA TRP A 117 1.09 16.45 -8.77
C TRP A 117 2.22 16.51 -7.74
N GLU A 118 1.90 16.31 -6.49
CA GLU A 118 2.86 16.43 -5.42
C GLU A 118 2.89 15.14 -4.63
N LEU A 119 4.06 14.60 -4.40
CA LEU A 119 4.16 13.35 -3.68
C LEU A 119 4.54 13.66 -2.25
N VAL A 120 3.76 13.24 -1.33
CA VAL A 120 4.15 13.33 0.05
C VAL A 120 4.10 11.97 0.67
N ASN A 121 5.25 11.49 1.05
CA ASN A 121 5.29 10.18 1.63
C ASN A 121 5.31 10.28 3.13
N LYS A 122 4.67 9.35 3.76
CA LYS A 122 4.58 9.34 5.19
C LYS A 122 4.93 7.96 5.69
N SER A 123 5.63 7.88 6.77
CA SER A 123 5.91 6.63 7.39
C SER A 123 5.15 6.58 8.70
N ALA A 124 4.22 5.68 8.80
CA ALA A 124 3.44 5.52 10.01
C ALA A 124 4.30 4.81 11.03
N ALA A 125 5.10 3.90 10.52
CA ALA A 125 6.01 3.10 11.30
C ALA A 125 6.92 2.44 10.30
N PRO A 126 8.08 1.92 10.71
CA PRO A 126 8.96 1.20 9.81
C PRO A 126 8.29 -0.09 9.33
N GLY A 127 7.70 -0.01 8.15
CA GLY A 127 6.96 -1.11 7.60
C GLY A 127 5.59 -0.67 7.16
N TYR A 128 5.19 0.49 7.61
CA TYR A 128 3.91 1.04 7.22
C TYR A 128 4.10 2.38 6.57
N PHE A 129 3.75 2.46 5.34
CA PHE A 129 3.96 3.64 4.57
C PHE A 129 2.66 4.14 3.98
N THR A 130 2.69 5.32 3.54
CA THR A 130 1.56 6.01 2.97
C THR A 130 2.06 7.06 1.98
N PHE A 131 1.44 7.14 0.83
CA PHE A 131 1.80 8.12 -0.16
C PHE A 131 0.60 8.94 -0.52
N GLN A 132 0.66 10.22 -0.27
CA GLN A 132 -0.43 11.09 -0.59
C GLN A 132 -0.07 11.83 -1.85
N VAL A 133 -0.65 11.42 -2.93
CA VAL A 133 -0.43 12.04 -4.21
C VAL A 133 -1.41 13.20 -4.37
N LEU A 134 -0.93 14.36 -4.11
CA LEU A 134 -1.73 15.58 -4.17
C LEU A 134 -1.73 16.15 -5.58
N PRO A 135 -2.83 16.73 -6.05
CA PRO A 135 -2.87 17.41 -7.33
C PRO A 135 -2.17 18.77 -7.21
N LYS A 136 -1.30 19.07 -8.13
CA LYS A 136 -0.60 20.31 -8.07
C LYS A 136 -1.26 21.34 -8.94
N LYS A 137 -2.00 22.19 -8.33
CA LYS A 137 -2.53 23.27 -9.06
C LYS A 137 -1.67 24.48 -8.83
N GLN A 138 -0.95 24.86 -9.85
CA GLN A 138 -0.09 25.97 -9.81
C GLN A 138 -0.69 27.02 -10.71
N MET A 1 -33.69 -10.83 25.90
CA MET A 1 -35.12 -11.11 25.81
C MET A 1 -35.35 -12.42 25.10
N GLY A 2 -35.85 -13.39 25.83
CA GLY A 2 -36.15 -14.67 25.28
C GLY A 2 -37.62 -14.97 25.36
N SER A 3 -38.32 -14.30 26.26
CA SER A 3 -39.75 -14.48 26.42
C SER A 3 -40.53 -13.78 25.29
N SER A 4 -39.96 -12.70 24.81
CA SER A 4 -40.58 -11.94 23.79
C SER A 4 -39.54 -11.34 22.87
N HIS A 5 -39.76 -11.47 21.58
CA HIS A 5 -38.89 -10.82 20.61
C HIS A 5 -39.54 -9.52 20.15
N HIS A 6 -40.68 -9.19 20.77
CA HIS A 6 -41.39 -7.96 20.46
C HIS A 6 -40.57 -6.81 20.94
N HIS A 7 -40.20 -6.88 22.21
CA HIS A 7 -39.39 -5.86 22.79
C HIS A 7 -37.92 -6.23 22.61
N HIS A 8 -37.49 -6.16 21.39
CA HIS A 8 -36.13 -6.50 21.03
C HIS A 8 -35.74 -5.66 19.81
N HIS A 9 -36.56 -4.65 19.54
CA HIS A 9 -36.41 -3.83 18.34
C HIS A 9 -36.09 -2.41 18.77
N HIS A 10 -35.53 -1.63 17.89
CA HIS A 10 -35.24 -0.25 18.20
C HIS A 10 -35.35 0.55 16.93
N GLY A 11 -36.45 1.26 16.78
CA GLY A 11 -36.68 2.03 15.59
C GLY A 11 -37.29 1.18 14.49
N LEU A 12 -37.63 1.78 13.38
CA LEU A 12 -38.18 1.02 12.28
C LEU A 12 -37.01 0.44 11.49
N VAL A 13 -36.09 1.31 11.17
CA VAL A 13 -34.88 0.92 10.50
C VAL A 13 -33.75 0.82 11.51
N PRO A 14 -32.73 -0.01 11.28
CA PRO A 14 -31.61 -0.14 12.20
C PRO A 14 -30.74 1.12 12.21
N ARG A 15 -31.02 1.99 13.16
CA ARG A 15 -30.28 3.22 13.29
C ARG A 15 -28.98 2.93 14.03
N GLY A 16 -27.95 2.72 13.27
CA GLY A 16 -26.68 2.43 13.82
C GLY A 16 -25.67 2.26 12.73
N SER A 17 -25.31 3.36 12.12
CA SER A 17 -24.35 3.35 11.06
C SER A 17 -22.94 3.29 11.65
N HIS A 18 -22.44 2.09 11.78
CA HIS A 18 -21.14 1.88 12.36
C HIS A 18 -20.31 0.90 11.55
N MET A 19 -20.89 -0.20 11.16
CA MET A 19 -20.15 -1.20 10.44
C MET A 19 -21.04 -1.92 9.44
N ALA A 20 -20.82 -1.63 8.19
CA ALA A 20 -21.48 -2.32 7.11
C ALA A 20 -20.41 -3.00 6.29
N SER A 21 -20.44 -4.30 6.26
CA SER A 21 -19.42 -5.06 5.59
C SER A 21 -19.74 -5.23 4.10
N MET A 22 -18.94 -4.55 3.28
CA MET A 22 -19.01 -4.64 1.83
C MET A 22 -17.83 -3.89 1.23
N THR A 23 -17.93 -2.56 1.17
CA THR A 23 -16.85 -1.73 0.63
C THR A 23 -15.85 -1.42 1.74
N GLY A 24 -16.17 -1.90 2.91
CA GLY A 24 -15.39 -1.76 4.06
C GLY A 24 -16.03 -2.59 5.13
N GLY A 25 -15.67 -2.38 6.34
CA GLY A 25 -16.29 -3.13 7.41
C GLY A 25 -15.27 -3.78 8.30
N GLN A 26 -14.09 -4.01 7.74
CA GLN A 26 -12.97 -4.59 8.43
C GLN A 26 -13.27 -6.04 8.83
N GLN A 27 -13.13 -6.92 7.88
CA GLN A 27 -13.29 -8.33 8.13
C GLN A 27 -12.02 -8.88 8.77
N MET A 28 -12.04 -10.12 9.22
CA MET A 28 -10.86 -10.70 9.84
C MET A 28 -9.88 -11.18 8.78
N GLY A 29 -9.24 -10.23 8.19
CA GLY A 29 -8.27 -10.49 7.17
C GLY A 29 -7.53 -9.22 6.91
N ARG A 30 -7.00 -8.67 7.98
CA ARG A 30 -6.33 -7.38 7.97
C ARG A 30 -5.05 -7.46 7.16
N GLY A 31 -5.03 -6.76 6.04
CA GLY A 31 -3.88 -6.76 5.16
C GLY A 31 -2.79 -5.82 5.67
N SER A 32 -2.33 -6.10 6.86
CA SER A 32 -1.30 -5.30 7.48
C SER A 32 -0.28 -6.23 8.16
N LYS A 33 -0.32 -7.48 7.78
CA LYS A 33 0.64 -8.47 8.28
C LYS A 33 1.28 -9.14 7.06
N GLN A 34 1.14 -8.47 5.95
CA GLN A 34 1.62 -8.94 4.69
C GLN A 34 1.89 -7.71 3.85
N THR A 35 2.80 -7.81 2.92
CA THR A 35 3.09 -6.71 2.02
C THR A 35 1.84 -6.45 1.18
N ASN A 36 1.28 -5.31 1.35
CA ASN A 36 0.00 -5.01 0.78
C ASN A 36 -0.07 -3.54 0.46
N ILE A 37 -0.95 -3.19 -0.44
CA ILE A 37 -1.15 -1.83 -0.83
C ILE A 37 -2.66 -1.54 -0.94
N ASP A 38 -3.04 -0.36 -0.64
CA ASP A 38 -4.45 0.04 -0.58
C ASP A 38 -4.60 1.43 -1.13
N PHE A 39 -5.80 1.77 -1.57
CA PHE A 39 -6.04 3.09 -2.10
C PHE A 39 -7.32 3.68 -1.51
N ARG A 40 -7.25 4.96 -1.19
CA ARG A 40 -8.38 5.75 -0.76
C ARG A 40 -8.04 7.20 -1.05
N LYS A 41 -9.03 8.04 -1.04
CA LYS A 41 -8.80 9.46 -1.26
C LYS A 41 -8.88 10.23 0.04
N ASP A 42 -8.34 11.44 0.03
CA ASP A 42 -8.35 12.31 1.20
C ASP A 42 -8.18 13.75 0.77
N GLY A 43 -9.08 14.59 1.18
CA GLY A 43 -8.96 15.99 0.92
C GLY A 43 -9.41 16.39 -0.46
N LYS A 44 -8.56 17.07 -1.18
CA LYS A 44 -8.91 17.61 -2.47
C LYS A 44 -8.30 16.82 -3.62
N ASN A 45 -9.07 15.82 -4.10
CA ASN A 45 -8.72 15.00 -5.29
C ASN A 45 -7.43 14.21 -5.09
N ALA A 46 -7.00 14.07 -3.87
CA ALA A 46 -5.76 13.40 -3.57
C ALA A 46 -5.91 11.90 -3.52
N GLY A 47 -4.92 11.23 -4.04
CA GLY A 47 -4.89 9.80 -4.04
C GLY A 47 -3.99 9.29 -2.95
N ILE A 48 -4.45 8.38 -2.15
CA ILE A 48 -3.64 7.86 -1.08
C ILE A 48 -3.42 6.38 -1.25
N ILE A 49 -2.17 6.02 -1.40
CA ILE A 49 -1.77 4.65 -1.51
C ILE A 49 -1.16 4.24 -0.20
N GLU A 50 -1.84 3.42 0.51
CA GLU A 50 -1.34 2.94 1.76
C GLU A 50 -0.59 1.66 1.54
N LEU A 51 0.64 1.71 1.85
CA LEU A 51 1.55 0.63 1.64
C LEU A 51 1.93 -0.02 2.94
N ALA A 52 1.59 -1.25 3.06
CA ALA A 52 1.93 -2.04 4.19
C ALA A 52 3.08 -2.95 3.76
N ALA A 53 4.29 -2.55 4.01
CA ALA A 53 5.44 -3.34 3.63
C ALA A 53 5.98 -4.06 4.84
N LEU A 54 5.49 -5.25 5.05
CA LEU A 54 5.89 -6.00 6.21
C LEU A 54 7.10 -6.80 5.93
N GLY A 55 8.14 -6.47 6.61
CA GLY A 55 9.39 -7.09 6.41
C GLY A 55 10.44 -6.07 6.08
N PHE A 56 10.00 -4.86 5.85
CA PHE A 56 10.89 -3.78 5.52
C PHE A 56 10.84 -2.76 6.64
N ALA A 57 11.97 -2.40 7.18
CA ALA A 57 12.02 -1.46 8.30
C ALA A 57 12.57 -0.11 7.87
N GLY A 58 13.28 -0.08 6.77
CA GLY A 58 13.90 1.15 6.31
C GLY A 58 12.99 1.98 5.45
N GLN A 59 13.54 2.59 4.43
CA GLN A 59 12.77 3.44 3.54
C GLN A 59 12.94 2.94 2.08
N PRO A 60 11.82 2.79 1.33
CA PRO A 60 11.88 2.34 -0.06
C PRO A 60 12.50 3.39 -0.98
N ASP A 61 12.74 3.02 -2.18
CA ASP A 61 13.26 3.91 -3.19
C ASP A 61 12.09 4.51 -3.91
N ILE A 62 11.80 5.74 -3.65
CA ILE A 62 10.70 6.36 -4.34
C ILE A 62 11.19 7.24 -5.47
N SER A 63 10.95 6.78 -6.66
CA SER A 63 11.29 7.49 -7.84
C SER A 63 10.08 8.34 -8.23
N GLN A 64 10.22 9.64 -8.13
CA GLN A 64 9.16 10.55 -8.48
C GLN A 64 9.21 10.94 -9.93
N GLN A 65 8.34 10.35 -10.68
CA GLN A 65 8.19 10.63 -12.08
C GLN A 65 6.78 11.13 -12.28
N HIS A 66 6.55 11.90 -13.32
CA HIS A 66 5.21 12.41 -13.59
C HIS A 66 4.36 11.32 -14.18
N ASP A 67 5.02 10.46 -14.91
CA ASP A 67 4.37 9.34 -15.60
C ASP A 67 3.84 8.31 -14.64
N HIS A 68 4.58 8.05 -13.59
CA HIS A 68 4.18 7.11 -12.56
C HIS A 68 5.21 7.12 -11.46
N ILE A 69 4.88 6.55 -10.36
CA ILE A 69 5.78 6.52 -9.22
C ILE A 69 6.32 5.12 -9.14
N ILE A 70 7.60 5.01 -8.98
CA ILE A 70 8.25 3.73 -8.86
C ILE A 70 8.82 3.64 -7.49
N VAL A 71 8.34 2.75 -6.69
CA VAL A 71 8.90 2.60 -5.39
C VAL A 71 9.57 1.24 -5.32
N THR A 72 10.69 1.15 -4.67
CA THR A 72 11.37 -0.12 -4.58
C THR A 72 11.86 -0.42 -3.17
N LEU A 73 11.44 -1.53 -2.65
CA LEU A 73 11.82 -1.95 -1.34
C LEU A 73 12.93 -2.92 -1.51
N LYS A 74 14.10 -2.50 -1.15
CA LYS A 74 15.27 -3.31 -1.31
C LYS A 74 15.29 -4.51 -0.42
N ASN A 75 15.58 -5.64 -1.05
CA ASN A 75 15.76 -6.95 -0.43
C ASN A 75 14.39 -7.52 -0.02
N HIS A 76 13.34 -6.84 -0.42
CA HIS A 76 12.02 -7.22 0.01
C HIS A 76 11.38 -8.08 -1.06
N THR A 77 11.39 -9.36 -0.85
CA THR A 77 10.84 -10.28 -1.80
C THR A 77 9.31 -10.31 -1.69
N LEU A 78 8.66 -9.78 -2.69
CA LEU A 78 7.22 -9.77 -2.73
C LEU A 78 6.71 -11.01 -3.42
N PRO A 79 5.80 -11.72 -2.78
CA PRO A 79 5.09 -12.82 -3.40
C PRO A 79 4.11 -12.35 -4.47
N THR A 80 3.79 -13.24 -5.35
CA THR A 80 2.86 -12.98 -6.43
C THR A 80 1.43 -12.76 -5.90
N THR A 81 1.08 -13.52 -4.89
CA THR A 81 -0.23 -13.51 -4.26
C THR A 81 -0.57 -12.12 -3.65
N LEU A 82 0.44 -11.36 -3.31
CA LEU A 82 0.24 -10.12 -2.60
C LEU A 82 0.23 -8.95 -3.55
N GLN A 83 0.34 -9.26 -4.81
CA GLN A 83 0.32 -8.29 -5.86
C GLN A 83 -1.12 -7.96 -6.24
N ARG A 84 -1.47 -6.71 -6.16
CA ARG A 84 -2.77 -6.24 -6.55
C ARG A 84 -2.64 -4.96 -7.33
N SER A 85 -3.67 -4.61 -8.05
CA SER A 85 -3.68 -3.41 -8.83
C SER A 85 -5.07 -2.74 -8.72
N LEU A 86 -5.03 -1.48 -8.35
CA LEU A 86 -6.22 -0.66 -8.10
C LEU A 86 -6.51 0.15 -9.32
N ASP A 87 -7.58 -0.13 -10.00
CA ASP A 87 -7.92 0.68 -11.14
C ASP A 87 -8.73 1.83 -10.65
N VAL A 88 -8.04 2.89 -10.39
CA VAL A 88 -8.63 4.06 -9.81
C VAL A 88 -8.85 5.13 -10.82
N ALA A 89 -9.04 4.69 -12.01
CA ALA A 89 -9.37 5.55 -13.07
C ALA A 89 -10.76 6.08 -12.81
N ASP A 90 -10.95 7.35 -13.11
CA ASP A 90 -12.21 8.08 -12.92
C ASP A 90 -12.53 8.42 -11.43
N PHE A 91 -11.59 8.09 -10.53
CA PHE A 91 -11.73 8.45 -9.09
C PHE A 91 -11.43 9.93 -8.87
N LYS A 92 -11.04 10.61 -9.95
CA LYS A 92 -10.72 12.02 -9.95
C LYS A 92 -9.57 12.31 -9.02
N THR A 93 -8.47 11.67 -9.28
CA THR A 93 -7.28 11.85 -8.51
C THR A 93 -6.13 11.94 -9.53
N PRO A 94 -4.91 12.34 -9.15
CA PRO A 94 -3.78 12.38 -10.08
C PRO A 94 -3.31 10.96 -10.43
N VAL A 95 -3.77 10.02 -9.64
CA VAL A 95 -3.43 8.63 -9.79
C VAL A 95 -4.36 8.03 -10.82
N GLN A 96 -3.81 7.21 -11.63
CA GLN A 96 -4.53 6.57 -12.67
C GLN A 96 -4.81 5.13 -12.27
N LYS A 97 -3.81 4.46 -11.74
CA LYS A 97 -3.92 3.09 -11.34
C LYS A 97 -2.75 2.73 -10.41
N VAL A 98 -3.05 2.01 -9.36
CA VAL A 98 -2.02 1.59 -8.43
C VAL A 98 -1.67 0.16 -8.71
N THR A 99 -0.45 -0.11 -8.97
CA THR A 99 -0.05 -1.45 -9.30
C THR A 99 1.16 -1.88 -8.45
N LEU A 100 1.00 -2.99 -7.76
CA LEU A 100 2.08 -3.53 -6.99
C LEU A 100 2.72 -4.65 -7.78
N LYS A 101 3.94 -4.44 -8.18
CA LYS A 101 4.63 -5.42 -8.95
C LYS A 101 5.79 -5.96 -8.18
N ARG A 102 5.89 -7.25 -8.10
CA ARG A 102 7.03 -7.83 -7.46
C ARG A 102 8.20 -7.64 -8.40
N LEU A 103 9.34 -7.39 -7.87
CA LEU A 103 10.49 -7.22 -8.67
C LEU A 103 11.36 -8.46 -8.44
N ASN A 104 12.55 -8.48 -8.98
CA ASN A 104 13.44 -9.64 -8.86
C ASN A 104 13.62 -10.09 -7.41
N ASN A 105 14.20 -9.24 -6.63
CA ASN A 105 14.44 -9.52 -5.22
C ASN A 105 13.82 -8.42 -4.37
N ASP A 106 13.29 -7.42 -5.04
CA ASP A 106 12.76 -6.24 -4.38
C ASP A 106 11.27 -6.12 -4.65
N THR A 107 10.64 -5.20 -3.99
CA THR A 107 9.22 -4.95 -4.20
C THR A 107 9.11 -3.63 -4.94
N GLN A 108 8.30 -3.56 -5.98
CA GLN A 108 8.18 -2.33 -6.74
C GLN A 108 6.75 -1.82 -6.75
N LEU A 109 6.58 -0.55 -6.47
CA LEU A 109 5.31 0.06 -6.65
C LEU A 109 5.28 0.81 -7.89
N ILE A 110 4.24 0.65 -8.59
CA ILE A 110 3.99 1.42 -9.76
C ILE A 110 2.69 2.13 -9.55
N ILE A 111 2.78 3.39 -9.36
CA ILE A 111 1.61 4.20 -9.15
C ILE A 111 1.49 5.09 -10.33
N THR A 112 0.66 4.71 -11.27
CA THR A 112 0.50 5.47 -12.49
C THR A 112 -0.16 6.80 -12.19
N THR A 113 0.42 7.86 -12.70
CA THR A 113 -0.07 9.20 -12.44
C THR A 113 -0.13 10.00 -13.75
N ALA A 114 -0.79 11.13 -13.71
CA ALA A 114 -0.90 12.00 -14.85
C ALA A 114 -1.07 13.44 -14.38
N GLY A 115 -0.44 14.37 -15.06
CA GLY A 115 -0.56 15.77 -14.71
C GLY A 115 0.45 16.19 -13.67
N ASN A 116 0.26 17.37 -13.12
CA ASN A 116 1.14 17.86 -12.07
C ASN A 116 0.60 17.34 -10.77
N TRP A 117 1.45 16.80 -9.96
CA TRP A 117 1.02 16.22 -8.74
C TRP A 117 2.14 16.32 -7.68
N GLU A 118 1.78 16.14 -6.43
CA GLU A 118 2.72 16.25 -5.30
C GLU A 118 2.71 14.93 -4.54
N LEU A 119 3.87 14.43 -4.19
CA LEU A 119 3.95 13.16 -3.49
C LEU A 119 4.32 13.38 -2.05
N VAL A 120 3.43 13.05 -1.18
CA VAL A 120 3.73 13.10 0.22
C VAL A 120 3.66 11.70 0.77
N ASN A 121 4.77 11.11 1.02
CA ASN A 121 4.77 9.78 1.60
C ASN A 121 4.97 9.89 3.01
N LYS A 122 4.20 9.19 3.72
CA LYS A 122 4.28 9.27 5.08
C LYS A 122 4.64 7.91 5.64
N SER A 123 5.73 7.83 6.33
CA SER A 123 6.05 6.62 7.02
C SER A 123 5.30 6.67 8.35
N ALA A 124 4.22 5.92 8.42
CA ALA A 124 3.38 5.89 9.59
C ALA A 124 4.08 5.17 10.72
N ALA A 125 4.90 4.21 10.35
CA ALA A 125 5.63 3.37 11.25
C ALA A 125 6.60 2.59 10.40
N PRO A 126 7.63 1.93 10.99
CA PRO A 126 8.58 1.13 10.22
C PRO A 126 7.89 0.00 9.44
N GLY A 127 7.76 0.19 8.15
CA GLY A 127 7.10 -0.79 7.32
C GLY A 127 5.75 -0.31 6.85
N TYR A 128 5.25 0.72 7.45
CA TYR A 128 3.95 1.23 7.08
C TYR A 128 4.13 2.56 6.36
N PHE A 129 3.76 2.58 5.12
CA PHE A 129 3.93 3.74 4.29
C PHE A 129 2.59 4.20 3.76
N THR A 130 2.55 5.41 3.34
CA THR A 130 1.34 6.06 2.88
C THR A 130 1.68 7.17 1.88
N PHE A 131 1.42 6.93 0.63
CA PHE A 131 1.74 7.89 -0.41
C PHE A 131 0.52 8.76 -0.68
N GLN A 132 0.60 10.01 -0.31
CA GLN A 132 -0.44 10.97 -0.57
C GLN A 132 -0.08 11.74 -1.80
N VAL A 133 -0.65 11.36 -2.89
CA VAL A 133 -0.43 11.99 -4.15
C VAL A 133 -1.52 13.03 -4.42
N LEU A 134 -1.13 14.24 -4.24
CA LEU A 134 -1.98 15.42 -4.32
C LEU A 134 -1.90 16.01 -5.72
N PRO A 135 -2.95 16.64 -6.21
CA PRO A 135 -2.90 17.36 -7.48
C PRO A 135 -2.17 18.69 -7.29
N LYS A 136 -1.13 18.89 -8.05
CA LYS A 136 -0.33 20.08 -7.91
C LYS A 136 -0.91 21.20 -8.71
N LYS A 137 -1.49 22.16 -8.03
CA LYS A 137 -1.96 23.34 -8.72
C LYS A 137 -1.53 24.58 -8.01
N GLN A 138 -0.75 24.36 -7.00
CA GLN A 138 -0.19 25.37 -6.15
C GLN A 138 0.56 24.66 -5.05
N MET A 1 -9.02 -0.36 0.82
CA MET A 1 -10.04 -0.75 1.78
C MET A 1 -9.69 -2.13 2.30
N GLY A 2 -9.91 -2.36 3.56
CA GLY A 2 -9.66 -3.64 4.13
C GLY A 2 -10.88 -4.51 4.01
N SER A 3 -11.32 -5.04 5.11
CA SER A 3 -12.50 -5.86 5.14
C SER A 3 -13.73 -4.99 4.89
N SER A 4 -14.65 -5.51 4.13
CA SER A 4 -15.82 -4.76 3.78
C SER A 4 -16.98 -5.11 4.73
N HIS A 5 -18.18 -4.66 4.41
CA HIS A 5 -19.34 -4.85 5.28
C HIS A 5 -19.80 -6.29 5.22
N HIS A 6 -19.91 -6.91 6.36
CA HIS A 6 -20.23 -8.32 6.44
C HIS A 6 -21.68 -8.56 6.79
N HIS A 7 -22.28 -9.49 6.08
CA HIS A 7 -23.65 -9.91 6.33
C HIS A 7 -23.61 -11.09 7.29
N HIS A 8 -22.64 -11.96 7.09
CA HIS A 8 -22.51 -13.14 7.93
C HIS A 8 -21.77 -12.76 9.19
N HIS A 9 -22.53 -12.36 10.20
CA HIS A 9 -21.95 -11.96 11.46
C HIS A 9 -23.06 -11.88 12.53
N HIS A 10 -24.12 -12.63 12.34
CA HIS A 10 -25.23 -12.64 13.30
C HIS A 10 -25.94 -13.99 13.29
N GLY A 11 -26.88 -14.17 14.20
CA GLY A 11 -27.68 -15.37 14.24
C GLY A 11 -27.03 -16.51 14.98
N LEU A 12 -25.88 -16.93 14.48
CA LEU A 12 -25.15 -18.08 15.03
C LEU A 12 -24.28 -17.67 16.23
N VAL A 13 -24.59 -16.50 16.81
CA VAL A 13 -23.81 -15.86 17.88
C VAL A 13 -22.29 -15.93 17.62
N PRO A 14 -21.82 -15.19 16.60
CA PRO A 14 -20.43 -15.24 16.12
C PRO A 14 -19.46 -14.43 16.96
N ARG A 15 -19.63 -14.46 18.25
CA ARG A 15 -18.75 -13.78 19.14
C ARG A 15 -17.51 -14.61 19.37
N GLY A 16 -16.36 -13.99 19.16
CA GLY A 16 -15.09 -14.65 19.35
C GLY A 16 -14.97 -15.13 20.76
N SER A 17 -15.15 -16.42 20.92
CA SER A 17 -15.20 -17.04 22.22
C SER A 17 -13.79 -17.31 22.79
N HIS A 18 -12.82 -16.64 22.20
CA HIS A 18 -11.45 -16.63 22.69
C HIS A 18 -11.20 -15.24 23.26
N MET A 19 -12.32 -14.56 23.52
CA MET A 19 -12.39 -13.21 24.07
C MET A 19 -11.90 -12.18 23.09
N ALA A 20 -12.80 -11.81 22.22
CA ALA A 20 -12.53 -10.87 21.15
C ALA A 20 -12.90 -9.46 21.59
N SER A 21 -12.65 -9.17 22.83
CA SER A 21 -12.90 -7.89 23.42
C SER A 21 -11.88 -6.87 22.93
N MET A 22 -10.64 -7.31 22.84
CA MET A 22 -9.56 -6.52 22.31
C MET A 22 -8.88 -7.30 21.22
N THR A 23 -9.44 -7.22 20.04
CA THR A 23 -8.93 -7.93 18.90
C THR A 23 -7.70 -7.19 18.34
N GLY A 24 -7.83 -5.89 18.22
CA GLY A 24 -6.76 -5.09 17.70
C GLY A 24 -7.30 -4.03 16.78
N GLY A 25 -6.46 -3.11 16.35
CA GLY A 25 -6.87 -2.06 15.45
C GLY A 25 -7.07 -2.56 14.04
N GLN A 26 -6.26 -3.52 13.67
CA GLN A 26 -6.35 -4.14 12.39
C GLN A 26 -7.32 -5.31 12.46
N GLN A 27 -8.14 -5.44 11.44
CA GLN A 27 -9.02 -6.58 11.33
C GLN A 27 -8.23 -7.71 10.67
N MET A 28 -7.42 -7.32 9.74
CA MET A 28 -6.55 -8.22 9.06
C MET A 28 -5.15 -7.88 9.52
N GLY A 29 -4.74 -8.47 10.60
CA GLY A 29 -3.43 -8.21 11.11
C GLY A 29 -3.46 -7.94 12.59
N ARG A 30 -2.31 -7.94 13.19
CA ARG A 30 -2.18 -7.76 14.64
C ARG A 30 -0.99 -6.85 14.89
N GLY A 31 -0.76 -5.95 13.97
CA GLY A 31 0.39 -5.07 14.04
C GLY A 31 1.32 -5.42 12.91
N SER A 32 1.18 -6.65 12.49
CA SER A 32 1.88 -7.20 11.36
C SER A 32 0.85 -7.99 10.58
N LYS A 33 1.14 -8.31 9.34
CA LYS A 33 0.20 -9.03 8.50
C LYS A 33 0.98 -9.67 7.35
N GLN A 34 1.31 -8.86 6.35
CA GLN A 34 2.07 -9.25 5.18
C GLN A 34 2.06 -8.02 4.30
N THR A 35 2.86 -7.98 3.27
CA THR A 35 2.92 -6.83 2.38
C THR A 35 1.57 -6.63 1.63
N ASN A 36 1.21 -5.39 1.32
CA ASN A 36 0.05 -5.10 0.50
C ASN A 36 -0.03 -3.63 0.20
N ILE A 37 -0.90 -3.29 -0.69
CA ILE A 37 -1.12 -1.93 -1.08
C ILE A 37 -2.58 -1.60 -0.89
N ASP A 38 -2.91 -0.36 -0.78
CA ASP A 38 -4.28 0.06 -0.56
C ASP A 38 -4.47 1.44 -1.18
N PHE A 39 -5.68 1.80 -1.53
CA PHE A 39 -5.92 3.12 -2.08
C PHE A 39 -7.21 3.73 -1.50
N ARG A 40 -7.13 5.00 -1.16
CA ARG A 40 -8.28 5.78 -0.73
C ARG A 40 -8.10 7.23 -1.10
N LYS A 41 -9.17 7.99 -1.03
CA LYS A 41 -9.13 9.40 -1.32
C LYS A 41 -9.19 10.15 -0.01
N ASP A 42 -8.42 11.18 0.09
CA ASP A 42 -8.37 12.01 1.30
C ASP A 42 -8.02 13.40 0.83
N GLY A 43 -8.10 14.37 1.69
CA GLY A 43 -7.77 15.74 1.37
C GLY A 43 -8.59 16.32 0.23
N LYS A 44 -7.90 16.89 -0.72
CA LYS A 44 -8.50 17.57 -1.85
C LYS A 44 -8.09 16.87 -3.15
N ASN A 45 -8.89 15.88 -3.55
CA ASN A 45 -8.66 15.06 -4.78
C ASN A 45 -7.29 14.43 -4.78
N ALA A 46 -6.85 14.11 -3.61
CA ALA A 46 -5.60 13.50 -3.41
C ALA A 46 -5.78 12.01 -3.39
N GLY A 47 -4.87 11.33 -3.97
CA GLY A 47 -4.90 9.92 -4.04
C GLY A 47 -3.98 9.36 -3.00
N ILE A 48 -4.47 8.53 -2.14
CA ILE A 48 -3.66 8.00 -1.08
C ILE A 48 -3.44 6.53 -1.27
N ILE A 49 -2.22 6.19 -1.43
CA ILE A 49 -1.82 4.83 -1.57
C ILE A 49 -1.20 4.42 -0.26
N GLU A 50 -1.83 3.54 0.43
CA GLU A 50 -1.24 3.01 1.60
C GLU A 50 -0.45 1.78 1.23
N LEU A 51 0.63 1.63 1.87
CA LEU A 51 1.56 0.59 1.59
C LEU A 51 1.93 -0.13 2.87
N ALA A 52 1.62 -1.38 2.91
CA ALA A 52 1.95 -2.20 4.03
C ALA A 52 3.13 -3.06 3.62
N ALA A 53 4.29 -2.76 4.11
CA ALA A 53 5.43 -3.55 3.78
C ALA A 53 6.00 -4.19 5.03
N LEU A 54 5.53 -5.37 5.32
CA LEU A 54 5.96 -6.07 6.50
C LEU A 54 7.19 -6.86 6.20
N GLY A 55 8.26 -6.46 6.83
CA GLY A 55 9.54 -7.06 6.61
C GLY A 55 10.53 -6.02 6.15
N PHE A 56 10.08 -4.79 6.08
CA PHE A 56 10.94 -3.70 5.70
C PHE A 56 11.04 -2.76 6.89
N ALA A 57 12.24 -2.41 7.29
CA ALA A 57 12.42 -1.59 8.47
C ALA A 57 12.77 -0.14 8.14
N GLY A 58 13.46 0.06 7.03
CA GLY A 58 13.89 1.40 6.68
C GLY A 58 12.94 2.09 5.75
N GLN A 59 13.50 2.83 4.83
CA GLN A 59 12.71 3.60 3.91
C GLN A 59 12.97 3.12 2.48
N PRO A 60 11.92 3.10 1.65
CA PRO A 60 12.03 2.68 0.26
C PRO A 60 12.59 3.76 -0.63
N ASP A 61 12.85 3.40 -1.84
CA ASP A 61 13.33 4.32 -2.81
C ASP A 61 12.15 4.93 -3.51
N ILE A 62 11.91 6.18 -3.25
CA ILE A 62 10.85 6.87 -3.92
C ILE A 62 11.40 7.55 -5.14
N SER A 63 11.04 7.03 -6.25
CA SER A 63 11.39 7.56 -7.51
C SER A 63 10.16 8.23 -8.14
N GLN A 64 10.21 9.54 -8.23
CA GLN A 64 9.10 10.32 -8.73
C GLN A 64 9.26 10.58 -10.21
N GLN A 65 8.40 10.01 -10.96
CA GLN A 65 8.38 10.16 -12.37
C GLN A 65 7.03 10.83 -12.66
N HIS A 66 6.88 11.46 -13.79
CA HIS A 66 5.62 12.16 -14.08
C HIS A 66 4.54 11.17 -14.46
N ASP A 67 4.96 10.15 -15.18
CA ASP A 67 4.06 9.12 -15.70
C ASP A 67 3.55 8.22 -14.60
N HIS A 68 4.37 7.98 -13.61
CA HIS A 68 4.01 7.10 -12.51
C HIS A 68 5.03 7.23 -11.40
N ILE A 69 4.76 6.66 -10.29
CA ILE A 69 5.67 6.69 -9.19
C ILE A 69 6.28 5.33 -9.09
N ILE A 70 7.54 5.30 -8.82
CA ILE A 70 8.25 4.08 -8.68
C ILE A 70 8.72 3.99 -7.25
N VAL A 71 8.14 3.15 -6.50
CA VAL A 71 8.58 2.94 -5.15
C VAL A 71 9.26 1.62 -5.13
N THR A 72 10.51 1.61 -4.76
CA THR A 72 11.24 0.39 -4.76
C THR A 72 11.63 0.01 -3.33
N LEU A 73 11.36 -1.21 -2.98
CA LEU A 73 11.62 -1.73 -1.66
C LEU A 73 12.62 -2.80 -1.78
N LYS A 74 13.85 -2.42 -1.82
CA LYS A 74 14.90 -3.35 -2.03
C LYS A 74 14.98 -4.38 -0.96
N ASN A 75 15.27 -5.59 -1.38
CA ASN A 75 15.48 -6.73 -0.48
C ASN A 75 14.16 -7.10 0.26
N HIS A 76 13.06 -6.59 -0.26
CA HIS A 76 11.76 -6.89 0.26
C HIS A 76 11.12 -7.72 -0.80
N THR A 77 11.22 -8.99 -0.69
CA THR A 77 10.75 -9.82 -1.75
C THR A 77 9.26 -10.13 -1.61
N LEU A 78 8.50 -9.64 -2.55
CA LEU A 78 7.06 -9.78 -2.58
C LEU A 78 6.66 -11.07 -3.28
N PRO A 79 5.72 -11.82 -2.72
CA PRO A 79 5.15 -12.98 -3.40
C PRO A 79 4.09 -12.55 -4.46
N THR A 80 3.81 -13.43 -5.41
CA THR A 80 2.85 -13.17 -6.48
C THR A 80 1.43 -12.97 -5.92
N THR A 81 1.20 -13.60 -4.80
CA THR A 81 -0.06 -13.64 -4.09
C THR A 81 -0.57 -12.21 -3.71
N LEU A 82 0.32 -11.26 -3.55
CA LEU A 82 -0.07 -9.93 -3.09
C LEU A 82 -0.06 -8.93 -4.21
N GLN A 83 0.32 -9.37 -5.37
CA GLN A 83 0.38 -8.50 -6.51
C GLN A 83 -1.00 -8.28 -7.07
N ARG A 84 -1.51 -7.12 -6.86
CA ARG A 84 -2.78 -6.75 -7.38
C ARG A 84 -2.70 -5.36 -7.93
N SER A 85 -3.53 -5.08 -8.86
CA SER A 85 -3.60 -3.79 -9.46
C SER A 85 -4.96 -3.22 -9.19
N LEU A 86 -5.00 -2.01 -8.73
CA LEU A 86 -6.22 -1.36 -8.42
C LEU A 86 -6.56 -0.45 -9.57
N ASP A 87 -7.76 -0.61 -10.11
CA ASP A 87 -8.27 0.20 -11.22
C ASP A 87 -8.08 1.69 -10.96
N VAL A 88 -8.85 2.20 -9.98
CA VAL A 88 -8.78 3.59 -9.53
C VAL A 88 -8.99 4.61 -10.69
N ALA A 89 -9.67 4.19 -11.74
CA ALA A 89 -9.90 5.08 -12.85
C ALA A 89 -11.04 6.03 -12.53
N ASP A 90 -10.87 7.29 -12.90
CA ASP A 90 -11.88 8.35 -12.67
C ASP A 90 -12.17 8.53 -11.21
N PHE A 91 -11.13 8.43 -10.41
CA PHE A 91 -11.21 8.57 -8.97
C PHE A 91 -11.05 10.03 -8.56
N LYS A 92 -10.81 10.87 -9.56
CA LYS A 92 -10.61 12.30 -9.38
C LYS A 92 -9.36 12.57 -8.58
N THR A 93 -8.27 12.15 -9.15
CA THR A 93 -6.96 12.31 -8.60
C THR A 93 -5.95 12.03 -9.67
N PRO A 94 -4.75 12.64 -9.55
CA PRO A 94 -3.61 12.37 -10.44
C PRO A 94 -3.32 10.87 -10.59
N VAL A 95 -3.65 10.08 -9.57
CA VAL A 95 -3.44 8.64 -9.59
C VAL A 95 -4.37 8.01 -10.57
N GLN A 96 -3.81 7.30 -11.48
CA GLN A 96 -4.55 6.68 -12.54
C GLN A 96 -4.81 5.22 -12.22
N LYS A 97 -3.79 4.52 -11.73
CA LYS A 97 -3.88 3.10 -11.44
C LYS A 97 -2.76 2.69 -10.49
N VAL A 98 -3.07 1.85 -9.53
CA VAL A 98 -2.06 1.35 -8.61
C VAL A 98 -1.68 -0.06 -9.05
N THR A 99 -0.42 -0.34 -9.17
CA THR A 99 0.03 -1.63 -9.61
C THR A 99 1.25 -2.09 -8.81
N LEU A 100 1.10 -3.17 -8.10
CA LEU A 100 2.16 -3.71 -7.27
C LEU A 100 2.88 -4.82 -8.00
N LYS A 101 4.14 -4.61 -8.31
CA LYS A 101 4.91 -5.56 -9.08
C LYS A 101 6.02 -6.14 -8.22
N ARG A 102 6.13 -7.45 -8.18
CA ARG A 102 7.21 -8.04 -7.44
C ARG A 102 8.47 -7.97 -8.29
N LEU A 103 9.57 -7.68 -7.68
CA LEU A 103 10.80 -7.59 -8.38
C LEU A 103 11.73 -8.61 -7.77
N ASN A 104 12.74 -8.99 -8.53
CA ASN A 104 13.82 -9.93 -8.18
C ASN A 104 13.94 -10.21 -6.68
N ASN A 105 14.40 -9.26 -5.94
CA ASN A 105 14.50 -9.38 -4.50
C ASN A 105 13.76 -8.24 -3.85
N ASP A 106 13.26 -7.36 -4.67
CA ASP A 106 12.69 -6.08 -4.26
C ASP A 106 11.14 -6.14 -4.43
N THR A 107 10.48 -5.07 -4.16
CA THR A 107 9.08 -4.90 -4.37
C THR A 107 8.89 -3.54 -5.03
N GLN A 108 8.53 -3.55 -6.27
CA GLN A 108 8.42 -2.35 -7.03
C GLN A 108 6.97 -1.96 -7.16
N LEU A 109 6.65 -0.85 -6.66
CA LEU A 109 5.30 -0.36 -6.70
C LEU A 109 5.18 0.74 -7.73
N ILE A 110 4.28 0.54 -8.65
CA ILE A 110 4.03 1.44 -9.73
C ILE A 110 2.72 2.16 -9.47
N ILE A 111 2.79 3.42 -9.17
CA ILE A 111 1.59 4.21 -8.96
C ILE A 111 1.45 5.12 -10.14
N THR A 112 0.55 4.83 -11.01
CA THR A 112 0.43 5.58 -12.24
C THR A 112 -0.20 6.94 -11.97
N THR A 113 0.37 7.98 -12.56
CA THR A 113 -0.08 9.33 -12.37
C THR A 113 -0.17 10.06 -13.72
N ALA A 114 -0.51 11.33 -13.69
CA ALA A 114 -0.62 12.15 -14.89
C ALA A 114 -0.71 13.61 -14.49
N GLY A 115 -0.20 14.49 -15.34
CA GLY A 115 -0.26 15.91 -15.11
C GLY A 115 0.68 16.37 -14.01
N ASN A 116 0.43 17.53 -13.47
CA ASN A 116 1.23 18.03 -12.36
C ASN A 116 0.61 17.54 -11.09
N TRP A 117 1.41 16.95 -10.27
CA TRP A 117 0.90 16.39 -9.04
C TRP A 117 1.99 16.51 -7.98
N GLU A 118 1.63 16.28 -6.73
CA GLU A 118 2.56 16.42 -5.62
C GLU A 118 2.62 15.11 -4.84
N LEU A 119 3.78 14.74 -4.33
CA LEU A 119 3.91 13.46 -3.65
C LEU A 119 4.37 13.64 -2.22
N VAL A 120 3.55 13.25 -1.30
CA VAL A 120 3.91 13.25 0.10
C VAL A 120 4.04 11.81 0.55
N ASN A 121 5.25 11.36 0.80
CA ASN A 121 5.45 10.00 1.26
C ASN A 121 5.61 10.00 2.76
N LYS A 122 4.88 9.17 3.43
CA LYS A 122 4.92 9.11 4.86
C LYS A 122 4.97 7.69 5.32
N SER A 123 5.43 7.52 6.52
CA SER A 123 5.40 6.28 7.17
C SER A 123 4.51 6.38 8.41
N ALA A 124 3.72 5.37 8.64
CA ALA A 124 2.83 5.36 9.79
C ALA A 124 3.49 4.59 10.91
N ALA A 125 4.41 3.73 10.53
CA ALA A 125 5.13 2.86 11.42
C ALA A 125 6.21 2.20 10.58
N PRO A 126 7.26 1.60 11.20
CA PRO A 126 8.28 0.91 10.44
C PRO A 126 7.71 -0.32 9.71
N GLY A 127 7.41 -0.12 8.45
CA GLY A 127 6.80 -1.16 7.66
C GLY A 127 5.46 -0.72 7.12
N TYR A 128 5.00 0.43 7.51
CA TYR A 128 3.74 0.95 7.02
C TYR A 128 3.95 2.30 6.40
N PHE A 129 3.69 2.38 5.13
CA PHE A 129 3.92 3.58 4.37
C PHE A 129 2.61 4.10 3.79
N THR A 130 2.67 5.30 3.34
CA THR A 130 1.54 6.01 2.78
C THR A 130 2.04 7.02 1.76
N PHE A 131 1.38 7.12 0.64
CA PHE A 131 1.71 8.08 -0.37
C PHE A 131 0.51 8.93 -0.65
N GLN A 132 0.62 10.21 -0.37
CA GLN A 132 -0.45 11.14 -0.62
C GLN A 132 -0.09 11.93 -1.86
N VAL A 133 -0.75 11.63 -2.94
CA VAL A 133 -0.51 12.33 -4.18
C VAL A 133 -1.60 13.40 -4.39
N LEU A 134 -1.19 14.65 -4.29
CA LEU A 134 -2.09 15.78 -4.47
C LEU A 134 -2.06 16.23 -5.91
N PRO A 135 -3.11 16.91 -6.40
CA PRO A 135 -3.08 17.51 -7.70
C PRO A 135 -2.39 18.87 -7.64
N LYS A 136 -1.57 19.16 -8.61
CA LYS A 136 -0.90 20.43 -8.62
C LYS A 136 -1.42 21.19 -9.81
N LYS A 137 -1.66 22.45 -9.65
CA LYS A 137 -2.12 23.24 -10.74
C LYS A 137 -1.34 24.54 -10.76
N GLN A 138 -1.15 25.08 -11.92
CA GLN A 138 -0.40 26.30 -12.10
C GLN A 138 -1.29 27.53 -11.83
N MET A 1 -6.26 -37.95 17.61
CA MET A 1 -7.69 -38.04 17.31
C MET A 1 -8.45 -38.22 18.60
N GLY A 2 -9.76 -38.01 18.54
CA GLY A 2 -10.59 -38.19 19.70
C GLY A 2 -12.01 -37.79 19.42
N SER A 3 -12.23 -36.53 19.23
CA SER A 3 -13.54 -36.03 18.91
C SER A 3 -13.69 -35.86 17.40
N SER A 4 -14.80 -36.29 16.85
CA SER A 4 -15.04 -36.16 15.42
C SER A 4 -15.55 -34.75 15.15
N HIS A 5 -16.37 -34.27 16.05
CA HIS A 5 -16.90 -32.95 16.02
C HIS A 5 -16.75 -32.35 17.40
N HIS A 6 -15.84 -31.44 17.54
CA HIS A 6 -15.54 -30.87 18.83
C HIS A 6 -16.29 -29.56 19.03
N HIS A 7 -16.47 -28.82 17.96
CA HIS A 7 -17.11 -27.54 18.02
C HIS A 7 -18.59 -27.68 18.29
N HIS A 8 -19.10 -26.76 19.04
CA HIS A 8 -20.50 -26.73 19.37
C HIS A 8 -20.99 -25.31 19.20
N HIS A 9 -21.72 -25.11 18.16
CA HIS A 9 -22.28 -23.84 17.82
C HIS A 9 -23.48 -24.18 16.97
N HIS A 10 -24.58 -23.54 17.19
CA HIS A 10 -25.77 -23.86 16.43
C HIS A 10 -26.00 -22.83 15.33
N GLY A 11 -26.88 -23.15 14.43
CA GLY A 11 -27.17 -22.26 13.35
C GLY A 11 -26.23 -22.48 12.20
N LEU A 12 -25.24 -21.60 12.08
CA LEU A 12 -24.25 -21.64 10.98
C LEU A 12 -24.91 -21.39 9.65
N VAL A 13 -24.15 -21.57 8.61
CA VAL A 13 -24.63 -21.45 7.28
C VAL A 13 -23.88 -22.47 6.43
N PRO A 14 -24.61 -23.32 5.68
CA PRO A 14 -23.98 -24.27 4.78
C PRO A 14 -23.23 -23.51 3.67
N ARG A 15 -23.93 -22.59 3.04
CA ARG A 15 -23.35 -21.71 2.04
C ARG A 15 -24.32 -20.55 1.76
N GLY A 16 -25.59 -20.80 2.02
CA GLY A 16 -26.61 -19.79 1.86
C GLY A 16 -27.38 -20.05 0.62
N SER A 17 -27.02 -19.39 -0.42
CA SER A 17 -27.58 -19.62 -1.71
C SER A 17 -26.70 -20.70 -2.35
N HIS A 18 -27.31 -21.71 -3.00
CA HIS A 18 -26.52 -22.80 -3.60
C HIS A 18 -25.47 -22.29 -4.57
N MET A 19 -24.22 -22.47 -4.15
CA MET A 19 -23.04 -21.95 -4.81
C MET A 19 -23.08 -20.43 -4.92
N ALA A 20 -22.77 -19.81 -3.81
CA ALA A 20 -22.68 -18.37 -3.72
C ALA A 20 -21.49 -18.01 -2.85
N SER A 21 -20.60 -18.97 -2.67
CA SER A 21 -19.44 -18.77 -1.87
C SER A 21 -18.44 -19.88 -2.18
N MET A 22 -17.23 -19.48 -2.44
CA MET A 22 -16.13 -20.38 -2.73
C MET A 22 -14.83 -19.70 -2.32
N THR A 23 -14.57 -18.55 -2.90
CA THR A 23 -13.39 -17.78 -2.59
C THR A 23 -13.68 -16.91 -1.35
N GLY A 24 -14.97 -16.62 -1.14
CA GLY A 24 -15.41 -15.84 0.00
C GLY A 24 -15.13 -16.57 1.30
N GLY A 25 -14.81 -15.82 2.32
CA GLY A 25 -14.48 -16.40 3.58
C GLY A 25 -12.98 -16.49 3.70
N GLN A 26 -12.35 -15.34 3.77
CA GLN A 26 -10.90 -15.29 3.86
C GLN A 26 -10.47 -14.95 5.27
N GLN A 27 -9.17 -14.99 5.50
CA GLN A 27 -8.59 -14.63 6.78
C GLN A 27 -8.60 -13.11 6.86
N MET A 28 -9.56 -12.59 7.57
CA MET A 28 -9.73 -11.16 7.72
C MET A 28 -9.59 -10.76 9.16
N GLY A 29 -9.62 -9.47 9.41
CA GLY A 29 -9.53 -8.99 10.76
C GLY A 29 -8.22 -8.32 11.01
N ARG A 30 -7.27 -8.58 10.15
CA ARG A 30 -5.96 -7.99 10.29
C ARG A 30 -5.68 -7.07 9.13
N GLY A 31 -5.91 -7.55 7.92
CA GLY A 31 -5.67 -6.75 6.72
C GLY A 31 -4.21 -6.74 6.31
N SER A 32 -3.36 -6.80 7.28
CA SER A 32 -1.96 -6.82 7.10
C SER A 32 -1.42 -8.19 7.49
N LYS A 33 -1.24 -9.05 6.51
CA LYS A 33 -0.69 -10.37 6.76
C LYS A 33 0.77 -10.38 6.29
N GLN A 34 1.02 -9.56 5.29
CA GLN A 34 2.29 -9.44 4.65
C GLN A 34 2.15 -8.25 3.69
N THR A 35 3.04 -8.10 2.75
CA THR A 35 3.14 -6.91 1.92
C THR A 35 1.90 -6.70 1.04
N ASN A 36 1.30 -5.53 1.14
CA ASN A 36 0.08 -5.22 0.43
C ASN A 36 -0.01 -3.73 0.17
N ILE A 37 -0.98 -3.35 -0.63
CA ILE A 37 -1.23 -1.96 -0.98
C ILE A 37 -2.71 -1.62 -0.84
N ASP A 38 -3.00 -0.36 -0.71
CA ASP A 38 -4.35 0.08 -0.48
C ASP A 38 -4.52 1.45 -1.09
N PHE A 39 -5.73 1.84 -1.43
CA PHE A 39 -5.96 3.17 -1.95
C PHE A 39 -7.21 3.78 -1.34
N ARG A 40 -7.10 5.05 -1.01
CA ARG A 40 -8.19 5.88 -0.58
C ARG A 40 -7.84 7.32 -0.92
N LYS A 41 -8.79 8.19 -0.82
CA LYS A 41 -8.57 9.60 -1.11
C LYS A 41 -8.72 10.41 0.16
N ASP A 42 -8.08 11.56 0.20
CA ASP A 42 -8.14 12.43 1.38
C ASP A 42 -8.13 13.87 0.93
N GLY A 43 -9.18 14.56 1.23
CA GLY A 43 -9.26 15.97 0.94
C GLY A 43 -9.62 16.29 -0.47
N LYS A 44 -8.72 16.92 -1.17
CA LYS A 44 -9.01 17.42 -2.49
C LYS A 44 -8.43 16.51 -3.56
N ASN A 45 -9.14 15.42 -3.83
CA ASN A 45 -8.79 14.46 -4.89
C ASN A 45 -7.40 13.87 -4.74
N ALA A 46 -6.85 13.95 -3.57
CA ALA A 46 -5.54 13.46 -3.30
C ALA A 46 -5.56 11.95 -3.25
N GLY A 47 -4.59 11.34 -3.88
CA GLY A 47 -4.50 9.92 -3.94
C GLY A 47 -3.66 9.40 -2.80
N ILE A 48 -4.20 8.52 -2.00
CA ILE A 48 -3.45 7.96 -0.90
C ILE A 48 -3.28 6.48 -1.06
N ILE A 49 -2.07 6.09 -1.28
CA ILE A 49 -1.71 4.72 -1.42
C ILE A 49 -1.12 4.24 -0.11
N GLU A 50 -1.81 3.38 0.56
CA GLU A 50 -1.33 2.87 1.81
C GLU A 50 -0.64 1.54 1.60
N LEU A 51 0.63 1.61 1.67
CA LEU A 51 1.52 0.52 1.43
C LEU A 51 1.90 -0.16 2.74
N ALA A 52 1.73 -1.43 2.77
CA ALA A 52 2.09 -2.20 3.90
C ALA A 52 3.20 -3.15 3.52
N ALA A 53 4.41 -2.84 3.89
CA ALA A 53 5.53 -3.68 3.59
C ALA A 53 6.02 -4.31 4.85
N LEU A 54 5.48 -5.46 5.12
CA LEU A 54 5.80 -6.18 6.33
C LEU A 54 7.12 -6.87 6.18
N GLY A 55 8.04 -6.45 6.98
CA GLY A 55 9.35 -7.00 6.95
C GLY A 55 10.33 -6.00 6.38
N PHE A 56 9.89 -4.78 6.25
CA PHE A 56 10.75 -3.77 5.71
C PHE A 56 11.02 -2.70 6.74
N ALA A 57 12.21 -2.69 7.24
CA ALA A 57 12.59 -1.73 8.22
C ALA A 57 13.46 -0.65 7.59
N GLY A 58 12.84 0.43 7.20
CA GLY A 58 13.55 1.52 6.61
C GLY A 58 12.63 2.35 5.77
N GLN A 59 13.13 2.79 4.63
CA GLN A 59 12.35 3.57 3.70
C GLN A 59 12.49 2.96 2.32
N PRO A 60 11.41 2.90 1.54
CA PRO A 60 11.49 2.40 0.19
C PRO A 60 12.26 3.38 -0.69
N ASP A 61 12.52 2.96 -1.86
CA ASP A 61 13.24 3.71 -2.85
C ASP A 61 12.25 4.30 -3.81
N ILE A 62 12.00 5.57 -3.69
CA ILE A 62 11.01 6.22 -4.51
C ILE A 62 11.66 7.01 -5.65
N SER A 63 11.05 6.92 -6.79
CA SER A 63 11.42 7.64 -7.97
C SER A 63 10.15 8.34 -8.48
N GLN A 64 10.20 9.65 -8.64
CA GLN A 64 9.04 10.41 -9.07
C GLN A 64 9.11 10.78 -10.52
N GLN A 65 8.21 10.25 -11.28
CA GLN A 65 8.07 10.66 -12.65
C GLN A 65 6.68 11.24 -12.78
N HIS A 66 6.44 12.01 -13.79
CA HIS A 66 5.12 12.59 -13.99
C HIS A 66 4.19 11.55 -14.53
N ASP A 67 4.76 10.64 -15.29
CA ASP A 67 4.02 9.54 -15.89
C ASP A 67 3.54 8.55 -14.83
N HIS A 68 4.39 8.25 -13.87
CA HIS A 68 4.05 7.35 -12.76
C HIS A 68 5.11 7.40 -11.68
N ILE A 69 4.81 6.82 -10.55
CA ILE A 69 5.71 6.79 -9.42
C ILE A 69 6.25 5.38 -9.33
N ILE A 70 7.50 5.25 -8.98
CA ILE A 70 8.12 3.97 -8.82
C ILE A 70 8.65 3.91 -7.42
N VAL A 71 8.24 2.94 -6.68
CA VAL A 71 8.77 2.73 -5.37
C VAL A 71 9.39 1.36 -5.35
N THR A 72 10.49 1.21 -4.70
CA THR A 72 11.10 -0.07 -4.61
C THR A 72 11.55 -0.35 -3.19
N LEU A 73 11.14 -1.44 -2.66
CA LEU A 73 11.55 -1.82 -1.37
C LEU A 73 12.73 -2.71 -1.55
N LYS A 74 13.87 -2.14 -1.39
CA LYS A 74 15.11 -2.81 -1.55
C LYS A 74 15.26 -3.99 -0.61
N ASN A 75 15.55 -5.13 -1.20
CA ASN A 75 15.77 -6.41 -0.48
C ASN A 75 14.48 -6.84 0.26
N HIS A 76 13.36 -6.57 -0.36
CA HIS A 76 12.07 -6.95 0.19
C HIS A 76 11.36 -7.86 -0.79
N THR A 77 11.06 -9.05 -0.38
CA THR A 77 10.38 -9.98 -1.21
C THR A 77 8.85 -9.83 -1.11
N LEU A 78 8.18 -10.04 -2.21
CA LEU A 78 6.76 -9.98 -2.30
C LEU A 78 6.25 -11.23 -3.00
N PRO A 79 5.27 -11.90 -2.42
CA PRO A 79 4.59 -13.00 -3.08
C PRO A 79 3.68 -12.51 -4.19
N THR A 80 3.47 -13.33 -5.19
CA THR A 80 2.65 -13.02 -6.33
C THR A 80 1.16 -12.89 -5.95
N THR A 81 0.79 -13.48 -4.82
CA THR A 81 -0.58 -13.46 -4.35
C THR A 81 -0.93 -12.07 -3.79
N LEU A 82 0.09 -11.30 -3.48
CA LEU A 82 -0.11 -10.01 -2.89
C LEU A 82 0.16 -8.91 -3.89
N GLN A 83 0.67 -9.28 -5.05
CA GLN A 83 0.93 -8.31 -6.07
C GLN A 83 -0.36 -8.10 -6.88
N ARG A 84 -1.03 -7.04 -6.60
CA ARG A 84 -2.28 -6.78 -7.26
C ARG A 84 -2.40 -5.32 -7.60
N SER A 85 -3.22 -5.03 -8.55
CA SER A 85 -3.37 -3.71 -9.05
C SER A 85 -4.74 -3.13 -8.75
N LEU A 86 -4.78 -1.85 -8.51
CA LEU A 86 -5.98 -1.14 -8.23
C LEU A 86 -6.23 -0.23 -9.38
N ASP A 87 -7.32 -0.40 -10.02
CA ASP A 87 -7.69 0.45 -11.11
C ASP A 87 -8.39 1.63 -10.56
N VAL A 88 -7.63 2.65 -10.35
CA VAL A 88 -8.08 3.84 -9.69
C VAL A 88 -8.24 4.97 -10.74
N ALA A 89 -8.56 4.59 -11.93
CA ALA A 89 -8.81 5.56 -12.95
C ALA A 89 -10.23 6.04 -12.80
N ASP A 90 -10.44 7.32 -13.08
CA ASP A 90 -11.74 8.00 -12.99
C ASP A 90 -12.15 8.21 -11.51
N PHE A 91 -11.15 8.18 -10.64
CA PHE A 91 -11.32 8.49 -9.22
C PHE A 91 -11.09 9.98 -8.99
N LYS A 92 -10.76 10.68 -10.09
CA LYS A 92 -10.57 12.15 -10.12
C LYS A 92 -9.29 12.57 -9.43
N THR A 93 -8.42 11.61 -9.17
CA THR A 93 -7.22 11.90 -8.44
C THR A 93 -6.06 12.12 -9.45
N PRO A 94 -4.85 12.50 -8.99
CA PRO A 94 -3.70 12.61 -9.86
C PRO A 94 -3.14 11.23 -10.19
N VAL A 95 -3.56 10.23 -9.42
CA VAL A 95 -3.14 8.88 -9.59
C VAL A 95 -4.15 8.20 -10.54
N GLN A 96 -3.65 7.41 -11.44
CA GLN A 96 -4.50 6.74 -12.39
C GLN A 96 -4.66 5.29 -12.05
N LYS A 97 -3.64 4.70 -11.48
CA LYS A 97 -3.66 3.29 -11.21
C LYS A 97 -2.61 2.95 -10.20
N VAL A 98 -2.96 2.17 -9.23
CA VAL A 98 -1.99 1.66 -8.28
C VAL A 98 -1.64 0.24 -8.71
N THR A 99 -0.39 -0.08 -8.76
CA THR A 99 0.03 -1.40 -9.16
C THR A 99 1.24 -1.86 -8.36
N LEU A 100 1.09 -2.94 -7.63
CA LEU A 100 2.17 -3.49 -6.88
C LEU A 100 2.79 -4.60 -7.71
N LYS A 101 4.07 -4.52 -7.94
CA LYS A 101 4.78 -5.43 -8.79
C LYS A 101 5.90 -6.12 -8.03
N ARG A 102 5.95 -7.42 -8.10
CA ARG A 102 7.02 -8.16 -7.55
C ARG A 102 8.24 -8.00 -8.46
N LEU A 103 9.35 -7.62 -7.88
CA LEU A 103 10.57 -7.51 -8.61
C LEU A 103 11.46 -8.68 -8.16
N ASN A 104 12.66 -8.81 -8.70
CA ASN A 104 13.60 -9.91 -8.39
C ASN A 104 13.74 -10.16 -6.88
N ASN A 105 14.32 -9.22 -6.19
CA ASN A 105 14.51 -9.34 -4.75
C ASN A 105 13.89 -8.17 -4.04
N ASP A 106 13.34 -7.26 -4.81
CA ASP A 106 12.77 -6.05 -4.27
C ASP A 106 11.30 -6.04 -4.59
N THR A 107 10.59 -5.15 -3.98
CA THR A 107 9.20 -4.98 -4.26
C THR A 107 9.02 -3.62 -4.92
N GLN A 108 8.37 -3.57 -6.05
CA GLN A 108 8.23 -2.34 -6.77
C GLN A 108 6.79 -1.88 -6.73
N LEU A 109 6.56 -0.65 -6.38
CA LEU A 109 5.25 -0.12 -6.38
C LEU A 109 5.14 0.92 -7.47
N ILE A 110 4.19 0.73 -8.33
CA ILE A 110 3.98 1.59 -9.45
C ILE A 110 2.66 2.33 -9.26
N ILE A 111 2.71 3.62 -9.24
CA ILE A 111 1.53 4.43 -9.09
C ILE A 111 1.45 5.34 -10.31
N THR A 112 0.62 5.01 -11.26
CA THR A 112 0.50 5.79 -12.47
C THR A 112 -0.14 7.14 -12.17
N THR A 113 0.35 8.21 -12.78
CA THR A 113 -0.15 9.55 -12.50
C THR A 113 -0.42 10.37 -13.77
N ALA A 114 -1.14 11.47 -13.61
CA ALA A 114 -1.48 12.36 -14.70
C ALA A 114 -1.50 13.80 -14.22
N GLY A 115 -1.05 14.71 -15.08
CA GLY A 115 -1.05 16.13 -14.75
C GLY A 115 0.10 16.50 -13.85
N ASN A 116 -0.03 17.62 -13.17
CA ASN A 116 0.96 18.07 -12.21
C ASN A 116 0.52 17.54 -10.89
N TRP A 117 1.42 17.02 -10.12
CA TRP A 117 1.04 16.41 -8.88
C TRP A 117 2.16 16.52 -7.83
N GLU A 118 1.80 16.37 -6.57
CA GLU A 118 2.75 16.50 -5.46
C GLU A 118 2.84 15.18 -4.71
N LEU A 119 4.03 14.73 -4.42
CA LEU A 119 4.18 13.46 -3.71
C LEU A 119 4.63 13.73 -2.30
N VAL A 120 3.86 13.30 -1.37
CA VAL A 120 4.28 13.36 -0.01
C VAL A 120 4.24 11.98 0.57
N ASN A 121 5.39 11.48 0.87
CA ASN A 121 5.49 10.17 1.37
C ASN A 121 5.52 10.18 2.88
N LYS A 122 4.84 9.25 3.47
CA LYS A 122 4.74 9.15 4.90
C LYS A 122 5.03 7.74 5.36
N SER A 123 5.54 7.63 6.54
CA SER A 123 5.72 6.39 7.21
C SER A 123 4.84 6.37 8.43
N ALA A 124 4.04 5.36 8.56
CA ALA A 124 3.16 5.24 9.70
C ALA A 124 3.89 4.53 10.83
N ALA A 125 4.73 3.60 10.41
CA ALA A 125 5.53 2.76 11.27
C ALA A 125 6.53 2.12 10.35
N PRO A 126 7.64 1.52 10.84
CA PRO A 126 8.63 0.90 9.97
C PRO A 126 8.04 -0.32 9.25
N GLY A 127 7.57 -0.08 8.05
CA GLY A 127 6.95 -1.11 7.26
C GLY A 127 5.64 -0.60 6.68
N TYR A 128 4.99 0.26 7.41
CA TYR A 128 3.74 0.81 6.96
C TYR A 128 3.98 2.16 6.35
N PHE A 129 3.69 2.25 5.10
CA PHE A 129 3.95 3.43 4.35
C PHE A 129 2.66 3.98 3.79
N THR A 130 2.74 5.17 3.37
CA THR A 130 1.62 5.90 2.86
C THR A 130 2.13 6.93 1.84
N PHE A 131 1.56 6.94 0.68
CA PHE A 131 1.92 7.90 -0.33
C PHE A 131 0.75 8.77 -0.61
N GLN A 132 0.87 10.02 -0.29
CA GLN A 132 -0.19 10.95 -0.54
C GLN A 132 0.20 11.78 -1.75
N VAL A 133 -0.49 11.59 -2.79
CA VAL A 133 -0.27 12.31 -4.02
C VAL A 133 -1.36 13.36 -4.22
N LEU A 134 -1.01 14.62 -3.97
CA LEU A 134 -1.94 15.72 -4.13
C LEU A 134 -1.91 16.21 -5.56
N PRO A 135 -2.99 16.79 -6.08
CA PRO A 135 -2.98 17.39 -7.39
C PRO A 135 -2.31 18.76 -7.31
N LYS A 136 -1.38 18.99 -8.18
CA LYS A 136 -0.66 20.24 -8.19
C LYS A 136 -1.25 21.14 -9.22
N LYS A 137 -1.76 22.25 -8.80
CA LYS A 137 -2.26 23.18 -9.74
C LYS A 137 -1.47 24.46 -9.61
N GLN A 138 -0.67 24.71 -10.57
CA GLN A 138 0.17 25.85 -10.60
C GLN A 138 -0.09 26.64 -11.87
N MET A 1 -14.36 -28.40 -30.67
CA MET A 1 -14.99 -29.69 -30.33
C MET A 1 -16.33 -29.42 -29.67
N GLY A 2 -17.19 -30.41 -29.63
CA GLY A 2 -18.49 -30.24 -29.01
C GLY A 2 -18.49 -30.80 -27.61
N SER A 3 -17.60 -30.24 -26.78
CA SER A 3 -17.40 -30.67 -25.40
C SER A 3 -16.97 -32.14 -25.30
N SER A 4 -15.72 -32.37 -25.60
CA SER A 4 -15.16 -33.70 -25.60
C SER A 4 -14.37 -33.93 -24.31
N HIS A 5 -13.77 -32.84 -23.80
CA HIS A 5 -12.90 -32.85 -22.60
C HIS A 5 -11.61 -33.60 -22.87
N HIS A 6 -10.50 -32.91 -22.83
CA HIS A 6 -9.22 -33.51 -23.10
C HIS A 6 -8.77 -34.31 -21.88
N HIS A 7 -8.64 -35.60 -22.06
CA HIS A 7 -8.18 -36.48 -21.01
C HIS A 7 -6.92 -37.15 -21.46
N HIS A 8 -5.81 -36.73 -20.93
CA HIS A 8 -4.58 -37.41 -21.23
C HIS A 8 -4.34 -38.37 -20.08
N HIS A 9 -4.90 -39.56 -20.22
CA HIS A 9 -4.94 -40.59 -19.18
C HIS A 9 -5.84 -40.13 -18.04
N HIS A 10 -5.94 -40.90 -17.02
CA HIS A 10 -6.71 -40.48 -15.87
C HIS A 10 -5.94 -40.72 -14.60
N GLY A 11 -5.23 -39.70 -14.20
CA GLY A 11 -4.46 -39.71 -13.00
C GLY A 11 -4.73 -38.42 -12.27
N LEU A 12 -4.39 -38.36 -11.01
CA LEU A 12 -4.69 -37.18 -10.20
C LEU A 12 -3.92 -37.22 -8.90
N VAL A 13 -3.68 -38.45 -8.42
CA VAL A 13 -3.08 -38.76 -7.12
C VAL A 13 -3.93 -38.25 -5.95
N PRO A 14 -4.63 -39.20 -5.25
CA PRO A 14 -5.63 -38.92 -4.20
C PRO A 14 -5.41 -37.66 -3.37
N ARG A 15 -4.32 -37.59 -2.65
CA ARG A 15 -4.04 -36.44 -1.86
C ARG A 15 -2.63 -35.94 -2.15
N GLY A 16 -2.56 -34.98 -3.03
CA GLY A 16 -1.32 -34.37 -3.42
C GLY A 16 -1.58 -33.05 -4.09
N SER A 17 -2.56 -32.34 -3.59
CA SER A 17 -2.95 -31.08 -4.12
C SER A 17 -2.01 -30.00 -3.58
N HIS A 18 -1.24 -29.35 -4.46
CA HIS A 18 -0.33 -28.31 -3.99
C HIS A 18 -1.06 -26.97 -3.87
N MET A 19 -2.31 -26.98 -4.24
CA MET A 19 -3.15 -25.84 -3.98
C MET A 19 -3.62 -25.96 -2.55
N ALA A 20 -2.82 -25.39 -1.66
CA ALA A 20 -3.01 -25.45 -0.22
C ALA A 20 -2.86 -26.89 0.29
N SER A 21 -1.63 -27.41 0.23
CA SER A 21 -1.32 -28.74 0.77
C SER A 21 -1.50 -28.71 2.27
N MET A 22 -1.20 -27.56 2.81
CA MET A 22 -1.40 -27.24 4.18
C MET A 22 -2.01 -25.87 4.13
N THR A 23 -3.30 -25.79 4.33
CA THR A 23 -3.99 -24.53 4.23
C THR A 23 -3.58 -23.61 5.38
N GLY A 24 -3.85 -24.06 6.57
CA GLY A 24 -3.60 -23.28 7.72
C GLY A 24 -4.88 -22.88 8.36
N GLY A 25 -5.65 -22.10 7.67
CA GLY A 25 -6.92 -21.69 8.15
C GLY A 25 -6.99 -20.22 8.33
N GLN A 26 -6.25 -19.71 9.28
CA GLN A 26 -6.27 -18.31 9.57
C GLN A 26 -5.40 -17.55 8.60
N GLN A 27 -6.03 -16.89 7.68
CA GLN A 27 -5.35 -16.06 6.69
C GLN A 27 -5.95 -14.65 6.75
N MET A 28 -6.83 -14.48 7.71
CA MET A 28 -7.66 -13.30 7.85
C MET A 28 -6.87 -12.01 7.92
N GLY A 29 -7.33 -11.07 7.17
CA GLY A 29 -6.66 -9.84 6.99
C GLY A 29 -6.45 -9.63 5.52
N ARG A 30 -7.14 -8.67 4.95
CA ARG A 30 -7.04 -8.43 3.51
C ARG A 30 -5.68 -7.85 3.15
N GLY A 31 -4.99 -7.35 4.14
CA GLY A 31 -3.69 -6.82 3.96
C GLY A 31 -3.13 -6.34 5.26
N SER A 32 -2.51 -7.24 5.98
CA SER A 32 -1.90 -6.90 7.27
C SER A 32 -0.80 -7.89 7.63
N LYS A 33 -0.91 -9.11 7.18
CA LYS A 33 0.04 -10.14 7.54
C LYS A 33 1.29 -10.06 6.69
N GLN A 34 1.14 -9.71 5.44
CA GLN A 34 2.25 -9.63 4.54
C GLN A 34 2.04 -8.42 3.60
N THR A 35 3.00 -8.15 2.73
CA THR A 35 3.10 -6.92 1.94
C THR A 35 1.91 -6.67 1.00
N ASN A 36 1.39 -5.45 1.01
CA ASN A 36 0.24 -5.10 0.20
C ASN A 36 0.14 -3.60 0.07
N ILE A 37 -0.74 -3.16 -0.79
CA ILE A 37 -0.99 -1.76 -1.02
C ILE A 37 -2.48 -1.49 -1.10
N ASP A 38 -2.85 -0.27 -0.84
CA ASP A 38 -4.26 0.15 -0.78
C ASP A 38 -4.39 1.56 -1.28
N PHE A 39 -5.56 1.92 -1.72
CA PHE A 39 -5.83 3.26 -2.18
C PHE A 39 -7.00 3.88 -1.40
N ARG A 40 -6.93 5.18 -1.16
CA ARG A 40 -8.03 5.96 -0.61
C ARG A 40 -7.85 7.42 -1.03
N LYS A 41 -8.87 8.23 -0.90
CA LYS A 41 -8.76 9.65 -1.21
C LYS A 41 -8.96 10.48 0.04
N ASP A 42 -8.34 11.63 0.07
CA ASP A 42 -8.44 12.55 1.19
C ASP A 42 -8.64 13.96 0.70
N GLY A 43 -9.47 14.69 1.39
CA GLY A 43 -9.66 16.10 1.13
C GLY A 43 -10.25 16.41 -0.20
N LYS A 44 -9.40 16.74 -1.13
CA LYS A 44 -9.81 17.11 -2.45
C LYS A 44 -8.94 16.43 -3.48
N ASN A 45 -9.38 15.29 -3.92
CA ASN A 45 -8.77 14.54 -5.03
C ASN A 45 -7.36 14.03 -4.75
N ALA A 46 -6.94 14.07 -3.51
CA ALA A 46 -5.64 13.58 -3.14
C ALA A 46 -5.65 12.06 -3.15
N GLY A 47 -4.67 11.48 -3.80
CA GLY A 47 -4.59 10.04 -3.96
C GLY A 47 -3.68 9.43 -2.93
N ILE A 48 -4.21 8.64 -2.04
CA ILE A 48 -3.40 8.05 -0.99
C ILE A 48 -3.18 6.58 -1.23
N ILE A 49 -1.96 6.23 -1.41
CA ILE A 49 -1.58 4.87 -1.56
C ILE A 49 -0.96 4.41 -0.25
N GLU A 50 -1.63 3.54 0.41
CA GLU A 50 -1.17 3.01 1.66
C GLU A 50 -0.37 1.76 1.37
N LEU A 51 0.81 1.70 1.90
CA LEU A 51 1.72 0.61 1.65
C LEU A 51 2.01 -0.16 2.93
N ALA A 52 1.76 -1.44 2.89
CA ALA A 52 2.05 -2.30 3.98
C ALA A 52 3.21 -3.20 3.57
N ALA A 53 4.38 -2.93 4.08
CA ALA A 53 5.55 -3.73 3.77
C ALA A 53 6.06 -4.36 5.03
N LEU A 54 5.59 -5.54 5.29
CA LEU A 54 5.92 -6.21 6.52
C LEU A 54 7.28 -6.86 6.43
N GLY A 55 8.16 -6.38 7.24
CA GLY A 55 9.49 -6.92 7.32
C GLY A 55 10.51 -5.93 6.81
N PHE A 56 10.06 -4.74 6.45
CA PHE A 56 10.94 -3.72 5.93
C PHE A 56 10.97 -2.56 6.90
N ALA A 57 12.12 -2.32 7.50
CA ALA A 57 12.25 -1.26 8.48
C ALA A 57 13.04 -0.07 7.92
N GLY A 58 13.65 -0.26 6.77
CA GLY A 58 14.44 0.79 6.16
C GLY A 58 13.60 1.76 5.36
N GLN A 59 14.20 2.40 4.38
CA GLN A 59 13.48 3.36 3.55
C GLN A 59 13.51 2.91 2.10
N PRO A 60 12.37 2.96 1.41
CA PRO A 60 12.28 2.57 0.01
C PRO A 60 12.89 3.60 -0.93
N ASP A 61 12.97 3.22 -2.16
CA ASP A 61 13.48 4.08 -3.20
C ASP A 61 12.33 4.77 -3.88
N ILE A 62 12.25 6.05 -3.73
CA ILE A 62 11.21 6.82 -4.34
C ILE A 62 11.73 7.45 -5.63
N SER A 63 11.24 6.91 -6.70
CA SER A 63 11.53 7.38 -8.01
C SER A 63 10.27 8.05 -8.58
N GLN A 64 10.32 9.35 -8.76
CA GLN A 64 9.17 10.12 -9.19
C GLN A 64 9.27 10.54 -10.63
N GLN A 65 8.28 10.18 -11.37
CA GLN A 65 8.13 10.61 -12.73
C GLN A 65 6.78 11.24 -12.83
N HIS A 66 6.51 11.93 -13.91
CA HIS A 66 5.19 12.52 -14.09
C HIS A 66 4.20 11.46 -14.49
N ASP A 67 4.70 10.52 -15.29
CA ASP A 67 3.89 9.44 -15.82
C ASP A 67 3.53 8.42 -14.75
N HIS A 68 4.44 8.14 -13.84
CA HIS A 68 4.17 7.21 -12.76
C HIS A 68 5.25 7.28 -11.70
N ILE A 69 4.97 6.72 -10.57
CA ILE A 69 5.90 6.67 -9.47
C ILE A 69 6.42 5.26 -9.39
N ILE A 70 7.66 5.14 -9.05
CA ILE A 70 8.30 3.87 -8.88
C ILE A 70 8.83 3.82 -7.47
N VAL A 71 8.25 3.00 -6.66
CA VAL A 71 8.73 2.83 -5.32
C VAL A 71 9.35 1.46 -5.22
N THR A 72 10.61 1.41 -4.96
CA THR A 72 11.27 0.14 -4.87
C THR A 72 11.72 -0.16 -3.45
N LEU A 73 11.27 -1.27 -2.94
CA LEU A 73 11.62 -1.72 -1.63
C LEU A 73 12.70 -2.73 -1.78
N LYS A 74 13.91 -2.29 -1.55
CA LYS A 74 15.07 -3.09 -1.76
C LYS A 74 15.17 -4.26 -0.84
N ASN A 75 15.39 -5.39 -1.46
CA ASN A 75 15.58 -6.70 -0.80
C ASN A 75 14.30 -7.11 -0.07
N HIS A 76 13.20 -6.59 -0.52
CA HIS A 76 11.93 -6.86 0.06
C HIS A 76 11.19 -7.63 -0.96
N THR A 77 11.01 -8.87 -0.75
CA THR A 77 10.41 -9.65 -1.75
C THR A 77 8.90 -9.77 -1.50
N LEU A 78 8.16 -9.68 -2.58
CA LEU A 78 6.73 -9.69 -2.54
C LEU A 78 6.17 -10.93 -3.20
N PRO A 79 5.29 -11.64 -2.52
CA PRO A 79 4.51 -12.71 -3.11
C PRO A 79 3.61 -12.16 -4.24
N THR A 80 3.57 -12.85 -5.35
CA THR A 80 2.77 -12.43 -6.50
C THR A 80 1.25 -12.52 -6.19
N THR A 81 0.91 -13.19 -5.12
CA THR A 81 -0.45 -13.32 -4.68
C THR A 81 -0.94 -11.99 -4.06
N LEU A 82 -0.01 -11.19 -3.59
CA LEU A 82 -0.36 -9.97 -2.89
C LEU A 82 -0.22 -8.77 -3.78
N GLN A 83 0.35 -8.97 -4.94
CA GLN A 83 0.52 -7.89 -5.85
C GLN A 83 -0.82 -7.58 -6.54
N ARG A 84 -1.51 -6.65 -5.98
CA ARG A 84 -2.79 -6.29 -6.46
C ARG A 84 -2.69 -5.03 -7.28
N SER A 85 -3.71 -4.74 -8.00
CA SER A 85 -3.77 -3.56 -8.77
C SER A 85 -5.13 -2.93 -8.62
N LEU A 86 -5.12 -1.69 -8.27
CA LEU A 86 -6.31 -0.90 -8.09
C LEU A 86 -6.59 -0.30 -9.41
N ASP A 87 -7.80 -0.41 -9.88
CA ASP A 87 -8.14 0.19 -11.14
C ASP A 87 -8.15 1.69 -10.96
N VAL A 88 -8.73 2.14 -9.82
CA VAL A 88 -8.82 3.54 -9.39
C VAL A 88 -9.15 4.50 -10.57
N ALA A 89 -9.95 4.00 -11.50
CA ALA A 89 -10.33 4.74 -12.65
C ALA A 89 -11.60 5.50 -12.38
N ASP A 90 -11.60 6.74 -12.84
CA ASP A 90 -12.68 7.71 -12.66
C ASP A 90 -12.76 8.14 -11.19
N PHE A 91 -11.70 7.83 -10.45
CA PHE A 91 -11.56 8.26 -9.06
C PHE A 91 -11.18 9.71 -9.04
N LYS A 92 -10.64 10.18 -10.15
CA LYS A 92 -10.31 11.58 -10.38
C LYS A 92 -9.27 12.06 -9.42
N THR A 93 -8.14 11.45 -9.46
CA THR A 93 -7.06 11.86 -8.62
C THR A 93 -5.84 11.94 -9.54
N PRO A 94 -4.66 12.44 -9.07
CA PRO A 94 -3.46 12.45 -9.89
C PRO A 94 -2.97 11.02 -10.16
N VAL A 95 -3.35 10.10 -9.26
CA VAL A 95 -3.03 8.71 -9.42
C VAL A 95 -4.12 8.03 -10.24
N GLN A 96 -3.69 7.50 -11.33
CA GLN A 96 -4.56 6.92 -12.32
C GLN A 96 -4.75 5.43 -12.05
N LYS A 97 -3.69 4.78 -11.62
CA LYS A 97 -3.74 3.35 -11.29
C LYS A 97 -2.67 2.98 -10.27
N VAL A 98 -3.05 2.21 -9.26
CA VAL A 98 -2.09 1.73 -8.28
C VAL A 98 -1.75 0.28 -8.59
N THR A 99 -0.53 0.03 -8.91
CA THR A 99 -0.10 -1.29 -9.30
C THR A 99 1.05 -1.77 -8.42
N LEU A 100 0.87 -2.87 -7.74
CA LEU A 100 1.95 -3.45 -6.97
C LEU A 100 2.58 -4.52 -7.83
N LYS A 101 3.86 -4.45 -8.00
CA LYS A 101 4.54 -5.33 -8.90
C LYS A 101 5.67 -6.04 -8.16
N ARG A 102 5.66 -7.35 -8.15
CA ARG A 102 6.74 -8.04 -7.51
C ARG A 102 7.93 -8.04 -8.45
N LEU A 103 9.06 -7.62 -7.97
CA LEU A 103 10.25 -7.57 -8.76
C LEU A 103 11.09 -8.79 -8.35
N ASN A 104 12.32 -8.91 -8.87
CA ASN A 104 13.20 -10.07 -8.58
C ASN A 104 13.35 -10.29 -7.06
N ASN A 105 14.00 -9.36 -6.40
CA ASN A 105 14.18 -9.48 -4.95
C ASN A 105 13.57 -8.30 -4.25
N ASP A 106 13.08 -7.36 -5.02
CA ASP A 106 12.54 -6.13 -4.51
C ASP A 106 11.07 -6.07 -4.77
N THR A 107 10.42 -5.18 -4.10
CA THR A 107 9.03 -4.94 -4.30
C THR A 107 8.92 -3.60 -5.00
N GLN A 108 8.26 -3.59 -6.11
CA GLN A 108 8.16 -2.40 -6.89
C GLN A 108 6.73 -1.93 -6.89
N LEU A 109 6.55 -0.72 -6.57
CA LEU A 109 5.27 -0.12 -6.59
C LEU A 109 5.22 0.82 -7.76
N ILE A 110 4.22 0.65 -8.55
CA ILE A 110 4.02 1.47 -9.71
C ILE A 110 2.74 2.25 -9.52
N ILE A 111 2.87 3.51 -9.32
CA ILE A 111 1.74 4.35 -9.11
C ILE A 111 1.60 5.25 -10.32
N THR A 112 0.70 4.93 -11.19
CA THR A 112 0.51 5.66 -12.42
C THR A 112 -0.11 7.02 -12.13
N THR A 113 0.42 8.06 -12.74
CA THR A 113 -0.02 9.41 -12.50
C THR A 113 -0.12 10.20 -13.81
N ALA A 114 -0.68 11.39 -13.73
CA ALA A 114 -0.79 12.27 -14.87
C ALA A 114 -0.88 13.71 -14.37
N GLY A 115 -0.22 14.61 -15.06
CA GLY A 115 -0.27 16.03 -14.70
C GLY A 115 0.82 16.40 -13.72
N ASN A 116 0.58 17.41 -12.93
CA ASN A 116 1.51 17.82 -11.88
C ASN A 116 0.93 17.37 -10.58
N TRP A 117 1.76 16.88 -9.70
CA TRP A 117 1.30 16.36 -8.45
C TRP A 117 2.43 16.41 -7.40
N GLU A 118 2.09 16.23 -6.13
CA GLU A 118 3.07 16.25 -5.05
C GLU A 118 3.09 14.90 -4.37
N LEU A 119 4.26 14.36 -4.11
CA LEU A 119 4.33 13.09 -3.40
C LEU A 119 4.72 13.39 -1.97
N VAL A 120 3.93 12.97 -1.06
CA VAL A 120 4.34 13.02 0.32
C VAL A 120 4.41 11.63 0.87
N ASN A 121 5.61 11.19 1.08
CA ASN A 121 5.85 9.87 1.52
C ASN A 121 6.07 9.80 3.02
N LYS A 122 5.17 9.12 3.69
CA LYS A 122 5.21 9.04 5.13
C LYS A 122 5.44 7.60 5.58
N SER A 123 6.07 7.47 6.71
CA SER A 123 6.25 6.22 7.37
C SER A 123 5.41 6.28 8.65
N ALA A 124 4.39 5.46 8.70
CA ALA A 124 3.48 5.46 9.83
C ALA A 124 4.09 4.68 10.99
N ALA A 125 4.79 3.64 10.63
CA ALA A 125 5.43 2.74 11.56
C ALA A 125 6.35 1.89 10.72
N PRO A 126 7.34 1.22 11.30
CA PRO A 126 8.26 0.40 10.52
C PRO A 126 7.53 -0.75 9.81
N GLY A 127 7.31 -0.57 8.52
CA GLY A 127 6.60 -1.53 7.74
C GLY A 127 5.31 -0.97 7.19
N TYR A 128 4.95 0.20 7.63
CA TYR A 128 3.76 0.85 7.15
C TYR A 128 4.11 2.18 6.53
N PHE A 129 3.87 2.28 5.26
CA PHE A 129 4.17 3.46 4.53
C PHE A 129 2.91 4.02 3.90
N THR A 130 2.99 5.21 3.46
CA THR A 130 1.86 5.93 2.89
C THR A 130 2.37 6.94 1.87
N PHE A 131 1.77 6.95 0.72
CA PHE A 131 2.11 7.90 -0.31
C PHE A 131 0.89 8.72 -0.64
N GLN A 132 0.90 9.95 -0.23
CA GLN A 132 -0.21 10.83 -0.51
C GLN A 132 0.17 11.67 -1.71
N VAL A 133 -0.56 11.49 -2.76
CA VAL A 133 -0.35 12.18 -3.99
C VAL A 133 -1.35 13.34 -4.12
N LEU A 134 -0.91 14.54 -3.80
CA LEU A 134 -1.78 15.71 -3.93
C LEU A 134 -1.65 16.27 -5.34
N PRO A 135 -2.72 16.80 -5.94
CA PRO A 135 -2.62 17.46 -7.23
C PRO A 135 -1.84 18.77 -7.10
N LYS A 136 -0.86 18.98 -7.96
CA LYS A 136 -0.07 20.19 -7.88
C LYS A 136 -0.57 21.12 -8.94
N LYS A 137 -1.09 22.23 -8.56
CA LYS A 137 -1.51 23.16 -9.55
C LYS A 137 -0.49 24.27 -9.64
N GLN A 138 -0.29 24.76 -10.81
CA GLN A 138 0.68 25.78 -11.08
C GLN A 138 -0.04 26.99 -11.63
N MET A 1 -37.97 -5.16 -22.62
CA MET A 1 -37.58 -5.60 -21.27
C MET A 1 -38.08 -4.58 -20.27
N GLY A 2 -37.93 -4.89 -19.00
CA GLY A 2 -38.36 -3.97 -17.98
C GLY A 2 -38.81 -4.73 -16.77
N SER A 3 -39.36 -5.89 -16.99
CA SER A 3 -39.87 -6.75 -15.95
C SER A 3 -38.77 -7.11 -14.93
N SER A 4 -37.59 -7.38 -15.43
CA SER A 4 -36.48 -7.80 -14.61
C SER A 4 -35.70 -6.61 -14.01
N HIS A 5 -36.04 -5.40 -14.40
CA HIS A 5 -35.31 -4.23 -13.95
C HIS A 5 -36.24 -3.24 -13.32
N HIS A 6 -36.22 -3.17 -12.03
CA HIS A 6 -37.10 -2.27 -11.34
C HIS A 6 -36.30 -1.30 -10.46
N HIS A 7 -35.24 -1.82 -9.81
CA HIS A 7 -34.36 -1.05 -8.90
C HIS A 7 -35.08 -0.67 -7.60
N HIS A 8 -34.81 -1.42 -6.55
CA HIS A 8 -35.43 -1.15 -5.27
C HIS A 8 -34.48 -1.49 -4.12
N HIS A 9 -34.06 -0.46 -3.41
CA HIS A 9 -33.29 -0.62 -2.18
C HIS A 9 -33.89 0.32 -1.17
N HIS A 10 -34.39 -0.19 -0.08
CA HIS A 10 -35.00 0.66 0.92
C HIS A 10 -33.89 1.23 1.81
N GLY A 11 -33.53 2.44 1.56
CA GLY A 11 -32.48 3.07 2.31
C GLY A 11 -31.42 3.59 1.40
N LEU A 12 -31.11 4.86 1.54
CA LEU A 12 -30.10 5.46 0.67
C LEU A 12 -28.88 5.92 1.45
N VAL A 13 -28.92 5.78 2.74
CA VAL A 13 -27.82 6.21 3.55
C VAL A 13 -27.34 5.09 4.50
N PRO A 14 -26.05 4.71 4.42
CA PRO A 14 -25.46 3.75 5.34
C PRO A 14 -25.27 4.39 6.72
N ARG A 15 -25.68 3.69 7.74
CA ARG A 15 -25.54 4.18 9.10
C ARG A 15 -24.16 3.81 9.64
N GLY A 16 -23.32 4.82 9.83
CA GLY A 16 -21.97 4.60 10.29
C GLY A 16 -20.97 4.91 9.18
N SER A 17 -21.18 6.02 8.51
CA SER A 17 -20.45 6.45 7.31
C SER A 17 -18.96 6.78 7.53
N HIS A 18 -18.35 6.22 8.56
CA HIS A 18 -16.93 6.38 8.76
C HIS A 18 -16.20 5.12 8.30
N MET A 19 -16.96 4.02 8.10
CA MET A 19 -16.39 2.74 7.59
C MET A 19 -17.48 1.68 7.30
N ALA A 20 -18.74 2.06 7.33
CA ALA A 20 -19.83 1.08 7.14
C ALA A 20 -20.11 0.83 5.67
N SER A 21 -19.05 0.59 4.91
CA SER A 21 -19.14 0.29 3.50
C SER A 21 -19.87 -1.04 3.37
N MET A 22 -19.60 -1.91 4.34
CA MET A 22 -20.27 -3.17 4.43
C MET A 22 -21.26 -3.04 5.56
N THR A 23 -22.40 -2.49 5.26
CA THR A 23 -23.40 -2.22 6.25
C THR A 23 -23.96 -3.54 6.82
N GLY A 24 -23.52 -3.89 8.01
CA GLY A 24 -23.92 -5.11 8.63
C GLY A 24 -22.75 -5.85 9.21
N GLY A 25 -21.56 -5.48 8.78
CA GLY A 25 -20.37 -6.12 9.27
C GLY A 25 -19.38 -5.10 9.75
N GLN A 26 -19.08 -5.12 11.02
CA GLN A 26 -18.14 -4.18 11.59
C GLN A 26 -16.72 -4.66 11.40
N GLN A 27 -16.55 -5.96 11.44
CA GLN A 27 -15.27 -6.57 11.16
C GLN A 27 -15.19 -6.80 9.68
N MET A 28 -14.67 -5.83 8.97
CA MET A 28 -14.61 -5.88 7.52
C MET A 28 -13.24 -6.28 7.04
N GLY A 29 -12.32 -6.43 7.95
CA GLY A 29 -11.00 -6.84 7.58
C GLY A 29 -9.94 -6.25 8.47
N ARG A 30 -8.92 -7.01 8.66
CA ARG A 30 -7.76 -6.64 9.43
C ARG A 30 -6.67 -7.61 9.06
N GLY A 31 -5.82 -7.20 8.17
CA GLY A 31 -4.80 -8.10 7.75
C GLY A 31 -3.61 -7.39 7.21
N SER A 32 -2.92 -6.66 8.04
CA SER A 32 -1.69 -6.02 7.67
C SER A 32 -0.57 -6.97 8.07
N LYS A 33 -0.72 -8.21 7.66
CA LYS A 33 0.18 -9.26 8.07
C LYS A 33 1.07 -9.69 6.92
N GLN A 34 1.02 -8.95 5.84
CA GLN A 34 1.78 -9.29 4.67
C GLN A 34 2.01 -8.04 3.86
N THR A 35 2.91 -8.10 2.90
CA THR A 35 3.21 -6.94 2.07
C THR A 35 2.02 -6.66 1.16
N ASN A 36 1.42 -5.52 1.30
CA ASN A 36 0.23 -5.23 0.52
C ASN A 36 0.08 -3.76 0.28
N ILE A 37 -0.88 -3.43 -0.54
CA ILE A 37 -1.16 -2.06 -0.91
C ILE A 37 -2.65 -1.78 -0.82
N ASP A 38 -3.02 -0.54 -0.71
CA ASP A 38 -4.41 -0.14 -0.58
C ASP A 38 -4.55 1.25 -1.19
N PHE A 39 -5.75 1.62 -1.60
CA PHE A 39 -5.94 2.97 -2.11
C PHE A 39 -7.17 3.64 -1.45
N ARG A 40 -6.99 4.88 -1.04
CA ARG A 40 -8.08 5.70 -0.52
C ARG A 40 -7.86 7.15 -0.94
N LYS A 41 -8.86 7.97 -0.80
CA LYS A 41 -8.71 9.40 -1.05
C LYS A 41 -8.79 10.14 0.25
N ASP A 42 -8.07 11.22 0.36
CA ASP A 42 -8.04 12.00 1.60
C ASP A 42 -7.71 13.44 1.28
N GLY A 43 -8.63 14.32 1.60
CA GLY A 43 -8.39 15.71 1.38
C GLY A 43 -9.04 16.21 0.10
N LYS A 44 -8.27 16.92 -0.69
CA LYS A 44 -8.75 17.50 -1.93
C LYS A 44 -8.30 16.66 -3.12
N ASN A 45 -9.08 15.62 -3.44
CA ASN A 45 -8.84 14.73 -4.60
C ASN A 45 -7.48 14.05 -4.57
N ALA A 46 -6.91 13.97 -3.40
CA ALA A 46 -5.61 13.41 -3.24
C ALA A 46 -5.72 11.90 -3.24
N GLY A 47 -4.78 11.29 -3.91
CA GLY A 47 -4.74 9.87 -4.02
C GLY A 47 -3.80 9.29 -3.00
N ILE A 48 -4.31 8.54 -2.08
CA ILE A 48 -3.50 7.98 -1.03
C ILE A 48 -3.32 6.50 -1.23
N ILE A 49 -2.13 6.15 -1.53
CA ILE A 49 -1.75 4.79 -1.69
C ILE A 49 -1.16 4.32 -0.40
N GLU A 50 -1.82 3.45 0.26
CA GLU A 50 -1.31 2.93 1.48
C GLU A 50 -0.53 1.67 1.17
N LEU A 51 0.58 1.55 1.79
CA LEU A 51 1.51 0.48 1.55
C LEU A 51 1.88 -0.19 2.85
N ALA A 52 1.76 -1.47 2.89
CA ALA A 52 2.10 -2.25 4.02
C ALA A 52 3.30 -3.12 3.67
N ALA A 53 4.47 -2.73 4.09
CA ALA A 53 5.65 -3.52 3.86
C ALA A 53 6.09 -4.11 5.18
N LEU A 54 5.60 -5.29 5.44
CA LEU A 54 5.84 -5.93 6.72
C LEU A 54 7.19 -6.58 6.76
N GLY A 55 8.02 -6.07 7.63
CA GLY A 55 9.33 -6.60 7.83
C GLY A 55 10.38 -5.72 7.24
N PHE A 56 10.00 -4.51 6.90
CA PHE A 56 10.91 -3.59 6.29
C PHE A 56 11.15 -2.42 7.22
N ALA A 57 12.38 -2.25 7.62
CA ALA A 57 12.73 -1.18 8.52
C ALA A 57 13.68 -0.23 7.83
N GLY A 58 13.12 0.76 7.19
CA GLY A 58 13.90 1.73 6.47
C GLY A 58 13.01 2.52 5.56
N GLN A 59 13.55 2.96 4.44
CA GLN A 59 12.77 3.71 3.47
C GLN A 59 12.90 3.06 2.11
N PRO A 60 11.80 2.96 1.34
CA PRO A 60 11.86 2.44 -0.01
C PRO A 60 12.55 3.42 -0.95
N ASP A 61 12.78 2.99 -2.13
CA ASP A 61 13.38 3.78 -3.18
C ASP A 61 12.28 4.36 -4.03
N ILE A 62 12.06 5.63 -3.94
CA ILE A 62 11.00 6.23 -4.72
C ILE A 62 11.55 7.03 -5.88
N SER A 63 11.23 6.60 -7.05
CA SER A 63 11.59 7.29 -8.25
C SER A 63 10.41 8.15 -8.64
N GLN A 64 10.58 9.46 -8.55
CA GLN A 64 9.53 10.37 -8.91
C GLN A 64 9.58 10.72 -10.36
N GLN A 65 8.80 10.04 -11.11
CA GLN A 65 8.62 10.37 -12.48
C GLN A 65 7.22 10.91 -12.58
N HIS A 66 6.99 11.88 -13.44
CA HIS A 66 5.68 12.52 -13.47
C HIS A 66 4.62 11.65 -14.12
N ASP A 67 5.09 10.69 -14.89
CA ASP A 67 4.22 9.72 -15.57
C ASP A 67 3.69 8.72 -14.56
N HIS A 68 4.58 8.21 -13.75
CA HIS A 68 4.25 7.25 -12.74
C HIS A 68 5.36 7.18 -11.72
N ILE A 69 5.07 6.64 -10.59
CA ILE A 69 6.01 6.56 -9.50
C ILE A 69 6.46 5.12 -9.41
N ILE A 70 7.71 4.93 -9.11
CA ILE A 70 8.29 3.60 -8.96
C ILE A 70 8.92 3.54 -7.61
N VAL A 71 8.40 2.72 -6.77
CA VAL A 71 8.95 2.55 -5.46
C VAL A 71 9.59 1.18 -5.38
N THR A 72 10.70 1.07 -4.75
CA THR A 72 11.32 -0.21 -4.59
C THR A 72 11.81 -0.41 -3.17
N LEU A 73 11.36 -1.46 -2.55
CA LEU A 73 11.80 -1.80 -1.24
C LEU A 73 12.93 -2.75 -1.40
N LYS A 74 14.11 -2.30 -1.13
CA LYS A 74 15.27 -3.11 -1.31
C LYS A 74 15.35 -4.22 -0.33
N ASN A 75 15.56 -5.41 -0.87
CA ASN A 75 15.73 -6.64 -0.07
C ASN A 75 14.40 -7.06 0.61
N HIS A 76 13.29 -6.62 0.05
CA HIS A 76 11.97 -6.97 0.58
C HIS A 76 11.25 -7.84 -0.43
N THR A 77 11.07 -9.09 -0.14
CA THR A 77 10.40 -9.98 -1.06
C THR A 77 8.88 -9.79 -1.04
N LEU A 78 8.28 -9.89 -2.21
CA LEU A 78 6.86 -9.80 -2.35
C LEU A 78 6.29 -11.05 -2.97
N PRO A 79 5.38 -11.71 -2.28
CA PRO A 79 4.62 -12.82 -2.84
C PRO A 79 3.80 -12.36 -4.06
N THR A 80 3.83 -13.14 -5.12
CA THR A 80 3.10 -12.84 -6.35
C THR A 80 1.56 -12.89 -6.15
N THR A 81 1.15 -13.37 -5.02
CA THR A 81 -0.24 -13.46 -4.68
C THR A 81 -0.76 -12.11 -4.14
N LEU A 82 0.17 -11.23 -3.79
CA LEU A 82 -0.18 -9.95 -3.20
C LEU A 82 0.01 -8.83 -4.18
N GLN A 83 0.57 -9.15 -5.32
CA GLN A 83 0.80 -8.15 -6.31
C GLN A 83 -0.49 -7.92 -7.12
N ARG A 84 -1.18 -6.86 -6.82
CA ARG A 84 -2.39 -6.52 -7.51
C ARG A 84 -2.33 -5.09 -7.96
N SER A 85 -3.36 -4.67 -8.63
CA SER A 85 -3.49 -3.33 -9.04
C SER A 85 -4.80 -2.76 -8.53
N LEU A 86 -4.92 -1.48 -8.58
CA LEU A 86 -6.11 -0.79 -8.17
C LEU A 86 -6.58 0.01 -9.34
N ASP A 87 -7.73 -0.29 -9.85
CA ASP A 87 -8.29 0.51 -10.89
C ASP A 87 -8.87 1.75 -10.27
N VAL A 88 -8.06 2.75 -10.21
CA VAL A 88 -8.38 3.99 -9.58
C VAL A 88 -8.78 5.01 -10.65
N ALA A 89 -9.11 4.50 -11.80
CA ALA A 89 -9.58 5.32 -12.86
C ALA A 89 -10.96 5.84 -12.49
N ASP A 90 -11.19 7.12 -12.75
CA ASP A 90 -12.47 7.80 -12.44
C ASP A 90 -12.66 8.04 -10.95
N PHE A 91 -11.59 8.01 -10.22
CA PHE A 91 -11.61 8.38 -8.82
C PHE A 91 -11.44 9.87 -8.68
N LYS A 92 -11.01 10.51 -9.78
CA LYS A 92 -10.73 11.94 -9.83
C LYS A 92 -9.67 12.30 -8.86
N THR A 93 -8.54 11.72 -9.08
CA THR A 93 -7.38 11.96 -8.27
C THR A 93 -6.24 12.10 -9.28
N PRO A 94 -5.03 12.47 -8.88
CA PRO A 94 -3.91 12.53 -9.79
C PRO A 94 -3.32 11.14 -10.08
N VAL A 95 -3.80 10.12 -9.38
CA VAL A 95 -3.35 8.77 -9.59
C VAL A 95 -4.37 7.99 -10.41
N GLN A 96 -3.89 7.42 -11.50
CA GLN A 96 -4.75 6.72 -12.43
C GLN A 96 -4.92 5.29 -12.00
N LYS A 97 -3.84 4.69 -11.53
CA LYS A 97 -3.84 3.29 -11.20
C LYS A 97 -2.71 2.98 -10.27
N VAL A 98 -3.01 2.23 -9.24
CA VAL A 98 -1.97 1.73 -8.37
C VAL A 98 -1.61 0.33 -8.84
N THR A 99 -0.35 0.01 -8.91
CA THR A 99 0.09 -1.30 -9.34
C THR A 99 1.27 -1.78 -8.49
N LEU A 100 1.12 -2.91 -7.86
CA LEU A 100 2.19 -3.47 -7.09
C LEU A 100 2.79 -4.61 -7.88
N LYS A 101 4.10 -4.69 -7.93
CA LYS A 101 4.79 -5.70 -8.68
C LYS A 101 5.90 -6.29 -7.83
N ARG A 102 6.01 -7.59 -7.85
CA ARG A 102 7.12 -8.26 -7.20
C ARG A 102 8.36 -8.03 -8.06
N LEU A 103 9.46 -7.76 -7.44
CA LEU A 103 10.67 -7.56 -8.17
C LEU A 103 11.63 -8.66 -7.78
N ASN A 104 12.85 -8.58 -8.29
CA ASN A 104 13.95 -9.54 -8.05
C ASN A 104 13.95 -10.08 -6.63
N ASN A 105 14.39 -9.27 -5.72
CA ASN A 105 14.34 -9.60 -4.29
C ASN A 105 13.62 -8.50 -3.59
N ASP A 106 13.23 -7.53 -4.37
CA ASP A 106 12.68 -6.29 -3.90
C ASP A 106 11.21 -6.24 -4.22
N THR A 107 10.55 -5.26 -3.70
CA THR A 107 9.17 -5.02 -3.97
C THR A 107 9.06 -3.70 -4.73
N GLN A 108 8.37 -3.70 -5.85
CA GLN A 108 8.28 -2.53 -6.69
C GLN A 108 6.84 -2.02 -6.69
N LEU A 109 6.67 -0.76 -6.40
CA LEU A 109 5.35 -0.20 -6.42
C LEU A 109 5.25 0.85 -7.50
N ILE A 110 4.32 0.67 -8.38
CA ILE A 110 4.12 1.55 -9.49
C ILE A 110 2.82 2.30 -9.31
N ILE A 111 2.90 3.57 -9.23
CA ILE A 111 1.75 4.40 -9.09
C ILE A 111 1.62 5.24 -10.34
N THR A 112 0.66 4.96 -11.15
CA THR A 112 0.50 5.66 -12.41
C THR A 112 -0.23 6.98 -12.16
N THR A 113 0.27 8.06 -12.67
CA THR A 113 -0.30 9.36 -12.39
C THR A 113 -0.64 10.15 -13.65
N ALA A 114 -1.44 11.19 -13.47
CA ALA A 114 -1.86 12.06 -14.56
C ALA A 114 -2.00 13.48 -14.04
N GLY A 115 -1.48 14.42 -14.80
CA GLY A 115 -1.62 15.82 -14.45
C GLY A 115 -0.50 16.29 -13.56
N ASN A 116 -0.69 17.46 -12.98
CA ASN A 116 0.29 18.01 -12.06
C ASN A 116 -0.03 17.45 -10.72
N TRP A 117 0.91 16.86 -10.08
CA TRP A 117 0.65 16.21 -8.84
C TRP A 117 1.84 16.35 -7.90
N GLU A 118 1.63 16.07 -6.62
CA GLU A 118 2.68 16.15 -5.63
C GLU A 118 2.76 14.82 -4.90
N LEU A 119 3.95 14.42 -4.52
CA LEU A 119 4.12 13.16 -3.87
C LEU A 119 4.51 13.40 -2.42
N VAL A 120 3.75 12.89 -1.51
CA VAL A 120 4.17 12.89 -0.14
C VAL A 120 4.19 11.44 0.33
N ASN A 121 5.35 10.91 0.48
CA ASN A 121 5.49 9.55 0.96
C ASN A 121 5.84 9.55 2.42
N LYS A 122 4.92 9.07 3.18
CA LYS A 122 5.01 9.09 4.61
C LYS A 122 5.28 7.70 5.12
N SER A 123 5.94 7.62 6.22
CA SER A 123 6.19 6.40 6.90
C SER A 123 5.45 6.48 8.21
N ALA A 124 4.32 5.80 8.28
CA ALA A 124 3.45 5.84 9.45
C ALA A 124 4.10 5.13 10.61
N ALA A 125 4.89 4.16 10.26
CA ALA A 125 5.65 3.36 11.17
C ALA A 125 6.61 2.61 10.30
N PRO A 126 7.72 2.08 10.81
CA PRO A 126 8.66 1.32 10.00
C PRO A 126 8.01 0.04 9.47
N GLY A 127 7.51 0.14 8.26
CA GLY A 127 6.82 -0.93 7.62
C GLY A 127 5.57 -0.43 6.96
N TYR A 128 4.95 0.55 7.55
CA TYR A 128 3.74 1.11 7.00
C TYR A 128 4.03 2.38 6.27
N PHE A 129 3.78 2.38 5.01
CA PHE A 129 4.03 3.50 4.19
C PHE A 129 2.73 4.01 3.60
N THR A 130 2.77 5.21 3.18
CA THR A 130 1.61 5.91 2.65
C THR A 130 2.07 6.96 1.63
N PHE A 131 1.56 6.89 0.45
CA PHE A 131 1.90 7.83 -0.60
C PHE A 131 0.71 8.72 -0.86
N GLN A 132 0.81 9.95 -0.49
CA GLN A 132 -0.25 10.90 -0.68
C GLN A 132 0.05 11.70 -1.93
N VAL A 133 -0.70 11.43 -2.95
CA VAL A 133 -0.55 12.10 -4.22
C VAL A 133 -1.60 13.23 -4.32
N LEU A 134 -1.17 14.46 -4.06
CA LEU A 134 -2.07 15.61 -4.14
C LEU A 134 -2.06 16.15 -5.56
N PRO A 135 -3.12 16.83 -6.00
CA PRO A 135 -3.09 17.52 -7.27
C PRO A 135 -2.39 18.87 -7.11
N LYS A 136 -1.63 19.27 -8.08
CA LYS A 136 -0.90 20.51 -7.98
C LYS A 136 -1.47 21.50 -8.96
N LYS A 137 -2.21 22.43 -8.48
CA LYS A 137 -2.76 23.42 -9.35
C LYS A 137 -2.10 24.76 -9.02
N GLN A 138 -0.91 24.65 -8.45
CA GLN A 138 -0.07 25.76 -8.04
C GLN A 138 -0.68 26.51 -6.86
N MET A 1 -23.00 -37.22 18.22
CA MET A 1 -23.08 -37.39 16.77
C MET A 1 -21.92 -36.65 16.13
N GLY A 2 -21.25 -37.33 15.22
CA GLY A 2 -20.11 -36.78 14.54
C GLY A 2 -19.09 -37.85 14.34
N SER A 3 -17.85 -37.51 14.37
CA SER A 3 -16.82 -38.49 14.24
C SER A 3 -16.00 -38.56 15.52
N SER A 4 -16.39 -39.43 16.40
CA SER A 4 -15.73 -39.58 17.67
C SER A 4 -14.50 -40.47 17.55
N HIS A 5 -13.39 -39.82 17.28
CA HIS A 5 -12.08 -40.42 17.12
C HIS A 5 -11.06 -39.33 17.38
N HIS A 6 -9.80 -39.54 17.04
CA HIS A 6 -8.80 -38.52 17.32
C HIS A 6 -8.54 -37.65 16.08
N HIS A 7 -9.05 -38.10 14.94
CA HIS A 7 -8.92 -37.40 13.65
C HIS A 7 -7.56 -37.51 13.03
N HIS A 8 -7.49 -38.30 11.98
CA HIS A 8 -6.30 -38.36 11.16
C HIS A 8 -6.43 -37.28 10.12
N HIS A 9 -7.49 -37.33 9.34
CA HIS A 9 -7.77 -36.27 8.41
C HIS A 9 -8.33 -35.08 9.19
N HIS A 10 -7.48 -34.14 9.47
CA HIS A 10 -7.86 -32.99 10.26
C HIS A 10 -8.61 -32.00 9.41
N GLY A 11 -7.88 -31.28 8.60
CA GLY A 11 -8.51 -30.29 7.76
C GLY A 11 -8.84 -30.83 6.40
N LEU A 12 -8.54 -32.11 6.18
CA LEU A 12 -8.83 -32.72 4.90
C LEU A 12 -10.26 -33.17 4.80
N VAL A 13 -11.11 -32.26 4.45
CA VAL A 13 -12.50 -32.51 4.21
C VAL A 13 -12.69 -32.45 2.71
N PRO A 14 -13.49 -33.36 2.10
CA PRO A 14 -13.78 -33.31 0.67
C PRO A 14 -14.31 -31.92 0.26
N ARG A 15 -15.44 -31.53 0.80
CA ARG A 15 -16.01 -30.21 0.55
C ARG A 15 -16.41 -29.56 1.86
N GLY A 16 -15.50 -28.85 2.45
CA GLY A 16 -15.75 -28.12 3.66
C GLY A 16 -15.73 -26.65 3.36
N SER A 17 -16.92 -26.05 3.30
CA SER A 17 -17.08 -24.65 2.91
C SER A 17 -16.62 -24.48 1.44
N HIS A 18 -16.38 -23.26 0.95
CA HIS A 18 -15.92 -23.11 -0.44
C HIS A 18 -15.21 -21.76 -0.70
N MET A 19 -15.68 -20.68 -0.07
CA MET A 19 -15.07 -19.35 -0.30
C MET A 19 -13.91 -19.15 0.68
N ALA A 20 -13.77 -20.11 1.53
CA ALA A 20 -12.75 -20.23 2.50
C ALA A 20 -12.87 -21.63 3.01
N SER A 21 -11.85 -22.17 3.57
CA SER A 21 -11.94 -23.50 4.13
C SER A 21 -11.67 -23.43 5.63
N MET A 22 -11.53 -22.21 6.09
CA MET A 22 -11.20 -21.93 7.45
C MET A 22 -11.85 -20.61 7.84
N THR A 23 -11.99 -20.38 9.10
CA THR A 23 -12.46 -19.13 9.58
C THR A 23 -11.26 -18.41 10.17
N GLY A 24 -10.73 -17.45 9.46
CA GLY A 24 -9.53 -16.84 9.89
C GLY A 24 -9.47 -15.38 9.60
N GLY A 25 -8.26 -14.89 9.45
CA GLY A 25 -8.04 -13.50 9.22
C GLY A 25 -7.09 -12.94 10.24
N GLN A 26 -7.15 -13.48 11.45
CA GLN A 26 -6.30 -13.01 12.56
C GLN A 26 -4.86 -13.45 12.36
N GLN A 27 -4.68 -14.51 11.60
CA GLN A 27 -3.36 -15.00 11.24
C GLN A 27 -2.66 -13.95 10.38
N MET A 28 -3.46 -13.24 9.60
CA MET A 28 -2.98 -12.22 8.70
C MET A 28 -2.84 -10.90 9.45
N GLY A 29 -3.93 -10.46 10.05
CA GLY A 29 -3.93 -9.21 10.76
C GLY A 29 -3.65 -9.35 12.23
N ARG A 30 -2.51 -9.93 12.53
CA ARG A 30 -2.07 -10.08 13.91
C ARG A 30 -1.00 -9.04 14.20
N GLY A 31 -1.45 -7.83 14.41
CA GLY A 31 -0.54 -6.73 14.68
C GLY A 31 0.04 -6.15 13.41
N SER A 32 0.59 -7.00 12.60
CA SER A 32 1.17 -6.63 11.34
C SER A 32 0.64 -7.59 10.29
N LYS A 33 0.18 -7.07 9.18
CA LYS A 33 -0.33 -7.90 8.09
C LYS A 33 0.84 -8.34 7.19
N GLN A 34 0.56 -8.65 5.96
CA GLN A 34 1.59 -8.99 5.04
C GLN A 34 1.68 -7.86 4.03
N THR A 35 2.66 -7.90 3.16
CA THR A 35 2.89 -6.80 2.23
C THR A 35 1.73 -6.57 1.26
N ASN A 36 1.07 -5.47 1.41
CA ASN A 36 -0.09 -5.18 0.64
C ASN A 36 -0.20 -3.72 0.33
N ILE A 37 -1.05 -3.43 -0.59
CA ILE A 37 -1.32 -2.08 -1.02
C ILE A 37 -2.75 -1.68 -0.70
N ASP A 38 -3.03 -0.41 -0.69
CA ASP A 38 -4.38 0.10 -0.47
C ASP A 38 -4.52 1.42 -1.19
N PHE A 39 -5.72 1.80 -1.54
CA PHE A 39 -5.95 3.11 -2.11
C PHE A 39 -7.13 3.77 -1.42
N ARG A 40 -6.97 5.03 -1.09
CA ARG A 40 -8.04 5.82 -0.55
C ARG A 40 -7.81 7.27 -0.99
N LYS A 41 -8.79 8.10 -0.79
CA LYS A 41 -8.63 9.51 -1.06
C LYS A 41 -8.79 10.26 0.21
N ASP A 42 -7.98 11.25 0.39
CA ASP A 42 -7.98 11.99 1.64
C ASP A 42 -7.60 13.42 1.37
N GLY A 43 -8.49 14.32 1.64
CA GLY A 43 -8.20 15.71 1.47
C GLY A 43 -8.75 16.28 0.19
N LYS A 44 -7.88 16.78 -0.64
CA LYS A 44 -8.28 17.44 -1.86
C LYS A 44 -7.85 16.63 -3.08
N ASN A 45 -8.70 15.67 -3.47
CA ASN A 45 -8.52 14.80 -4.68
C ASN A 45 -7.21 14.06 -4.68
N ALA A 46 -6.65 13.90 -3.53
CA ALA A 46 -5.37 13.30 -3.37
C ALA A 46 -5.48 11.80 -3.45
N GLY A 47 -4.51 11.21 -4.05
CA GLY A 47 -4.44 9.79 -4.14
C GLY A 47 -3.63 9.28 -2.99
N ILE A 48 -4.21 8.53 -2.11
CA ILE A 48 -3.46 8.00 -1.01
C ILE A 48 -3.29 6.52 -1.17
N ILE A 49 -2.09 6.15 -1.45
CA ILE A 49 -1.73 4.79 -1.59
C ILE A 49 -1.12 4.35 -0.29
N GLU A 50 -1.81 3.54 0.42
CA GLU A 50 -1.26 3.01 1.60
C GLU A 50 -0.55 1.73 1.29
N LEU A 51 0.56 1.56 1.88
CA LEU A 51 1.43 0.48 1.60
C LEU A 51 1.82 -0.24 2.88
N ALA A 52 1.71 -1.51 2.88
CA ALA A 52 2.12 -2.30 3.97
C ALA A 52 3.25 -3.18 3.50
N ALA A 53 4.45 -2.89 3.88
CA ALA A 53 5.57 -3.74 3.55
C ALA A 53 6.17 -4.26 4.82
N LEU A 54 5.71 -5.38 5.25
CA LEU A 54 6.13 -5.91 6.52
C LEU A 54 7.43 -6.65 6.39
N GLY A 55 8.43 -6.10 7.00
CA GLY A 55 9.76 -6.61 6.91
C GLY A 55 10.68 -5.54 6.40
N PHE A 56 10.12 -4.42 6.04
CA PHE A 56 10.91 -3.30 5.60
C PHE A 56 10.70 -2.18 6.61
N ALA A 57 11.72 -1.82 7.34
CA ALA A 57 11.59 -0.83 8.39
C ALA A 57 12.40 0.42 8.07
N GLY A 58 12.78 0.54 6.83
CA GLY A 58 13.53 1.69 6.38
C GLY A 58 12.73 2.46 5.37
N GLN A 59 13.36 3.31 4.62
CA GLN A 59 12.65 4.08 3.62
C GLN A 59 12.87 3.48 2.23
N PRO A 60 11.78 3.30 1.45
CA PRO A 60 11.87 2.82 0.08
C PRO A 60 12.46 3.85 -0.86
N ASP A 61 12.71 3.43 -2.05
CA ASP A 61 13.23 4.29 -3.09
C ASP A 61 12.09 4.76 -3.93
N ILE A 62 11.69 5.99 -3.77
CA ILE A 62 10.57 6.48 -4.53
C ILE A 62 11.04 7.37 -5.66
N SER A 63 10.77 6.97 -6.85
CA SER A 63 11.05 7.75 -7.99
C SER A 63 9.74 8.40 -8.42
N GLN A 64 9.73 9.70 -8.51
CA GLN A 64 8.53 10.44 -8.82
C GLN A 64 8.63 11.00 -10.23
N GLN A 65 8.08 10.28 -11.17
CA GLN A 65 8.08 10.74 -12.55
C GLN A 65 6.70 11.27 -12.87
N HIS A 66 6.55 12.02 -13.95
CA HIS A 66 5.24 12.57 -14.33
C HIS A 66 4.23 11.48 -14.60
N ASP A 67 4.67 10.50 -15.38
CA ASP A 67 3.79 9.44 -15.84
C ASP A 67 3.52 8.41 -14.75
N HIS A 68 4.47 8.15 -13.85
CA HIS A 68 4.23 7.23 -12.77
C HIS A 68 5.27 7.32 -11.66
N ILE A 69 4.94 6.74 -10.56
CA ILE A 69 5.79 6.69 -9.39
C ILE A 69 6.32 5.29 -9.32
N ILE A 70 7.54 5.17 -8.86
CA ILE A 70 8.19 3.90 -8.74
C ILE A 70 8.74 3.80 -7.36
N VAL A 71 8.23 2.92 -6.58
CA VAL A 71 8.78 2.72 -5.28
C VAL A 71 9.53 1.40 -5.29
N THR A 72 10.71 1.38 -4.79
CA THR A 72 11.46 0.17 -4.73
C THR A 72 11.81 -0.13 -3.28
N LEU A 73 11.37 -1.27 -2.82
CA LEU A 73 11.62 -1.72 -1.49
C LEU A 73 12.73 -2.71 -1.58
N LYS A 74 13.93 -2.22 -1.38
CA LYS A 74 15.12 -2.99 -1.53
C LYS A 74 15.18 -4.22 -0.67
N ASN A 75 15.43 -5.31 -1.35
CA ASN A 75 15.61 -6.65 -0.77
C ASN A 75 14.32 -7.14 -0.06
N HIS A 76 13.21 -6.54 -0.40
CA HIS A 76 11.93 -6.94 0.17
C HIS A 76 11.23 -7.86 -0.82
N THR A 77 11.00 -9.07 -0.44
CA THR A 77 10.42 -10.02 -1.34
C THR A 77 8.88 -10.08 -1.24
N LEU A 78 8.22 -9.77 -2.35
CA LEU A 78 6.76 -9.76 -2.41
C LEU A 78 6.26 -11.05 -3.06
N PRO A 79 5.32 -11.73 -2.43
CA PRO A 79 4.72 -12.92 -2.99
C PRO A 79 3.71 -12.59 -4.11
N THR A 80 3.45 -13.56 -4.94
CA THR A 80 2.61 -13.40 -6.12
C THR A 80 1.17 -12.99 -5.78
N THR A 81 0.64 -13.60 -4.75
CA THR A 81 -0.73 -13.43 -4.29
C THR A 81 -1.04 -11.99 -3.83
N LEU A 82 -0.02 -11.26 -3.44
CA LEU A 82 -0.24 -9.95 -2.90
C LEU A 82 -0.09 -8.90 -3.97
N GLN A 83 0.41 -9.32 -5.11
CA GLN A 83 0.51 -8.46 -6.24
C GLN A 83 -0.87 -8.27 -6.79
N ARG A 84 -1.22 -7.07 -7.06
CA ARG A 84 -2.49 -6.75 -7.63
C ARG A 84 -2.46 -5.30 -8.00
N SER A 85 -3.46 -4.85 -8.66
CA SER A 85 -3.55 -3.50 -9.02
C SER A 85 -4.90 -2.95 -8.65
N LEU A 86 -4.91 -1.71 -8.32
CA LEU A 86 -6.07 -0.94 -8.05
C LEU A 86 -6.35 -0.29 -9.35
N ASP A 87 -7.47 -0.57 -9.94
CA ASP A 87 -7.80 0.00 -11.22
C ASP A 87 -7.93 1.52 -11.07
N VAL A 88 -8.52 1.93 -9.93
CA VAL A 88 -8.68 3.31 -9.45
C VAL A 88 -9.07 4.33 -10.58
N ALA A 89 -9.85 3.86 -11.52
CA ALA A 89 -10.32 4.68 -12.58
C ALA A 89 -11.57 5.40 -12.12
N ASP A 90 -11.69 6.65 -12.51
CA ASP A 90 -12.85 7.52 -12.18
C ASP A 90 -12.85 7.94 -10.69
N PHE A 91 -11.77 7.60 -10.00
CA PHE A 91 -11.56 8.04 -8.62
C PHE A 91 -11.22 9.50 -8.58
N LYS A 92 -10.77 10.01 -9.73
CA LYS A 92 -10.51 11.42 -9.95
C LYS A 92 -9.43 11.93 -9.04
N THR A 93 -8.28 11.36 -9.17
CA THR A 93 -7.16 11.76 -8.37
C THR A 93 -6.02 12.02 -9.36
N PRO A 94 -4.82 12.46 -8.94
CA PRO A 94 -3.70 12.60 -9.86
C PRO A 94 -3.11 11.23 -10.23
N VAL A 95 -3.55 10.20 -9.52
CA VAL A 95 -3.14 8.88 -9.74
C VAL A 95 -4.10 8.25 -10.76
N GLN A 96 -3.55 7.48 -11.62
CA GLN A 96 -4.29 6.85 -12.68
C GLN A 96 -4.63 5.42 -12.32
N LYS A 97 -3.60 4.68 -11.92
CA LYS A 97 -3.75 3.28 -11.54
C LYS A 97 -2.63 2.90 -10.59
N VAL A 98 -2.96 2.20 -9.53
CA VAL A 98 -1.96 1.77 -8.57
C VAL A 98 -1.67 0.29 -8.81
N THR A 99 -0.43 -0.05 -9.00
CA THR A 99 -0.05 -1.42 -9.28
C THR A 99 1.13 -1.87 -8.40
N LEU A 100 0.95 -2.96 -7.70
CA LEU A 100 1.99 -3.51 -6.86
C LEU A 100 2.63 -4.66 -7.66
N LYS A 101 3.93 -4.59 -7.83
CA LYS A 101 4.66 -5.56 -8.60
C LYS A 101 5.85 -6.09 -7.80
N ARG A 102 6.06 -7.37 -7.87
CA ARG A 102 7.22 -7.96 -7.24
C ARG A 102 8.41 -7.75 -8.18
N LEU A 103 9.56 -7.54 -7.63
CA LEU A 103 10.75 -7.30 -8.42
C LEU A 103 11.78 -8.35 -8.04
N ASN A 104 12.96 -8.26 -8.68
CA ASN A 104 14.11 -9.18 -8.52
C ASN A 104 14.22 -9.76 -7.11
N ASN A 105 14.61 -8.93 -6.18
CA ASN A 105 14.62 -9.31 -4.76
C ASN A 105 13.83 -8.29 -4.00
N ASP A 106 13.36 -7.31 -4.74
CA ASP A 106 12.76 -6.11 -4.19
C ASP A 106 11.30 -6.11 -4.50
N THR A 107 10.62 -5.18 -3.95
CA THR A 107 9.23 -4.99 -4.24
C THR A 107 9.11 -3.61 -4.90
N GLN A 108 8.35 -3.51 -5.96
CA GLN A 108 8.26 -2.29 -6.69
C GLN A 108 6.82 -1.85 -6.75
N LEU A 109 6.57 -0.66 -6.33
CA LEU A 109 5.25 -0.17 -6.34
C LEU A 109 5.10 0.89 -7.43
N ILE A 110 4.22 0.63 -8.34
CA ILE A 110 4.00 1.47 -9.50
C ILE A 110 2.70 2.23 -9.35
N ILE A 111 2.78 3.50 -9.25
CA ILE A 111 1.59 4.32 -9.14
C ILE A 111 1.57 5.20 -10.37
N THR A 112 0.70 4.91 -11.29
CA THR A 112 0.63 5.69 -12.52
C THR A 112 -0.02 7.04 -12.20
N THR A 113 0.50 8.12 -12.75
CA THR A 113 0.04 9.46 -12.45
C THR A 113 -0.09 10.32 -13.71
N ALA A 114 -0.54 11.57 -13.55
CA ALA A 114 -0.69 12.49 -14.65
C ALA A 114 -0.67 13.94 -14.17
N GLY A 115 -0.06 14.82 -14.96
CA GLY A 115 -0.08 16.24 -14.72
C GLY A 115 0.88 16.68 -13.64
N ASN A 116 0.54 17.78 -12.99
CA ASN A 116 1.34 18.29 -11.90
C ASN A 116 0.76 17.71 -10.64
N TRP A 117 1.60 17.15 -9.85
CA TRP A 117 1.17 16.52 -8.64
C TRP A 117 2.35 16.44 -7.68
N GLU A 118 2.06 16.27 -6.42
CA GLU A 118 3.11 16.24 -5.40
C GLU A 118 3.09 14.92 -4.69
N LEU A 119 4.25 14.29 -4.56
CA LEU A 119 4.33 13.02 -3.87
C LEU A 119 4.76 13.26 -2.45
N VAL A 120 4.12 12.60 -1.55
CA VAL A 120 4.42 12.72 -0.14
C VAL A 120 4.45 11.33 0.44
N ASN A 121 5.59 10.88 0.84
CA ASN A 121 5.69 9.57 1.45
C ASN A 121 5.79 9.71 2.94
N LYS A 122 4.99 8.95 3.63
CA LYS A 122 4.94 8.98 5.06
C LYS A 122 5.03 7.56 5.59
N SER A 123 5.70 7.40 6.69
CA SER A 123 5.83 6.11 7.30
C SER A 123 5.04 6.11 8.61
N ALA A 124 4.02 5.27 8.67
CA ALA A 124 3.13 5.22 9.82
C ALA A 124 3.75 4.41 10.94
N ALA A 125 4.39 3.33 10.57
CA ALA A 125 4.99 2.40 11.48
C ALA A 125 6.00 1.64 10.66
N PRO A 126 6.94 0.89 11.25
CA PRO A 126 7.91 0.14 10.49
C PRO A 126 7.25 -0.90 9.61
N GLY A 127 7.16 -0.58 8.34
CA GLY A 127 6.52 -1.43 7.40
C GLY A 127 5.30 -0.79 6.81
N TYR A 128 4.68 0.09 7.52
CA TYR A 128 3.49 0.73 7.03
C TYR A 128 3.81 2.08 6.44
N PHE A 129 3.57 2.19 5.18
CA PHE A 129 3.86 3.38 4.43
C PHE A 129 2.60 3.95 3.85
N THR A 130 2.71 5.14 3.39
CA THR A 130 1.62 5.90 2.85
C THR A 130 2.16 6.90 1.81
N PHE A 131 1.54 6.94 0.65
CA PHE A 131 1.92 7.88 -0.37
C PHE A 131 0.75 8.78 -0.67
N GLN A 132 0.91 10.04 -0.36
CA GLN A 132 -0.11 11.01 -0.62
C GLN A 132 0.27 11.77 -1.87
N VAL A 133 -0.36 11.45 -2.94
CA VAL A 133 -0.15 12.13 -4.19
C VAL A 133 -1.23 13.19 -4.39
N LEU A 134 -0.83 14.40 -4.14
CA LEU A 134 -1.68 15.58 -4.16
C LEU A 134 -1.66 16.21 -5.54
N PRO A 135 -2.77 16.78 -6.01
CA PRO A 135 -2.77 17.52 -7.27
C PRO A 135 -2.02 18.84 -7.10
N LYS A 136 -1.32 19.26 -8.11
CA LYS A 136 -0.56 20.50 -8.02
C LYS A 136 -0.99 21.43 -9.12
N LYS A 137 -0.93 22.69 -8.85
CA LYS A 137 -1.13 23.67 -9.85
C LYS A 137 0.21 24.35 -10.11
N GLN A 138 0.58 24.42 -11.34
CA GLN A 138 1.80 25.03 -11.75
C GLN A 138 1.49 25.88 -12.95
N MET A 1 9.41 -43.88 16.48
CA MET A 1 9.21 -42.72 17.35
C MET A 1 8.87 -43.20 18.76
N GLY A 2 9.80 -43.03 19.65
CA GLY A 2 9.59 -43.46 21.00
C GLY A 2 10.02 -42.41 21.98
N SER A 3 11.22 -41.91 21.80
CA SER A 3 11.76 -40.86 22.63
C SER A 3 11.00 -39.56 22.39
N SER A 4 10.07 -39.27 23.28
CA SER A 4 9.23 -38.10 23.22
C SER A 4 8.64 -37.83 24.59
N HIS A 5 9.03 -36.72 25.18
CA HIS A 5 8.46 -36.31 26.42
C HIS A 5 7.09 -35.73 26.13
N HIS A 6 7.02 -34.96 25.04
CA HIS A 6 5.79 -34.38 24.52
C HIS A 6 6.14 -33.47 23.34
N HIS A 7 5.26 -33.37 22.39
CA HIS A 7 5.44 -32.47 21.26
C HIS A 7 4.25 -31.53 21.24
N HIS A 8 4.49 -30.28 20.92
CA HIS A 8 3.39 -29.31 20.85
C HIS A 8 3.41 -28.51 19.55
N HIS A 9 4.46 -28.65 18.79
CA HIS A 9 4.60 -27.91 17.54
C HIS A 9 5.32 -28.79 16.51
N HIS A 10 4.58 -29.76 16.04
CA HIS A 10 5.07 -30.72 15.05
C HIS A 10 3.90 -31.56 14.60
N GLY A 11 3.70 -31.63 13.32
CA GLY A 11 2.63 -32.42 12.81
C GLY A 11 3.08 -33.81 12.42
N LEU A 12 2.98 -34.74 13.34
CA LEU A 12 3.29 -36.13 13.04
C LEU A 12 2.01 -36.82 12.64
N VAL A 13 1.00 -36.63 13.45
CA VAL A 13 -0.32 -37.16 13.15
C VAL A 13 -1.13 -36.15 12.31
N PRO A 14 -1.35 -34.88 12.78
CA PRO A 14 -2.03 -33.87 11.98
C PRO A 14 -1.21 -33.56 10.74
N ARG A 15 -1.88 -33.38 9.63
CA ARG A 15 -1.18 -33.15 8.40
C ARG A 15 -1.01 -31.68 8.10
N GLY A 16 0.15 -31.32 7.64
CA GLY A 16 0.45 -29.95 7.36
C GLY A 16 1.93 -29.73 7.45
N SER A 17 2.66 -30.30 6.53
CA SER A 17 4.09 -30.24 6.55
C SER A 17 4.65 -29.43 5.38
N HIS A 18 3.78 -29.01 4.46
CA HIS A 18 4.23 -28.21 3.32
C HIS A 18 4.44 -26.76 3.71
N MET A 19 3.36 -26.07 3.95
CA MET A 19 3.42 -24.69 4.33
C MET A 19 2.97 -24.61 5.78
N ALA A 20 3.67 -23.83 6.59
CA ALA A 20 3.36 -23.72 8.01
C ALA A 20 1.99 -23.07 8.27
N SER A 21 0.99 -23.90 8.33
CA SER A 21 -0.37 -23.50 8.59
C SER A 21 -0.97 -24.49 9.58
N MET A 22 -1.53 -23.98 10.65
CA MET A 22 -2.13 -24.81 11.67
C MET A 22 -3.17 -24.00 12.41
N THR A 23 -3.93 -24.63 13.25
CA THR A 23 -4.93 -23.94 14.01
C THR A 23 -4.36 -23.49 15.37
N GLY A 24 -3.63 -22.40 15.35
CA GLY A 24 -3.05 -21.90 16.57
C GLY A 24 -3.70 -20.61 17.00
N GLY A 25 -3.87 -19.73 16.06
CA GLY A 25 -4.46 -18.45 16.29
C GLY A 25 -4.21 -17.61 15.09
N GLN A 26 -3.85 -16.34 15.31
CA GLN A 26 -3.48 -15.40 14.23
C GLN A 26 -4.65 -15.15 13.27
N GLN A 27 -5.85 -15.40 13.76
CA GLN A 27 -7.06 -15.33 12.97
C GLN A 27 -7.53 -13.90 12.75
N MET A 28 -6.86 -12.97 13.37
CA MET A 28 -7.15 -11.57 13.11
C MET A 28 -6.01 -10.94 12.33
N GLY A 29 -4.94 -11.70 12.15
CA GLY A 29 -3.78 -11.19 11.46
C GLY A 29 -3.62 -11.82 10.09
N ARG A 30 -4.45 -11.40 9.16
CA ARG A 30 -4.39 -11.89 7.79
C ARG A 30 -4.31 -10.67 6.91
N GLY A 31 -3.92 -10.84 5.68
CA GLY A 31 -3.84 -9.73 4.76
C GLY A 31 -2.63 -8.88 5.04
N SER A 32 -2.76 -8.01 6.05
CA SER A 32 -1.72 -7.09 6.49
C SER A 32 -0.62 -7.86 7.26
N LYS A 33 -0.68 -9.16 7.17
CA LYS A 33 0.33 -10.05 7.69
C LYS A 33 1.53 -9.98 6.75
N GLN A 34 1.26 -9.66 5.50
CA GLN A 34 2.27 -9.63 4.50
C GLN A 34 2.13 -8.29 3.71
N THR A 35 2.97 -8.10 2.73
CA THR A 35 3.13 -6.83 2.02
C THR A 35 1.97 -6.50 1.05
N ASN A 36 1.35 -5.35 1.23
CA ASN A 36 0.17 -4.98 0.45
C ASN A 36 0.21 -3.53 0.19
N ILE A 37 -0.65 -3.10 -0.68
CA ILE A 37 -0.84 -1.73 -1.01
C ILE A 37 -2.33 -1.46 -1.06
N ASP A 38 -2.72 -0.22 -0.95
CA ASP A 38 -4.12 0.14 -0.84
C ASP A 38 -4.34 1.48 -1.48
N PHE A 39 -5.54 1.75 -1.90
CA PHE A 39 -5.85 3.05 -2.39
C PHE A 39 -7.05 3.61 -1.64
N ARG A 40 -6.96 4.88 -1.33
CA ARG A 40 -7.99 5.64 -0.68
C ARG A 40 -7.80 7.11 -1.03
N LYS A 41 -8.80 7.92 -0.82
CA LYS A 41 -8.69 9.34 -1.08
C LYS A 41 -8.81 10.10 0.18
N ASP A 42 -8.08 11.18 0.27
CA ASP A 42 -8.10 11.98 1.47
C ASP A 42 -7.84 13.43 1.13
N GLY A 43 -8.73 14.29 1.54
CA GLY A 43 -8.55 15.69 1.36
C GLY A 43 -8.92 16.21 -0.02
N LYS A 44 -8.04 17.00 -0.59
CA LYS A 44 -8.31 17.71 -1.82
C LYS A 44 -7.98 16.85 -3.05
N ASN A 45 -8.87 15.89 -3.35
CA ASN A 45 -8.77 14.97 -4.54
C ASN A 45 -7.48 14.18 -4.53
N ALA A 46 -6.88 14.07 -3.39
CA ALA A 46 -5.61 13.44 -3.24
C ALA A 46 -5.76 11.95 -3.23
N GLY A 47 -4.84 11.31 -3.87
CA GLY A 47 -4.80 9.89 -3.91
C GLY A 47 -3.88 9.38 -2.85
N ILE A 48 -4.30 8.45 -2.08
CA ILE A 48 -3.46 7.91 -1.05
C ILE A 48 -3.24 6.44 -1.26
N ILE A 49 -2.01 6.10 -1.50
CA ILE A 49 -1.61 4.75 -1.66
C ILE A 49 -0.98 4.30 -0.37
N GLU A 50 -1.68 3.48 0.34
CA GLU A 50 -1.12 2.95 1.53
C GLU A 50 -0.33 1.71 1.21
N LEU A 51 0.74 1.57 1.87
CA LEU A 51 1.67 0.52 1.65
C LEU A 51 1.99 -0.17 2.97
N ALA A 52 1.80 -1.44 2.98
CA ALA A 52 2.08 -2.25 4.12
C ALA A 52 3.25 -3.16 3.79
N ALA A 53 4.42 -2.78 4.19
CA ALA A 53 5.59 -3.58 3.92
C ALA A 53 6.06 -4.24 5.19
N LEU A 54 5.57 -5.42 5.41
CA LEU A 54 5.87 -6.14 6.62
C LEU A 54 7.20 -6.81 6.52
N GLY A 55 8.10 -6.39 7.35
CA GLY A 55 9.42 -6.92 7.38
C GLY A 55 10.44 -5.92 6.89
N PHE A 56 9.98 -4.73 6.57
CA PHE A 56 10.86 -3.67 6.13
C PHE A 56 10.80 -2.57 7.17
N ALA A 57 11.91 -1.95 7.47
CA ALA A 57 11.94 -0.91 8.49
C ALA A 57 12.82 0.27 8.06
N GLY A 58 13.13 0.32 6.79
CA GLY A 58 13.94 1.41 6.26
C GLY A 58 13.16 2.18 5.25
N GLN A 59 13.82 2.95 4.44
CA GLN A 59 13.14 3.77 3.48
C GLN A 59 13.31 3.18 2.09
N PRO A 60 12.21 3.07 1.31
CA PRO A 60 12.28 2.56 -0.04
C PRO A 60 12.88 3.55 -1.01
N ASP A 61 13.15 3.06 -2.17
CA ASP A 61 13.62 3.86 -3.26
C ASP A 61 12.44 4.49 -3.88
N ILE A 62 12.28 5.70 -3.63
CA ILE A 62 11.21 6.43 -4.16
C ILE A 62 11.74 7.28 -5.30
N SER A 63 11.26 7.00 -6.45
CA SER A 63 11.67 7.65 -7.65
C SER A 63 10.44 8.21 -8.33
N GLN A 64 10.48 9.47 -8.69
CA GLN A 64 9.31 10.11 -9.24
C GLN A 64 9.46 10.45 -10.69
N GLN A 65 8.47 10.08 -11.43
CA GLN A 65 8.34 10.44 -12.80
C GLN A 65 7.05 11.22 -12.86
N HIS A 66 6.82 11.95 -13.91
CA HIS A 66 5.60 12.73 -14.03
C HIS A 66 4.45 11.80 -14.31
N ASP A 67 4.74 10.77 -15.08
CA ASP A 67 3.73 9.84 -15.57
C ASP A 67 3.48 8.69 -14.60
N HIS A 68 4.38 8.46 -13.65
CA HIS A 68 4.21 7.40 -12.65
C HIS A 68 5.27 7.46 -11.56
N ILE A 69 4.99 6.81 -10.47
CA ILE A 69 5.88 6.75 -9.32
C ILE A 69 6.47 5.37 -9.27
N ILE A 70 7.70 5.27 -8.85
CA ILE A 70 8.37 4.00 -8.67
C ILE A 70 8.87 3.96 -7.25
N VAL A 71 8.52 2.95 -6.51
CA VAL A 71 9.08 2.76 -5.22
C VAL A 71 9.74 1.39 -5.24
N THR A 72 10.87 1.24 -4.65
CA THR A 72 11.50 -0.04 -4.60
C THR A 72 11.95 -0.36 -3.18
N LEU A 73 11.48 -1.47 -2.68
CA LEU A 73 11.81 -1.93 -1.37
C LEU A 73 12.87 -2.99 -1.51
N LYS A 74 14.11 -2.59 -1.36
CA LYS A 74 15.27 -3.47 -1.52
C LYS A 74 15.27 -4.70 -0.63
N ASN A 75 15.39 -5.83 -1.30
CA ASN A 75 15.47 -7.18 -0.71
C ASN A 75 14.20 -7.52 0.05
N HIS A 76 13.12 -6.91 -0.35
CA HIS A 76 11.86 -7.17 0.24
C HIS A 76 11.06 -8.05 -0.70
N THR A 77 10.93 -9.30 -0.35
CA THR A 77 10.24 -10.23 -1.15
C THR A 77 8.71 -10.12 -1.00
N LEU A 78 8.04 -10.06 -2.11
CA LEU A 78 6.60 -10.01 -2.18
C LEU A 78 6.13 -11.27 -2.89
N PRO A 79 5.09 -11.93 -2.41
CA PRO A 79 4.52 -13.04 -3.12
C PRO A 79 3.63 -12.55 -4.26
N THR A 80 3.41 -13.39 -5.23
CA THR A 80 2.63 -13.06 -6.39
C THR A 80 1.15 -12.78 -6.02
N THR A 81 0.73 -13.41 -4.95
CA THR A 81 -0.61 -13.35 -4.43
C THR A 81 -0.99 -11.93 -3.97
N LEU A 82 -0.01 -11.14 -3.55
CA LEU A 82 -0.29 -9.85 -2.97
C LEU A 82 -0.08 -8.73 -3.94
N GLN A 83 0.33 -9.10 -5.13
CA GLN A 83 0.48 -8.14 -6.20
C GLN A 83 -0.91 -7.82 -6.68
N ARG A 84 -1.15 -6.60 -7.02
CA ARG A 84 -2.48 -6.18 -7.43
C ARG A 84 -2.40 -4.86 -8.12
N SER A 85 -3.48 -4.45 -8.70
CA SER A 85 -3.56 -3.18 -9.33
C SER A 85 -4.92 -2.57 -9.07
N LEU A 86 -4.90 -1.34 -8.69
CA LEU A 86 -6.09 -0.59 -8.40
C LEU A 86 -6.37 0.24 -9.62
N ASP A 87 -7.41 -0.06 -10.30
CA ASP A 87 -7.79 0.75 -11.41
C ASP A 87 -8.61 1.87 -10.94
N VAL A 88 -7.90 2.81 -10.45
CA VAL A 88 -8.40 3.97 -9.84
C VAL A 88 -8.69 5.07 -10.87
N ALA A 89 -9.61 4.74 -11.71
CA ALA A 89 -10.10 5.61 -12.73
C ALA A 89 -11.46 6.09 -12.30
N ASP A 90 -11.79 7.33 -12.63
CA ASP A 90 -13.09 7.95 -12.25
C ASP A 90 -13.14 8.17 -10.72
N PHE A 91 -11.99 8.17 -10.11
CA PHE A 91 -11.88 8.50 -8.72
C PHE A 91 -11.61 9.97 -8.59
N LYS A 92 -11.26 10.59 -9.71
CA LYS A 92 -10.93 12.01 -9.78
C LYS A 92 -9.82 12.40 -8.85
N THR A 93 -8.68 11.81 -9.09
CA THR A 93 -7.50 12.08 -8.34
C THR A 93 -6.37 12.21 -9.39
N PRO A 94 -5.16 12.65 -9.02
CA PRO A 94 -4.05 12.74 -9.98
C PRO A 94 -3.43 11.35 -10.26
N VAL A 95 -3.82 10.38 -9.47
CA VAL A 95 -3.33 9.05 -9.60
C VAL A 95 -4.32 8.18 -10.37
N GLN A 96 -3.84 7.64 -11.44
CA GLN A 96 -4.61 6.93 -12.43
C GLN A 96 -4.75 5.46 -12.11
N LYS A 97 -3.69 4.87 -11.66
CA LYS A 97 -3.72 3.46 -11.39
C LYS A 97 -2.65 3.14 -10.37
N VAL A 98 -3.00 2.39 -9.36
CA VAL A 98 -2.00 1.91 -8.43
C VAL A 98 -1.61 0.50 -8.84
N THR A 99 -0.35 0.23 -8.95
CA THR A 99 0.10 -1.07 -9.38
C THR A 99 1.28 -1.55 -8.52
N LEU A 100 1.16 -2.74 -7.99
CA LEU A 100 2.21 -3.34 -7.21
C LEU A 100 2.80 -4.47 -8.01
N LYS A 101 4.07 -4.41 -8.22
CA LYS A 101 4.73 -5.43 -8.95
C LYS A 101 5.94 -5.87 -8.18
N ARG A 102 6.10 -7.15 -8.03
CA ARG A 102 7.21 -7.65 -7.31
C ARG A 102 8.40 -7.63 -8.25
N LEU A 103 9.51 -7.21 -7.74
CA LEU A 103 10.69 -7.12 -8.51
C LEU A 103 11.53 -8.36 -8.17
N ASN A 104 12.73 -8.47 -8.73
CA ASN A 104 13.63 -9.62 -8.55
C ASN A 104 13.73 -10.05 -7.08
N ASN A 105 14.29 -9.21 -6.23
CA ASN A 105 14.29 -9.53 -4.78
C ASN A 105 13.54 -8.46 -4.05
N ASP A 106 13.12 -7.46 -4.78
CA ASP A 106 12.56 -6.26 -4.19
C ASP A 106 11.08 -6.19 -4.47
N THR A 107 10.44 -5.23 -3.87
CA THR A 107 9.06 -4.96 -4.12
C THR A 107 9.00 -3.57 -4.76
N GLN A 108 8.27 -3.42 -5.85
CA GLN A 108 8.27 -2.18 -6.56
C GLN A 108 6.86 -1.63 -6.72
N LEU A 109 6.67 -0.38 -6.39
CA LEU A 109 5.41 0.27 -6.65
C LEU A 109 5.46 0.97 -7.93
N ILE A 110 4.39 0.93 -8.62
CA ILE A 110 4.20 1.67 -9.82
C ILE A 110 2.89 2.39 -9.65
N ILE A 111 2.96 3.64 -9.47
CA ILE A 111 1.77 4.41 -9.25
C ILE A 111 1.61 5.33 -10.43
N THR A 112 0.70 5.00 -11.31
CA THR A 112 0.53 5.73 -12.54
C THR A 112 -0.20 7.04 -12.26
N THR A 113 0.34 8.12 -12.76
CA THR A 113 -0.21 9.44 -12.54
C THR A 113 -0.40 10.17 -13.85
N ALA A 114 -1.05 11.32 -13.79
CA ALA A 114 -1.25 12.16 -14.95
C ALA A 114 -1.45 13.58 -14.50
N GLY A 115 -0.84 14.50 -15.21
CA GLY A 115 -0.97 15.90 -14.88
C GLY A 115 0.09 16.34 -13.92
N ASN A 116 -0.04 17.52 -13.39
CA ASN A 116 0.91 18.02 -12.41
C ASN A 116 0.43 17.54 -11.07
N TRP A 117 1.30 16.95 -10.31
CA TRP A 117 0.89 16.36 -9.07
C TRP A 117 2.03 16.47 -8.03
N GLU A 118 1.69 16.29 -6.77
CA GLU A 118 2.67 16.39 -5.67
C GLU A 118 2.61 15.09 -4.86
N LEU A 119 3.76 14.62 -4.37
CA LEU A 119 3.76 13.38 -3.59
C LEU A 119 4.22 13.66 -2.18
N VAL A 120 3.58 13.04 -1.22
CA VAL A 120 3.97 13.08 0.17
C VAL A 120 3.91 11.66 0.74
N ASN A 121 5.04 11.08 1.02
CA ASN A 121 5.04 9.74 1.61
C ASN A 121 5.20 9.80 3.05
N LYS A 122 4.34 9.14 3.73
CA LYS A 122 4.39 9.17 5.12
C LYS A 122 4.58 7.77 5.68
N SER A 123 5.64 7.58 6.42
CA SER A 123 5.86 6.35 7.10
C SER A 123 5.09 6.40 8.42
N ALA A 124 3.98 5.69 8.48
CA ALA A 124 3.09 5.69 9.64
C ALA A 124 3.70 4.92 10.78
N ALA A 125 4.37 3.87 10.42
CA ALA A 125 4.99 2.96 11.34
C ALA A 125 6.08 2.28 10.56
N PRO A 126 7.08 1.65 11.19
CA PRO A 126 8.17 1.01 10.46
C PRO A 126 7.66 -0.15 9.61
N GLY A 127 7.42 0.14 8.35
CA GLY A 127 6.92 -0.83 7.43
C GLY A 127 5.66 -0.33 6.76
N TYR A 128 4.97 0.56 7.40
CA TYR A 128 3.75 1.10 6.85
C TYR A 128 4.01 2.44 6.22
N PHE A 129 3.82 2.50 4.94
CA PHE A 129 4.06 3.68 4.18
C PHE A 129 2.78 4.19 3.59
N THR A 130 2.80 5.39 3.14
CA THR A 130 1.61 6.07 2.66
C THR A 130 2.00 7.12 1.63
N PHE A 131 1.69 6.89 0.39
CA PHE A 131 2.02 7.82 -0.66
C PHE A 131 0.81 8.70 -0.96
N GLN A 132 0.89 9.95 -0.56
CA GLN A 132 -0.17 10.92 -0.74
C GLN A 132 0.12 11.71 -2.02
N VAL A 133 -0.63 11.46 -3.03
CA VAL A 133 -0.49 12.15 -4.30
C VAL A 133 -1.57 13.26 -4.46
N LEU A 134 -1.15 14.51 -4.31
CA LEU A 134 -2.04 15.68 -4.41
C LEU A 134 -1.97 16.22 -5.85
N PRO A 135 -2.99 16.97 -6.31
CA PRO A 135 -2.92 17.64 -7.61
C PRO A 135 -2.12 18.95 -7.48
N LYS A 136 -1.20 19.16 -8.36
CA LYS A 136 -0.32 20.32 -8.29
C LYS A 136 -0.83 21.43 -9.17
N LYS A 137 -1.06 22.57 -8.60
CA LYS A 137 -1.41 23.72 -9.40
C LYS A 137 -0.40 24.83 -9.16
N GLN A 138 0.71 24.43 -8.64
CA GLN A 138 1.80 25.31 -8.31
C GLN A 138 3.08 24.80 -8.97
N MET A 1 -2.76 22.60 2.91
CA MET A 1 -2.99 22.83 4.36
C MET A 1 -2.18 24.03 4.81
N GLY A 2 -2.86 25.04 5.29
CA GLY A 2 -2.18 26.24 5.72
C GLY A 2 -1.81 26.21 7.17
N SER A 3 -2.57 25.50 7.97
CA SER A 3 -2.31 25.45 9.39
C SER A 3 -1.58 24.15 9.73
N SER A 4 -0.92 24.14 10.85
CA SER A 4 -0.15 23.02 11.30
C SER A 4 -1.03 21.94 11.94
N HIS A 5 -0.89 20.71 11.47
CA HIS A 5 -1.54 19.59 12.10
C HIS A 5 -0.63 19.03 13.15
N HIS A 6 -1.20 18.65 14.28
CA HIS A 6 -0.45 18.34 15.50
C HIS A 6 0.07 19.63 16.06
N HIS A 7 -0.72 20.22 16.91
CA HIS A 7 -0.40 21.54 17.47
C HIS A 7 0.58 21.42 18.63
N HIS A 8 0.90 20.19 19.01
CA HIS A 8 1.86 19.89 20.10
C HIS A 8 1.29 20.30 21.46
N HIS A 9 0.01 20.09 21.63
CA HIS A 9 -0.68 20.40 22.88
C HIS A 9 -1.48 19.20 23.33
N HIS A 10 -1.63 19.04 24.62
CA HIS A 10 -2.41 17.95 25.18
C HIS A 10 -3.36 18.46 26.24
N GLY A 11 -4.62 18.43 25.95
CA GLY A 11 -5.60 18.73 26.96
C GLY A 11 -6.05 17.43 27.56
N LEU A 12 -6.98 16.79 26.90
CA LEU A 12 -7.41 15.44 27.27
C LEU A 12 -8.13 14.78 26.11
N VAL A 13 -8.88 15.60 25.33
CA VAL A 13 -9.72 15.16 24.20
C VAL A 13 -10.67 14.00 24.54
N PRO A 14 -11.95 14.30 24.84
CA PRO A 14 -12.95 13.27 25.17
C PRO A 14 -13.09 12.26 24.03
N ARG A 15 -13.23 12.79 22.83
CA ARG A 15 -13.30 12.01 21.61
C ARG A 15 -12.54 12.76 20.54
N GLY A 16 -11.68 12.08 19.85
CA GLY A 16 -10.94 12.69 18.77
C GLY A 16 -11.35 12.10 17.45
N SER A 17 -11.31 12.86 16.41
CA SER A 17 -11.67 12.37 15.12
C SER A 17 -10.62 12.72 14.08
N HIS A 18 -9.70 11.81 13.87
CA HIS A 18 -8.70 11.96 12.82
C HIS A 18 -8.71 10.75 11.90
N MET A 19 -9.40 9.69 12.34
CA MET A 19 -9.58 8.41 11.60
C MET A 19 -8.28 7.62 11.43
N ALA A 20 -7.21 8.17 11.95
CA ALA A 20 -5.89 7.58 11.80
C ALA A 20 -5.55 6.68 12.97
N SER A 21 -6.50 6.50 13.85
CA SER A 21 -6.32 5.65 14.99
C SER A 21 -6.55 4.19 14.59
N MET A 22 -5.51 3.58 14.08
CA MET A 22 -5.54 2.21 13.59
C MET A 22 -5.55 1.23 14.75
N THR A 23 -4.74 1.51 15.74
CA THR A 23 -4.69 0.69 16.91
C THR A 23 -5.82 1.11 17.84
N GLY A 24 -6.69 0.17 18.15
CA GLY A 24 -7.85 0.43 18.98
C GLY A 24 -7.46 0.77 20.41
N GLY A 25 -6.48 0.11 20.93
CA GLY A 25 -6.04 0.38 22.27
C GLY A 25 -5.79 -0.87 23.06
N GLN A 26 -6.37 -1.96 22.63
CA GLN A 26 -6.16 -3.24 23.26
C GLN A 26 -5.05 -3.96 22.52
N GLN A 27 -3.93 -4.12 23.19
CA GLN A 27 -2.73 -4.73 22.63
C GLN A 27 -2.07 -3.88 21.56
N MET A 28 -0.99 -3.24 21.93
CA MET A 28 -0.22 -2.45 21.01
C MET A 28 0.69 -3.38 20.22
N GLY A 29 0.12 -4.02 19.24
CA GLY A 29 0.85 -4.96 18.46
C GLY A 29 1.13 -4.47 17.08
N ARG A 30 0.88 -5.32 16.10
CA ARG A 30 1.08 -5.01 14.70
C ARG A 30 0.47 -6.09 13.83
N GLY A 31 -0.18 -5.66 12.79
CA GLY A 31 -0.83 -6.56 11.89
C GLY A 31 0.03 -6.87 10.72
N SER A 32 0.46 -8.09 10.64
CA SER A 32 1.31 -8.52 9.60
C SER A 32 0.48 -9.26 8.57
N LYS A 33 0.05 -8.55 7.54
CA LYS A 33 -0.74 -9.13 6.47
C LYS A 33 0.15 -9.39 5.27
N GLN A 34 1.45 -9.20 5.49
CA GLN A 34 2.48 -9.27 4.47
C GLN A 34 2.32 -8.10 3.47
N THR A 35 3.27 -7.90 2.59
CA THR A 35 3.36 -6.71 1.77
C THR A 35 2.13 -6.48 0.88
N ASN A 36 1.43 -5.42 1.15
CA ASN A 36 0.24 -5.12 0.43
C ASN A 36 0.12 -3.65 0.19
N ILE A 37 -0.80 -3.30 -0.65
CA ILE A 37 -1.08 -1.94 -0.99
C ILE A 37 -2.55 -1.66 -0.82
N ASP A 38 -2.93 -0.41 -0.76
CA ASP A 38 -4.33 -0.03 -0.65
C ASP A 38 -4.52 1.31 -1.27
N PHE A 39 -5.72 1.64 -1.69
CA PHE A 39 -5.95 2.94 -2.25
C PHE A 39 -7.14 3.62 -1.60
N ARG A 40 -6.97 4.87 -1.30
CA ARG A 40 -8.00 5.70 -0.72
C ARG A 40 -7.70 7.15 -1.06
N LYS A 41 -8.71 7.98 -1.06
CA LYS A 41 -8.52 9.40 -1.28
C LYS A 41 -8.68 10.12 0.03
N ASP A 42 -8.11 11.30 0.12
CA ASP A 42 -8.21 12.12 1.32
C ASP A 42 -8.01 13.57 0.91
N GLY A 43 -8.58 14.48 1.66
CA GLY A 43 -8.41 15.88 1.37
C GLY A 43 -9.21 16.30 0.16
N LYS A 44 -8.53 16.68 -0.89
CA LYS A 44 -9.17 17.11 -2.10
C LYS A 44 -8.52 16.48 -3.29
N ASN A 45 -9.07 15.36 -3.72
CA ASN A 45 -8.64 14.67 -4.93
C ASN A 45 -7.24 14.08 -4.84
N ALA A 46 -6.75 13.95 -3.64
CA ALA A 46 -5.44 13.38 -3.44
C ALA A 46 -5.53 11.87 -3.47
N GLY A 47 -4.55 11.26 -4.08
CA GLY A 47 -4.51 9.83 -4.19
C GLY A 47 -3.61 9.23 -3.16
N ILE A 48 -4.16 8.50 -2.24
CA ILE A 48 -3.40 7.92 -1.18
C ILE A 48 -3.23 6.44 -1.41
N ILE A 49 -2.02 6.08 -1.69
CA ILE A 49 -1.67 4.72 -1.84
C ILE A 49 -1.07 4.27 -0.54
N GLU A 50 -1.74 3.41 0.13
CA GLU A 50 -1.22 2.89 1.33
C GLU A 50 -0.39 1.67 1.01
N LEU A 51 0.63 1.52 1.72
CA LEU A 51 1.58 0.48 1.53
C LEU A 51 1.91 -0.17 2.85
N ALA A 52 1.85 -1.45 2.86
CA ALA A 52 2.20 -2.22 4.01
C ALA A 52 3.39 -3.09 3.67
N ALA A 53 4.56 -2.69 4.11
CA ALA A 53 5.76 -3.45 3.86
C ALA A 53 6.22 -4.06 5.18
N LEU A 54 5.76 -5.25 5.42
CA LEU A 54 6.01 -5.91 6.68
C LEU A 54 7.39 -6.49 6.71
N GLY A 55 8.20 -5.93 7.57
CA GLY A 55 9.56 -6.40 7.71
C GLY A 55 10.55 -5.34 7.29
N PHE A 56 10.05 -4.30 6.67
CA PHE A 56 10.88 -3.23 6.20
C PHE A 56 10.78 -2.10 7.21
N ALA A 57 11.89 -1.65 7.74
CA ALA A 57 11.89 -0.64 8.78
C ALA A 57 12.28 0.74 8.27
N GLY A 58 13.10 0.77 7.24
CA GLY A 58 13.56 2.03 6.69
C GLY A 58 12.58 2.55 5.66
N GLN A 59 13.01 3.45 4.82
CA GLN A 59 12.15 3.93 3.77
C GLN A 59 12.54 3.31 2.44
N PRO A 60 11.53 2.99 1.60
CA PRO A 60 11.76 2.47 0.24
C PRO A 60 12.45 3.50 -0.63
N ASP A 61 12.83 3.09 -1.77
CA ASP A 61 13.45 3.96 -2.73
C ASP A 61 12.37 4.56 -3.59
N ILE A 62 12.26 5.86 -3.58
CA ILE A 62 11.27 6.51 -4.40
C ILE A 62 11.89 7.13 -5.64
N SER A 63 11.33 6.79 -6.75
CA SER A 63 11.68 7.29 -8.03
C SER A 63 10.47 8.08 -8.60
N GLN A 64 10.63 9.38 -8.78
CA GLN A 64 9.54 10.23 -9.21
C GLN A 64 9.58 10.58 -10.70
N GLN A 65 8.59 10.09 -11.41
CA GLN A 65 8.42 10.40 -12.80
C GLN A 65 7.09 11.12 -12.91
N HIS A 66 6.84 11.75 -14.02
CA HIS A 66 5.58 12.46 -14.20
C HIS A 66 4.44 11.50 -14.49
N ASP A 67 4.71 10.51 -15.33
CA ASP A 67 3.66 9.59 -15.79
C ASP A 67 3.41 8.45 -14.81
N HIS A 68 4.32 8.24 -13.87
CA HIS A 68 4.14 7.23 -12.83
C HIS A 68 5.22 7.31 -11.77
N ILE A 69 4.97 6.73 -10.64
CA ILE A 69 5.92 6.70 -9.56
C ILE A 69 6.46 5.29 -9.50
N ILE A 70 7.70 5.17 -9.16
CA ILE A 70 8.32 3.88 -8.99
C ILE A 70 8.85 3.87 -7.56
N VAL A 71 8.44 2.92 -6.80
CA VAL A 71 8.92 2.82 -5.43
C VAL A 71 9.50 1.43 -5.26
N THR A 72 10.69 1.34 -4.77
CA THR A 72 11.33 0.04 -4.64
C THR A 72 11.76 -0.22 -3.22
N LEU A 73 11.29 -1.30 -2.70
CA LEU A 73 11.72 -1.76 -1.41
C LEU A 73 12.78 -2.74 -1.68
N LYS A 74 13.97 -2.34 -1.49
CA LYS A 74 15.05 -3.16 -1.78
C LYS A 74 15.22 -4.20 -0.71
N ASN A 75 15.49 -5.40 -1.17
CA ASN A 75 15.69 -6.59 -0.33
C ASN A 75 14.35 -7.03 0.29
N HIS A 76 13.27 -6.73 -0.39
CA HIS A 76 11.93 -7.05 0.09
C HIS A 76 11.22 -7.88 -0.98
N THR A 77 11.04 -9.16 -0.76
CA THR A 77 10.43 -10.03 -1.73
C THR A 77 8.88 -10.12 -1.60
N LEU A 78 8.18 -9.63 -2.61
CA LEU A 78 6.72 -9.63 -2.64
C LEU A 78 6.19 -10.88 -3.35
N PRO A 79 5.20 -11.57 -2.77
CA PRO A 79 4.55 -12.69 -3.45
C PRO A 79 3.52 -12.23 -4.49
N THR A 80 3.23 -13.08 -5.45
CA THR A 80 2.31 -12.78 -6.53
C THR A 80 0.89 -12.51 -6.05
N THR A 81 0.50 -13.21 -5.00
CA THR A 81 -0.84 -13.13 -4.44
C THR A 81 -1.14 -11.74 -3.83
N LEU A 82 -0.09 -11.00 -3.56
CA LEU A 82 -0.24 -9.70 -2.99
C LEU A 82 0.00 -8.63 -4.03
N GLN A 83 0.58 -9.02 -5.16
CA GLN A 83 0.84 -8.09 -6.20
C GLN A 83 -0.45 -7.93 -7.01
N ARG A 84 -1.01 -6.78 -6.97
CA ARG A 84 -2.28 -6.54 -7.60
C ARG A 84 -2.31 -5.15 -8.15
N SER A 85 -3.38 -4.83 -8.83
CA SER A 85 -3.53 -3.53 -9.39
C SER A 85 -4.91 -3.00 -9.11
N LEU A 86 -4.95 -1.76 -8.79
CA LEU A 86 -6.18 -1.04 -8.58
C LEU A 86 -6.50 -0.43 -9.92
N ASP A 87 -7.73 -0.25 -10.20
CA ASP A 87 -8.11 0.37 -11.42
C ASP A 87 -8.10 1.88 -11.25
N VAL A 88 -8.94 2.36 -10.33
CA VAL A 88 -9.05 3.77 -9.89
C VAL A 88 -9.15 4.84 -10.97
N ALA A 89 -9.53 4.43 -12.13
CA ALA A 89 -9.79 5.35 -13.17
C ALA A 89 -11.11 6.02 -12.87
N ASP A 90 -11.17 7.32 -13.12
CA ASP A 90 -12.35 8.18 -12.86
C ASP A 90 -12.53 8.45 -11.35
N PHE A 91 -11.48 8.21 -10.57
CA PHE A 91 -11.50 8.56 -9.15
C PHE A 91 -11.22 10.04 -8.95
N LYS A 92 -10.77 10.69 -10.01
CA LYS A 92 -10.40 12.10 -9.99
C LYS A 92 -9.29 12.37 -9.02
N THR A 93 -8.17 11.75 -9.28
CA THR A 93 -7.02 11.95 -8.47
C THR A 93 -5.87 12.06 -9.47
N PRO A 94 -4.65 12.48 -9.09
CA PRO A 94 -3.53 12.52 -10.01
C PRO A 94 -3.07 11.10 -10.37
N VAL A 95 -3.38 10.16 -9.50
CA VAL A 95 -3.04 8.78 -9.70
C VAL A 95 -4.09 8.09 -10.55
N GLN A 96 -3.66 7.57 -11.63
CA GLN A 96 -4.51 6.98 -12.62
C GLN A 96 -4.73 5.52 -12.32
N LYS A 97 -3.69 4.85 -11.85
CA LYS A 97 -3.76 3.44 -11.55
C LYS A 97 -2.64 3.03 -10.59
N VAL A 98 -2.99 2.21 -9.62
CA VAL A 98 -2.02 1.72 -8.66
C VAL A 98 -1.65 0.29 -9.02
N THR A 99 -0.39 0.00 -9.12
CA THR A 99 0.08 -1.31 -9.47
C THR A 99 1.23 -1.73 -8.55
N LEU A 100 1.06 -2.82 -7.86
CA LEU A 100 2.10 -3.34 -6.99
C LEU A 100 2.74 -4.48 -7.78
N LYS A 101 4.02 -4.40 -7.99
CA LYS A 101 4.72 -5.38 -8.77
C LYS A 101 5.78 -6.05 -7.93
N ARG A 102 5.87 -7.35 -8.01
CA ARG A 102 6.94 -8.04 -7.35
C ARG A 102 8.15 -7.98 -8.25
N LEU A 103 9.29 -7.83 -7.68
CA LEU A 103 10.49 -7.84 -8.43
C LEU A 103 11.31 -9.00 -7.88
N ASN A 104 12.53 -9.18 -8.32
CA ASN A 104 13.30 -10.37 -7.94
C ASN A 104 13.75 -10.31 -6.49
N ASN A 105 14.34 -9.22 -6.15
CA ASN A 105 14.88 -9.00 -4.83
C ASN A 105 14.15 -7.85 -4.16
N ASP A 106 13.27 -7.23 -4.89
CA ASP A 106 12.65 -6.01 -4.42
C ASP A 106 11.16 -6.05 -4.61
N THR A 107 10.50 -5.10 -4.03
CA THR A 107 9.10 -4.88 -4.23
C THR A 107 9.00 -3.56 -4.96
N GLN A 108 8.31 -3.52 -6.06
CA GLN A 108 8.29 -2.34 -6.87
C GLN A 108 6.86 -1.83 -7.00
N LEU A 109 6.67 -0.62 -6.60
CA LEU A 109 5.38 0.00 -6.69
C LEU A 109 5.36 0.85 -7.93
N ILE A 110 4.31 0.77 -8.65
CA ILE A 110 4.11 1.53 -9.84
C ILE A 110 2.81 2.28 -9.70
N ILE A 111 2.91 3.55 -9.55
CA ILE A 111 1.76 4.38 -9.35
C ILE A 111 1.61 5.31 -10.55
N THR A 112 0.73 4.97 -11.45
CA THR A 112 0.53 5.75 -12.68
C THR A 112 -0.08 7.11 -12.35
N THR A 113 0.46 8.16 -12.92
CA THR A 113 0.01 9.51 -12.64
C THR A 113 -0.11 10.35 -13.91
N ALA A 114 -0.75 11.50 -13.79
CA ALA A 114 -0.92 12.44 -14.88
C ALA A 114 -0.97 13.85 -14.32
N GLY A 115 -0.53 14.81 -15.12
CA GLY A 115 -0.55 16.19 -14.72
C GLY A 115 0.58 16.52 -13.76
N ASN A 116 0.40 17.55 -12.99
CA ASN A 116 1.37 17.93 -11.98
C ASN A 116 0.84 17.44 -10.67
N TRP A 117 1.69 16.96 -9.82
CA TRP A 117 1.26 16.40 -8.57
C TRP A 117 2.38 16.48 -7.52
N GLU A 118 2.04 16.24 -6.27
CA GLU A 118 3.01 16.32 -5.17
C GLU A 118 3.05 14.96 -4.47
N LEU A 119 4.24 14.46 -4.16
CA LEU A 119 4.33 13.16 -3.49
C LEU A 119 4.67 13.36 -2.03
N VAL A 120 3.78 13.03 -1.15
CA VAL A 120 4.10 13.03 0.27
C VAL A 120 4.20 11.60 0.74
N ASN A 121 5.39 11.16 0.99
CA ASN A 121 5.61 9.81 1.44
C ASN A 121 5.77 9.78 2.95
N LYS A 122 4.91 9.04 3.57
CA LYS A 122 4.88 8.99 5.02
C LYS A 122 5.06 7.57 5.51
N SER A 123 5.66 7.46 6.64
CA SER A 123 5.76 6.23 7.36
C SER A 123 4.98 6.44 8.65
N ALA A 124 3.93 5.68 8.82
CA ALA A 124 3.09 5.80 10.01
C ALA A 124 3.77 5.11 11.17
N ALA A 125 4.44 4.06 10.83
CA ALA A 125 5.19 3.23 11.71
C ALA A 125 6.10 2.47 10.80
N PRO A 126 7.26 1.98 11.28
CA PRO A 126 8.23 1.29 10.43
C PRO A 126 7.65 0.04 9.78
N GLY A 127 7.16 0.20 8.58
CA GLY A 127 6.57 -0.87 7.83
C GLY A 127 5.30 -0.43 7.15
N TYR A 128 4.67 0.58 7.70
CA TYR A 128 3.44 1.06 7.13
C TYR A 128 3.69 2.38 6.46
N PHE A 129 3.50 2.39 5.19
CA PHE A 129 3.77 3.53 4.38
C PHE A 129 2.52 4.07 3.75
N THR A 130 2.63 5.24 3.28
CA THR A 130 1.55 5.97 2.69
C THR A 130 2.10 6.92 1.65
N PHE A 131 1.62 6.85 0.45
CA PHE A 131 2.00 7.77 -0.59
C PHE A 131 0.84 8.67 -0.88
N GLN A 132 0.94 9.89 -0.41
CA GLN A 132 -0.12 10.85 -0.59
C GLN A 132 0.20 11.65 -1.83
N VAL A 133 -0.48 11.35 -2.88
CA VAL A 133 -0.29 12.02 -4.15
C VAL A 133 -1.30 13.16 -4.29
N LEU A 134 -0.87 14.37 -4.01
CA LEU A 134 -1.76 15.52 -4.09
C LEU A 134 -1.70 16.07 -5.49
N PRO A 135 -2.76 16.71 -5.99
CA PRO A 135 -2.71 17.36 -7.28
C PRO A 135 -2.00 18.70 -7.18
N LYS A 136 -1.09 18.95 -8.08
CA LYS A 136 -0.39 20.19 -8.09
C LYS A 136 -0.96 21.01 -9.19
N LYS A 137 -1.35 22.17 -8.88
CA LYS A 137 -1.95 23.00 -9.85
C LYS A 137 -0.88 23.94 -10.42
N GLN A 138 -1.19 24.58 -11.53
CA GLN A 138 -0.26 25.47 -12.20
C GLN A 138 -0.04 26.70 -11.33
#